data_6OMC
#
_entry.id   6OMC
#
_entity_poly.entity_id   1
_entity_poly.type   'polypeptide(L)'
_entity_poly.pdbx_seq_one_letter_code
;AVNQSSSVEVSSESYETIFSQRIIRDLQKELVVGALFEELPMSSKILTMLVEPDAGKATWVAASTYGTDTTTGEEVKGAL
KEIHFSTYKLAAKSFITDETEEDAIFSLLPLLRKRLIEAHAVSIEEAFMTGDGSGKPKGLLTLASEDSAKVVTEAKADGS
VLVTAKTISKLRRKLGRHGLKLSKLVLIVSMDAYYDLLEDEEWQDVAQVGNDSVKLQGQVGRIYGLPVVVSEYFPAKANS
AEFAVIVYKDNFVMPRQRAVTVERERQAGKQRDAYYVTQRVNLQRYFANGVVSGTYAAS
;
_entity_poly.pdbx_strand_id   A,B,C,D,E,F,G,H,I,J,K,L,M
#
# COMPACT_ATOMS: atom_id res chain seq x y z
N ALA A 1 -31.18 4.29 -126.96
CA ALA A 1 -29.91 5.04 -126.77
C ALA A 1 -29.78 6.30 -127.61
N VAL A 2 -29.49 6.21 -128.92
CA VAL A 2 -29.48 7.38 -129.80
C VAL A 2 -30.88 7.81 -130.20
N ASN A 3 -31.85 6.89 -130.12
CA ASN A 3 -33.28 7.12 -129.99
C ASN A 3 -33.69 8.12 -128.89
N GLN A 4 -34.99 8.49 -128.83
CA GLN A 4 -35.56 9.35 -127.78
C GLN A 4 -34.82 10.69 -127.53
N SER A 5 -34.83 11.65 -128.47
CA SER A 5 -35.41 11.63 -129.80
C SER A 5 -34.35 11.33 -130.85
N SER A 6 -34.73 10.49 -131.82
CA SER A 6 -33.99 10.25 -133.04
C SER A 6 -34.78 10.89 -134.16
N SER A 7 -34.38 12.09 -134.63
CA SER A 7 -35.05 12.71 -135.74
C SER A 7 -34.07 13.67 -136.40
N VAL A 8 -34.04 13.86 -137.74
CA VAL A 8 -34.72 13.07 -138.77
C VAL A 8 -33.72 12.20 -139.54
N GLU A 9 -32.41 12.39 -139.25
CA GLU A 9 -31.30 11.85 -140.01
C GLU A 9 -31.00 10.36 -139.71
N VAL A 10 -29.97 10.07 -138.90
CA VAL A 10 -29.66 8.72 -138.47
C VAL A 10 -30.43 8.36 -137.22
N SER A 11 -31.36 7.39 -137.31
CA SER A 11 -32.07 6.91 -136.13
C SER A 11 -31.32 5.86 -135.34
N SER A 12 -30.83 4.83 -136.05
CA SER A 12 -30.35 3.52 -135.54
C SER A 12 -31.09 2.95 -134.32
N GLU A 13 -30.50 1.94 -133.67
CA GLU A 13 -31.07 1.22 -132.57
C GLU A 13 -30.46 1.65 -131.22
N SER A 14 -29.99 0.71 -130.40
CA SER A 14 -29.68 1.02 -129.00
C SER A 14 -28.53 0.19 -128.49
N TYR A 15 -27.49 0.88 -127.93
CA TYR A 15 -26.19 0.42 -127.41
C TYR A 15 -25.10 1.27 -128.08
N GLU A 16 -25.51 2.12 -129.05
CA GLU A 16 -24.75 3.11 -129.80
C GLU A 16 -24.09 4.26 -129.00
N THR A 17 -23.47 3.96 -127.85
CA THR A 17 -22.82 4.96 -127.01
C THR A 17 -21.70 4.30 -126.25
N ILE A 18 -20.59 5.04 -126.03
CA ILE A 18 -19.50 4.58 -125.18
C ILE A 18 -19.92 4.36 -123.71
N PHE A 19 -19.44 3.27 -123.11
CA PHE A 19 -19.67 2.89 -121.73
C PHE A 19 -18.38 3.07 -120.95
N SER A 20 -18.45 3.23 -119.62
CA SER A 20 -17.26 3.42 -118.81
C SER A 20 -17.07 2.29 -117.81
N GLN A 21 -15.86 1.73 -117.72
CA GLN A 21 -15.57 0.57 -116.90
C GLN A 21 -15.18 0.92 -115.47
N ARG A 22 -15.06 2.22 -115.17
CA ARG A 22 -14.74 2.70 -113.84
C ARG A 22 -15.84 2.47 -112.80
N ILE A 23 -15.43 2.09 -111.57
CA ILE A 23 -16.33 1.95 -110.44
C ILE A 23 -16.22 3.14 -109.49
N ILE A 24 -17.20 3.28 -108.57
CA ILE A 24 -17.24 4.28 -107.51
C ILE A 24 -17.79 3.59 -106.25
N ARG A 25 -17.70 4.25 -105.08
CA ARG A 25 -18.05 3.66 -103.78
C ARG A 25 -18.82 4.69 -102.96
N ASP A 26 -19.98 4.30 -102.40
CA ASP A 26 -20.84 5.09 -101.51
C ASP A 26 -20.33 5.08 -100.05
N LEU A 27 -21.25 5.10 -99.08
CA LEU A 27 -21.05 4.87 -97.66
C LEU A 27 -20.14 3.70 -97.26
N GLN A 28 -19.60 3.77 -96.03
CA GLN A 28 -19.03 2.62 -95.35
C GLN A 28 -19.22 2.95 -93.89
N LYS A 29 -19.47 1.92 -93.07
CA LYS A 29 -19.05 1.86 -91.69
C LYS A 29 -17.55 2.03 -91.49
N GLU A 30 -17.17 2.66 -90.37
CA GLU A 30 -15.79 2.80 -89.98
C GLU A 30 -15.50 1.79 -88.88
N LEU A 31 -14.43 1.00 -89.03
CA LEU A 31 -14.24 -0.23 -88.27
C LEU A 31 -13.58 -0.04 -86.91
N VAL A 32 -14.38 -0.10 -85.83
CA VAL A 32 -13.97 0.29 -84.49
C VAL A 32 -13.94 -0.83 -83.47
N VAL A 33 -14.40 -2.07 -83.78
CA VAL A 33 -14.27 -3.17 -82.81
C VAL A 33 -13.30 -4.23 -83.29
N GLY A 34 -13.08 -4.33 -84.62
CA GLY A 34 -12.22 -5.35 -85.21
C GLY A 34 -10.75 -5.08 -85.15
N ALA A 35 -10.33 -3.94 -84.59
CA ALA A 35 -8.95 -3.53 -84.58
C ALA A 35 -8.60 -2.75 -83.30
N LEU A 36 -9.42 -2.91 -82.24
CA LEU A 36 -9.27 -2.14 -81.00
C LEU A 36 -8.93 -3.02 -79.80
N PHE A 37 -8.96 -4.35 -79.96
CA PHE A 37 -8.92 -5.28 -78.85
C PHE A 37 -7.69 -6.17 -78.96
N GLU A 38 -6.89 -6.31 -77.88
CA GLU A 38 -5.62 -7.04 -77.89
C GLU A 38 -5.70 -8.48 -78.40
N GLU A 39 -4.82 -8.85 -79.35
CA GLU A 39 -4.66 -10.21 -79.81
C GLU A 39 -3.95 -11.11 -78.80
N LEU A 40 -4.55 -12.26 -78.44
CA LEU A 40 -3.86 -13.27 -77.67
C LEU A 40 -3.47 -14.44 -78.57
N PRO A 41 -2.21 -14.66 -78.94
CA PRO A 41 -1.81 -15.85 -79.69
C PRO A 41 -1.79 -17.07 -78.79
N MET A 42 -2.26 -18.22 -79.31
CA MET A 42 -2.26 -19.45 -78.54
C MET A 42 -2.14 -20.63 -79.50
N SER A 43 -1.54 -21.75 -79.05
CA SER A 43 -1.23 -22.88 -79.94
C SER A 43 -2.19 -24.04 -79.80
N SER A 44 -3.30 -23.86 -79.06
CA SER A 44 -4.21 -24.96 -78.75
C SER A 44 -5.61 -24.74 -79.33
N LYS A 45 -6.64 -25.14 -78.59
CA LYS A 45 -8.03 -25.06 -79.00
C LYS A 45 -8.86 -24.42 -77.89
N ILE A 46 -8.41 -24.56 -76.62
CA ILE A 46 -9.01 -23.97 -75.44
C ILE A 46 -7.82 -23.63 -74.54
N LEU A 47 -7.88 -22.48 -73.84
CA LEU A 47 -6.84 -22.00 -72.93
C LEU A 47 -7.43 -21.85 -71.53
N THR A 48 -6.74 -22.35 -70.48
CA THR A 48 -7.26 -22.34 -69.11
C THR A 48 -6.29 -21.67 -68.15
N MET A 49 -6.85 -21.03 -67.09
CA MET A 49 -6.05 -20.42 -66.04
C MET A 49 -6.89 -20.26 -64.79
N LEU A 50 -6.22 -20.13 -63.63
CA LEU A 50 -6.87 -19.92 -62.35
C LEU A 50 -6.85 -18.45 -61.96
N VAL A 51 -7.80 -18.02 -61.11
CA VAL A 51 -7.79 -16.67 -60.57
C VAL A 51 -8.36 -16.68 -59.16
N GLU A 52 -7.76 -15.92 -58.24
CA GLU A 52 -8.20 -15.80 -56.86
C GLU A 52 -9.59 -15.16 -56.66
N PRO A 53 -10.32 -15.47 -55.60
CA PRO A 53 -11.42 -14.64 -55.10
C PRO A 53 -10.94 -13.71 -54.02
N ASP A 54 -11.79 -12.75 -53.63
CA ASP A 54 -11.55 -11.76 -52.61
C ASP A 54 -11.69 -12.23 -51.17
N ALA A 55 -12.15 -11.31 -50.30
CA ALA A 55 -12.14 -11.46 -48.86
C ALA A 55 -12.90 -12.68 -48.31
N GLY A 56 -12.33 -13.51 -47.41
CA GLY A 56 -11.04 -13.33 -46.73
C GLY A 56 -11.10 -12.31 -45.63
N LYS A 57 -12.07 -12.44 -44.72
CA LYS A 57 -12.15 -11.60 -43.53
C LYS A 57 -11.52 -12.30 -42.33
N ALA A 58 -11.05 -11.52 -41.34
CA ALA A 58 -10.51 -12.05 -40.10
C ALA A 58 -11.23 -11.39 -38.93
N THR A 59 -11.90 -12.20 -38.08
CA THR A 59 -12.66 -11.75 -36.93
C THR A 59 -11.83 -11.21 -35.77
N TRP A 60 -12.36 -10.19 -35.06
CA TRP A 60 -11.72 -9.62 -33.89
C TRP A 60 -12.08 -10.40 -32.62
N VAL A 61 -11.19 -10.37 -31.60
CA VAL A 61 -11.39 -10.97 -30.29
C VAL A 61 -12.62 -10.43 -29.54
N ALA A 62 -13.31 -11.24 -28.72
CA ALA A 62 -14.55 -10.82 -28.07
C ALA A 62 -14.32 -10.01 -26.79
N ALA A 63 -13.15 -9.35 -26.66
CA ALA A 63 -12.72 -8.50 -25.56
C ALA A 63 -12.62 -9.18 -24.19
N SER A 64 -12.70 -10.52 -24.16
CA SER A 64 -12.45 -11.33 -22.98
C SER A 64 -11.64 -12.55 -23.36
N THR A 65 -11.90 -13.11 -24.57
CA THR A 65 -11.35 -14.37 -25.06
C THR A 65 -9.96 -14.28 -25.69
N TYR A 66 -8.96 -13.85 -24.91
CA TYR A 66 -7.64 -13.54 -25.44
C TYR A 66 -6.65 -14.69 -25.52
N GLY A 67 -6.91 -15.81 -24.81
CA GLY A 67 -5.91 -16.85 -24.54
C GLY A 67 -5.93 -17.99 -25.53
N THR A 68 -6.03 -19.24 -25.02
CA THR A 68 -6.28 -20.41 -25.87
C THR A 68 -7.27 -21.39 -25.25
N ASP A 69 -8.59 -21.32 -25.50
CA ASP A 69 -9.38 -20.27 -26.15
C ASP A 69 -9.15 -20.09 -27.66
N THR A 70 -9.81 -20.92 -28.47
CA THR A 70 -9.49 -21.04 -29.89
C THR A 70 -10.27 -20.06 -30.73
N THR A 71 -11.43 -20.45 -31.30
CA THR A 71 -12.54 -19.65 -31.85
C THR A 71 -12.31 -18.48 -32.83
N THR A 72 -11.06 -18.07 -33.15
CA THR A 72 -10.69 -16.87 -33.92
C THR A 72 -11.17 -16.72 -35.36
N GLY A 73 -12.14 -17.52 -35.84
CA GLY A 73 -12.45 -17.64 -37.27
C GLY A 73 -11.28 -18.11 -38.13
N GLU A 74 -11.50 -18.12 -39.46
CA GLU A 74 -10.50 -18.43 -40.45
C GLU A 74 -11.01 -17.92 -41.78
N GLU A 75 -10.11 -17.80 -42.76
CA GLU A 75 -10.42 -17.26 -44.07
C GLU A 75 -10.86 -18.32 -45.08
N VAL A 76 -10.63 -18.12 -46.39
CA VAL A 76 -11.36 -18.85 -47.42
C VAL A 76 -10.67 -20.15 -47.83
N LYS A 77 -11.23 -21.27 -47.34
CA LYS A 77 -10.71 -22.62 -47.43
C LYS A 77 -10.61 -23.20 -48.85
N GLY A 78 -11.57 -22.87 -49.74
CA GLY A 78 -11.52 -23.24 -51.15
C GLY A 78 -11.41 -21.99 -51.99
N ALA A 79 -10.57 -22.00 -53.02
CA ALA A 79 -10.22 -20.79 -53.73
C ALA A 79 -9.69 -21.15 -55.10
N LEU A 80 -9.25 -20.14 -55.88
CA LEU A 80 -8.62 -20.32 -57.18
C LEU A 80 -9.57 -20.80 -58.28
N LYS A 81 -10.69 -20.06 -58.48
CA LYS A 81 -11.67 -20.29 -59.51
C LYS A 81 -11.06 -20.34 -60.92
N GLU A 82 -11.26 -21.44 -61.68
CA GLU A 82 -10.75 -21.52 -63.05
C GLU A 82 -11.61 -20.75 -64.04
N ILE A 83 -10.96 -20.27 -65.11
CA ILE A 83 -11.58 -19.54 -66.20
C ILE A 83 -11.12 -20.18 -67.49
N HIS A 84 -12.06 -20.54 -68.40
CA HIS A 84 -11.73 -21.21 -69.65
C HIS A 84 -12.04 -20.36 -70.87
N PHE A 85 -11.07 -20.23 -71.80
CA PHE A 85 -11.27 -19.51 -73.05
C PHE A 85 -11.46 -20.49 -74.18
N SER A 86 -12.69 -20.59 -74.69
CA SER A 86 -13.05 -21.36 -75.87
C SER A 86 -12.76 -20.57 -77.15
N THR A 87 -12.52 -21.28 -78.28
CA THR A 87 -12.30 -20.62 -79.57
C THR A 87 -13.28 -21.11 -80.62
N TYR A 88 -13.79 -20.18 -81.44
CA TYR A 88 -14.82 -20.41 -82.43
C TYR A 88 -14.23 -20.19 -83.82
N LYS A 89 -14.77 -20.84 -84.86
CA LYS A 89 -14.15 -20.81 -86.18
C LYS A 89 -15.18 -20.51 -87.26
N LEU A 90 -14.75 -19.94 -88.40
CA LEU A 90 -15.64 -19.66 -89.52
C LEU A 90 -14.90 -19.81 -90.83
N ALA A 91 -15.63 -19.79 -91.96
CA ALA A 91 -15.04 -19.92 -93.26
C ALA A 91 -15.92 -19.29 -94.32
N ALA A 92 -15.33 -18.91 -95.46
CA ALA A 92 -16.08 -18.46 -96.61
C ALA A 92 -15.43 -19.03 -97.86
N LYS A 93 -16.17 -19.02 -98.98
CA LYS A 93 -15.65 -19.49 -100.24
C LYS A 93 -16.38 -18.74 -101.32
N SER A 94 -15.75 -18.56 -102.49
CA SER A 94 -16.45 -18.03 -103.65
C SER A 94 -15.87 -18.67 -104.87
N PHE A 95 -16.70 -19.19 -105.81
CA PHE A 95 -16.18 -19.92 -106.95
C PHE A 95 -16.66 -19.38 -108.28
N ILE A 96 -15.71 -19.04 -109.15
CA ILE A 96 -15.93 -18.46 -110.45
C ILE A 96 -15.70 -19.53 -111.48
N THR A 97 -16.30 -19.35 -112.67
CA THR A 97 -16.18 -20.28 -113.76
C THR A 97 -15.87 -19.46 -114.99
N ASP A 98 -15.18 -20.08 -115.95
CA ASP A 98 -14.60 -19.50 -117.13
C ASP A 98 -15.67 -18.86 -118.02
N GLU A 99 -16.81 -19.57 -118.14
CA GLU A 99 -18.00 -19.22 -118.88
C GLU A 99 -18.60 -17.85 -118.53
N THR A 100 -18.28 -17.26 -117.35
CA THR A 100 -18.75 -15.92 -116.99
C THR A 100 -17.65 -14.88 -116.90
N GLU A 101 -16.44 -15.14 -117.41
CA GLU A 101 -15.41 -14.10 -117.54
C GLU A 101 -14.96 -13.93 -118.98
N GLU A 102 -15.12 -14.96 -119.85
CA GLU A 102 -14.81 -14.83 -121.27
C GLU A 102 -15.70 -13.86 -122.04
N ASP A 103 -17.04 -13.94 -121.87
CA ASP A 103 -17.97 -12.93 -122.35
C ASP A 103 -18.22 -11.94 -121.21
N ALA A 104 -17.32 -10.96 -121.07
CA ALA A 104 -17.40 -9.96 -120.02
C ALA A 104 -16.51 -8.77 -120.36
N ILE A 105 -15.36 -8.64 -119.67
CA ILE A 105 -14.48 -7.49 -119.85
C ILE A 105 -13.07 -7.72 -119.30
N PHE A 106 -12.79 -8.90 -118.69
CA PHE A 106 -11.50 -9.29 -118.13
C PHE A 106 -11.04 -8.46 -116.91
N SER A 107 -11.96 -8.16 -115.97
CA SER A 107 -11.67 -7.27 -114.86
C SER A 107 -12.27 -7.75 -113.56
N LEU A 108 -12.95 -8.91 -113.50
CA LEU A 108 -13.73 -9.23 -112.31
C LEU A 108 -12.89 -9.92 -111.23
N LEU A 109 -11.70 -10.45 -111.59
CA LEU A 109 -10.77 -11.16 -110.71
C LEU A 109 -10.29 -10.38 -109.45
N PRO A 110 -9.77 -9.15 -109.45
CA PRO A 110 -9.23 -8.54 -108.24
C PRO A 110 -10.35 -7.99 -107.37
N LEU A 111 -11.49 -7.59 -107.97
CA LEU A 111 -12.63 -7.02 -107.27
C LEU A 111 -13.30 -8.00 -106.33
N LEU A 112 -13.39 -9.29 -106.73
CA LEU A 112 -13.94 -10.36 -105.91
C LEU A 112 -13.21 -10.55 -104.58
N ARG A 113 -11.86 -10.52 -104.61
CA ARG A 113 -11.05 -10.60 -103.41
C ARG A 113 -11.23 -9.43 -102.45
N LYS A 114 -11.37 -8.19 -102.99
CA LYS A 114 -11.72 -7.02 -102.20
C LYS A 114 -13.10 -7.12 -101.56
N ARG A 115 -14.10 -7.63 -102.31
CA ARG A 115 -15.44 -7.80 -101.81
C ARG A 115 -15.61 -8.85 -100.70
N LEU A 116 -15.01 -10.06 -100.87
CA LEU A 116 -15.11 -11.11 -99.86
C LEU A 116 -14.43 -10.76 -98.54
N ILE A 117 -13.28 -10.05 -98.55
CA ILE A 117 -12.67 -9.55 -97.33
C ILE A 117 -13.51 -8.48 -96.63
N GLU A 118 -14.17 -7.55 -97.36
CA GLU A 118 -15.13 -6.60 -96.81
C GLU A 118 -16.36 -7.27 -96.22
N ALA A 119 -16.94 -8.28 -96.92
CA ALA A 119 -18.03 -9.09 -96.42
C ALA A 119 -17.70 -9.86 -95.14
N HIS A 120 -16.48 -10.44 -95.08
CA HIS A 120 -15.89 -11.02 -93.88
C HIS A 120 -15.72 -9.99 -92.77
N ALA A 121 -15.19 -8.79 -93.09
CA ALA A 121 -15.02 -7.68 -92.18
C ALA A 121 -16.32 -7.14 -91.59
N VAL A 122 -17.38 -6.99 -92.41
CA VAL A 122 -18.73 -6.67 -91.97
C VAL A 122 -19.29 -7.72 -91.03
N SER A 123 -19.15 -9.01 -91.39
CA SER A 123 -19.65 -10.16 -90.63
C SER A 123 -19.05 -10.35 -89.25
N ILE A 124 -17.71 -10.22 -89.12
CA ILE A 124 -17.05 -10.29 -87.82
C ILE A 124 -17.39 -9.11 -86.91
N GLU A 125 -17.49 -7.90 -87.49
CA GLU A 125 -17.82 -6.66 -86.80
C GLU A 125 -19.23 -6.63 -86.21
N GLU A 126 -20.25 -7.08 -86.98
CA GLU A 126 -21.60 -7.28 -86.44
C GLU A 126 -21.66 -8.36 -85.36
N ALA A 127 -20.94 -9.50 -85.52
CA ALA A 127 -20.91 -10.58 -84.55
C ALA A 127 -20.33 -10.19 -83.20
N PHE A 128 -19.25 -9.39 -83.18
CA PHE A 128 -18.69 -8.81 -81.97
C PHE A 128 -19.64 -7.85 -81.25
N MET A 129 -20.41 -7.02 -81.98
CA MET A 129 -21.43 -6.19 -81.36
C MET A 129 -22.70 -6.96 -80.96
N THR A 130 -23.22 -7.82 -81.84
CA THR A 130 -24.50 -8.50 -81.70
C THR A 130 -24.33 -9.98 -81.98
N GLY A 131 -24.56 -10.83 -80.98
CA GLY A 131 -24.39 -12.27 -81.15
C GLY A 131 -24.98 -12.97 -79.99
N ASP A 132 -25.12 -14.30 -80.08
CA ASP A 132 -26.15 -15.03 -79.36
C ASP A 132 -25.53 -15.98 -78.34
N GLY A 133 -24.91 -17.09 -78.81
CA GLY A 133 -24.28 -18.05 -77.92
C GLY A 133 -24.01 -19.38 -78.58
N SER A 134 -24.91 -19.82 -79.47
CA SER A 134 -24.81 -21.10 -80.15
C SER A 134 -24.16 -20.96 -81.52
N GLY A 135 -23.01 -21.65 -81.75
CA GLY A 135 -22.29 -21.65 -83.02
C GLY A 135 -21.42 -20.44 -83.23
N LYS A 136 -21.97 -19.25 -82.94
CA LYS A 136 -21.28 -17.98 -82.98
C LYS A 136 -21.32 -17.35 -81.58
N PRO A 137 -20.24 -16.73 -81.09
CA PRO A 137 -20.15 -16.18 -79.73
C PRO A 137 -21.19 -15.11 -79.41
N LYS A 138 -21.41 -14.82 -78.11
CA LYS A 138 -22.27 -13.73 -77.72
C LYS A 138 -21.63 -12.35 -77.88
N GLY A 139 -22.40 -11.37 -78.38
CA GLY A 139 -21.87 -10.05 -78.69
C GLY A 139 -21.98 -9.05 -77.57
N LEU A 140 -21.31 -7.90 -77.73
CA LEU A 140 -21.16 -6.84 -76.75
C LEU A 140 -22.46 -6.20 -76.27
N LEU A 141 -23.43 -5.93 -77.17
CA LEU A 141 -24.70 -5.31 -76.80
C LEU A 141 -25.55 -6.14 -75.85
N THR A 142 -25.50 -7.48 -75.98
CA THR A 142 -26.16 -8.43 -75.08
C THR A 142 -25.19 -9.01 -74.07
N LEU A 143 -23.96 -8.48 -73.97
CA LEU A 143 -23.04 -8.84 -72.91
C LEU A 143 -23.55 -8.36 -71.55
N ALA A 144 -24.14 -7.15 -71.55
CA ALA A 144 -24.77 -6.48 -70.44
C ALA A 144 -26.21 -6.95 -70.14
N SER A 145 -26.57 -8.19 -70.52
CA SER A 145 -27.91 -8.72 -70.25
C SER A 145 -27.94 -9.76 -69.16
N GLU A 146 -26.79 -10.33 -68.77
CA GLU A 146 -26.74 -11.51 -67.92
C GLU A 146 -26.28 -11.21 -66.50
N ASP A 147 -25.69 -10.03 -66.30
CA ASP A 147 -25.08 -9.58 -65.06
C ASP A 147 -25.97 -8.56 -64.36
N SER A 148 -27.06 -8.16 -65.03
CA SER A 148 -28.05 -7.17 -64.60
C SER A 148 -27.56 -5.74 -64.80
N ALA A 149 -26.62 -5.54 -65.73
CA ALA A 149 -26.04 -4.25 -66.04
C ALA A 149 -27.03 -3.16 -66.47
N LYS A 150 -28.02 -3.50 -67.31
CA LYS A 150 -29.12 -2.67 -67.79
C LYS A 150 -29.77 -1.62 -66.86
N VAL A 151 -30.49 -0.67 -67.47
CA VAL A 151 -31.29 0.34 -66.80
C VAL A 151 -32.61 0.46 -67.56
N VAL A 152 -33.66 1.01 -66.94
CA VAL A 152 -34.86 1.50 -67.58
C VAL A 152 -35.10 2.84 -66.88
N THR A 153 -35.23 4.01 -67.54
CA THR A 153 -35.13 4.32 -68.96
C THR A 153 -34.24 5.56 -69.11
N GLU A 154 -33.96 5.96 -70.36
CA GLU A 154 -33.05 7.07 -70.66
C GLU A 154 -33.85 8.14 -71.41
N ALA A 155 -33.88 8.07 -72.76
CA ALA A 155 -34.74 8.86 -73.62
C ALA A 155 -36.10 8.21 -73.88
N LYS A 156 -36.96 8.87 -74.68
CA LYS A 156 -38.40 8.62 -74.73
C LYS A 156 -38.93 7.94 -76.00
N ALA A 157 -38.15 7.10 -76.70
CA ALA A 157 -38.65 6.27 -77.81
C ALA A 157 -39.53 6.96 -78.87
N ASP A 158 -39.02 8.09 -79.39
CA ASP A 158 -39.56 8.90 -80.48
C ASP A 158 -40.74 9.80 -80.15
N GLY A 159 -41.02 10.04 -78.86
CA GLY A 159 -41.91 11.12 -78.43
C GLY A 159 -41.15 12.14 -77.62
N SER A 160 -40.55 13.16 -78.26
CA SER A 160 -39.65 14.13 -77.61
C SER A 160 -38.39 13.54 -76.97
N VAL A 161 -37.63 12.76 -77.73
CA VAL A 161 -36.30 12.28 -77.33
C VAL A 161 -35.27 13.38 -77.14
N LEU A 162 -34.33 13.15 -76.21
CA LEU A 162 -33.15 13.97 -75.98
C LEU A 162 -32.20 13.04 -75.24
N VAL A 163 -30.88 13.22 -75.36
CA VAL A 163 -29.88 12.25 -74.89
C VAL A 163 -28.89 12.89 -73.93
N THR A 164 -29.32 14.03 -73.33
CA THR A 164 -28.64 14.89 -72.36
C THR A 164 -27.60 14.30 -71.41
N ALA A 165 -26.51 15.04 -71.15
CA ALA A 165 -25.33 14.65 -70.39
C ALA A 165 -25.52 13.93 -69.05
N LYS A 166 -26.64 14.16 -68.34
CA LYS A 166 -26.95 13.43 -67.12
C LYS A 166 -27.21 11.92 -67.36
N THR A 167 -27.52 11.48 -68.61
CA THR A 167 -27.64 10.07 -69.01
C THR A 167 -26.42 9.23 -68.68
N ILE A 168 -25.23 9.66 -69.13
CA ILE A 168 -23.95 9.00 -68.91
C ILE A 168 -23.54 8.96 -67.44
N SER A 169 -23.89 10.00 -66.66
CA SER A 169 -23.66 10.00 -65.22
C SER A 169 -24.52 8.98 -64.47
N LYS A 170 -25.83 8.93 -64.80
CA LYS A 170 -26.74 7.90 -64.33
C LYS A 170 -26.32 6.48 -64.75
N LEU A 171 -25.84 6.32 -66.00
CA LEU A 171 -25.31 5.06 -66.50
C LEU A 171 -24.08 4.57 -65.72
N ARG A 172 -23.11 5.46 -65.39
CA ARG A 172 -21.99 5.10 -64.52
C ARG A 172 -22.37 4.88 -63.07
N ARG A 173 -23.42 5.58 -62.54
CA ARG A 173 -24.01 5.27 -61.23
C ARG A 173 -24.57 3.85 -61.18
N LYS A 174 -25.25 3.42 -62.26
CA LYS A 174 -25.75 2.07 -62.42
C LYS A 174 -24.67 0.98 -62.57
N LEU A 175 -23.53 1.26 -63.24
CA LEU A 175 -22.40 0.35 -63.26
C LEU A 175 -21.64 0.26 -61.94
N GLY A 176 -21.23 1.42 -61.36
CA GLY A 176 -20.68 1.55 -60.01
C GLY A 176 -19.32 0.96 -59.69
N ARG A 177 -19.14 -0.35 -59.90
CA ARG A 177 -18.11 -1.18 -59.30
C ARG A 177 -17.00 -1.55 -60.29
N HIS A 178 -15.69 -1.42 -60.03
CA HIS A 178 -14.97 -1.06 -58.82
C HIS A 178 -13.92 0.00 -59.08
N GLY A 179 -14.02 0.76 -60.19
CA GLY A 179 -12.92 1.64 -60.58
C GLY A 179 -13.37 2.89 -61.26
N LEU A 180 -13.75 3.90 -60.47
CA LEU A 180 -14.23 5.18 -60.97
C LEU A 180 -13.17 6.08 -61.59
N LYS A 181 -11.87 5.78 -61.35
CA LYS A 181 -10.73 6.62 -61.67
C LYS A 181 -10.30 6.65 -63.15
N LEU A 182 -11.24 6.48 -64.10
CA LEU A 182 -11.03 6.56 -65.54
C LEU A 182 -9.95 5.64 -66.12
N SER A 183 -10.10 4.31 -65.98
CA SER A 183 -9.19 3.34 -66.58
C SER A 183 -9.48 3.10 -68.07
N LYS A 184 -9.33 4.14 -68.91
CA LYS A 184 -9.48 4.15 -70.36
C LYS A 184 -10.68 3.40 -70.95
N LEU A 185 -11.90 3.68 -70.42
CA LEU A 185 -13.14 3.08 -70.88
C LEU A 185 -13.47 3.41 -72.34
N VAL A 186 -14.08 2.44 -73.04
CA VAL A 186 -14.44 2.56 -74.44
C VAL A 186 -15.95 2.68 -74.52
N LEU A 187 -16.44 3.72 -75.21
CA LEU A 187 -17.86 3.97 -75.34
C LEU A 187 -18.24 4.13 -76.80
N ILE A 188 -19.32 3.46 -77.22
CA ILE A 188 -19.76 3.42 -78.61
C ILE A 188 -21.24 3.78 -78.66
N VAL A 189 -21.62 4.80 -79.46
CA VAL A 189 -22.97 5.33 -79.55
C VAL A 189 -23.58 5.14 -80.94
N SER A 190 -24.91 4.97 -81.01
CA SER A 190 -25.70 4.89 -82.24
C SER A 190 -25.63 6.12 -83.14
N MET A 191 -25.90 5.91 -84.43
CA MET A 191 -25.87 6.91 -85.49
C MET A 191 -26.82 8.07 -85.26
N ASP A 192 -28.08 7.75 -84.93
CA ASP A 192 -29.14 8.66 -84.58
C ASP A 192 -28.93 9.34 -83.24
N ALA A 193 -28.55 8.58 -82.19
CA ALA A 193 -28.22 9.12 -80.88
C ALA A 193 -27.05 10.11 -80.91
N TYR A 194 -26.02 9.85 -81.74
CA TYR A 194 -24.98 10.80 -82.06
C TYR A 194 -25.51 12.08 -82.70
N TYR A 195 -26.45 12.01 -83.67
CA TYR A 195 -27.05 13.19 -84.26
C TYR A 195 -27.94 13.99 -83.32
N ASP A 196 -28.78 13.32 -82.52
CA ASP A 196 -29.68 13.90 -81.52
C ASP A 196 -28.92 14.69 -80.45
N LEU A 197 -27.72 14.24 -80.05
CA LEU A 197 -26.83 14.87 -79.09
C LEU A 197 -26.38 16.32 -79.42
N LEU A 198 -26.66 16.83 -80.63
CA LEU A 198 -26.30 18.19 -80.99
C LEU A 198 -27.51 19.14 -80.95
N GLU A 199 -28.68 18.69 -80.47
CA GLU A 199 -29.81 19.57 -80.21
C GLU A 199 -29.63 20.31 -78.87
N ASP A 200 -29.17 19.58 -77.82
CA ASP A 200 -28.67 20.03 -76.52
C ASP A 200 -27.95 21.40 -76.52
N GLU A 201 -28.24 22.38 -75.65
CA GLU A 201 -29.16 22.48 -74.53
C GLU A 201 -28.90 21.55 -73.33
N GLU A 202 -27.62 21.37 -72.98
CA GLU A 202 -27.13 20.64 -71.82
C GLU A 202 -25.62 20.50 -71.88
N TRP A 203 -24.89 21.12 -70.92
CA TRP A 203 -23.46 20.91 -70.61
C TRP A 203 -22.48 21.43 -71.65
N GLN A 204 -22.80 21.23 -72.93
CA GLN A 204 -22.03 21.61 -74.08
C GLN A 204 -22.91 22.27 -75.12
N ASP A 205 -23.91 23.01 -74.63
CA ASP A 205 -24.91 23.78 -75.33
C ASP A 205 -24.39 24.80 -76.37
N VAL A 206 -25.28 25.72 -76.76
CA VAL A 206 -25.00 26.70 -77.79
C VAL A 206 -24.43 27.97 -77.21
N ALA A 207 -24.13 28.00 -75.89
CA ALA A 207 -23.61 29.18 -75.24
C ALA A 207 -22.46 28.87 -74.29
N GLN A 208 -21.75 29.94 -73.89
CA GLN A 208 -20.56 29.87 -73.07
C GLN A 208 -20.91 30.04 -71.60
N VAL A 209 -22.21 29.85 -71.27
CA VAL A 209 -22.68 29.63 -69.92
C VAL A 209 -22.39 28.20 -69.46
N GLY A 210 -22.45 27.23 -70.40
CA GLY A 210 -22.11 25.84 -70.13
C GLY A 210 -20.66 25.55 -70.41
N ASN A 211 -20.35 25.03 -71.61
CA ASN A 211 -18.98 24.65 -71.94
C ASN A 211 -17.96 25.79 -72.09
N ASP A 212 -16.76 25.63 -71.50
CA ASP A 212 -15.50 26.15 -71.99
C ASP A 212 -15.29 25.91 -73.51
N SER A 213 -14.32 26.57 -74.14
CA SER A 213 -14.07 26.41 -75.56
C SER A 213 -13.56 25.01 -75.90
N VAL A 214 -14.40 24.22 -76.60
CA VAL A 214 -14.15 22.80 -76.89
C VAL A 214 -14.79 22.41 -78.21
N LYS A 215 -15.19 23.40 -79.02
CA LYS A 215 -15.88 23.16 -80.27
C LYS A 215 -15.90 24.43 -81.14
N LEU A 216 -14.76 24.96 -81.64
CA LEU A 216 -13.51 24.30 -82.04
C LEU A 216 -13.69 23.08 -82.96
N GLN A 217 -14.21 23.21 -84.20
CA GLN A 217 -14.55 24.42 -84.93
C GLN A 217 -16.06 24.66 -85.02
N GLY A 218 -16.87 23.80 -84.37
CA GLY A 218 -18.32 23.90 -84.42
C GLY A 218 -18.95 22.55 -84.27
N GLN A 219 -19.57 22.27 -83.11
CA GLN A 219 -20.26 21.02 -82.80
C GLN A 219 -19.54 19.71 -83.17
N VAL A 220 -18.32 19.52 -82.62
CA VAL A 220 -17.50 18.36 -82.84
C VAL A 220 -17.75 17.27 -81.80
N GLY A 221 -17.32 16.02 -82.10
CA GLY A 221 -17.55 14.85 -81.24
C GLY A 221 -16.69 14.79 -80.01
N ARG A 222 -17.07 15.58 -78.99
CA ARG A 222 -16.43 15.60 -77.71
C ARG A 222 -17.49 15.59 -76.63
N ILE A 223 -17.47 14.59 -75.73
CA ILE A 223 -18.41 14.53 -74.62
C ILE A 223 -17.69 14.90 -73.33
N TYR A 224 -17.90 14.16 -72.22
CA TYR A 224 -17.38 14.42 -70.89
C TYR A 224 -15.87 14.22 -70.78
N GLY A 225 -15.08 15.08 -71.45
CA GLY A 225 -13.63 15.03 -71.56
C GLY A 225 -13.15 14.10 -72.64
N LEU A 226 -13.70 12.88 -72.66
CA LEU A 226 -13.42 11.82 -73.61
C LEU A 226 -13.93 12.11 -75.04
N PRO A 227 -13.26 11.75 -76.14
CA PRO A 227 -13.92 11.58 -77.43
C PRO A 227 -15.01 10.51 -77.43
N VAL A 228 -15.88 10.49 -78.45
CA VAL A 228 -16.98 9.56 -78.55
C VAL A 228 -16.89 8.79 -79.85
N VAL A 229 -17.05 7.45 -79.81
CA VAL A 229 -17.04 6.59 -80.98
C VAL A 229 -18.47 6.35 -81.45
N VAL A 230 -18.75 6.49 -82.76
CA VAL A 230 -20.08 6.30 -83.34
C VAL A 230 -20.07 5.08 -84.24
N SER A 231 -21.20 4.39 -84.40
CA SER A 231 -21.28 3.21 -85.27
C SER A 231 -22.67 3.11 -85.87
N GLU A 232 -22.79 2.56 -87.10
CA GLU A 232 -24.05 2.35 -87.79
C GLU A 232 -24.59 0.93 -87.60
N TYR A 233 -23.94 0.11 -86.74
CA TYR A 233 -24.31 -1.28 -86.52
C TYR A 233 -25.35 -1.49 -85.42
N PHE A 234 -25.96 -0.42 -84.92
CA PHE A 234 -27.03 -0.54 -83.96
C PHE A 234 -28.34 -0.85 -84.68
N PRO A 235 -29.28 -1.61 -84.12
CA PRO A 235 -30.56 -1.88 -84.77
C PRO A 235 -31.44 -0.64 -84.79
N ALA A 236 -32.34 -0.52 -85.80
CA ALA A 236 -33.22 0.61 -85.96
C ALA A 236 -34.11 0.90 -84.74
N LYS A 237 -34.38 2.20 -84.49
CA LYS A 237 -35.12 2.74 -83.35
C LYS A 237 -36.26 1.90 -82.78
N ALA A 238 -36.17 1.59 -81.48
CA ALA A 238 -37.04 0.66 -80.80
C ALA A 238 -36.56 0.63 -79.36
N ASN A 239 -36.71 -0.50 -78.65
CA ASN A 239 -36.46 -0.60 -77.22
C ASN A 239 -35.08 -1.21 -76.92
N SER A 240 -34.12 -1.06 -77.86
CA SER A 240 -32.83 -1.74 -77.81
C SER A 240 -31.71 -0.82 -77.30
N ALA A 241 -30.45 -1.16 -77.59
CA ALA A 241 -29.30 -0.40 -77.16
C ALA A 241 -28.93 0.70 -78.15
N GLU A 242 -28.76 1.95 -77.66
CA GLU A 242 -28.27 3.06 -78.43
C GLU A 242 -26.88 3.49 -77.96
N PHE A 243 -26.45 3.08 -76.74
CA PHE A 243 -25.17 3.45 -76.19
C PHE A 243 -24.60 2.26 -75.41
N ALA A 244 -23.34 1.88 -75.68
CA ALA A 244 -22.64 0.84 -74.95
C ALA A 244 -21.34 1.37 -74.38
N VAL A 245 -21.04 1.08 -73.10
CA VAL A 245 -19.81 1.49 -72.44
C VAL A 245 -19.15 0.28 -71.81
N ILE A 246 -17.85 0.04 -72.12
CA ILE A 246 -17.08 -1.07 -71.57
C ILE A 246 -15.77 -0.58 -70.98
N VAL A 247 -15.38 -1.14 -69.83
CA VAL A 247 -14.04 -0.96 -69.28
C VAL A 247 -12.98 -1.72 -70.10
N TYR A 248 -11.79 -1.12 -70.31
CA TYR A 248 -10.72 -1.75 -71.06
C TYR A 248 -9.44 -1.66 -70.25
N LYS A 249 -9.10 -2.72 -69.50
CA LYS A 249 -7.93 -2.65 -68.63
C LYS A 249 -7.24 -3.98 -68.41
N ASP A 250 -7.95 -5.10 -68.62
CA ASP A 250 -7.43 -6.45 -68.38
C ASP A 250 -8.09 -7.42 -69.37
N ASN A 251 -9.04 -6.89 -70.14
CA ASN A 251 -10.20 -7.61 -70.60
C ASN A 251 -10.60 -7.16 -71.99
N PHE A 252 -11.56 -7.87 -72.61
CA PHE A 252 -11.96 -7.71 -73.99
C PHE A 252 -10.85 -8.09 -74.95
N VAL A 253 -10.08 -9.15 -74.60
CA VAL A 253 -9.03 -9.67 -75.43
C VAL A 253 -9.58 -10.69 -76.40
N MET A 254 -8.96 -10.82 -77.58
CA MET A 254 -9.40 -11.76 -78.58
C MET A 254 -8.38 -12.88 -78.77
N PRO A 255 -8.62 -14.14 -78.43
CA PRO A 255 -7.70 -15.22 -78.73
C PRO A 255 -7.73 -15.58 -80.20
N ARG A 256 -6.56 -15.85 -80.80
CA ARG A 256 -6.49 -16.27 -82.19
C ARG A 256 -5.34 -17.20 -82.47
N GLN A 257 -5.58 -18.24 -83.27
CA GLN A 257 -4.58 -19.23 -83.62
C GLN A 257 -4.02 -19.05 -85.03
N ARG A 258 -4.54 -18.10 -85.82
CA ARG A 258 -3.90 -17.70 -87.06
C ARG A 258 -4.43 -16.35 -87.47
N ALA A 259 -3.78 -15.71 -88.47
CA ALA A 259 -4.33 -14.57 -89.18
C ALA A 259 -5.11 -15.04 -90.41
N VAL A 260 -5.73 -14.10 -91.16
CA VAL A 260 -6.42 -14.38 -92.41
C VAL A 260 -5.56 -15.03 -93.49
N THR A 261 -5.97 -16.23 -93.97
CA THR A 261 -5.32 -16.93 -95.07
C THR A 261 -6.35 -17.08 -96.18
N VAL A 262 -6.00 -16.62 -97.41
CA VAL A 262 -6.90 -16.67 -98.54
C VAL A 262 -6.21 -17.33 -99.73
N GLU A 263 -6.83 -18.38 -100.27
CA GLU A 263 -6.20 -19.34 -101.14
C GLU A 263 -7.17 -19.74 -102.23
N ARG A 264 -6.74 -20.64 -103.14
CA ARG A 264 -7.54 -21.05 -104.29
C ARG A 264 -7.22 -22.47 -104.70
N GLU A 265 -8.26 -23.23 -105.11
CA GLU A 265 -8.20 -24.57 -105.64
C GLU A 265 -8.90 -24.66 -106.97
N ARG A 266 -8.37 -25.54 -107.85
CA ARG A 266 -9.03 -25.86 -109.11
C ARG A 266 -8.54 -27.19 -109.67
N GLN A 267 -7.84 -28.00 -108.86
CA GLN A 267 -7.31 -29.27 -109.29
C GLN A 267 -7.45 -30.25 -108.12
N ALA A 268 -8.05 -31.44 -108.27
CA ALA A 268 -8.70 -32.02 -109.45
C ALA A 268 -10.17 -31.58 -109.60
N GLY A 269 -10.45 -30.27 -109.66
CA GLY A 269 -11.76 -29.76 -110.04
C GLY A 269 -12.09 -29.94 -111.50
N LYS A 270 -13.30 -29.48 -111.90
CA LYS A 270 -13.65 -29.37 -113.30
C LYS A 270 -13.94 -27.89 -113.53
N GLN A 271 -13.25 -27.29 -114.52
CA GLN A 271 -13.25 -25.86 -114.83
C GLN A 271 -12.81 -24.94 -113.68
N ARG A 272 -13.78 -24.46 -112.87
CA ARG A 272 -13.69 -23.46 -111.81
C ARG A 272 -12.36 -23.15 -111.12
N ASP A 273 -12.10 -21.85 -110.86
CA ASP A 273 -11.15 -21.46 -109.82
C ASP A 273 -12.00 -21.07 -108.61
N ALA A 274 -11.68 -21.64 -107.44
CA ALA A 274 -12.48 -21.48 -106.26
C ALA A 274 -11.65 -20.96 -105.12
N TYR A 275 -12.03 -19.78 -104.61
CA TYR A 275 -11.34 -19.11 -103.54
C TYR A 275 -11.87 -19.57 -102.21
N TYR A 276 -10.97 -19.80 -101.24
CA TYR A 276 -11.33 -20.18 -99.88
C TYR A 276 -10.65 -19.22 -98.92
N VAL A 277 -11.31 -18.93 -97.79
CA VAL A 277 -10.74 -18.11 -96.74
C VAL A 277 -11.29 -18.62 -95.42
N THR A 278 -10.48 -18.66 -94.34
CA THR A 278 -10.92 -19.23 -93.06
C THR A 278 -10.47 -18.37 -91.91
N GLN A 279 -11.17 -18.44 -90.76
CA GLN A 279 -10.85 -17.60 -89.63
C GLN A 279 -11.08 -18.30 -88.29
N ARG A 280 -10.44 -17.80 -87.23
CA ARG A 280 -10.60 -18.30 -85.87
C ARG A 280 -10.22 -17.22 -84.87
N VAL A 281 -11.14 -16.25 -84.64
CA VAL A 281 -10.97 -15.12 -83.74
C VAL A 281 -12.31 -14.92 -83.05
N ASN A 282 -12.34 -14.70 -81.71
CA ASN A 282 -13.58 -14.48 -81.01
C ASN A 282 -13.40 -13.60 -79.79
N LEU A 283 -14.51 -13.22 -79.12
CA LEU A 283 -14.52 -12.22 -78.06
C LEU A 283 -15.02 -12.84 -76.77
N GLN A 284 -14.32 -12.60 -75.63
CA GLN A 284 -14.70 -13.12 -74.33
C GLN A 284 -14.26 -12.11 -73.26
N ARG A 285 -14.79 -12.22 -72.03
CA ARG A 285 -14.35 -11.40 -70.89
C ARG A 285 -13.87 -12.32 -69.78
N TYR A 286 -12.72 -12.01 -69.13
CA TYR A 286 -12.22 -12.75 -67.97
C TYR A 286 -13.17 -12.69 -66.78
N PHE A 287 -13.66 -11.47 -66.50
CA PHE A 287 -14.47 -11.18 -65.34
C PHE A 287 -15.81 -10.64 -65.82
N ALA A 288 -16.91 -11.11 -65.21
CA ALA A 288 -18.24 -10.62 -65.48
C ALA A 288 -18.55 -9.30 -64.78
N ASN A 289 -17.91 -8.20 -65.22
CA ASN A 289 -18.13 -6.89 -64.65
C ASN A 289 -17.67 -5.87 -65.70
N GLY A 290 -18.00 -4.59 -65.52
CA GLY A 290 -17.45 -3.47 -66.29
C GLY A 290 -18.10 -3.20 -67.62
N VAL A 291 -19.35 -3.66 -67.80
CA VAL A 291 -20.06 -3.59 -69.06
C VAL A 291 -21.44 -3.00 -68.81
N VAL A 292 -21.88 -1.97 -69.57
CA VAL A 292 -23.25 -1.47 -69.48
C VAL A 292 -23.77 -1.07 -70.86
N SER A 293 -25.09 -1.23 -71.08
CA SER A 293 -25.75 -0.77 -72.30
C SER A 293 -27.08 -0.09 -72.00
N GLY A 294 -27.25 1.12 -72.57
CA GLY A 294 -28.49 1.88 -72.54
C GLY A 294 -29.07 1.84 -73.92
N THR A 295 -30.35 1.43 -74.15
CA THR A 295 -31.39 0.95 -73.27
C THR A 295 -31.92 1.97 -72.27
N TYR A 296 -32.67 3.03 -72.65
CA TYR A 296 -33.44 3.26 -73.87
C TYR A 296 -34.50 2.18 -74.10
N ALA A 297 -35.47 2.08 -73.19
CA ALA A 297 -36.49 1.06 -73.26
C ALA A 297 -37.77 1.66 -73.83
N ALA A 298 -38.57 2.30 -72.98
CA ALA A 298 -39.77 3.01 -73.37
C ALA A 298 -39.92 4.08 -72.30
N SER A 299 -40.91 4.96 -72.42
CA SER A 299 -41.21 5.99 -71.43
C SER A 299 -42.74 6.22 -71.48
N ALA B 1 -39.02 73.10 -118.52
CA ALA B 1 -39.07 74.35 -119.36
C ALA B 1 -37.67 74.75 -119.80
N VAL B 2 -37.55 75.69 -120.75
CA VAL B 2 -36.27 76.30 -121.12
C VAL B 2 -36.53 77.72 -121.65
N ASN B 3 -37.82 78.01 -121.89
CA ASN B 3 -38.34 79.24 -122.45
C ASN B 3 -38.63 80.27 -121.37
N GLN B 4 -38.43 79.87 -120.10
CA GLN B 4 -38.78 80.64 -118.95
C GLN B 4 -37.62 80.53 -117.96
N SER B 5 -37.01 81.62 -117.48
CA SER B 5 -37.20 83.02 -117.85
C SER B 5 -36.17 83.43 -118.89
N SER B 6 -36.56 84.22 -119.91
CA SER B 6 -35.65 84.76 -120.92
C SER B 6 -34.55 85.64 -120.34
N SER B 7 -33.29 85.20 -120.42
CA SER B 7 -32.16 85.93 -119.88
C SER B 7 -31.24 86.44 -120.99
N VAL B 8 -31.34 87.69 -121.46
CA VAL B 8 -32.30 88.76 -121.13
C VAL B 8 -33.43 88.87 -122.15
N GLU B 9 -33.29 88.18 -123.29
CA GLU B 9 -34.21 88.32 -124.41
C GLU B 9 -34.17 87.04 -125.21
N VAL B 10 -33.05 86.82 -125.92
CA VAL B 10 -32.74 85.64 -126.69
C VAL B 10 -32.76 84.36 -125.85
N SER B 11 -33.50 83.35 -126.31
CA SER B 11 -33.62 82.07 -125.66
C SER B 11 -33.59 81.00 -126.72
N SER B 12 -33.37 79.74 -126.32
CA SER B 12 -33.27 78.62 -127.25
C SER B 12 -34.43 77.67 -127.05
N GLU B 13 -34.68 76.81 -128.05
CA GLU B 13 -35.67 75.76 -127.96
C GLU B 13 -35.25 74.58 -127.08
N SER B 14 -36.17 73.61 -126.92
CA SER B 14 -35.93 72.40 -126.13
C SER B 14 -34.89 71.46 -126.75
N TYR B 15 -34.15 70.69 -125.92
CA TYR B 15 -33.21 69.64 -126.35
C TYR B 15 -31.80 70.17 -126.65
N GLU B 16 -31.40 71.25 -125.97
CA GLU B 16 -30.11 71.90 -126.15
C GLU B 16 -29.04 71.41 -125.17
N THR B 17 -29.36 70.40 -124.35
CA THR B 17 -28.47 69.90 -123.31
C THR B 17 -27.63 68.70 -123.70
N ILE B 18 -26.28 68.83 -123.64
CA ILE B 18 -25.33 67.72 -123.75
C ILE B 18 -25.53 66.65 -122.66
N PHE B 19 -25.35 65.37 -123.03
CA PHE B 19 -25.58 64.22 -122.18
C PHE B 19 -24.42 63.22 -122.29
N SER B 20 -24.50 62.08 -121.59
CA SER B 20 -23.40 61.13 -121.51
C SER B 20 -23.72 59.80 -122.18
N GLN B 21 -23.03 59.47 -123.28
CA GLN B 21 -23.13 58.16 -123.90
C GLN B 21 -22.36 57.08 -123.14
N ARG B 22 -23.06 56.36 -122.24
CA ARG B 22 -22.60 55.11 -121.65
C ARG B 22 -23.80 54.40 -121.06
N ILE B 23 -23.70 53.08 -120.79
CA ILE B 23 -24.79 52.26 -120.28
C ILE B 23 -24.32 51.66 -118.96
N ILE B 24 -25.17 51.60 -117.93
CA ILE B 24 -24.79 51.15 -116.60
C ILE B 24 -26.03 50.58 -115.90
N ARG B 25 -25.88 49.90 -114.74
CA ARG B 25 -26.98 49.42 -113.94
C ARG B 25 -26.56 49.33 -112.48
N ASP B 26 -27.45 49.67 -111.54
CA ASP B 26 -27.20 49.64 -110.11
C ASP B 26 -26.82 48.30 -109.49
N LEU B 27 -27.43 47.18 -109.95
CA LEU B 27 -27.27 45.88 -109.34
C LEU B 27 -27.31 44.81 -110.42
N GLN B 28 -26.82 43.61 -110.05
CA GLN B 28 -27.06 42.37 -110.76
C GLN B 28 -27.73 41.44 -109.75
N LYS B 29 -27.31 40.17 -109.63
CA LYS B 29 -27.80 39.29 -108.59
C LYS B 29 -26.62 38.71 -107.82
N GLU B 30 -26.80 37.50 -107.27
CA GLU B 30 -25.81 36.64 -106.65
C GLU B 30 -25.88 35.39 -107.52
N LEU B 31 -24.73 34.74 -107.80
CA LEU B 31 -24.69 33.52 -108.61
C LEU B 31 -23.53 32.64 -108.21
N VAL B 32 -23.80 31.34 -107.99
CA VAL B 32 -22.80 30.50 -107.35
C VAL B 32 -22.80 29.07 -107.86
N VAL B 33 -23.90 28.57 -108.46
CA VAL B 33 -23.96 27.15 -108.81
C VAL B 33 -23.12 26.81 -110.04
N GLY B 34 -22.82 27.82 -110.87
CA GLY B 34 -22.05 27.69 -112.11
C GLY B 34 -20.55 27.57 -111.93
N ALA B 35 -20.04 27.60 -110.70
CA ALA B 35 -18.62 27.50 -110.44
C ALA B 35 -18.37 26.73 -109.14
N LEU B 36 -19.19 25.69 -108.90
CA LEU B 36 -19.17 24.91 -107.67
C LEU B 36 -18.72 23.47 -107.92
N PHE B 37 -19.65 22.61 -108.41
CA PHE B 37 -19.42 21.23 -108.82
C PHE B 37 -18.48 21.09 -110.00
N GLU B 38 -17.75 19.97 -110.16
CA GLU B 38 -16.99 19.75 -111.37
C GLU B 38 -17.84 19.53 -112.63
N GLU B 39 -17.28 19.94 -113.77
CA GLU B 39 -17.75 19.51 -115.07
C GLU B 39 -17.36 18.06 -115.38
N LEU B 40 -18.29 17.28 -115.97
CA LEU B 40 -17.94 15.99 -116.54
C LEU B 40 -18.01 16.11 -118.07
N PRO B 41 -16.92 16.04 -118.84
CA PRO B 41 -16.99 16.15 -120.29
C PRO B 41 -17.49 14.87 -120.94
N MET B 42 -18.40 14.97 -121.93
CA MET B 42 -18.94 13.78 -122.59
C MET B 42 -19.24 14.05 -124.06
N SER B 43 -18.59 13.30 -124.99
CA SER B 43 -18.85 13.42 -126.43
C SER B 43 -20.23 12.91 -126.86
N SER B 44 -20.64 11.76 -126.31
CA SER B 44 -21.85 11.02 -126.67
C SER B 44 -23.15 11.64 -126.18
N LYS B 45 -24.32 11.13 -126.64
CA LYS B 45 -25.62 11.56 -126.13
C LYS B 45 -25.84 11.18 -124.66
N ILE B 46 -25.40 9.97 -124.27
CA ILE B 46 -25.57 9.39 -122.95
C ILE B 46 -24.29 8.64 -122.59
N LEU B 47 -24.13 8.25 -121.32
CA LEU B 47 -23.00 7.50 -120.82
C LEU B 47 -23.49 6.51 -119.77
N THR B 48 -22.96 5.27 -119.74
CA THR B 48 -23.27 4.26 -118.72
C THR B 48 -22.03 3.95 -117.88
N MET B 49 -22.23 3.46 -116.65
CA MET B 49 -21.16 2.86 -115.87
C MET B 49 -21.71 1.92 -114.82
N LEU B 50 -20.90 0.92 -114.41
CA LEU B 50 -21.25 -0.08 -113.43
C LEU B 50 -20.82 0.29 -112.01
N VAL B 51 -21.65 0.00 -110.99
CA VAL B 51 -21.30 0.31 -109.61
C VAL B 51 -21.31 -0.96 -108.76
N GLU B 52 -20.23 -1.15 -107.95
CA GLU B 52 -20.06 -2.30 -107.08
C GLU B 52 -21.13 -2.39 -105.98
N PRO B 53 -21.51 -3.57 -105.50
CA PRO B 53 -22.66 -3.67 -104.63
C PRO B 53 -22.24 -3.92 -103.20
N ASP B 54 -23.13 -3.47 -102.33
CA ASP B 54 -23.41 -3.67 -100.95
C ASP B 54 -23.22 -5.10 -100.39
N ALA B 55 -23.23 -5.20 -99.05
CA ALA B 55 -22.91 -6.37 -98.26
C ALA B 55 -23.81 -7.60 -98.51
N GLY B 56 -23.33 -8.86 -98.43
CA GLY B 56 -22.02 -9.34 -98.00
C GLY B 56 -22.07 -9.85 -96.59
N LYS B 57 -22.45 -11.13 -96.41
CA LYS B 57 -22.59 -11.72 -95.10
C LYS B 57 -22.08 -13.15 -95.15
N ALA B 58 -21.25 -13.53 -94.17
CA ALA B 58 -20.74 -14.88 -93.99
C ALA B 58 -21.41 -15.48 -92.76
N THR B 59 -21.01 -16.71 -92.36
CA THR B 59 -21.66 -17.40 -91.26
C THR B 59 -20.64 -18.29 -90.58
N TRP B 60 -21.03 -18.91 -89.45
CA TRP B 60 -20.16 -19.62 -88.54
C TRP B 60 -20.53 -21.09 -88.56
N VAL B 61 -19.53 -21.97 -88.38
CA VAL B 61 -19.68 -23.42 -88.37
C VAL B 61 -20.64 -23.99 -87.33
N ALA B 62 -21.10 -25.24 -87.51
CA ALA B 62 -21.94 -25.92 -86.52
C ALA B 62 -21.13 -26.58 -85.39
N ALA B 63 -19.84 -26.18 -85.28
CA ALA B 63 -18.87 -26.53 -84.27
C ALA B 63 -18.27 -27.90 -84.50
N SER B 64 -19.12 -28.95 -84.41
CA SER B 64 -18.80 -30.35 -84.61
C SER B 64 -18.41 -30.71 -86.03
N THR B 65 -19.08 -30.12 -87.04
CA THR B 65 -18.88 -30.50 -88.44
C THR B 65 -17.45 -30.32 -88.97
N TYR B 66 -17.03 -31.32 -89.76
CA TYR B 66 -15.66 -31.48 -90.18
C TYR B 66 -15.58 -32.40 -91.40
N GLY B 67 -16.70 -32.53 -92.13
CA GLY B 67 -16.81 -33.43 -93.29
C GLY B 67 -16.58 -32.75 -94.61
N THR B 68 -16.41 -31.41 -94.59
CA THR B 68 -16.21 -30.56 -95.77
C THR B 68 -17.32 -30.67 -96.82
N ASP B 69 -18.60 -30.39 -96.53
CA ASP B 69 -19.20 -29.48 -95.57
C ASP B 69 -18.44 -28.17 -95.30
N THR B 70 -18.56 -27.19 -96.21
CA THR B 70 -17.88 -25.91 -96.04
C THR B 70 -18.62 -24.97 -95.10
N THR B 71 -19.92 -25.22 -94.79
CA THR B 71 -20.86 -24.40 -94.00
C THR B 71 -21.01 -22.93 -94.38
N THR B 72 -20.77 -22.55 -95.66
CA THR B 72 -20.58 -21.14 -95.99
C THR B 72 -21.85 -20.42 -96.42
N GLY B 73 -23.00 -21.12 -96.51
CA GLY B 73 -24.20 -20.58 -97.15
C GLY B 73 -24.07 -20.67 -98.66
N GLU B 74 -23.36 -19.68 -99.22
CA GLU B 74 -22.96 -19.39 -100.60
C GLU B 74 -22.94 -17.87 -100.65
N GLU B 75 -22.15 -17.23 -101.53
CA GLU B 75 -22.19 -15.78 -101.63
C GLU B 75 -22.39 -15.30 -103.06
N VAL B 76 -22.83 -14.04 -103.19
CA VAL B 76 -23.41 -13.52 -104.42
C VAL B 76 -22.34 -13.01 -105.39
N LYS B 77 -21.50 -13.95 -105.86
CA LYS B 77 -20.32 -13.86 -106.72
C LYS B 77 -20.01 -12.52 -107.39
N GLY B 78 -20.84 -12.08 -108.37
CA GLY B 78 -20.51 -10.90 -109.16
C GLY B 78 -21.73 -10.29 -109.78
N ALA B 79 -22.87 -10.36 -109.08
CA ALA B 79 -24.06 -9.64 -109.47
C ALA B 79 -24.01 -8.22 -108.88
N LEU B 80 -24.14 -7.20 -109.73
CA LEU B 80 -24.00 -5.80 -109.35
C LEU B 80 -25.10 -4.97 -110.00
N LYS B 81 -24.91 -3.65 -110.21
CA LYS B 81 -25.95 -2.83 -110.80
C LYS B 81 -25.30 -1.70 -111.62
N GLU B 82 -25.88 -1.33 -112.78
CA GLU B 82 -25.41 -0.20 -113.58
C GLU B 82 -26.22 1.06 -113.34
N ILE B 83 -25.65 2.22 -113.72
CA ILE B 83 -26.30 3.53 -113.70
C ILE B 83 -26.00 4.24 -115.02
N HIS B 84 -26.75 5.29 -115.36
CA HIS B 84 -26.56 5.97 -116.62
C HIS B 84 -26.90 7.44 -116.53
N PHE B 85 -26.27 8.25 -117.42
CA PHE B 85 -26.34 9.69 -117.40
C PHE B 85 -27.00 10.16 -118.68
N SER B 86 -27.93 11.12 -118.57
CA SER B 86 -28.80 11.57 -119.65
C SER B 86 -28.80 13.09 -119.69
N THR B 87 -28.69 13.69 -120.89
CA THR B 87 -28.34 15.11 -120.99
C THR B 87 -29.26 15.97 -121.83
N TYR B 88 -29.66 17.12 -121.27
CA TYR B 88 -30.67 18.01 -121.81
C TYR B 88 -30.04 19.21 -122.51
N LYS B 89 -30.77 19.86 -123.43
CA LYS B 89 -30.25 20.94 -124.25
C LYS B 89 -30.97 22.23 -123.93
N LEU B 90 -30.22 23.34 -123.72
CA LEU B 90 -30.79 24.64 -123.40
C LEU B 90 -30.31 25.63 -124.45
N ALA B 91 -31.22 26.35 -125.11
CA ALA B 91 -30.84 27.23 -126.17
C ALA B 91 -31.80 28.39 -126.27
N ALA B 92 -31.35 29.52 -126.82
CA ALA B 92 -32.18 30.69 -127.01
C ALA B 92 -31.87 31.28 -128.39
N LYS B 93 -32.81 32.05 -128.94
CA LYS B 93 -32.56 32.81 -130.14
C LYS B 93 -33.32 34.10 -130.01
N SER B 94 -32.71 35.21 -130.46
CA SER B 94 -33.32 36.52 -130.37
C SER B 94 -32.81 37.33 -131.55
N PHE B 95 -33.61 38.31 -132.01
CA PHE B 95 -33.37 39.00 -133.26
C PHE B 95 -33.56 40.51 -133.23
N ILE B 96 -33.01 41.18 -134.26
CA ILE B 96 -33.02 42.61 -134.38
C ILE B 96 -33.18 42.99 -135.85
N THR B 97 -33.88 44.08 -136.14
CA THR B 97 -34.20 44.51 -137.50
C THR B 97 -33.34 45.69 -137.89
N ASP B 98 -32.95 45.74 -139.18
CA ASP B 98 -32.09 46.70 -139.84
C ASP B 98 -32.52 48.14 -139.64
N GLU B 99 -33.84 48.36 -139.52
CA GLU B 99 -34.51 49.63 -139.37
C GLU B 99 -34.29 50.34 -138.04
N THR B 100 -33.77 49.65 -137.00
CA THR B 100 -33.49 50.27 -135.70
C THR B 100 -32.11 49.87 -135.18
N GLU B 101 -31.09 50.64 -135.56
CA GLU B 101 -29.70 50.56 -135.12
C GLU B 101 -28.87 51.65 -135.80
N GLU B 102 -28.96 51.82 -137.13
CA GLU B 102 -28.16 52.81 -137.86
C GLU B 102 -28.49 54.26 -137.54
N ASP B 103 -29.77 54.52 -137.21
CA ASP B 103 -30.36 55.73 -136.70
C ASP B 103 -29.79 56.19 -135.37
N ALA B 104 -29.52 55.20 -134.48
CA ALA B 104 -29.16 55.41 -133.11
C ALA B 104 -27.67 55.68 -132.88
N ILE B 105 -27.15 55.27 -131.70
CA ILE B 105 -25.85 55.70 -131.22
C ILE B 105 -24.83 54.58 -131.18
N PHE B 106 -25.01 53.53 -132.01
CA PHE B 106 -24.08 52.42 -132.16
C PHE B 106 -23.80 51.63 -130.87
N SER B 107 -24.83 50.97 -130.32
CA SER B 107 -24.67 50.28 -129.04
C SER B 107 -25.49 49.01 -128.94
N LEU B 108 -26.21 48.61 -130.01
CA LEU B 108 -27.16 47.51 -129.94
C LEU B 108 -26.47 46.15 -129.93
N LEU B 109 -25.49 45.90 -130.81
CA LEU B 109 -24.73 44.64 -130.81
C LEU B 109 -23.94 44.31 -129.54
N PRO B 110 -23.26 45.20 -128.81
CA PRO B 110 -22.78 44.92 -127.46
C PRO B 110 -23.89 44.68 -126.44
N LEU B 111 -24.97 45.48 -126.45
CA LEU B 111 -26.09 45.35 -125.54
C LEU B 111 -26.85 44.03 -125.69
N LEU B 112 -27.12 43.62 -126.94
CA LEU B 112 -27.81 42.39 -127.25
C LEU B 112 -27.10 41.14 -126.76
N ARG B 113 -25.77 41.03 -126.99
CA ARG B 113 -25.00 39.89 -126.54
C ARG B 113 -24.86 39.76 -125.02
N LYS B 114 -24.59 40.86 -124.29
CA LYS B 114 -24.45 40.78 -122.84
C LYS B 114 -25.72 40.42 -122.09
N ARG B 115 -26.90 40.99 -122.47
CA ARG B 115 -28.16 40.60 -121.88
C ARG B 115 -28.56 39.17 -122.24
N LEU B 116 -28.26 38.71 -123.48
CA LEU B 116 -28.48 37.32 -123.88
C LEU B 116 -27.68 36.32 -123.05
N ILE B 117 -26.38 36.57 -122.78
CA ILE B 117 -25.63 35.72 -121.88
C ILE B 117 -26.10 35.75 -120.43
N GLU B 118 -26.49 36.91 -119.87
CA GLU B 118 -27.08 36.97 -118.53
C GLU B 118 -28.43 36.26 -118.42
N ALA B 119 -29.34 36.44 -119.40
CA ALA B 119 -30.61 35.75 -119.53
C ALA B 119 -30.47 34.24 -119.65
N HIS B 120 -29.49 33.78 -120.46
CA HIS B 120 -29.08 32.40 -120.53
C HIS B 120 -28.48 31.88 -119.22
N ALA B 121 -27.58 32.64 -118.57
CA ALA B 121 -26.98 32.27 -117.29
C ALA B 121 -27.97 32.18 -116.13
N VAL B 122 -28.89 33.15 -115.97
CA VAL B 122 -29.96 33.09 -114.97
C VAL B 122 -30.93 31.94 -115.22
N SER B 123 -31.24 31.64 -116.51
CA SER B 123 -32.00 30.45 -116.92
C SER B 123 -31.33 29.13 -116.54
N ILE B 124 -30.00 29.00 -116.75
CA ILE B 124 -29.22 27.86 -116.25
C ILE B 124 -29.19 27.75 -114.74
N GLU B 125 -28.98 28.86 -114.00
CA GLU B 125 -29.01 28.82 -112.54
C GLU B 125 -30.37 28.44 -111.96
N GLU B 126 -31.47 29.00 -112.51
CA GLU B 126 -32.83 28.63 -112.18
C GLU B 126 -33.12 27.15 -112.44
N ALA B 127 -32.66 26.61 -113.59
CA ALA B 127 -32.73 25.19 -113.92
C ALA B 127 -32.00 24.26 -112.94
N PHE B 128 -30.86 24.71 -112.40
CA PHE B 128 -30.14 24.03 -111.33
C PHE B 128 -30.82 24.13 -109.96
N MET B 129 -31.46 25.27 -109.63
CA MET B 129 -32.12 25.47 -108.34
C MET B 129 -33.52 24.86 -108.26
N THR B 130 -34.38 25.07 -109.28
CA THR B 130 -35.79 24.69 -109.26
C THR B 130 -36.11 23.69 -110.37
N GLY B 131 -37.40 23.31 -110.56
CA GLY B 131 -37.80 22.37 -111.59
C GLY B 131 -38.67 21.25 -111.08
N ASP B 132 -38.78 20.17 -111.85
CA ASP B 132 -39.81 19.17 -111.68
C ASP B 132 -39.27 17.85 -112.27
N GLY B 133 -38.89 17.91 -113.57
CA GLY B 133 -38.13 16.94 -114.34
C GLY B 133 -38.84 16.36 -115.53
N SER B 134 -39.88 17.02 -116.06
CA SER B 134 -40.66 16.54 -117.20
C SER B 134 -40.11 16.91 -118.57
N GLY B 135 -38.83 16.60 -118.84
CA GLY B 135 -38.19 16.86 -120.14
C GLY B 135 -37.19 17.98 -120.11
N LYS B 136 -36.88 18.45 -118.91
CA LYS B 136 -35.88 19.45 -118.62
C LYS B 136 -35.22 18.94 -117.33
N PRO B 137 -34.04 19.35 -116.89
CA PRO B 137 -33.50 18.95 -115.59
C PRO B 137 -34.36 19.37 -114.40
N LYS B 138 -34.10 18.80 -113.22
CA LYS B 138 -34.75 19.20 -112.00
C LYS B 138 -33.74 19.57 -110.93
N GLY B 139 -33.84 20.79 -110.42
CA GLY B 139 -33.03 21.26 -109.32
C GLY B 139 -33.32 20.66 -107.96
N LEU B 140 -32.55 21.13 -106.96
CA LEU B 140 -32.45 20.52 -105.65
C LEU B 140 -33.75 20.40 -104.87
N LEU B 141 -34.62 21.43 -104.91
CA LEU B 141 -35.84 21.45 -104.10
C LEU B 141 -36.84 20.33 -104.40
N THR B 142 -37.06 20.04 -105.68
CA THR B 142 -38.01 19.01 -106.11
C THR B 142 -37.34 17.66 -106.21
N LEU B 143 -35.99 17.64 -106.15
CA LEU B 143 -35.20 16.44 -105.96
C LEU B 143 -35.16 15.98 -104.50
N ALA B 144 -35.22 16.92 -103.53
CA ALA B 144 -35.28 16.62 -102.11
C ALA B 144 -36.72 16.50 -101.60
N SER B 145 -37.68 16.32 -102.53
CA SER B 145 -39.02 15.85 -102.22
C SER B 145 -39.27 14.51 -102.88
N GLU B 146 -38.26 13.94 -103.55
CA GLU B 146 -38.37 12.68 -104.28
C GLU B 146 -38.12 11.48 -103.38
N ASP B 147 -37.14 11.63 -102.49
CA ASP B 147 -36.68 10.66 -101.52
C ASP B 147 -37.32 10.89 -100.15
N SER B 148 -38.07 12.00 -100.03
CA SER B 148 -38.75 12.47 -98.83
C SER B 148 -37.83 13.20 -97.88
N ALA B 149 -36.78 13.86 -98.41
CA ALA B 149 -35.83 14.63 -97.64
C ALA B 149 -36.33 15.98 -97.12
N LYS B 150 -37.33 15.94 -96.22
CA LYS B 150 -38.02 17.08 -95.63
C LYS B 150 -38.12 16.91 -94.12
N VAL B 151 -38.44 17.99 -93.39
CA VAL B 151 -38.61 17.95 -91.95
C VAL B 151 -39.72 18.91 -91.57
N VAL B 152 -40.59 18.53 -90.61
CA VAL B 152 -41.71 19.34 -90.19
C VAL B 152 -41.78 19.26 -88.66
N THR B 153 -41.91 20.34 -87.87
CA THR B 153 -41.93 21.76 -88.20
C THR B 153 -41.11 22.56 -87.20
N GLU B 154 -40.63 23.73 -87.63
CA GLU B 154 -40.03 24.79 -86.81
C GLU B 154 -40.95 26.01 -86.83
N ALA B 155 -40.62 26.99 -87.70
CA ALA B 155 -41.40 28.14 -88.02
C ALA B 155 -42.74 27.83 -88.69
N LYS B 156 -43.74 28.74 -88.55
CA LYS B 156 -45.02 28.66 -89.23
C LYS B 156 -45.24 30.03 -89.83
N ALA B 157 -44.89 30.24 -91.11
CA ALA B 157 -45.07 31.49 -91.84
C ALA B 157 -44.55 32.76 -91.14
N ASP B 158 -43.31 32.73 -90.61
CA ASP B 158 -42.69 33.75 -89.76
C ASP B 158 -43.61 34.43 -88.73
N GLY B 159 -43.76 35.77 -88.77
CA GLY B 159 -44.75 36.50 -87.98
C GLY B 159 -44.45 36.59 -86.49
N SER B 160 -44.74 35.50 -85.77
CA SER B 160 -44.54 35.33 -84.34
C SER B 160 -43.67 34.12 -84.03
N VAL B 161 -43.21 33.35 -85.04
CA VAL B 161 -42.28 32.26 -84.79
C VAL B 161 -41.25 32.22 -85.92
N LEU B 162 -40.00 32.56 -85.57
CA LEU B 162 -38.93 32.87 -86.51
C LEU B 162 -37.91 31.75 -86.58
N VAL B 163 -36.98 31.77 -87.57
CA VAL B 163 -36.03 30.68 -87.75
C VAL B 163 -34.68 30.93 -87.08
N THR B 164 -34.33 30.07 -86.10
CA THR B 164 -33.13 30.19 -85.27
C THR B 164 -32.15 29.06 -85.55
N ALA B 165 -30.88 29.17 -85.10
CA ALA B 165 -29.83 28.24 -85.49
C ALA B 165 -29.94 26.75 -85.06
N LYS B 166 -30.85 26.37 -84.14
CA LYS B 166 -31.08 24.97 -83.79
C LYS B 166 -31.73 24.14 -84.89
N THR B 167 -32.39 24.76 -85.90
CA THR B 167 -33.05 24.03 -86.99
C THR B 167 -32.14 23.13 -87.79
N ILE B 168 -30.90 23.58 -88.06
CA ILE B 168 -29.91 22.81 -88.80
C ILE B 168 -29.30 21.66 -87.98
N SER B 169 -29.53 21.57 -86.64
CA SER B 169 -29.20 20.36 -85.88
C SER B 169 -30.14 19.21 -86.14
N LYS B 170 -31.46 19.37 -85.90
CA LYS B 170 -32.42 18.34 -86.22
C LYS B 170 -32.56 18.01 -87.71
N LEU B 171 -32.39 19.00 -88.62
CA LEU B 171 -32.50 18.83 -90.06
C LEU B 171 -31.50 17.83 -90.65
N ARG B 172 -30.26 17.78 -90.13
CA ARG B 172 -29.22 16.93 -90.70
C ARG B 172 -29.23 15.52 -90.14
N ARG B 173 -30.25 15.15 -89.33
CA ARG B 173 -30.49 13.79 -88.87
C ARG B 173 -30.96 12.87 -90.01
N LYS B 174 -30.03 12.58 -90.96
CA LYS B 174 -30.05 11.61 -92.06
C LYS B 174 -29.10 11.96 -93.22
N LEU B 175 -28.14 12.90 -93.08
CA LEU B 175 -27.34 13.33 -94.23
C LEU B 175 -25.83 13.29 -94.01
N GLY B 176 -25.23 14.36 -93.45
CA GLY B 176 -23.78 14.51 -93.36
C GLY B 176 -23.34 15.07 -92.04
N ARG B 177 -22.04 14.88 -91.72
CA ARG B 177 -21.44 15.12 -90.40
C ARG B 177 -21.93 14.17 -89.30
N HIS B 178 -21.56 12.87 -89.27
CA HIS B 178 -20.64 12.12 -90.11
C HIS B 178 -21.17 11.74 -91.48
N GLY B 179 -22.44 11.27 -91.58
CA GLY B 179 -22.96 10.69 -92.83
C GLY B 179 -22.11 9.60 -93.45
N LEU B 180 -21.90 9.66 -94.77
CA LEU B 180 -21.16 8.68 -95.56
C LEU B 180 -19.72 8.44 -95.12
N LYS B 181 -19.01 9.49 -94.65
CA LYS B 181 -17.71 9.50 -93.97
C LYS B 181 -17.06 10.88 -93.97
N LEU B 182 -17.82 11.97 -94.22
CA LEU B 182 -17.22 13.25 -94.54
C LEU B 182 -17.79 14.39 -93.71
N SER B 183 -16.90 15.12 -92.98
CA SER B 183 -17.27 16.25 -92.14
C SER B 183 -17.30 17.57 -92.88
N LYS B 184 -17.88 17.61 -94.09
CA LYS B 184 -17.98 18.80 -94.90
C LYS B 184 -19.35 18.81 -95.56
N LEU B 185 -19.94 20.00 -95.74
CA LEU B 185 -21.24 20.21 -96.37
C LEU B 185 -21.16 21.65 -96.87
N VAL B 186 -22.08 22.05 -97.76
CA VAL B 186 -22.26 23.43 -98.19
C VAL B 186 -23.70 23.80 -97.84
N LEU B 187 -23.92 25.00 -97.27
CA LEU B 187 -25.24 25.44 -96.85
C LEU B 187 -25.70 26.62 -97.70
N ILE B 188 -26.94 26.56 -98.21
CA ILE B 188 -27.53 27.65 -98.97
C ILE B 188 -28.75 28.13 -98.20
N VAL B 189 -28.92 29.46 -98.03
CA VAL B 189 -30.06 30.04 -97.33
C VAL B 189 -30.75 31.08 -98.23
N SER B 190 -32.08 31.25 -98.10
CA SER B 190 -32.83 32.32 -98.75
C SER B 190 -32.37 33.73 -98.36
N MET B 191 -32.44 34.65 -99.32
CA MET B 191 -32.10 36.06 -99.18
C MET B 191 -32.89 36.78 -98.10
N ASP B 192 -34.21 36.56 -97.99
CA ASP B 192 -35.02 37.11 -96.93
C ASP B 192 -34.86 36.41 -95.58
N ALA B 193 -34.75 35.06 -95.56
CA ALA B 193 -34.45 34.25 -94.39
C ALA B 193 -33.12 34.62 -93.71
N TYR B 194 -32.10 35.03 -94.50
CA TYR B 194 -30.86 35.61 -94.00
C TYR B 194 -31.08 36.82 -93.08
N TYR B 195 -32.11 37.64 -93.33
CA TYR B 195 -32.40 38.79 -92.47
C TYR B 195 -33.38 38.44 -91.34
N ASP B 196 -33.86 37.18 -91.26
CA ASP B 196 -34.59 36.66 -90.12
C ASP B 196 -33.64 36.25 -89.00
N LEU B 197 -32.50 35.62 -89.40
CA LEU B 197 -31.45 35.13 -88.52
C LEU B 197 -30.60 36.25 -87.90
N LEU B 198 -31.26 37.11 -87.11
CA LEU B 198 -30.66 38.23 -86.43
C LEU B 198 -31.32 38.47 -85.08
N GLU B 199 -32.47 37.82 -84.79
CA GLU B 199 -33.20 38.06 -83.56
C GLU B 199 -32.87 36.99 -82.52
N ASP B 200 -32.15 35.91 -82.92
CA ASP B 200 -31.68 34.85 -82.04
C ASP B 200 -30.38 35.23 -81.29
N GLU B 201 -29.99 34.66 -80.13
CA GLU B 201 -30.54 33.84 -79.04
C GLU B 201 -29.78 32.55 -78.92
N GLU B 202 -29.19 32.08 -80.05
CA GLU B 202 -28.72 30.72 -80.17
C GLU B 202 -27.20 30.60 -80.22
N TRP B 203 -26.64 30.10 -81.34
CA TRP B 203 -25.22 29.80 -81.48
C TRP B 203 -24.47 30.97 -82.10
N GLN B 204 -25.21 32.00 -82.52
CA GLN B 204 -24.66 33.31 -82.76
C GLN B 204 -25.61 34.23 -82.06
N ASP B 205 -25.08 35.26 -81.40
CA ASP B 205 -25.86 36.13 -80.57
C ASP B 205 -25.34 37.54 -80.74
N VAL B 206 -25.98 38.48 -80.04
CA VAL B 206 -25.66 39.89 -80.14
C VAL B 206 -24.68 40.32 -79.05
N ALA B 207 -24.12 39.35 -78.32
CA ALA B 207 -23.27 39.55 -77.17
C ALA B 207 -22.06 38.62 -77.27
N GLN B 208 -21.37 38.38 -76.13
CA GLN B 208 -20.31 37.39 -76.03
C GLN B 208 -20.77 36.25 -75.12
N VAL B 209 -22.09 36.04 -75.01
CA VAL B 209 -22.64 35.01 -74.14
C VAL B 209 -22.78 33.70 -74.90
N GLY B 210 -23.14 33.76 -76.19
CA GLY B 210 -23.22 32.58 -77.05
C GLY B 210 -21.92 32.19 -77.69
N ASN B 211 -21.06 33.18 -78.00
CA ASN B 211 -19.90 32.95 -78.85
C ASN B 211 -18.60 33.57 -78.33
N ASP B 212 -17.44 33.11 -78.81
CA ASP B 212 -16.13 33.61 -78.46
C ASP B 212 -15.83 35.07 -78.88
N SER B 213 -16.20 35.47 -80.11
CA SER B 213 -15.50 36.58 -80.78
C SER B 213 -16.09 37.12 -82.09
N VAL B 214 -17.34 36.79 -82.46
CA VAL B 214 -17.92 37.03 -83.79
C VAL B 214 -18.32 38.51 -84.05
N LYS B 215 -17.30 39.40 -84.02
CA LYS B 215 -17.43 40.82 -84.23
C LYS B 215 -17.50 41.26 -85.69
N LEU B 216 -16.87 40.51 -86.62
CA LEU B 216 -16.63 41.00 -87.97
C LEU B 216 -17.52 40.28 -88.98
N GLN B 217 -18.21 40.98 -89.91
CA GLN B 217 -18.32 42.43 -90.03
C GLN B 217 -19.24 43.05 -88.97
N GLY B 218 -20.17 42.25 -88.42
CA GLY B 218 -21.06 42.72 -87.37
C GLY B 218 -22.40 42.03 -87.41
N GLN B 219 -22.68 41.13 -86.44
CA GLN B 219 -23.90 40.32 -86.39
C GLN B 219 -24.03 39.31 -87.54
N VAL B 220 -22.92 38.65 -87.93
CA VAL B 220 -22.91 37.69 -89.02
C VAL B 220 -22.11 36.47 -88.53
N GLY B 221 -22.67 35.24 -88.56
CA GLY B 221 -22.00 34.07 -87.98
C GLY B 221 -21.96 32.85 -88.88
N ARG B 222 -20.85 32.09 -88.84
CA ARG B 222 -20.72 30.86 -89.63
C ARG B 222 -21.21 29.62 -88.88
N ILE B 223 -22.51 29.30 -89.01
CA ILE B 223 -23.22 28.26 -88.26
C ILE B 223 -22.54 26.90 -88.22
N TYR B 224 -22.08 26.48 -87.03
CA TYR B 224 -21.39 25.22 -86.75
C TYR B 224 -20.19 24.94 -87.63
N GLY B 225 -19.46 26.01 -88.02
CA GLY B 225 -18.25 25.87 -88.83
C GLY B 225 -18.51 25.62 -90.30
N LEU B 226 -19.75 25.74 -90.79
CA LEU B 226 -20.03 25.60 -92.21
C LEU B 226 -19.72 26.89 -92.98
N PRO B 227 -19.52 26.83 -94.30
CA PRO B 227 -19.70 27.98 -95.15
C PRO B 227 -21.15 28.07 -95.59
N VAL B 228 -21.75 29.26 -95.49
CA VAL B 228 -23.13 29.51 -95.88
C VAL B 228 -23.17 30.59 -96.94
N VAL B 229 -23.93 30.34 -98.03
CA VAL B 229 -24.11 31.29 -99.13
C VAL B 229 -25.57 31.66 -99.22
N VAL B 230 -25.87 32.88 -99.72
CA VAL B 230 -27.16 33.51 -99.55
C VAL B 230 -27.75 33.82 -100.91
N SER B 231 -28.85 33.15 -101.31
CA SER B 231 -29.34 33.31 -102.67
C SER B 231 -30.84 33.55 -102.73
N GLU B 232 -31.32 34.11 -103.85
CA GLU B 232 -32.68 34.57 -104.02
C GLU B 232 -33.42 33.74 -105.07
N TYR B 233 -33.05 32.46 -105.23
CA TYR B 233 -33.70 31.56 -106.18
C TYR B 233 -34.70 30.68 -105.47
N PHE B 234 -35.75 31.31 -104.91
CA PHE B 234 -36.79 30.64 -104.17
C PHE B 234 -38.09 31.30 -104.56
N PRO B 235 -39.20 30.63 -104.83
CA PRO B 235 -40.44 31.30 -105.25
C PRO B 235 -41.19 31.82 -104.03
N ALA B 236 -40.59 32.83 -103.36
CA ALA B 236 -40.96 33.40 -102.09
C ALA B 236 -41.03 32.42 -100.91
N LYS B 237 -41.21 32.95 -99.68
CA LYS B 237 -41.38 32.13 -98.50
C LYS B 237 -42.84 31.68 -98.34
N ALA B 238 -43.11 30.37 -98.50
CA ALA B 238 -44.44 29.83 -98.38
C ALA B 238 -44.39 28.31 -98.23
N ASN B 239 -44.72 27.57 -99.31
CA ASN B 239 -44.72 26.12 -99.33
C ASN B 239 -43.50 25.62 -100.12
N SER B 240 -42.44 26.42 -100.07
CA SER B 240 -41.24 26.33 -100.86
C SER B 240 -40.09 25.74 -100.03
N ALA B 241 -39.01 26.52 -99.84
CA ALA B 241 -37.89 26.16 -99.02
C ALA B 241 -37.15 27.43 -98.69
N GLU B 242 -36.33 27.43 -97.64
CA GLU B 242 -35.52 28.58 -97.29
C GLU B 242 -34.12 28.15 -96.89
N PHE B 243 -33.88 26.85 -96.65
CA PHE B 243 -32.55 26.28 -96.50
C PHE B 243 -32.39 25.15 -97.50
N ALA B 244 -31.15 24.89 -97.91
CA ALA B 244 -30.78 23.71 -98.65
C ALA B 244 -29.39 23.28 -98.24
N VAL B 245 -29.18 21.96 -98.04
CA VAL B 245 -27.87 21.43 -97.66
C VAL B 245 -27.42 20.47 -98.75
N ILE B 246 -26.21 20.68 -99.29
CA ILE B 246 -25.66 19.93 -100.40
C ILE B 246 -24.21 19.60 -100.05
N VAL B 247 -23.58 18.61 -100.69
CA VAL B 247 -22.22 18.20 -100.34
C VAL B 247 -21.18 18.80 -101.29
N TYR B 248 -20.40 18.00 -102.06
CA TYR B 248 -19.43 18.57 -102.99
C TYR B 248 -18.97 17.57 -104.07
N LYS B 249 -17.75 17.01 -103.92
CA LYS B 249 -17.03 16.12 -104.82
C LYS B 249 -17.65 14.73 -105.02
N ASP B 250 -18.13 14.19 -103.91
CA ASP B 250 -18.67 12.87 -103.65
C ASP B 250 -19.92 12.51 -104.48
N ASN B 251 -20.87 13.45 -104.62
CA ASN B 251 -22.03 13.26 -105.49
C ASN B 251 -22.54 14.63 -105.92
N PHE B 252 -23.31 14.67 -107.05
CA PHE B 252 -23.82 15.88 -107.70
C PHE B 252 -22.87 16.55 -108.72
N VAL B 253 -22.37 15.79 -109.70
CA VAL B 253 -21.63 16.34 -110.83
C VAL B 253 -22.53 16.97 -111.89
N MET B 254 -22.01 17.91 -112.72
CA MET B 254 -22.73 18.41 -113.88
C MET B 254 -22.09 17.95 -115.20
N PRO B 255 -22.68 17.06 -115.99
CA PRO B 255 -22.09 16.66 -117.28
C PRO B 255 -22.36 17.68 -118.37
N ARG B 256 -21.41 17.85 -119.31
CA ARG B 256 -21.65 18.67 -120.48
C ARG B 256 -20.93 18.22 -121.74
N GLN B 257 -21.64 18.27 -122.89
CA GLN B 257 -21.09 17.92 -124.18
C GLN B 257 -20.33 19.05 -124.85
N ARG B 258 -20.75 20.31 -124.63
CA ARG B 258 -20.19 21.42 -125.37
C ARG B 258 -19.86 22.56 -124.45
N ALA B 259 -19.09 23.53 -124.97
CA ALA B 259 -18.96 24.84 -124.40
C ALA B 259 -19.93 25.75 -125.14
N VAL B 260 -20.05 27.02 -124.70
CA VAL B 260 -20.96 28.00 -125.30
C VAL B 260 -20.73 28.20 -126.80
N THR B 261 -21.76 27.94 -127.61
CA THR B 261 -21.69 28.17 -129.05
C THR B 261 -22.68 29.25 -129.37
N VAL B 262 -22.22 30.35 -130.01
CA VAL B 262 -23.08 31.44 -130.44
C VAL B 262 -22.85 31.67 -131.91
N GLU B 263 -23.91 31.57 -132.72
CA GLU B 263 -23.85 31.69 -134.15
C GLU B 263 -24.96 32.61 -134.62
N ARG B 264 -24.96 33.03 -135.90
CA ARG B 264 -25.85 34.06 -136.38
C ARG B 264 -26.34 33.78 -137.78
N GLU B 265 -27.63 34.04 -138.05
CA GLU B 265 -28.26 33.81 -139.34
C GLU B 265 -28.77 35.12 -139.91
N ARG B 266 -28.51 35.39 -141.21
CA ARG B 266 -28.95 36.65 -141.82
C ARG B 266 -29.59 36.40 -143.18
N GLN B 267 -29.04 35.49 -143.99
CA GLN B 267 -29.53 35.17 -145.32
C GLN B 267 -30.88 34.43 -145.31
N ALA B 268 -31.71 34.51 -146.36
CA ALA B 268 -31.63 35.28 -147.58
C ALA B 268 -32.84 36.21 -147.63
N GLY B 269 -32.71 37.40 -148.25
CA GLY B 269 -33.74 38.44 -148.16
C GLY B 269 -34.00 38.91 -146.74
N LYS B 270 -35.29 39.07 -146.40
CA LYS B 270 -35.87 39.17 -145.06
C LYS B 270 -35.38 40.21 -144.04
N GLN B 271 -34.47 41.13 -144.42
CA GLN B 271 -33.89 42.12 -143.52
C GLN B 271 -33.08 41.46 -142.39
N ARG B 272 -33.69 41.43 -141.21
CA ARG B 272 -33.22 41.02 -139.91
C ARG B 272 -32.24 39.85 -139.77
N ASP B 273 -31.27 39.97 -138.83
CA ASP B 273 -30.45 38.85 -138.38
C ASP B 273 -31.11 38.06 -137.24
N ALA B 274 -30.48 36.99 -136.75
CA ALA B 274 -30.79 36.48 -135.44
C ALA B 274 -29.56 35.84 -134.84
N TYR B 275 -29.40 35.93 -133.52
CA TYR B 275 -28.35 35.26 -132.78
C TYR B 275 -28.94 34.03 -132.14
N TYR B 276 -28.25 32.89 -132.28
CA TYR B 276 -28.63 31.63 -131.72
C TYR B 276 -27.52 31.22 -130.77
N VAL B 277 -27.88 30.84 -129.54
CA VAL B 277 -26.94 30.36 -128.55
C VAL B 277 -27.41 28.99 -128.10
N THR B 278 -26.50 28.00 -128.12
CA THR B 278 -26.86 26.60 -127.90
C THR B 278 -25.91 25.91 -126.94
N GLN B 279 -26.46 25.31 -125.87
CA GLN B 279 -25.69 24.80 -124.75
C GLN B 279 -26.26 23.46 -124.29
N ARG B 280 -25.43 22.61 -123.65
CA ARG B 280 -25.90 21.36 -123.10
C ARG B 280 -25.26 21.11 -121.73
N VAL B 281 -25.99 21.37 -120.64
CA VAL B 281 -25.51 21.21 -119.27
C VAL B 281 -26.72 20.82 -118.42
N ASN B 282 -26.56 19.96 -117.40
CA ASN B 282 -27.64 19.64 -116.47
C ASN B 282 -27.09 19.11 -115.16
N LEU B 283 -27.97 18.90 -114.16
CA LEU B 283 -27.62 18.46 -112.82
C LEU B 283 -28.26 17.10 -112.55
N GLN B 284 -27.55 16.16 -111.89
CA GLN B 284 -28.14 14.89 -111.49
C GLN B 284 -27.34 14.22 -110.37
N ARG B 285 -27.94 13.24 -109.65
CA ARG B 285 -27.33 12.54 -108.54
C ARG B 285 -26.85 11.15 -108.96
N TYR B 286 -25.86 10.54 -108.25
CA TYR B 286 -25.39 9.19 -108.55
C TYR B 286 -26.24 8.10 -107.90
N PHE B 287 -26.45 8.21 -106.57
CA PHE B 287 -27.16 7.24 -105.78
C PHE B 287 -28.50 7.84 -105.40
N ALA B 288 -29.11 7.42 -104.27
CA ALA B 288 -30.46 7.82 -103.89
C ALA B 288 -30.47 8.93 -102.85
N ASN B 289 -29.41 9.75 -102.79
CA ASN B 289 -29.15 10.61 -101.66
C ASN B 289 -28.35 11.87 -102.07
N GLY B 290 -28.09 12.77 -101.11
CA GLY B 290 -27.02 13.77 -101.20
C GLY B 290 -27.47 15.19 -100.98
N VAL B 291 -28.77 15.41 -100.76
CA VAL B 291 -29.30 16.75 -100.57
C VAL B 291 -30.52 16.64 -99.68
N VAL B 292 -30.82 17.68 -98.89
CA VAL B 292 -32.07 17.79 -98.14
C VAL B 292 -32.62 19.18 -98.34
N SER B 293 -33.93 19.37 -98.08
CA SER B 293 -34.61 20.64 -98.30
C SER B 293 -34.80 21.39 -96.99
N GLY B 294 -36.05 21.79 -96.67
CA GLY B 294 -36.39 22.64 -95.54
C GLY B 294 -36.98 23.95 -95.99
N THR B 295 -38.28 24.07 -96.29
CA THR B 295 -39.41 23.12 -96.27
C THR B 295 -39.75 22.51 -94.92
N TYR B 296 -40.13 23.27 -93.86
CA TYR B 296 -40.73 24.61 -93.85
C TYR B 296 -41.87 24.83 -94.85
N ALA B 297 -43.05 24.24 -94.54
CA ALA B 297 -44.25 24.35 -95.33
C ALA B 297 -45.14 25.50 -94.89
N ALA B 298 -46.19 25.79 -95.68
CA ALA B 298 -47.20 26.79 -95.40
C ALA B 298 -47.99 26.58 -94.10
N SER B 299 -48.58 27.67 -93.60
CA SER B 299 -49.45 27.69 -92.45
C SER B 299 -50.45 28.84 -92.69
N ALA C 1 -24.94 106.51 -60.91
CA ALA C 1 -25.87 106.76 -59.79
C ALA C 1 -25.12 107.05 -58.50
N VAL C 2 -25.79 107.60 -57.48
CA VAL C 2 -25.16 108.05 -56.24
C VAL C 2 -24.45 106.96 -55.42
N ASN C 3 -25.02 105.74 -55.41
CA ASN C 3 -24.49 104.59 -54.69
C ASN C 3 -23.67 103.67 -55.60
N GLN C 4 -22.79 102.82 -55.00
CA GLN C 4 -21.86 101.93 -55.70
C GLN C 4 -20.90 102.61 -56.69
N SER C 5 -20.05 103.55 -56.24
CA SER C 5 -19.53 103.70 -54.88
C SER C 5 -19.74 105.10 -54.37
N SER C 6 -19.55 105.26 -53.05
CA SER C 6 -19.65 106.54 -52.39
C SER C 6 -18.48 106.58 -51.42
N SER C 7 -18.73 106.59 -50.08
CA SER C 7 -17.69 106.43 -49.06
C SER C 7 -16.59 107.49 -49.02
N VAL C 8 -16.88 108.77 -48.73
CA VAL C 8 -18.17 109.34 -48.37
C VAL C 8 -19.03 109.74 -49.57
N GLU C 9 -18.46 110.44 -50.55
CA GLU C 9 -19.18 111.04 -51.66
C GLU C 9 -18.54 110.61 -52.99
N VAL C 10 -18.35 111.57 -53.93
CA VAL C 10 -17.65 111.45 -55.21
C VAL C 10 -18.10 110.32 -56.15
N SER C 11 -19.44 110.20 -56.30
CA SER C 11 -20.12 109.33 -57.25
C SER C 11 -19.82 109.53 -58.72
N SER C 12 -19.99 108.46 -59.53
CA SER C 12 -19.94 108.53 -60.98
C SER C 12 -21.23 107.95 -61.54
N GLU C 13 -21.61 108.31 -62.78
CA GLU C 13 -22.94 108.02 -63.27
C GLU C 13 -23.15 106.69 -63.98
N SER C 14 -23.06 106.67 -65.31
CA SER C 14 -23.26 105.48 -66.13
C SER C 14 -22.12 105.42 -67.11
N TYR C 15 -21.93 104.27 -67.78
CA TYR C 15 -20.83 104.00 -68.69
C TYR C 15 -19.47 103.92 -67.98
N GLU C 16 -19.37 103.08 -66.92
CA GLU C 16 -18.19 102.99 -66.07
C GLU C 16 -17.38 101.71 -66.23
N THR C 17 -17.71 100.87 -67.24
CA THR C 17 -17.07 99.56 -67.39
C THR C 17 -16.47 99.39 -68.77
N ILE C 18 -15.48 98.49 -68.88
CA ILE C 18 -14.72 98.23 -70.08
C ILE C 18 -15.40 97.11 -70.86
N PHE C 19 -16.09 97.45 -71.96
CA PHE C 19 -16.69 96.48 -72.86
C PHE C 19 -15.64 95.63 -73.57
N SER C 20 -15.60 94.32 -73.28
CA SER C 20 -14.58 93.46 -73.84
C SER C 20 -15.02 92.84 -75.15
N GLN C 21 -14.29 93.11 -76.25
CA GLN C 21 -14.55 92.59 -77.57
C GLN C 21 -14.18 91.12 -77.68
N ARG C 22 -14.94 90.25 -76.99
CA ARG C 22 -14.76 88.82 -77.04
C ARG C 22 -16.02 88.18 -77.54
N ILE C 23 -15.99 87.73 -78.81
CA ILE C 23 -16.98 86.83 -79.37
C ILE C 23 -16.97 85.49 -78.66
N ILE C 24 -18.16 84.92 -78.42
CA ILE C 24 -18.33 83.64 -77.77
C ILE C 24 -19.59 83.01 -78.35
N ARG C 25 -19.66 81.67 -78.35
CA ARG C 25 -20.71 80.92 -79.00
C ARG C 25 -20.96 79.68 -78.15
N ASP C 26 -22.22 79.39 -77.76
CA ASP C 26 -22.60 78.30 -76.88
C ASP C 26 -22.29 76.90 -77.43
N LEU C 27 -22.61 76.74 -78.74
CA LEU C 27 -22.48 75.50 -79.48
C LEU C 27 -22.40 75.81 -80.97
N GLN C 28 -21.98 74.82 -81.78
CA GLN C 28 -22.06 74.90 -83.23
C GLN C 28 -22.58 73.55 -83.68
N LYS C 29 -23.34 73.55 -84.79
CA LYS C 29 -24.04 72.38 -85.28
C LYS C 29 -23.17 71.55 -86.23
N GLU C 30 -23.34 70.22 -86.19
CA GLU C 30 -22.80 69.25 -87.11
C GLU C 30 -23.38 69.33 -88.52
N LEU C 31 -22.62 68.88 -89.53
CA LEU C 31 -23.16 68.73 -90.87
C LEU C 31 -23.10 67.26 -91.23
N VAL C 32 -24.27 66.57 -91.27
CA VAL C 32 -24.32 65.13 -91.47
C VAL C 32 -24.56 64.75 -92.92
N VAL C 33 -24.63 65.73 -93.82
CA VAL C 33 -24.95 65.53 -95.22
C VAL C 33 -24.42 66.75 -95.96
N GLY C 34 -24.24 66.66 -97.30
CA GLY C 34 -23.68 67.76 -98.10
C GLY C 34 -22.20 67.67 -98.34
N ALA C 35 -21.52 66.68 -97.73
CA ALA C 35 -20.11 66.42 -97.94
C ALA C 35 -19.78 64.93 -97.70
N LEU C 36 -20.80 64.06 -97.69
CA LEU C 36 -20.63 62.63 -97.47
C LEU C 36 -21.09 61.84 -98.69
N PHE C 37 -21.48 62.56 -99.76
CA PHE C 37 -21.93 61.97 -101.00
C PHE C 37 -21.11 62.61 -102.08
N GLU C 38 -20.53 61.83 -103.01
CA GLU C 38 -19.66 62.34 -104.04
C GLU C 38 -20.29 63.29 -105.08
N GLU C 39 -19.51 64.30 -105.48
CA GLU C 39 -19.74 65.17 -106.62
C GLU C 39 -19.81 64.49 -107.98
N LEU C 40 -20.83 64.85 -108.78
CA LEU C 40 -20.76 64.67 -110.22
C LEU C 40 -20.63 66.04 -110.88
N PRO C 41 -19.52 66.45 -111.46
CA PRO C 41 -19.42 67.67 -112.24
C PRO C 41 -20.08 67.52 -113.59
N MET C 42 -20.79 68.56 -114.06
CA MET C 42 -21.46 68.54 -115.34
C MET C 42 -21.71 69.94 -115.81
N SER C 43 -21.92 70.16 -117.12
CA SER C 43 -22.01 71.51 -117.68
C SER C 43 -23.40 71.87 -118.18
N SER C 44 -24.36 70.92 -118.15
CA SER C 44 -25.68 71.05 -118.74
C SER C 44 -26.76 71.30 -117.70
N LYS C 45 -27.98 71.74 -118.10
CA LYS C 45 -29.10 71.86 -117.17
C LYS C 45 -29.63 70.53 -116.66
N ILE C 46 -29.75 69.55 -117.57
CA ILE C 46 -30.13 68.19 -117.26
C ILE C 46 -29.09 67.27 -117.87
N LEU C 47 -28.90 66.10 -117.25
CA LEU C 47 -28.11 65.02 -117.80
C LEU C 47 -29.02 63.83 -117.95
N THR C 48 -29.09 63.22 -119.14
CA THR C 48 -29.75 61.93 -119.33
C THR C 48 -28.73 60.81 -119.21
N MET C 49 -29.11 59.73 -118.52
CA MET C 49 -28.30 58.54 -118.33
C MET C 49 -29.16 57.33 -118.67
N LEU C 50 -28.58 56.30 -119.31
CA LEU C 50 -29.30 55.11 -119.71
C LEU C 50 -29.02 53.95 -118.77
N VAL C 51 -30.08 53.43 -118.13
CA VAL C 51 -29.99 52.35 -117.14
C VAL C 51 -30.67 51.11 -117.69
N GLU C 52 -29.97 49.96 -117.71
CA GLU C 52 -30.49 48.74 -118.31
C GLU C 52 -31.16 47.81 -117.30
N PRO C 53 -32.23 47.08 -117.66
CA PRO C 53 -32.88 46.17 -116.74
C PRO C 53 -32.40 44.73 -116.91
N ASP C 54 -32.75 43.91 -115.92
CA ASP C 54 -32.50 42.52 -115.65
C ASP C 54 -33.26 41.50 -116.52
N ALA C 55 -33.62 41.87 -117.77
CA ALA C 55 -34.63 41.16 -118.53
C ALA C 55 -34.16 40.03 -119.50
N GLY C 56 -34.52 38.73 -119.28
CA GLY C 56 -35.15 38.27 -118.02
C GLY C 56 -35.45 36.82 -117.74
N LYS C 57 -35.41 35.89 -118.73
CA LYS C 57 -35.54 34.43 -118.56
C LYS C 57 -35.87 33.72 -119.87
N ALA C 58 -34.91 32.97 -120.42
CA ALA C 58 -35.19 32.02 -121.47
C ALA C 58 -35.98 30.79 -121.01
N THR C 59 -37.11 30.50 -121.68
CA THR C 59 -37.83 29.24 -121.57
C THR C 59 -37.42 28.32 -122.71
N TRP C 60 -36.81 27.17 -122.38
CA TRP C 60 -36.32 26.23 -123.36
C TRP C 60 -37.31 25.10 -123.63
N VAL C 61 -37.20 24.47 -124.80
CA VAL C 61 -37.99 23.32 -125.22
C VAL C 61 -37.76 22.07 -124.36
N ALA C 62 -38.79 21.20 -124.18
CA ALA C 62 -38.68 19.91 -123.51
C ALA C 62 -38.03 18.82 -124.39
N ALA C 63 -37.18 19.26 -125.32
CA ALA C 63 -36.16 18.56 -126.06
C ALA C 63 -36.51 17.44 -127.03
N SER C 64 -37.67 16.78 -126.90
CA SER C 64 -38.14 15.65 -127.71
C SER C 64 -38.45 15.98 -129.16
N THR C 65 -39.09 17.13 -129.40
CA THR C 65 -39.62 17.57 -130.67
C THR C 65 -38.60 17.91 -131.76
N TYR C 66 -39.11 18.23 -132.98
CA TYR C 66 -38.32 18.48 -134.15
C TYR C 66 -39.04 19.55 -134.95
N GLY C 67 -38.30 20.51 -135.56
CA GLY C 67 -38.90 21.65 -136.24
C GLY C 67 -38.28 22.96 -135.86
N THR C 68 -37.30 22.93 -134.94
CA THR C 68 -36.49 24.08 -134.49
C THR C 68 -37.24 25.32 -134.00
N ASP C 69 -38.16 25.23 -133.03
CA ASP C 69 -38.37 24.23 -131.98
C ASP C 69 -37.11 23.76 -131.25
N THR C 70 -36.40 24.76 -130.71
CA THR C 70 -35.21 24.58 -129.89
C THR C 70 -35.08 25.74 -128.93
N THR C 71 -35.94 26.76 -129.03
CA THR C 71 -35.53 28.11 -128.66
C THR C 71 -36.70 29.06 -128.49
N THR C 72 -36.96 29.55 -127.24
CA THR C 72 -37.85 30.67 -126.88
C THR C 72 -38.89 31.13 -127.89
N GLY C 73 -38.71 32.34 -128.45
CA GLY C 73 -39.65 32.96 -129.38
C GLY C 73 -39.12 34.24 -129.98
N GLU C 74 -38.03 34.76 -129.38
CA GLU C 74 -37.70 36.17 -129.18
C GLU C 74 -37.97 36.44 -127.72
N GLU C 75 -36.91 36.70 -126.93
CA GLU C 75 -37.08 37.05 -125.53
C GLU C 75 -37.52 38.51 -125.37
N VAL C 76 -38.07 38.89 -124.20
CA VAL C 76 -38.47 40.27 -123.93
C VAL C 76 -37.26 41.21 -123.83
N LYS C 77 -36.83 41.74 -125.00
CA LYS C 77 -35.63 42.53 -125.20
C LYS C 77 -35.44 43.74 -124.29
N GLY C 78 -34.77 43.55 -123.12
CA GLY C 78 -34.55 44.59 -122.09
C GLY C 78 -34.20 45.96 -122.58
N ALA C 79 -35.10 46.92 -122.34
CA ALA C 79 -35.06 48.24 -122.92
C ALA C 79 -34.39 49.22 -121.97
N LEU C 80 -33.42 50.00 -122.47
CA LEU C 80 -32.73 51.02 -121.70
C LEU C 80 -33.67 52.09 -121.17
N LYS C 81 -33.59 52.37 -119.86
CA LYS C 81 -34.40 53.38 -119.24
C LYS C 81 -33.59 54.63 -119.08
N GLU C 82 -33.97 55.72 -119.77
CA GLU C 82 -33.46 57.02 -119.40
C GLU C 82 -33.96 57.49 -118.03
N ILE C 83 -33.09 58.25 -117.34
CA ILE C 83 -33.40 58.96 -116.11
C ILE C 83 -32.75 60.32 -116.28
N HIS C 84 -33.19 61.33 -115.46
CA HIS C 84 -32.66 62.67 -115.59
C HIS C 84 -32.36 63.29 -114.22
N PHE C 85 -31.46 64.31 -114.23
CA PHE C 85 -31.01 64.97 -113.02
C PHE C 85 -31.37 66.46 -113.17
N SER C 86 -32.04 67.06 -112.15
CA SER C 86 -32.47 68.46 -112.20
C SER C 86 -31.49 69.37 -111.47
N THR C 87 -31.55 70.71 -111.69
CA THR C 87 -30.68 71.67 -110.99
C THR C 87 -31.46 72.79 -110.31
N TYR C 88 -31.78 72.56 -109.02
CA TYR C 88 -32.33 73.55 -108.10
C TYR C 88 -31.26 74.56 -107.69
N LYS C 89 -31.67 75.69 -107.12
CA LYS C 89 -30.75 76.79 -106.92
C LYS C 89 -31.23 77.61 -105.74
N LEU C 90 -30.30 78.25 -105.02
CA LEU C 90 -30.63 79.10 -103.92
C LEU C 90 -29.69 80.27 -103.94
N ALA C 91 -30.08 81.37 -103.28
CA ALA C 91 -29.33 82.59 -103.33
C ALA C 91 -29.61 83.34 -102.05
N ALA C 92 -28.68 84.23 -101.65
CA ALA C 92 -28.84 85.03 -100.47
C ALA C 92 -28.28 86.39 -100.78
N LYS C 93 -28.99 87.45 -100.38
CA LYS C 93 -28.53 88.81 -100.56
C LYS C 93 -28.54 89.52 -99.24
N SER C 94 -27.38 90.00 -98.77
CA SER C 94 -27.25 90.65 -97.48
C SER C 94 -26.64 92.02 -97.66
N PHE C 95 -27.05 93.02 -96.87
CA PHE C 95 -26.52 94.36 -97.02
C PHE C 95 -26.24 95.06 -95.72
N ILE C 96 -25.40 96.09 -95.81
CA ILE C 96 -24.85 96.92 -94.76
C ILE C 96 -24.83 98.33 -95.32
N THR C 97 -24.32 99.30 -94.57
CA THR C 97 -24.21 100.71 -94.94
C THR C 97 -22.99 101.19 -94.20
N ASP C 98 -22.26 102.21 -94.71
CA ASP C 98 -21.02 102.68 -94.09
C ASP C 98 -21.29 103.39 -92.75
N GLU C 99 -22.46 104.07 -92.63
CA GLU C 99 -22.94 104.79 -91.44
C GLU C 99 -22.90 103.98 -90.14
N THR C 100 -23.23 102.67 -90.20
CA THR C 100 -23.34 101.82 -89.02
C THR C 100 -22.06 101.05 -88.77
N GLU C 101 -20.99 101.32 -89.54
CA GLU C 101 -19.66 100.77 -89.31
C GLU C 101 -18.82 101.78 -88.54
N GLU C 102 -18.75 103.06 -89.00
CA GLU C 102 -17.92 104.11 -88.40
C GLU C 102 -18.30 104.51 -86.97
N ASP C 103 -19.61 104.53 -86.66
CA ASP C 103 -20.21 104.71 -85.34
C ASP C 103 -19.76 103.65 -84.32
N ALA C 104 -19.60 102.39 -84.77
CA ALA C 104 -19.45 101.24 -83.92
C ALA C 104 -17.99 100.82 -83.64
N ILE C 105 -17.61 99.60 -84.08
CA ILE C 105 -16.30 99.02 -83.84
C ILE C 105 -15.92 98.29 -85.12
N PHE C 106 -14.73 98.57 -85.69
CA PHE C 106 -14.26 98.05 -86.97
C PHE C 106 -13.94 96.54 -86.98
N SER C 107 -14.97 95.68 -86.80
CA SER C 107 -14.79 94.25 -86.60
C SER C 107 -15.87 93.44 -87.29
N LEU C 108 -16.77 94.05 -88.09
CA LEU C 108 -17.95 93.34 -88.56
C LEU C 108 -17.75 92.67 -89.91
N LEU C 109 -16.68 93.04 -90.63
CA LEU C 109 -16.36 92.51 -91.95
C LEU C 109 -16.16 90.99 -92.04
N PRO C 110 -15.48 90.24 -91.15
CA PRO C 110 -15.41 88.79 -91.30
C PRO C 110 -16.63 88.12 -90.70
N LEU C 111 -17.28 88.74 -89.69
CA LEU C 111 -18.44 88.19 -89.00
C LEU C 111 -19.65 87.98 -89.90
N LEU C 112 -19.96 88.97 -90.76
CA LEU C 112 -21.00 88.84 -91.77
C LEU C 112 -20.72 87.72 -92.77
N ARG C 113 -19.46 87.61 -93.23
CA ARG C 113 -19.02 86.56 -94.13
C ARG C 113 -19.11 85.15 -93.55
N LYS C 114 -18.70 84.92 -92.27
CA LYS C 114 -18.87 83.60 -91.67
C LYS C 114 -20.32 83.19 -91.51
N ARG C 115 -21.19 84.12 -91.06
CA ARG C 115 -22.55 83.77 -90.70
C ARG C 115 -23.42 83.45 -91.90
N LEU C 116 -23.12 84.04 -93.05
CA LEU C 116 -23.71 83.69 -94.33
C LEU C 116 -23.31 82.29 -94.79
N ILE C 117 -22.04 81.90 -94.61
CA ILE C 117 -21.56 80.54 -94.89
C ILE C 117 -22.19 79.50 -93.96
N GLU C 118 -22.25 79.74 -92.63
CA GLU C 118 -22.89 78.83 -91.69
C GLU C 118 -24.42 78.72 -91.93
N ALA C 119 -25.09 79.84 -92.31
CA ALA C 119 -26.46 79.83 -92.81
C ALA C 119 -26.69 79.01 -94.09
N HIS C 120 -25.81 79.16 -95.11
CA HIS C 120 -25.86 78.32 -96.31
C HIS C 120 -25.61 76.84 -96.04
N ALA C 121 -24.68 76.52 -95.12
CA ALA C 121 -24.42 75.16 -94.69
C ALA C 121 -25.61 74.47 -94.01
N VAL C 122 -26.29 75.14 -93.07
CA VAL C 122 -27.52 74.61 -92.47
C VAL C 122 -28.69 74.53 -93.45
N SER C 123 -28.84 75.52 -94.36
CA SER C 123 -29.86 75.51 -95.42
C SER C 123 -29.77 74.32 -96.37
N ILE C 124 -28.55 73.93 -96.81
CA ILE C 124 -28.37 72.70 -97.58
C ILE C 124 -28.51 71.43 -96.75
N GLU C 125 -28.05 71.41 -95.47
CA GLU C 125 -28.22 70.27 -94.58
C GLU C 125 -29.66 69.95 -94.29
N GLU C 126 -30.47 70.98 -93.96
CA GLU C 126 -31.87 70.82 -93.69
C GLU C 126 -32.69 70.35 -94.88
N ALA C 127 -32.44 70.91 -96.09
CA ALA C 127 -33.10 70.51 -97.32
C ALA C 127 -32.79 69.08 -97.73
N PHE C 128 -31.51 68.65 -97.62
CA PHE C 128 -31.12 67.28 -97.86
C PHE C 128 -31.64 66.30 -96.82
N MET C 129 -31.70 66.67 -95.53
CA MET C 129 -32.34 65.84 -94.52
C MET C 129 -33.86 65.77 -94.67
N THR C 130 -34.53 66.94 -94.77
CA THR C 130 -35.98 67.04 -94.82
C THR C 130 -36.39 67.97 -95.93
N GLY C 131 -37.06 67.45 -96.97
CA GLY C 131 -37.62 68.29 -98.00
C GLY C 131 -38.84 67.61 -98.51
N ASP C 132 -39.51 68.23 -99.49
CA ASP C 132 -40.82 67.82 -99.92
C ASP C 132 -40.73 67.45 -101.40
N GLY C 133 -40.58 68.47 -102.25
CA GLY C 133 -40.59 68.32 -103.70
C GLY C 133 -40.76 69.64 -104.38
N SER C 134 -41.53 70.55 -103.76
CA SER C 134 -41.89 71.84 -104.30
C SER C 134 -40.88 72.93 -103.97
N GLY C 135 -40.08 73.35 -104.97
CA GLY C 135 -39.18 74.51 -104.89
C GLY C 135 -37.86 74.27 -104.19
N LYS C 136 -37.87 73.44 -103.15
CA LYS C 136 -36.68 72.95 -102.49
C LYS C 136 -36.57 71.46 -102.79
N PRO C 137 -35.40 70.89 -103.01
CA PRO C 137 -35.24 69.50 -103.43
C PRO C 137 -35.78 68.44 -102.49
N LYS C 138 -35.89 67.20 -102.99
CA LYS C 138 -36.32 66.06 -102.21
C LYS C 138 -35.28 65.62 -101.19
N GLY C 139 -35.46 66.00 -99.91
CA GLY C 139 -34.71 65.43 -98.81
C GLY C 139 -34.98 63.98 -98.50
N LEU C 140 -34.29 63.44 -97.48
CA LEU C 140 -34.24 62.02 -97.20
C LEU C 140 -35.57 61.37 -96.84
N LEU C 141 -36.39 62.00 -95.99
CA LEU C 141 -37.69 61.46 -95.59
C LEU C 141 -38.70 61.32 -96.73
N THR C 142 -38.76 62.27 -97.69
CA THR C 142 -39.64 62.17 -98.85
C THR C 142 -39.06 61.22 -99.91
N LEU C 143 -37.74 60.91 -99.82
CA LEU C 143 -37.06 60.00 -100.72
C LEU C 143 -37.20 58.54 -100.33
N ALA C 144 -37.71 58.26 -99.11
CA ALA C 144 -38.02 56.92 -98.63
C ALA C 144 -39.51 56.77 -98.34
N SER C 145 -40.32 57.74 -98.80
CA SER C 145 -41.77 57.70 -98.62
C SER C 145 -42.51 57.51 -99.92
N GLU C 146 -41.83 57.49 -101.08
CA GLU C 146 -42.51 57.44 -102.38
C GLU C 146 -42.58 56.04 -102.93
N ASP C 147 -41.68 55.17 -102.44
CA ASP C 147 -41.50 53.79 -102.80
C ASP C 147 -42.15 52.90 -101.73
N SER C 148 -42.52 53.50 -100.58
CA SER C 148 -43.41 52.99 -99.53
C SER C 148 -42.73 52.13 -98.47
N ALA C 149 -41.41 52.27 -98.33
CA ALA C 149 -40.49 51.52 -97.48
C ALA C 149 -40.71 51.48 -95.95
N LYS C 150 -41.87 51.91 -95.46
CA LYS C 150 -42.22 52.09 -94.07
C LYS C 150 -42.20 50.85 -93.16
N VAL C 151 -42.01 51.07 -91.85
CA VAL C 151 -42.23 50.07 -90.81
C VAL C 151 -43.28 50.59 -89.83
N VAL C 152 -44.26 49.73 -89.49
CA VAL C 152 -45.23 49.93 -88.44
C VAL C 152 -45.53 48.53 -87.90
N THR C 153 -45.55 48.24 -86.59
CA THR C 153 -45.15 49.10 -85.46
C THR C 153 -44.38 48.28 -84.45
N GLU C 154 -43.04 48.21 -84.61
CA GLU C 154 -42.13 47.70 -83.60
C GLU C 154 -41.47 48.82 -82.78
N ALA C 155 -41.90 50.09 -82.98
CA ALA C 155 -41.40 51.28 -82.31
C ALA C 155 -42.51 51.96 -81.50
N LYS C 156 -42.20 53.09 -80.81
CA LYS C 156 -43.18 53.66 -79.89
C LYS C 156 -43.28 55.19 -79.82
N ALA C 157 -42.23 55.96 -80.19
CA ALA C 157 -42.25 57.42 -80.03
C ALA C 157 -42.63 57.92 -78.63
N ASP C 158 -43.58 58.86 -78.49
CA ASP C 158 -44.13 59.31 -77.22
C ASP C 158 -44.80 58.27 -76.33
N GLY C 159 -44.75 58.51 -75.01
CA GLY C 159 -45.33 57.60 -74.01
C GLY C 159 -44.40 56.45 -73.76
N SER C 160 -43.58 56.54 -72.70
CA SER C 160 -42.57 55.53 -72.36
C SER C 160 -41.59 55.16 -73.48
N VAL C 161 -40.81 56.15 -73.97
CA VAL C 161 -39.73 55.98 -74.96
C VAL C 161 -38.78 54.83 -74.62
N LEU C 162 -38.72 53.82 -75.49
CA LEU C 162 -37.83 52.69 -75.37
C LEU C 162 -37.65 52.13 -76.77
N VAL C 163 -36.49 51.52 -77.05
CA VAL C 163 -36.06 51.10 -78.37
C VAL C 163 -35.33 49.79 -78.10
N THR C 164 -35.04 48.98 -79.13
CA THR C 164 -34.06 47.90 -79.03
C THR C 164 -33.53 47.72 -80.42
N ALA C 165 -32.35 47.07 -80.55
CA ALA C 165 -31.65 46.91 -81.80
C ALA C 165 -32.46 46.24 -82.92
N LYS C 166 -33.41 45.37 -82.56
CA LYS C 166 -34.41 44.79 -83.42
C LYS C 166 -35.33 45.73 -84.23
N THR C 167 -35.54 47.03 -83.91
CA THR C 167 -36.20 47.94 -84.86
C THR C 167 -35.38 48.13 -86.12
N ILE C 168 -34.06 48.36 -85.93
CA ILE C 168 -33.06 48.46 -86.97
C ILE C 168 -32.90 47.16 -87.77
N SER C 169 -32.97 45.97 -87.14
CA SER C 169 -32.94 44.71 -87.90
C SER C 169 -34.10 44.58 -88.89
N LYS C 170 -35.33 44.92 -88.47
CA LYS C 170 -36.53 44.90 -89.29
C LYS C 170 -36.61 46.01 -90.33
N LEU C 171 -35.95 47.14 -90.05
CA LEU C 171 -35.64 48.16 -91.02
C LEU C 171 -34.66 47.66 -92.11
N ARG C 172 -33.53 47.03 -91.71
CA ARG C 172 -32.55 46.42 -92.63
C ARG C 172 -33.12 45.27 -93.45
N ARG C 173 -34.03 44.46 -92.87
CA ARG C 173 -34.72 43.32 -93.45
C ARG C 173 -35.44 43.57 -94.78
N LYS C 174 -35.76 44.85 -95.09
CA LYS C 174 -36.33 45.25 -96.36
C LYS C 174 -35.45 46.18 -97.19
N LEU C 175 -34.20 46.47 -96.76
CA LEU C 175 -33.29 47.39 -97.46
C LEU C 175 -32.82 46.91 -98.83
N GLY C 176 -32.45 45.61 -98.95
CA GLY C 176 -32.15 44.99 -100.24
C GLY C 176 -33.36 44.70 -101.09
N ARG C 177 -33.17 44.01 -102.25
CA ARG C 177 -34.11 43.71 -103.34
C ARG C 177 -33.63 44.44 -104.60
N HIS C 178 -32.86 43.83 -105.52
CA HIS C 178 -32.35 42.45 -105.57
C HIS C 178 -30.91 42.41 -105.13
N GLY C 179 -30.54 41.37 -104.35
CA GLY C 179 -29.37 41.35 -103.49
C GLY C 179 -29.18 42.53 -102.53
N LEU C 180 -28.09 42.50 -101.77
CA LEU C 180 -27.27 43.64 -101.41
C LEU C 180 -25.99 43.08 -100.82
N LYS C 181 -24.94 43.91 -100.65
CA LYS C 181 -23.61 43.41 -100.31
C LYS C 181 -23.22 43.48 -98.83
N LEU C 182 -24.09 44.01 -97.94
CA LEU C 182 -23.90 44.13 -96.50
C LEU C 182 -22.50 44.50 -95.98
N SER C 183 -21.92 45.52 -96.63
CA SER C 183 -20.67 46.18 -96.33
C SER C 183 -20.82 47.52 -97.03
N LYS C 184 -20.01 48.53 -96.68
CA LYS C 184 -20.24 49.97 -96.84
C LYS C 184 -21.70 50.48 -96.94
N LEU C 185 -22.24 50.88 -95.77
CA LEU C 185 -23.58 51.43 -95.53
C LEU C 185 -23.35 52.64 -94.62
N VAL C 186 -24.35 53.53 -94.46
CA VAL C 186 -24.32 54.61 -93.47
C VAL C 186 -25.64 54.57 -92.72
N LEU C 187 -25.62 54.76 -91.38
CA LEU C 187 -26.83 54.91 -90.59
C LEU C 187 -26.84 56.24 -89.85
N ILE C 188 -27.99 56.95 -89.92
CA ILE C 188 -28.19 58.26 -89.32
C ILE C 188 -29.30 58.13 -88.30
N VAL C 189 -29.11 58.71 -87.10
CA VAL C 189 -30.02 58.58 -85.97
C VAL C 189 -30.45 59.93 -85.43
N SER C 190 -31.61 59.98 -84.76
CA SER C 190 -32.09 61.19 -84.09
C SER C 190 -31.48 61.40 -82.72
N MET C 191 -31.61 62.62 -82.15
CA MET C 191 -31.00 62.98 -80.88
C MET C 191 -31.45 62.15 -79.68
N ASP C 192 -32.77 61.94 -79.48
CA ASP C 192 -33.28 61.03 -78.47
C ASP C 192 -32.96 59.56 -78.74
N ALA C 193 -33.03 59.10 -80.01
CA ALA C 193 -32.80 57.71 -80.39
C ALA C 193 -31.31 57.37 -80.55
N TYR C 194 -30.44 58.29 -80.12
CA TYR C 194 -29.03 58.08 -79.88
C TYR C 194 -28.77 58.00 -78.37
N TYR C 195 -29.79 58.24 -77.53
CA TYR C 195 -29.56 58.42 -76.11
C TYR C 195 -30.29 57.41 -75.25
N ASP C 196 -31.36 56.77 -75.74
CA ASP C 196 -32.04 55.63 -75.12
C ASP C 196 -31.36 54.31 -75.46
N LEU C 197 -30.54 54.29 -76.53
CA LEU C 197 -29.59 53.25 -76.96
C LEU C 197 -28.48 52.87 -75.95
N LEU C 198 -28.62 53.28 -74.67
CA LEU C 198 -27.80 52.84 -73.57
C LEU C 198 -28.66 52.30 -72.42
N GLU C 199 -29.97 52.11 -72.65
CA GLU C 199 -30.92 51.63 -71.66
C GLU C 199 -31.61 50.35 -72.15
N ASP C 200 -31.05 49.66 -73.18
CA ASP C 200 -31.63 48.48 -73.80
C ASP C 200 -30.77 47.22 -73.63
N GLU C 201 -31.36 46.01 -73.85
CA GLU C 201 -30.73 44.73 -73.60
C GLU C 201 -30.10 44.10 -74.85
N GLU C 202 -30.09 44.78 -76.02
CA GLU C 202 -29.74 44.10 -77.25
C GLU C 202 -28.56 44.74 -77.96
N TRP C 203 -27.37 44.10 -77.86
CA TRP C 203 -26.09 44.54 -78.46
C TRP C 203 -25.46 45.70 -77.69
N GLN C 204 -26.25 46.69 -77.27
CA GLN C 204 -25.74 47.87 -76.59
C GLN C 204 -25.89 47.81 -75.08
N ASP C 205 -26.28 46.62 -74.57
CA ASP C 205 -26.31 46.17 -73.19
C ASP C 205 -25.26 46.80 -72.24
N VAL C 206 -25.68 47.05 -71.00
CA VAL C 206 -24.92 47.70 -69.96
C VAL C 206 -23.81 46.85 -69.37
N ALA C 207 -23.85 45.51 -69.57
CA ALA C 207 -22.84 44.60 -69.12
C ALA C 207 -21.72 44.39 -70.14
N GLN C 208 -20.47 44.16 -69.66
CA GLN C 208 -19.31 43.89 -70.50
C GLN C 208 -19.49 42.71 -71.44
N VAL C 209 -20.06 41.60 -70.94
CA VAL C 209 -20.34 40.40 -71.72
C VAL C 209 -21.46 40.57 -72.75
N GLY C 210 -22.19 41.71 -72.71
CA GLY C 210 -23.22 42.05 -73.67
C GLY C 210 -22.72 42.61 -74.98
N ASN C 211 -21.39 42.82 -75.12
CA ASN C 211 -20.76 43.43 -76.28
C ASN C 211 -19.29 42.96 -76.32
N ASP C 212 -18.48 43.42 -77.30
CA ASP C 212 -17.03 43.19 -77.34
C ASP C 212 -16.31 43.63 -76.06
N SER C 213 -16.52 44.93 -75.73
CA SER C 213 -15.77 45.68 -74.73
C SER C 213 -16.10 47.17 -74.89
N VAL C 214 -17.34 47.52 -75.27
CA VAL C 214 -17.75 48.94 -75.39
C VAL C 214 -18.03 49.52 -74.00
N LYS C 215 -16.94 49.82 -73.27
CA LYS C 215 -16.96 50.25 -71.89
C LYS C 215 -16.21 51.58 -71.73
N LEU C 216 -15.74 52.17 -72.84
CA LEU C 216 -15.03 53.43 -72.80
C LEU C 216 -15.18 54.21 -74.10
N GLN C 217 -14.91 55.54 -74.12
CA GLN C 217 -14.80 56.42 -72.96
C GLN C 217 -16.13 56.52 -72.24
N GLY C 218 -17.18 56.81 -73.03
CA GLY C 218 -18.58 56.79 -72.66
C GLY C 218 -19.35 56.34 -73.87
N GLN C 219 -19.58 55.02 -73.95
CA GLN C 219 -20.31 54.24 -74.97
C GLN C 219 -20.86 54.97 -76.20
N VAL C 220 -20.15 54.90 -77.34
CA VAL C 220 -20.52 55.70 -78.51
C VAL C 220 -21.60 55.11 -79.40
N GLY C 221 -21.86 53.79 -79.29
CA GLY C 221 -22.80 53.05 -80.14
C GLY C 221 -22.18 52.49 -81.40
N ARG C 222 -22.53 51.24 -81.78
CA ARG C 222 -22.06 50.63 -83.04
C ARG C 222 -22.83 49.37 -83.43
N ILE C 223 -24.17 49.48 -83.57
CA ILE C 223 -25.01 48.37 -84.02
C ILE C 223 -24.71 47.87 -85.44
N TYR C 224 -24.63 46.54 -85.63
CA TYR C 224 -24.20 45.89 -86.87
C TYR C 224 -22.73 46.18 -87.19
N GLY C 225 -21.93 46.46 -86.13
CA GLY C 225 -20.49 46.73 -86.25
C GLY C 225 -20.13 48.14 -86.63
N LEU C 226 -20.97 48.75 -87.50
CA LEU C 226 -20.88 50.05 -88.13
C LEU C 226 -20.85 51.26 -87.17
N PRO C 227 -20.10 52.35 -87.40
CA PRO C 227 -20.29 53.60 -86.67
C PRO C 227 -21.65 54.27 -86.90
N VAL C 228 -22.02 55.19 -85.99
CA VAL C 228 -23.33 55.82 -85.94
C VAL C 228 -23.21 57.31 -86.19
N VAL C 229 -24.07 57.88 -87.05
CA VAL C 229 -24.09 59.32 -87.30
C VAL C 229 -25.27 59.93 -86.57
N VAL C 230 -25.03 60.75 -85.53
CA VAL C 230 -26.07 61.43 -84.78
C VAL C 230 -26.47 62.74 -85.47
N SER C 231 -27.78 63.06 -85.48
CA SER C 231 -28.27 64.33 -86.01
C SER C 231 -29.37 64.85 -85.11
N GLU C 232 -29.46 66.20 -84.99
CA GLU C 232 -30.48 66.88 -84.22
C GLU C 232 -31.69 67.29 -85.05
N TYR C 233 -31.58 67.38 -86.39
CA TYR C 233 -32.61 67.99 -87.21
C TYR C 233 -33.61 66.99 -87.76
N PHE C 234 -34.81 66.94 -87.15
CA PHE C 234 -35.91 66.12 -87.60
C PHE C 234 -37.20 66.90 -87.37
N PRO C 235 -38.33 66.64 -88.05
CA PRO C 235 -39.58 67.35 -87.77
C PRO C 235 -40.22 66.99 -86.43
N ALA C 236 -39.70 67.57 -85.33
CA ALA C 236 -40.01 67.20 -83.97
C ALA C 236 -39.88 65.70 -83.68
N LYS C 237 -40.71 65.14 -82.78
CA LYS C 237 -40.47 63.82 -82.25
C LYS C 237 -41.75 63.03 -81.98
N ALA C 238 -42.87 63.29 -82.69
CA ALA C 238 -44.09 62.54 -82.46
C ALA C 238 -44.37 61.48 -83.53
N ASN C 239 -43.83 61.66 -84.76
CA ASN C 239 -44.19 60.83 -85.90
C ASN C 239 -43.22 61.16 -87.03
N SER C 240 -41.96 61.41 -86.64
CA SER C 240 -40.84 61.74 -87.52
C SER C 240 -39.97 60.51 -87.80
N ALA C 241 -38.77 60.43 -87.18
CA ALA C 241 -37.84 59.37 -87.49
C ALA C 241 -36.91 59.01 -86.36
N GLU C 242 -36.52 57.71 -86.31
CA GLU C 242 -35.55 57.17 -85.37
C GLU C 242 -34.24 56.88 -86.08
N PHE C 243 -34.24 55.91 -87.00
CA PHE C 243 -33.10 55.40 -87.72
C PHE C 243 -33.36 55.56 -89.21
N ALA C 244 -32.39 56.13 -89.94
CA ALA C 244 -32.38 56.15 -91.38
C ALA C 244 -31.14 55.42 -91.85
N VAL C 245 -31.30 54.41 -92.74
CA VAL C 245 -30.20 53.62 -93.23
C VAL C 245 -30.10 53.81 -94.73
N ILE C 246 -28.89 54.15 -95.20
CA ILE C 246 -28.61 54.44 -96.60
C ILE C 246 -27.34 53.70 -97.02
N VAL C 247 -27.06 53.70 -98.32
CA VAL C 247 -25.94 52.97 -98.88
C VAL C 247 -25.03 53.86 -99.69
N TYR C 248 -23.74 53.95 -99.32
CA TYR C 248 -22.74 54.63 -100.13
C TYR C 248 -22.15 53.65 -101.11
N LYS C 249 -22.20 54.02 -102.39
CA LYS C 249 -21.88 53.24 -103.56
C LYS C 249 -22.27 54.13 -104.71
N ASP C 250 -22.34 53.56 -105.93
CA ASP C 250 -22.85 54.02 -107.20
C ASP C 250 -24.30 54.60 -107.19
N ASN C 251 -24.88 55.01 -106.03
CA ASN C 251 -26.07 55.81 -105.95
C ASN C 251 -25.98 56.79 -104.77
N PHE C 252 -26.81 57.86 -104.79
CA PHE C 252 -26.82 58.98 -103.87
C PHE C 252 -25.82 60.09 -104.24
N VAL C 253 -25.27 60.03 -105.46
CA VAL C 253 -24.42 61.03 -106.07
C VAL C 253 -25.09 62.40 -106.16
N MET C 254 -24.36 63.49 -105.85
CA MET C 254 -24.90 64.84 -105.89
C MET C 254 -24.28 65.66 -107.04
N PRO C 255 -25.02 65.98 -108.11
CA PRO C 255 -24.46 66.71 -109.23
C PRO C 255 -24.34 68.21 -108.99
N ARG C 256 -23.30 68.85 -109.54
CA ARG C 256 -23.17 70.28 -109.49
C ARG C 256 -22.50 70.82 -110.73
N GLN C 257 -22.95 72.00 -111.19
CA GLN C 257 -22.38 72.67 -112.35
C GLN C 257 -21.72 73.98 -111.96
N ARG C 258 -21.42 74.17 -110.66
CA ARG C 258 -20.56 75.23 -110.18
C ARG C 258 -20.17 75.04 -108.72
N ALA C 259 -19.19 75.84 -108.28
CA ALA C 259 -18.94 76.17 -106.90
C ALA C 259 -19.78 77.40 -106.51
N VAL C 260 -19.63 77.87 -105.26
CA VAL C 260 -20.21 79.12 -104.78
C VAL C 260 -19.76 80.34 -105.58
N THR C 261 -20.68 81.29 -105.87
CA THR C 261 -20.33 82.52 -106.57
C THR C 261 -20.74 83.71 -105.72
N VAL C 262 -19.80 84.63 -105.41
CA VAL C 262 -20.05 85.79 -104.55
C VAL C 262 -19.82 87.07 -105.32
N GLU C 263 -20.88 87.92 -105.40
CA GLU C 263 -20.91 89.19 -106.10
C GLU C 263 -21.09 90.31 -105.09
N ARG C 264 -20.85 91.59 -105.48
CA ARG C 264 -21.02 92.73 -104.60
C ARG C 264 -21.48 93.98 -105.34
N GLU C 265 -22.48 94.71 -104.79
CA GLU C 265 -22.88 96.03 -105.29
C GLU C 265 -22.03 97.13 -104.65
N ARG C 266 -22.00 98.34 -105.27
CA ARG C 266 -21.43 99.51 -104.63
C ARG C 266 -21.88 100.82 -105.27
N GLN C 267 -22.59 100.75 -106.40
CA GLN C 267 -23.18 101.89 -107.10
C GLN C 267 -24.65 101.55 -107.33
N ALA C 268 -25.66 102.37 -106.98
CA ALA C 268 -25.63 103.65 -106.29
C ALA C 268 -26.47 103.56 -105.03
N GLY C 269 -27.81 103.51 -105.15
CA GLY C 269 -28.75 103.30 -104.04
C GLY C 269 -28.70 104.35 -102.94
N LYS C 270 -28.04 104.01 -101.82
CA LYS C 270 -27.72 104.92 -100.74
C LYS C 270 -26.31 104.64 -100.29
N GLN C 271 -25.36 104.65 -101.25
CA GLN C 271 -23.91 104.63 -101.07
C GLN C 271 -23.33 103.38 -100.42
N ARG C 272 -24.09 102.29 -100.30
CA ARG C 272 -23.65 101.08 -99.62
C ARG C 272 -23.00 100.05 -100.51
N ASP C 273 -22.29 99.08 -99.91
CA ASP C 273 -22.09 97.77 -100.48
C ASP C 273 -23.17 96.77 -100.03
N ALA C 274 -23.16 95.60 -100.69
CA ALA C 274 -23.97 94.49 -100.30
C ALA C 274 -23.37 93.26 -100.91
N TYR C 275 -23.74 92.07 -100.42
CA TYR C 275 -23.18 90.82 -100.86
C TYR C 275 -24.28 89.97 -101.44
N TYR C 276 -24.03 89.35 -102.59
CA TYR C 276 -24.97 88.45 -103.23
C TYR C 276 -24.24 87.13 -103.45
N VAL C 277 -24.82 86.03 -102.95
CA VAL C 277 -24.20 84.72 -103.02
C VAL C 277 -25.17 83.79 -103.72
N THR C 278 -24.69 83.02 -104.74
CA THR C 278 -25.52 82.03 -105.44
C THR C 278 -24.93 80.63 -105.32
N GLN C 279 -25.79 79.62 -105.16
CA GLN C 279 -25.37 78.25 -104.97
C GLN C 279 -26.26 77.31 -105.78
N ARG C 280 -25.67 76.24 -106.37
CA ARG C 280 -26.42 75.29 -107.18
C ARG C 280 -25.94 73.87 -106.91
N VAL C 281 -26.81 73.01 -106.32
CA VAL C 281 -26.53 71.63 -105.94
C VAL C 281 -27.87 70.92 -106.01
N ASN C 282 -27.91 69.59 -106.13
CA ASN C 282 -29.12 68.81 -106.02
C ASN C 282 -28.70 67.41 -105.56
N LEU C 283 -29.64 66.62 -105.02
CA LEU C 283 -29.38 65.27 -104.53
C LEU C 283 -30.35 64.32 -105.23
N GLN C 284 -29.85 63.19 -105.79
CA GLN C 284 -30.66 62.31 -106.61
C GLN C 284 -30.23 60.86 -106.38
N ARG C 285 -30.99 59.89 -106.92
CA ARG C 285 -30.65 58.48 -106.86
C ARG C 285 -30.90 57.89 -108.24
N TYR C 286 -30.35 56.68 -108.49
CA TYR C 286 -30.47 55.96 -109.75
C TYR C 286 -31.60 54.95 -109.60
N PHE C 287 -31.36 53.77 -109.00
CA PHE C 287 -32.42 52.85 -108.61
C PHE C 287 -33.53 53.45 -107.73
N ALA C 288 -34.74 52.86 -107.83
CA ALA C 288 -35.94 53.29 -107.12
C ALA C 288 -36.07 52.66 -105.72
N ASN C 289 -34.92 52.29 -105.13
CA ASN C 289 -34.80 51.93 -103.73
C ASN C 289 -33.36 52.30 -103.37
N GLY C 290 -33.12 52.68 -102.11
CA GLY C 290 -31.77 52.97 -101.65
C GLY C 290 -31.70 53.36 -100.21
N VAL C 291 -32.85 53.73 -99.63
CA VAL C 291 -32.94 54.32 -98.31
C VAL C 291 -34.15 53.72 -97.65
N VAL C 292 -34.00 53.26 -96.40
CA VAL C 292 -35.11 52.82 -95.60
C VAL C 292 -35.01 53.54 -94.27
N SER C 293 -36.09 54.23 -93.86
CA SER C 293 -36.14 55.01 -92.64
C SER C 293 -37.45 54.85 -91.94
N GLY C 294 -37.45 54.54 -90.62
CA GLY C 294 -38.66 54.63 -89.81
C GLY C 294 -39.01 56.07 -89.51
N THR C 295 -40.22 56.41 -89.04
CA THR C 295 -41.35 55.59 -88.58
C THR C 295 -41.03 54.47 -87.56
N TYR C 296 -40.74 54.74 -86.28
CA TYR C 296 -41.08 55.88 -85.46
C TYR C 296 -42.57 56.25 -85.52
N ALA C 297 -43.44 55.29 -85.17
CA ALA C 297 -44.86 55.50 -85.14
C ALA C 297 -45.28 56.01 -83.77
N ALA C 298 -46.26 56.93 -83.74
CA ALA C 298 -46.89 57.49 -82.54
C ALA C 298 -47.45 56.51 -81.48
N SER C 299 -47.93 57.10 -80.35
CA SER C 299 -48.34 56.39 -79.18
C SER C 299 -49.70 55.65 -79.23
N ALA D 1 -11.71 64.06 -8.80
CA ALA D 1 -10.58 63.66 -9.69
C ALA D 1 -9.55 62.78 -8.97
N VAL D 2 -8.52 63.36 -8.31
CA VAL D 2 -7.70 62.64 -7.34
C VAL D 2 -8.53 62.23 -6.12
N ASN D 3 -9.29 63.19 -5.54
CA ASN D 3 -10.23 63.07 -4.43
C ASN D 3 -11.54 62.27 -4.64
N GLN D 4 -11.46 61.02 -5.14
CA GLN D 4 -12.56 60.08 -5.23
C GLN D 4 -12.09 58.76 -5.85
N SER D 5 -12.24 57.60 -5.17
CA SER D 5 -12.73 57.39 -3.81
C SER D 5 -11.79 57.84 -2.72
N SER D 6 -12.34 58.25 -1.56
CA SER D 6 -11.56 58.56 -0.36
C SER D 6 -11.08 57.31 0.37
N SER D 7 -10.17 56.54 -0.23
CA SER D 7 -9.62 55.32 0.34
C SER D 7 -8.10 55.38 0.36
N VAL D 8 -7.41 55.47 1.52
CA VAL D 8 -7.89 55.58 2.90
C VAL D 8 -7.45 56.90 3.53
N GLU D 9 -6.22 57.00 4.03
CA GLU D 9 -5.74 58.12 4.82
C GLU D 9 -5.00 59.16 4.00
N VAL D 10 -4.53 58.80 2.79
CA VAL D 10 -3.88 59.72 1.88
C VAL D 10 -4.89 60.26 0.87
N SER D 11 -5.10 61.58 0.86
CA SER D 11 -5.99 62.22 -0.09
C SER D 11 -5.56 63.66 -0.23
N SER D 12 -6.15 64.38 -1.19
CA SER D 12 -5.81 65.74 -1.52
C SER D 12 -7.01 66.37 -2.18
N GLU D 13 -6.92 67.67 -2.44
CA GLU D 13 -7.77 68.59 -3.16
C GLU D 13 -8.45 68.15 -4.48
N SER D 14 -9.19 69.10 -5.08
CA SER D 14 -10.10 68.82 -6.18
C SER D 14 -9.58 69.25 -7.54
N TYR D 15 -9.25 68.27 -8.41
CA TYR D 15 -8.91 68.43 -9.83
C TYR D 15 -7.42 68.60 -10.13
N GLU D 16 -6.55 68.00 -9.31
CA GLU D 16 -5.13 67.86 -9.60
C GLU D 16 -4.83 66.74 -10.60
N THR D 17 -5.17 66.91 -11.89
CA THR D 17 -4.88 65.89 -12.91
C THR D 17 -4.29 66.58 -14.11
N ILE D 18 -3.54 65.83 -14.95
CA ILE D 18 -2.78 66.44 -16.03
C ILE D 18 -3.61 67.06 -17.16
N PHE D 19 -3.36 68.35 -17.47
CA PHE D 19 -4.05 69.09 -18.50
C PHE D 19 -3.20 69.11 -19.75
N SER D 20 -3.51 68.30 -20.79
CA SER D 20 -2.65 68.17 -21.95
C SER D 20 -3.24 68.90 -23.14
N GLN D 21 -3.30 70.25 -23.02
CA GLN D 21 -3.85 71.15 -24.02
C GLN D 21 -3.20 71.04 -25.40
N ARG D 22 -4.04 71.06 -26.44
CA ARG D 22 -3.67 70.74 -27.79
C ARG D 22 -4.86 71.14 -28.64
N ILE D 23 -4.74 71.03 -29.98
CA ILE D 23 -5.88 71.15 -30.87
C ILE D 23 -5.95 69.91 -31.76
N ILE D 24 -7.08 69.17 -31.69
CA ILE D 24 -7.36 67.98 -32.50
C ILE D 24 -8.73 68.20 -33.11
N ARG D 25 -8.93 67.80 -34.38
CA ARG D 25 -10.23 67.82 -35.03
C ARG D 25 -10.22 66.72 -36.09
N ASP D 26 -11.26 65.85 -36.14
CA ASP D 26 -11.29 64.64 -36.97
C ASP D 26 -11.36 64.86 -38.49
N LEU D 27 -12.57 64.83 -39.09
CA LEU D 27 -12.76 64.99 -40.51
C LEU D 27 -13.92 65.94 -40.76
N GLN D 28 -13.65 67.07 -41.45
CA GLN D 28 -14.66 68.03 -41.85
C GLN D 28 -14.69 68.12 -43.37
N LYS D 29 -15.83 68.58 -43.94
CA LYS D 29 -16.13 68.80 -45.35
C LYS D 29 -15.00 69.16 -46.33
N GLU D 30 -15.04 68.61 -47.56
CA GLU D 30 -14.06 68.85 -48.60
C GLU D 30 -14.64 69.67 -49.77
N LEU D 31 -13.91 70.72 -50.19
CA LEU D 31 -14.40 71.82 -51.03
C LEU D 31 -14.40 71.55 -52.54
N VAL D 32 -15.12 70.54 -53.03
CA VAL D 32 -15.09 70.19 -54.46
C VAL D 32 -15.62 71.26 -55.42
N VAL D 33 -16.76 71.91 -55.11
CA VAL D 33 -17.37 72.89 -55.99
C VAL D 33 -16.57 74.18 -56.17
N GLY D 34 -16.03 74.74 -55.07
CA GLY D 34 -15.45 76.08 -55.08
C GLY D 34 -14.03 76.18 -55.58
N ALA D 35 -13.41 75.02 -55.89
CA ALA D 35 -12.03 74.96 -56.33
C ALA D 35 -11.90 74.34 -57.73
N LEU D 36 -13.02 74.07 -58.43
CA LEU D 36 -12.97 73.37 -59.70
C LEU D 36 -13.15 74.29 -60.91
N PHE D 37 -13.92 75.38 -60.77
CA PHE D 37 -14.15 76.30 -61.86
C PHE D 37 -13.00 77.28 -62.07
N GLU D 38 -12.87 77.81 -63.30
CA GLU D 38 -11.93 78.86 -63.63
C GLU D 38 -12.50 80.24 -63.30
N GLU D 39 -11.67 81.28 -63.47
CA GLU D 39 -11.93 82.59 -62.98
C GLU D 39 -11.15 83.61 -63.80
N LEU D 40 -11.52 84.89 -63.71
CA LEU D 40 -10.87 85.92 -64.47
C LEU D 40 -10.95 87.26 -63.75
N PRO D 41 -9.96 88.16 -63.91
CA PRO D 41 -9.96 89.46 -63.25
C PRO D 41 -10.68 90.51 -64.08
N MET D 42 -10.99 91.66 -63.46
CA MET D 42 -11.58 92.81 -64.11
C MET D 42 -11.25 94.02 -63.26
N SER D 43 -11.50 95.24 -63.78
CA SER D 43 -11.17 96.50 -63.08
C SER D 43 -12.43 97.29 -62.77
N SER D 44 -13.60 96.62 -62.74
CA SER D 44 -14.89 97.28 -62.74
C SER D 44 -15.90 96.38 -62.07
N LYS D 45 -17.11 96.87 -61.74
CA LYS D 45 -18.06 96.11 -60.94
C LYS D 45 -18.85 95.06 -61.72
N ILE D 46 -18.93 95.20 -63.04
CA ILE D 46 -19.66 94.35 -63.96
C ILE D 46 -18.81 94.23 -65.19
N LEU D 47 -18.95 93.15 -65.96
CA LEU D 47 -18.20 92.98 -67.20
C LEU D 47 -19.16 92.42 -68.23
N THR D 48 -18.92 92.71 -69.52
CA THR D 48 -19.76 92.27 -70.63
C THR D 48 -18.85 91.69 -71.71
N MET D 49 -19.42 90.86 -72.60
CA MET D 49 -18.73 90.24 -73.72
C MET D 49 -19.62 90.37 -74.94
N LEU D 50 -19.36 89.63 -76.04
CA LEU D 50 -20.16 89.73 -77.24
C LEU D 50 -20.71 88.38 -77.66
N VAL D 51 -22.04 88.23 -77.71
CA VAL D 51 -22.69 87.03 -78.22
C VAL D 51 -23.49 87.37 -79.48
N GLU D 52 -23.01 86.85 -80.63
CA GLU D 52 -23.66 86.93 -81.92
C GLU D 52 -25.02 86.24 -81.96
N PRO D 53 -25.97 86.60 -82.81
CA PRO D 53 -27.05 85.68 -83.14
C PRO D 53 -26.60 84.42 -83.86
N ASP D 54 -27.49 83.45 -83.81
CA ASP D 54 -27.66 82.29 -84.65
C ASP D 54 -27.79 82.64 -86.15
N ALA D 55 -27.37 81.71 -87.02
CA ALA D 55 -27.57 81.87 -88.44
C ALA D 55 -27.71 80.47 -89.06
N GLY D 56 -28.63 80.22 -90.00
CA GLY D 56 -29.66 81.12 -90.50
C GLY D 56 -30.51 80.32 -91.44
N LYS D 57 -31.81 80.65 -91.56
CA LYS D 57 -32.71 79.91 -92.42
C LYS D 57 -32.83 80.63 -93.77
N ALA D 58 -32.29 80.01 -94.84
CA ALA D 58 -32.26 80.60 -96.16
C ALA D 58 -33.12 79.78 -97.12
N THR D 59 -33.89 80.47 -97.98
CA THR D 59 -34.87 79.87 -98.87
C THR D 59 -34.27 79.44 -100.20
N TRP D 60 -35.05 78.71 -101.02
CA TRP D 60 -34.64 78.15 -102.28
C TRP D 60 -35.41 78.84 -103.40
N VAL D 61 -34.73 79.16 -104.52
CA VAL D 61 -35.27 80.01 -105.56
C VAL D 61 -35.99 79.17 -106.60
N ALA D 62 -37.31 79.41 -106.77
CA ALA D 62 -38.25 78.60 -107.51
C ALA D 62 -37.97 78.47 -109.01
N ALA D 63 -37.27 79.46 -109.61
CA ALA D 63 -36.59 79.36 -110.88
C ALA D 63 -37.44 79.59 -112.12
N SER D 64 -38.58 80.29 -111.98
CA SER D 64 -39.45 80.63 -113.11
C SER D 64 -39.27 82.06 -113.57
N THR D 65 -38.46 82.86 -112.87
CA THR D 65 -38.22 84.27 -113.10
C THR D 65 -36.73 84.54 -113.14
N TYR D 66 -36.33 85.78 -113.52
CA TYR D 66 -34.94 86.17 -113.55
C TYR D 66 -34.91 87.68 -113.56
N GLY D 67 -33.79 88.28 -113.11
CA GLY D 67 -33.58 89.73 -113.13
C GLY D 67 -33.10 90.30 -111.83
N THR D 68 -32.96 89.45 -110.79
CA THR D 68 -32.45 89.83 -109.47
C THR D 68 -33.35 90.85 -108.77
N ASP D 69 -34.68 90.66 -108.68
CA ASP D 69 -35.52 89.46 -108.59
C ASP D 69 -34.88 88.15 -108.10
N THR D 70 -35.05 87.90 -106.79
CA THR D 70 -34.32 86.85 -106.09
C THR D 70 -34.95 86.52 -104.74
N THR D 71 -35.87 87.39 -104.25
CA THR D 71 -36.81 87.14 -103.14
C THR D 71 -36.31 86.40 -101.91
N THR D 72 -35.12 86.78 -101.37
CA THR D 72 -34.31 85.92 -100.50
C THR D 72 -34.73 85.92 -99.04
N GLY D 73 -35.95 86.39 -98.72
CA GLY D 73 -36.52 86.43 -97.37
C GLY D 73 -36.05 87.54 -96.46
N GLU D 74 -35.14 88.39 -96.96
CA GLU D 74 -34.29 89.31 -96.22
C GLU D 74 -33.26 88.61 -95.34
N GLU D 75 -31.96 88.89 -95.57
CA GLU D 75 -30.87 88.30 -94.81
C GLU D 75 -30.62 89.13 -93.57
N VAL D 76 -31.59 89.07 -92.64
CA VAL D 76 -31.57 89.80 -91.41
C VAL D 76 -30.37 89.43 -90.54
N LYS D 77 -29.71 90.45 -89.99
CA LYS D 77 -28.41 90.34 -89.37
C LYS D 77 -28.55 90.10 -87.88
N GLY D 78 -29.75 89.65 -87.47
CA GLY D 78 -30.23 89.52 -86.10
C GLY D 78 -29.92 90.71 -85.22
N ALA D 79 -29.65 90.44 -83.94
CA ALA D 79 -29.09 91.45 -83.06
C ALA D 79 -27.90 90.86 -82.33
N LEU D 80 -26.75 91.56 -82.37
CA LEU D 80 -25.64 91.34 -81.45
C LEU D 80 -26.11 91.62 -80.02
N LYS D 81 -25.65 90.81 -79.06
CA LYS D 81 -26.11 90.90 -77.68
C LYS D 81 -24.90 90.72 -76.79
N GLU D 82 -25.04 90.99 -75.50
CA GLU D 82 -24.02 90.76 -74.51
C GLU D 82 -24.66 89.98 -73.35
N ILE D 83 -23.96 89.85 -72.21
CA ILE D 83 -24.54 89.40 -70.95
C ILE D 83 -23.82 90.12 -69.80
N HIS D 84 -24.59 90.76 -68.89
CA HIS D 84 -24.07 91.42 -67.69
C HIS D 84 -23.52 90.46 -66.63
N PHE D 85 -22.18 90.43 -66.42
CA PHE D 85 -21.60 89.67 -65.32
C PHE D 85 -21.60 90.42 -63.98
N SER D 86 -22.72 90.40 -63.24
CA SER D 86 -22.82 90.94 -61.88
C SER D 86 -21.90 90.33 -60.84
N THR D 87 -21.35 91.15 -59.91
CA THR D 87 -20.49 90.65 -58.84
C THR D 87 -20.95 91.14 -57.46
N TYR D 88 -21.04 90.24 -56.46
CA TYR D 88 -21.46 90.55 -55.10
C TYR D 88 -20.27 90.68 -54.15
N LYS D 89 -20.47 91.20 -52.92
CA LYS D 89 -19.45 91.23 -51.89
C LYS D 89 -19.88 90.30 -50.76
N LEU D 90 -18.92 89.54 -50.20
CA LEU D 90 -19.12 88.78 -48.98
C LEU D 90 -18.17 89.34 -47.93
N ALA D 91 -18.51 89.21 -46.64
CA ALA D 91 -17.72 89.80 -45.59
C ALA D 91 -17.95 89.11 -44.27
N ALA D 92 -17.00 89.23 -43.33
CA ALA D 92 -17.18 88.74 -41.99
C ALA D 92 -16.28 89.52 -41.04
N LYS D 93 -16.61 89.52 -39.75
CA LYS D 93 -15.77 90.10 -38.74
C LYS D 93 -15.70 89.22 -37.51
N SER D 94 -14.71 89.49 -36.65
CA SER D 94 -14.57 88.84 -35.37
C SER D 94 -13.80 89.78 -34.48
N PHE D 95 -13.79 89.56 -33.16
CA PHE D 95 -13.06 90.40 -32.23
C PHE D 95 -12.74 89.57 -31.01
N ILE D 96 -11.81 90.06 -30.19
CA ILE D 96 -11.38 89.39 -28.98
C ILE D 96 -11.35 90.39 -27.85
N THR D 97 -11.22 89.92 -26.60
CA THR D 97 -11.03 90.79 -25.45
C THR D 97 -9.77 90.36 -24.74
N ASP D 98 -9.13 91.32 -24.08
CA ASP D 98 -7.93 91.19 -23.28
C ASP D 98 -8.15 90.27 -22.08
N GLU D 99 -9.27 90.46 -21.37
CA GLU D 99 -9.82 89.58 -20.34
C GLU D 99 -10.16 88.13 -20.76
N THR D 100 -9.82 87.65 -21.98
CA THR D 100 -10.07 86.26 -22.39
C THR D 100 -8.93 85.64 -23.20
N GLU D 101 -7.72 86.21 -23.16
CA GLU D 101 -6.60 85.70 -23.95
C GLU D 101 -5.37 85.37 -23.11
N GLU D 102 -4.98 86.32 -22.23
CA GLU D 102 -3.82 86.24 -21.36
C GLU D 102 -3.88 85.11 -20.33
N ASP D 103 -5.07 84.90 -19.75
CA ASP D 103 -5.37 83.91 -18.74
C ASP D 103 -5.51 82.49 -19.28
N ALA D 104 -5.80 82.37 -20.59
CA ALA D 104 -6.29 81.16 -21.19
C ALA D 104 -5.18 80.18 -21.62
N ILE D 105 -4.73 80.23 -22.88
CA ILE D 105 -3.66 79.35 -23.36
C ILE D 105 -2.68 80.10 -24.25
N PHE D 106 -2.79 81.44 -24.35
CA PHE D 106 -1.84 82.32 -25.05
C PHE D 106 -1.96 82.27 -26.57
N SER D 107 -1.77 81.08 -27.17
CA SER D 107 -1.62 80.90 -28.61
C SER D 107 -2.94 80.87 -29.37
N LEU D 108 -3.84 81.84 -29.13
CA LEU D 108 -5.13 81.90 -29.78
C LEU D 108 -5.09 82.51 -31.18
N LEU D 109 -4.05 83.29 -31.50
CA LEU D 109 -3.88 83.95 -32.79
C LEU D 109 -3.89 83.04 -34.04
N PRO D 110 -3.26 81.86 -34.14
CA PRO D 110 -3.43 81.01 -35.31
C PRO D 110 -4.78 80.31 -35.31
N LEU D 111 -5.33 79.97 -34.14
CA LEU D 111 -6.61 79.30 -33.98
C LEU D 111 -7.78 80.16 -34.45
N LEU D 112 -7.76 81.46 -34.10
CA LEU D 112 -8.72 82.45 -34.57
C LEU D 112 -8.72 82.63 -36.09
N ARG D 113 -7.52 82.65 -36.71
CA ARG D 113 -7.37 82.64 -38.16
C ARG D 113 -7.86 81.35 -38.82
N LYS D 114 -7.56 80.18 -38.23
CA LYS D 114 -8.00 78.88 -38.71
C LYS D 114 -9.51 78.73 -38.75
N ARG D 115 -10.21 79.18 -37.69
CA ARG D 115 -11.66 79.26 -37.67
C ARG D 115 -12.24 80.27 -38.67
N LEU D 116 -11.60 81.44 -38.84
CA LEU D 116 -12.02 82.43 -39.83
C LEU D 116 -11.97 81.92 -41.27
N ILE D 117 -10.89 81.21 -41.66
CA ILE D 117 -10.83 80.57 -42.96
C ILE D 117 -11.80 79.39 -43.13
N GLU D 118 -12.09 78.63 -42.05
CA GLU D 118 -13.14 77.61 -42.04
C GLU D 118 -14.54 78.20 -42.25
N ALA D 119 -14.90 79.27 -41.52
CA ALA D 119 -16.15 79.99 -41.69
C ALA D 119 -16.32 80.60 -43.08
N HIS D 120 -15.21 81.12 -43.67
CA HIS D 120 -15.15 81.47 -45.08
C HIS D 120 -15.38 80.29 -46.01
N ALA D 121 -14.76 79.13 -45.77
CA ALA D 121 -14.92 77.93 -46.57
C ALA D 121 -16.35 77.37 -46.60
N VAL D 122 -17.03 77.28 -45.44
CA VAL D 122 -18.43 76.88 -45.35
C VAL D 122 -19.37 77.89 -46.00
N SER D 123 -19.15 79.21 -45.82
CA SER D 123 -19.94 80.25 -46.49
C SER D 123 -19.84 80.26 -48.01
N ILE D 124 -18.62 80.12 -48.59
CA ILE D 124 -18.48 79.94 -50.03
C ILE D 124 -19.08 78.61 -50.52
N GLU D 125 -19.01 77.50 -49.73
CA GLU D 125 -19.69 76.24 -50.03
C GLU D 125 -21.21 76.40 -50.12
N GLU D 126 -21.82 77.08 -49.13
CA GLU D 126 -23.24 77.41 -49.12
C GLU D 126 -23.66 78.33 -50.26
N ALA D 127 -22.89 79.39 -50.55
CA ALA D 127 -23.16 80.30 -51.66
C ALA D 127 -23.15 79.62 -53.03
N PHE D 128 -22.18 78.72 -53.28
CA PHE D 128 -22.09 77.99 -54.54
C PHE D 128 -23.08 76.82 -54.62
N MET D 129 -23.46 76.19 -53.49
CA MET D 129 -24.40 75.07 -53.50
C MET D 129 -25.87 75.50 -53.44
N THR D 130 -26.25 76.33 -52.45
CA THR D 130 -27.65 76.65 -52.17
C THR D 130 -27.88 78.15 -52.12
N GLY D 131 -28.44 78.71 -53.21
CA GLY D 131 -28.71 80.15 -53.27
C GLY D 131 -29.73 80.45 -54.32
N ASP D 132 -30.76 81.19 -53.94
CA ASP D 132 -31.80 81.77 -54.78
C ASP D 132 -31.29 82.90 -55.68
N GLY D 133 -30.49 83.79 -55.10
CA GLY D 133 -29.99 85.03 -55.68
C GLY D 133 -30.52 86.24 -54.97
N SER D 134 -31.20 86.05 -53.81
CA SER D 134 -31.83 87.12 -53.04
C SER D 134 -30.83 87.83 -52.13
N GLY D 135 -29.84 88.51 -52.74
CA GLY D 135 -28.75 89.20 -52.04
C GLY D 135 -27.53 88.35 -51.90
N LYS D 136 -27.71 87.04 -51.67
CA LYS D 136 -26.62 86.09 -51.75
C LYS D 136 -26.38 85.65 -53.20
N PRO D 137 -25.19 85.21 -53.59
CA PRO D 137 -24.98 84.46 -54.84
C PRO D 137 -25.97 83.32 -55.10
N LYS D 138 -26.36 83.09 -56.37
CA LYS D 138 -27.22 81.95 -56.68
C LYS D 138 -26.39 80.70 -56.95
N GLY D 139 -26.80 79.60 -56.28
CA GLY D 139 -26.08 78.34 -56.28
C GLY D 139 -26.55 77.38 -57.32
N LEU D 140 -25.81 76.28 -57.50
CA LEU D 140 -26.03 75.32 -58.57
C LEU D 140 -27.34 74.53 -58.52
N LEU D 141 -27.82 74.15 -57.32
CA LEU D 141 -29.00 73.31 -57.20
C LEU D 141 -30.31 73.97 -57.63
N THR D 142 -30.51 75.23 -57.17
CA THR D 142 -31.62 76.11 -57.48
C THR D 142 -31.61 76.63 -58.89
N LEU D 143 -30.40 76.82 -59.47
CA LEU D 143 -30.14 77.30 -60.82
C LEU D 143 -30.81 76.48 -61.92
N ALA D 144 -30.94 75.16 -61.72
CA ALA D 144 -31.57 74.25 -62.67
C ALA D 144 -33.08 74.07 -62.43
N SER D 145 -33.75 75.08 -61.82
CA SER D 145 -35.19 75.07 -61.64
C SER D 145 -35.89 76.24 -62.27
N GLU D 146 -35.17 77.17 -62.92
CA GLU D 146 -35.73 78.36 -63.55
C GLU D 146 -35.85 78.20 -65.08
N ASP D 147 -35.21 77.16 -65.62
CA ASP D 147 -35.14 76.80 -67.02
C ASP D 147 -36.12 75.68 -67.37
N SER D 148 -36.23 74.71 -66.44
CA SER D 148 -37.05 73.50 -66.39
C SER D 148 -36.20 72.25 -66.37
N ALA D 149 -34.91 72.34 -65.98
CA ALA D 149 -33.92 71.29 -66.10
C ALA D 149 -34.17 69.99 -65.35
N LYS D 150 -34.72 70.02 -64.13
CA LYS D 150 -35.17 68.83 -63.40
C LYS D 150 -36.21 67.93 -64.09
N VAL D 151 -36.27 66.64 -63.67
CA VAL D 151 -37.25 65.66 -64.12
C VAL D 151 -38.22 65.33 -62.99
N VAL D 152 -39.36 64.70 -63.33
CA VAL D 152 -40.26 64.05 -62.38
C VAL D 152 -40.86 62.86 -63.11
N THR D 153 -41.17 61.71 -62.48
CA THR D 153 -40.80 61.27 -61.13
C THR D 153 -39.43 60.60 -61.16
N GLU D 154 -38.90 60.24 -59.97
CA GLU D 154 -37.63 59.55 -59.86
C GLU D 154 -37.82 58.06 -59.62
N ALA D 155 -37.92 57.65 -58.34
CA ALA D 155 -38.25 56.29 -57.97
C ALA D 155 -39.36 56.35 -56.93
N LYS D 156 -39.00 56.49 -55.64
CA LYS D 156 -39.98 56.66 -54.58
C LYS D 156 -39.43 57.44 -53.39
N ALA D 157 -38.13 57.84 -53.41
CA ALA D 157 -37.39 58.31 -52.24
C ALA D 157 -37.32 57.33 -51.06
N ASP D 158 -36.49 57.65 -50.03
CA ASP D 158 -36.56 57.08 -48.68
C ASP D 158 -36.32 55.57 -48.50
N GLY D 159 -37.32 54.74 -48.88
CA GLY D 159 -37.38 53.29 -48.85
C GLY D 159 -37.87 52.80 -50.18
N SER D 160 -37.39 51.61 -50.62
CA SER D 160 -37.57 51.08 -51.97
C SER D 160 -37.20 52.03 -53.09
N VAL D 161 -35.97 52.55 -53.04
CA VAL D 161 -35.38 53.39 -54.05
C VAL D 161 -34.68 52.53 -55.09
N LEU D 162 -34.47 53.09 -56.29
CA LEU D 162 -33.86 52.37 -57.40
C LEU D 162 -32.96 53.35 -58.13
N VAL D 163 -31.92 53.91 -57.45
CA VAL D 163 -31.02 54.91 -58.01
C VAL D 163 -29.92 54.28 -58.89
N THR D 164 -30.33 53.62 -59.98
CA THR D 164 -29.49 52.69 -60.73
C THR D 164 -29.05 53.27 -62.08
N ALA D 165 -28.51 52.49 -63.04
CA ALA D 165 -27.76 53.06 -64.16
C ALA D 165 -28.61 53.84 -65.16
N LYS D 166 -29.88 53.47 -65.34
CA LYS D 166 -30.87 54.24 -66.08
C LYS D 166 -31.07 55.69 -65.60
N THR D 167 -30.87 56.02 -64.30
CA THR D 167 -31.06 57.40 -63.81
C THR D 167 -30.14 58.42 -64.47
N ILE D 168 -28.85 58.07 -64.62
CA ILE D 168 -27.85 58.86 -65.29
C ILE D 168 -28.15 59.05 -66.78
N SER D 169 -28.58 58.00 -67.50
CA SER D 169 -28.98 58.17 -68.90
C SER D 169 -30.21 59.03 -69.11
N LYS D 170 -31.29 58.87 -68.32
CA LYS D 170 -32.45 59.76 -68.42
C LYS D 170 -32.16 61.23 -68.12
N LEU D 171 -31.35 61.56 -67.07
CA LEU D 171 -30.93 62.94 -66.82
C LEU D 171 -29.98 63.50 -67.88
N ARG D 172 -29.03 62.67 -68.37
CA ARG D 172 -28.11 63.01 -69.45
C ARG D 172 -28.82 63.36 -70.75
N ARG D 173 -29.89 62.64 -71.12
CA ARG D 173 -30.65 62.96 -72.31
C ARG D 173 -31.64 64.10 -72.15
N LYS D 174 -32.01 64.46 -70.90
CA LYS D 174 -32.78 65.66 -70.58
C LYS D 174 -31.90 66.91 -70.50
N LEU D 175 -30.58 66.74 -70.26
CA LEU D 175 -29.57 67.79 -70.39
C LEU D 175 -29.26 68.08 -71.87
N GLY D 176 -29.64 67.14 -72.77
CA GLY D 176 -29.70 67.36 -74.20
C GLY D 176 -30.75 68.35 -74.66
N ARG D 177 -30.72 68.68 -75.96
CA ARG D 177 -31.55 69.66 -76.66
C ARG D 177 -30.91 71.06 -76.61
N HIS D 178 -30.07 71.46 -77.60
CA HIS D 178 -29.47 70.66 -78.65
C HIS D 178 -28.49 69.64 -78.07
N GLY D 179 -27.58 70.09 -77.19
CA GLY D 179 -26.76 69.20 -76.36
C GLY D 179 -25.29 69.52 -76.35
N LEU D 180 -24.57 69.05 -75.32
CA LEU D 180 -23.16 69.39 -75.13
C LEU D 180 -22.18 68.27 -75.48
N LYS D 181 -22.68 67.04 -75.74
CA LYS D 181 -21.89 65.79 -75.84
C LYS D 181 -20.64 65.69 -74.94
N LEU D 182 -19.43 65.63 -75.54
CA LEU D 182 -18.13 65.47 -74.90
C LEU D 182 -18.08 64.42 -73.76
N SER D 183 -17.19 64.65 -72.76
CA SER D 183 -17.08 63.87 -71.53
C SER D 183 -16.59 64.76 -70.40
N LYS D 184 -16.61 66.10 -70.56
CA LYS D 184 -16.04 67.03 -69.60
C LYS D 184 -17.13 67.65 -68.72
N LEU D 185 -17.88 66.78 -68.04
CA LEU D 185 -18.95 67.14 -67.15
C LEU D 185 -18.59 66.58 -65.79
N VAL D 186 -19.08 67.19 -64.69
CA VAL D 186 -18.82 66.73 -63.34
C VAL D 186 -20.15 66.33 -62.72
N LEU D 187 -20.20 65.14 -62.13
CA LEU D 187 -21.40 64.57 -61.55
C LEU D 187 -21.21 64.52 -60.03
N ILE D 188 -22.08 65.20 -59.27
CA ILE D 188 -21.94 65.41 -57.84
C ILE D 188 -23.07 64.71 -57.13
N VAL D 189 -22.77 63.82 -56.18
CA VAL D 189 -23.77 63.03 -55.47
C VAL D 189 -23.75 63.25 -53.96
N SER D 190 -24.94 63.21 -53.34
CA SER D 190 -25.16 63.10 -51.90
C SER D 190 -24.41 61.98 -51.17
N MET D 191 -24.26 62.14 -49.84
CA MET D 191 -23.64 61.20 -48.95
C MET D 191 -24.38 59.88 -48.89
N ASP D 192 -25.73 59.90 -48.82
CA ASP D 192 -26.55 58.72 -48.92
C ASP D 192 -26.60 58.14 -50.32
N ALA D 193 -26.75 59.00 -51.36
CA ALA D 193 -26.75 58.62 -52.77
C ALA D 193 -25.49 57.85 -53.20
N TYR D 194 -24.30 58.27 -52.75
CA TYR D 194 -23.05 57.54 -52.93
C TYR D 194 -23.08 56.13 -52.31
N TYR D 195 -23.74 55.98 -51.15
CA TYR D 195 -23.89 54.69 -50.50
C TYR D 195 -25.19 53.99 -50.86
N ASP D 196 -25.93 54.47 -51.88
CA ASP D 196 -27.14 53.85 -52.39
C ASP D 196 -26.79 52.89 -53.54
N LEU D 197 -26.12 53.40 -54.60
CA LEU D 197 -25.88 52.70 -55.86
C LEU D 197 -24.72 51.70 -55.87
N LEU D 198 -24.54 50.91 -54.79
CA LEU D 198 -23.43 49.98 -54.64
C LEU D 198 -23.80 48.50 -54.58
N GLU D 199 -25.09 48.15 -54.73
CA GLU D 199 -25.59 46.82 -54.46
C GLU D 199 -26.65 46.32 -55.45
N ASP D 200 -27.29 47.19 -56.24
CA ASP D 200 -28.24 46.84 -57.28
C ASP D 200 -28.13 47.95 -58.35
N GLU D 201 -28.74 47.86 -59.55
CA GLU D 201 -29.32 46.69 -60.22
C GLU D 201 -28.67 46.53 -61.61
N GLU D 202 -27.71 47.43 -61.95
CA GLU D 202 -27.07 47.52 -63.26
C GLU D 202 -25.63 48.03 -63.09
N TRP D 203 -24.73 47.70 -64.04
CA TRP D 203 -23.46 48.38 -64.34
C TRP D 203 -22.32 48.08 -63.37
N GLN D 204 -22.57 48.29 -62.07
CA GLN D 204 -21.58 48.21 -61.02
C GLN D 204 -22.24 47.70 -59.76
N ASP D 205 -23.26 46.85 -59.94
CA ASP D 205 -24.14 46.22 -58.98
C ASP D 205 -23.39 45.20 -58.11
N VAL D 206 -23.42 43.92 -58.46
CA VAL D 206 -22.67 42.85 -57.82
C VAL D 206 -21.93 42.04 -58.88
N ALA D 207 -22.30 42.14 -60.16
CA ALA D 207 -21.62 41.45 -61.22
C ALA D 207 -20.20 41.95 -61.53
N GLN D 208 -19.17 41.09 -61.30
CA GLN D 208 -17.80 41.30 -61.75
C GLN D 208 -17.73 41.29 -63.28
N VAL D 209 -18.47 40.35 -63.90
CA VAL D 209 -18.47 40.17 -65.35
C VAL D 209 -19.43 41.14 -66.03
N GLY D 210 -20.01 42.08 -65.25
CA GLY D 210 -20.77 43.20 -65.79
C GLY D 210 -19.90 44.34 -66.26
N ASN D 211 -18.61 44.42 -65.89
CA ASN D 211 -17.89 45.67 -66.09
C ASN D 211 -16.41 45.53 -66.38
N ASP D 212 -15.59 45.30 -65.34
CA ASP D 212 -14.18 45.66 -65.35
C ASP D 212 -13.46 44.90 -64.23
N SER D 213 -13.58 45.42 -62.99
CA SER D 213 -12.95 44.95 -61.76
C SER D 213 -13.29 45.91 -60.65
N VAL D 214 -14.53 46.43 -60.65
CA VAL D 214 -15.04 47.26 -59.56
C VAL D 214 -15.19 46.45 -58.26
N LYS D 215 -15.16 47.12 -57.09
CA LYS D 215 -15.26 46.56 -55.74
C LYS D 215 -13.91 46.11 -55.20
N LEU D 216 -12.81 46.34 -55.95
CA LEU D 216 -11.48 45.97 -55.52
C LEU D 216 -10.61 47.22 -55.38
N GLN D 217 -10.35 47.74 -54.17
CA GLN D 217 -11.11 47.59 -52.94
C GLN D 217 -12.31 48.52 -52.92
N GLY D 218 -12.11 49.76 -53.42
CA GLY D 218 -13.14 50.80 -53.39
C GLY D 218 -14.40 50.52 -54.18
N GLN D 219 -15.42 51.35 -53.94
CA GLN D 219 -16.65 51.34 -54.71
C GLN D 219 -16.61 52.40 -55.81
N VAL D 220 -15.42 52.99 -56.01
CA VAL D 220 -15.08 53.90 -57.08
C VAL D 220 -15.20 53.28 -58.47
N GLY D 221 -15.51 54.10 -59.47
CA GLY D 221 -15.67 53.62 -60.83
C GLY D 221 -15.94 54.79 -61.72
N ARG D 222 -16.52 54.56 -62.90
CA ARG D 222 -16.85 55.62 -63.82
C ARG D 222 -18.13 55.26 -64.54
N ILE D 223 -19.10 56.19 -64.59
CA ILE D 223 -20.44 55.90 -65.06
C ILE D 223 -20.70 56.71 -66.32
N TYR D 224 -20.94 56.00 -67.45
CA TYR D 224 -21.16 56.57 -68.77
C TYR D 224 -20.04 57.45 -69.32
N GLY D 225 -18.83 57.30 -68.76
CA GLY D 225 -17.66 58.11 -69.11
C GLY D 225 -17.43 59.30 -68.22
N LEU D 226 -18.35 59.57 -67.27
CA LEU D 226 -18.32 60.76 -66.46
C LEU D 226 -17.63 60.54 -65.10
N PRO D 227 -16.81 61.46 -64.59
CA PRO D 227 -16.30 61.39 -63.22
C PRO D 227 -17.37 61.74 -62.20
N VAL D 228 -17.37 61.03 -61.06
CA VAL D 228 -18.32 61.23 -59.98
C VAL D 228 -17.59 61.71 -58.74
N VAL D 229 -18.12 62.75 -58.07
CA VAL D 229 -17.56 63.32 -56.86
C VAL D 229 -18.66 63.44 -55.82
N VAL D 230 -18.29 63.61 -54.55
CA VAL D 230 -19.24 63.57 -53.44
C VAL D 230 -19.39 64.93 -52.78
N SER D 231 -20.49 65.13 -52.04
CA SER D 231 -20.59 66.16 -51.03
C SER D 231 -21.68 65.70 -50.08
N GLU D 232 -21.75 66.28 -48.87
CA GLU D 232 -22.75 65.92 -47.88
C GLU D 232 -23.71 67.06 -47.59
N TYR D 233 -23.60 68.22 -48.27
CA TYR D 233 -24.45 69.37 -47.98
C TYR D 233 -25.69 69.44 -48.85
N PHE D 234 -26.53 68.39 -48.79
CA PHE D 234 -27.78 68.31 -49.54
C PHE D 234 -28.94 68.10 -48.56
N PRO D 235 -30.03 68.87 -48.56
CA PRO D 235 -31.17 68.59 -47.71
C PRO D 235 -32.04 67.48 -48.31
N ALA D 236 -31.53 66.23 -48.23
CA ALA D 236 -32.19 65.02 -48.64
C ALA D 236 -33.29 64.58 -47.67
N LYS D 237 -34.11 63.61 -48.11
CA LYS D 237 -35.29 63.12 -47.38
C LYS D 237 -36.47 64.08 -47.46
N ALA D 238 -36.59 64.70 -48.64
CA ALA D 238 -37.68 65.54 -49.03
C ALA D 238 -37.63 65.48 -50.55
N ASN D 239 -38.21 66.48 -51.25
CA ASN D 239 -38.33 66.53 -52.70
C ASN D 239 -37.25 67.41 -53.34
N SER D 240 -36.12 67.64 -52.66
CA SER D 240 -35.12 68.60 -53.11
C SER D 240 -33.98 67.96 -53.90
N ALA D 241 -32.85 68.67 -54.06
CA ALA D 241 -31.77 68.27 -54.92
C ALA D 241 -30.59 67.67 -54.17
N GLU D 242 -30.11 66.51 -54.68
CA GLU D 242 -29.08 65.70 -54.06
C GLU D 242 -28.13 65.10 -55.11
N PHE D 243 -28.57 64.99 -56.37
CA PHE D 243 -27.79 64.50 -57.50
C PHE D 243 -27.65 65.61 -58.53
N ALA D 244 -26.45 66.16 -58.73
CA ALA D 244 -26.25 67.31 -59.58
C ALA D 244 -25.25 67.04 -60.70
N VAL D 245 -25.58 67.42 -61.94
CA VAL D 245 -24.64 67.34 -63.05
C VAL D 245 -24.39 68.74 -63.59
N ILE D 246 -23.10 69.10 -63.76
CA ILE D 246 -22.64 70.40 -64.20
C ILE D 246 -21.54 70.22 -65.22
N VAL D 247 -21.20 71.27 -65.99
CA VAL D 247 -20.19 71.22 -67.04
C VAL D 247 -19.17 72.33 -66.83
N TYR D 248 -17.91 72.12 -67.24
CA TYR D 248 -16.87 73.14 -67.19
C TYR D 248 -16.27 73.35 -68.59
N LYS D 249 -16.56 74.50 -69.24
CA LYS D 249 -16.02 74.76 -70.56
C LYS D 249 -15.77 76.23 -70.79
N ASP D 250 -16.74 76.90 -71.40
CA ASP D 250 -16.76 78.31 -71.72
C ASP D 250 -17.82 78.99 -70.85
N ASN D 251 -18.47 78.20 -69.99
CA ASN D 251 -19.53 78.60 -69.13
C ASN D 251 -19.32 77.99 -67.75
N PHE D 252 -19.84 78.69 -66.72
CA PHE D 252 -19.77 78.38 -65.30
C PHE D 252 -18.51 78.94 -64.61
N VAL D 253 -17.82 79.89 -65.27
CA VAL D 253 -16.76 80.73 -64.73
C VAL D 253 -17.17 81.59 -63.53
N MET D 254 -16.28 81.73 -62.51
CA MET D 254 -16.55 82.57 -61.35
C MET D 254 -15.71 83.85 -61.36
N PRO D 255 -16.19 85.03 -61.71
CA PRO D 255 -15.34 86.20 -61.94
C PRO D 255 -15.05 86.97 -60.66
N ARG D 256 -13.92 87.72 -60.61
CA ARG D 256 -13.52 88.42 -59.41
C ARG D 256 -12.64 89.62 -59.72
N GLN D 257 -12.27 90.38 -58.67
CA GLN D 257 -11.22 91.40 -58.81
C GLN D 257 -10.47 91.63 -57.50
N ARG D 258 -10.52 90.67 -56.57
CA ARG D 258 -9.66 90.67 -55.40
C ARG D 258 -9.68 89.26 -54.84
N ALA D 259 -8.70 88.92 -53.98
CA ALA D 259 -8.71 87.67 -53.25
C ALA D 259 -9.52 87.81 -51.96
N VAL D 260 -9.18 87.06 -50.90
CA VAL D 260 -9.59 87.39 -49.55
C VAL D 260 -8.68 88.49 -49.02
N THR D 261 -9.24 89.65 -48.63
CA THR D 261 -8.45 90.69 -47.99
C THR D 261 -8.77 90.66 -46.52
N VAL D 262 -7.72 90.55 -45.69
CA VAL D 262 -7.84 90.42 -44.25
C VAL D 262 -7.21 91.63 -43.61
N GLU D 263 -7.93 92.28 -42.68
CA GLU D 263 -7.57 93.57 -42.16
C GLU D 263 -7.86 93.60 -40.67
N ARG D 264 -7.19 94.49 -39.91
CA ARG D 264 -7.28 94.50 -38.46
C ARG D 264 -6.97 95.88 -37.96
N GLU D 265 -7.43 96.23 -36.75
CA GLU D 265 -7.13 97.51 -36.14
C GLU D 265 -6.48 97.29 -34.76
N ARG D 266 -6.74 98.18 -33.78
CA ARG D 266 -6.24 98.15 -32.41
C ARG D 266 -6.80 99.29 -31.56
N GLN D 267 -7.65 100.15 -32.10
CA GLN D 267 -7.89 101.50 -31.63
C GLN D 267 -9.08 102.04 -32.40
N ALA D 268 -10.19 102.48 -31.77
CA ALA D 268 -10.38 102.79 -30.37
C ALA D 268 -11.75 102.33 -29.89
N GLY D 269 -12.55 103.23 -29.30
CA GLY D 269 -13.90 102.94 -28.84
C GLY D 269 -13.97 102.22 -27.50
N LYS D 270 -13.22 101.12 -27.33
CA LYS D 270 -13.09 100.44 -26.05
C LYS D 270 -11.65 99.97 -25.81
N GLN D 271 -11.31 98.71 -26.13
CA GLN D 271 -9.95 98.19 -25.97
C GLN D 271 -9.76 96.87 -26.71
N ARG D 272 -10.88 96.22 -27.11
CA ARG D 272 -10.90 95.09 -28.02
C ARG D 272 -10.25 95.42 -29.35
N ASP D 273 -9.51 94.49 -29.99
CA ASP D 273 -9.27 94.57 -31.42
C ASP D 273 -10.17 93.66 -32.21
N ALA D 274 -10.50 94.12 -33.41
CA ALA D 274 -11.36 93.49 -34.36
C ALA D 274 -10.59 93.10 -35.62
N TYR D 275 -11.01 91.96 -36.19
CA TYR D 275 -10.40 91.36 -37.35
C TYR D 275 -11.48 91.27 -38.39
N TYR D 276 -11.25 91.83 -39.58
CA TYR D 276 -12.22 91.91 -40.65
C TYR D 276 -11.68 91.14 -41.85
N VAL D 277 -12.59 90.54 -42.63
CA VAL D 277 -12.25 89.87 -43.87
C VAL D 277 -13.31 90.22 -44.90
N THR D 278 -12.88 90.65 -46.10
CA THR D 278 -13.81 91.03 -47.16
C THR D 278 -13.37 90.54 -48.54
N GLN D 279 -14.34 90.07 -49.34
CA GLN D 279 -14.01 89.46 -50.62
C GLN D 279 -15.12 89.73 -51.64
N ARG D 280 -14.79 89.60 -52.94
CA ARG D 280 -15.74 89.80 -54.02
C ARG D 280 -15.65 88.60 -54.94
N VAL D 281 -16.72 87.80 -55.01
CA VAL D 281 -16.79 86.54 -55.74
C VAL D 281 -18.24 86.43 -56.20
N ASN D 282 -18.53 85.75 -57.32
CA ASN D 282 -19.90 85.40 -57.67
C ASN D 282 -19.84 84.20 -58.62
N LEU D 283 -20.98 83.49 -58.78
CA LEU D 283 -21.15 82.40 -59.71
C LEU D 283 -22.19 82.82 -60.74
N GLN D 284 -22.05 82.36 -61.99
CA GLN D 284 -22.97 82.72 -63.05
C GLN D 284 -22.92 81.65 -64.12
N ARG D 285 -23.84 81.71 -65.10
CA ARG D 285 -23.78 80.84 -66.24
C ARG D 285 -24.14 81.67 -67.45
N TYR D 286 -23.71 81.21 -68.63
CA TYR D 286 -23.82 81.91 -69.90
C TYR D 286 -25.26 82.23 -70.32
N PHE D 287 -26.18 81.27 -70.17
CA PHE D 287 -27.57 81.50 -70.48
C PHE D 287 -28.45 80.63 -69.59
N ALA D 288 -29.10 79.60 -70.15
CA ALA D 288 -30.08 78.79 -69.45
C ALA D 288 -29.93 77.33 -69.84
N ASN D 289 -28.75 76.75 -69.57
CA ASN D 289 -28.40 75.44 -70.07
C ASN D 289 -27.35 74.78 -69.18
N GLY D 290 -27.04 73.50 -69.44
CA GLY D 290 -25.80 72.87 -68.97
C GLY D 290 -25.76 72.38 -67.54
N VAL D 291 -26.89 72.41 -66.83
CA VAL D 291 -26.96 71.98 -65.46
C VAL D 291 -28.31 71.30 -65.23
N VAL D 292 -28.32 70.14 -64.56
CA VAL D 292 -29.55 69.45 -64.19
C VAL D 292 -29.40 69.05 -62.74
N SER D 293 -30.40 69.37 -61.89
CA SER D 293 -30.42 68.97 -60.50
C SER D 293 -31.55 68.00 -60.23
N GLY D 294 -31.18 66.75 -59.83
CA GLY D 294 -32.12 65.77 -59.35
C GLY D 294 -32.22 65.88 -57.85
N THR D 295 -33.39 65.90 -57.22
CA THR D 295 -34.76 65.87 -57.75
C THR D 295 -35.12 64.64 -58.56
N TYR D 296 -35.31 63.42 -58.00
CA TYR D 296 -35.48 63.00 -56.61
C TYR D 296 -36.63 63.67 -55.86
N ALA D 297 -37.79 63.76 -56.52
CA ALA D 297 -39.01 64.22 -55.88
C ALA D 297 -39.97 63.06 -55.80
N ALA D 298 -40.74 62.99 -54.69
CA ALA D 298 -41.66 61.92 -54.39
C ALA D 298 -43.03 62.53 -54.20
N SER D 299 -43.23 63.17 -53.04
CA SER D 299 -44.22 64.18 -52.78
C SER D 299 -43.42 65.36 -52.16
N ALA E 1 -11.22 -7.91 -16.68
CA ALA E 1 -11.18 -6.46 -17.07
C ALA E 1 -9.74 -6.01 -17.17
N VAL E 2 -9.22 -5.13 -16.30
CA VAL E 2 -7.78 -4.92 -16.15
C VAL E 2 -7.10 -6.19 -15.61
N ASN E 3 -7.77 -6.83 -14.65
CA ASN E 3 -7.41 -8.07 -14.00
C ASN E 3 -7.57 -9.31 -14.89
N GLN E 4 -6.68 -9.49 -15.86
CA GLN E 4 -6.77 -10.56 -16.84
C GLN E 4 -5.38 -11.18 -17.00
N SER E 5 -5.20 -12.50 -17.24
CA SER E 5 -6.07 -13.68 -17.06
C SER E 5 -6.66 -13.87 -15.67
N SER E 6 -7.40 -14.98 -15.44
CA SER E 6 -7.57 -15.46 -14.07
C SER E 6 -7.82 -16.96 -13.90
N SER E 7 -7.63 -17.75 -14.97
CA SER E 7 -6.92 -19.04 -14.89
C SER E 7 -5.74 -18.68 -15.77
N VAL E 8 -4.46 -18.76 -15.31
CA VAL E 8 -4.04 -19.10 -13.95
C VAL E 8 -2.87 -18.24 -13.48
N GLU E 9 -2.09 -17.67 -14.43
CA GLU E 9 -0.95 -16.83 -14.17
C GLU E 9 -1.18 -15.58 -13.34
N VAL E 10 -0.11 -15.14 -12.65
CA VAL E 10 -0.08 -13.94 -11.84
C VAL E 10 -0.32 -12.66 -12.64
N SER E 11 -1.49 -12.03 -12.41
CA SER E 11 -1.89 -10.78 -13.02
C SER E 11 -2.47 -9.93 -11.93
N SER E 12 -2.26 -8.60 -12.01
CA SER E 12 -2.73 -7.63 -11.06
C SER E 12 -4.02 -6.98 -11.52
N GLU E 13 -4.65 -6.23 -10.61
CA GLU E 13 -5.56 -5.17 -10.87
C GLU E 13 -4.86 -3.91 -11.43
N SER E 14 -5.40 -2.72 -11.12
CA SER E 14 -4.96 -1.44 -11.68
C SER E 14 -3.70 -0.86 -11.08
N TYR E 15 -3.05 0.07 -11.84
CA TYR E 15 -1.94 0.93 -11.44
C TYR E 15 -0.60 0.27 -11.81
N GLU E 16 -0.69 -0.70 -12.72
CA GLU E 16 0.38 -1.27 -13.50
C GLU E 16 0.89 -0.31 -14.56
N THR E 17 -0.03 0.37 -15.27
CA THR E 17 0.29 1.18 -16.45
C THR E 17 1.19 2.39 -16.27
N ILE E 18 2.04 2.66 -17.28
CA ILE E 18 2.86 3.87 -17.35
C ILE E 18 2.04 5.17 -17.53
N PHE E 19 2.40 6.23 -16.79
CA PHE E 19 1.80 7.54 -16.92
C PHE E 19 2.75 8.52 -17.60
N SER E 20 2.20 9.64 -18.11
CA SER E 20 2.87 10.61 -18.93
C SER E 20 2.83 11.98 -18.27
N GLN E 21 3.91 12.77 -18.36
CA GLN E 21 3.98 14.07 -17.70
C GLN E 21 3.69 15.26 -18.61
N ARG E 22 3.41 15.03 -19.91
CA ARG E 22 3.05 16.11 -20.82
C ARG E 22 1.58 16.51 -20.69
N ILE E 23 1.28 17.78 -21.02
CA ILE E 23 -0.07 18.34 -20.98
C ILE E 23 -0.48 18.76 -22.38
N ILE E 24 -1.70 18.40 -22.83
CA ILE E 24 -2.24 18.82 -24.11
C ILE E 24 -3.41 19.79 -23.95
N ARG E 25 -3.73 20.56 -25.00
CA ARG E 25 -4.83 21.50 -24.97
C ARG E 25 -5.46 21.64 -26.34
N ASP E 26 -6.79 21.83 -26.40
CA ASP E 26 -7.55 22.10 -27.62
C ASP E 26 -7.21 23.46 -28.25
N LEU E 27 -7.50 23.60 -29.56
CA LEU E 27 -7.28 24.78 -30.38
C LEU E 27 -8.23 25.91 -30.00
N GLN E 28 -7.88 26.69 -28.98
CA GLN E 28 -8.62 27.86 -28.56
C GLN E 28 -8.76 28.93 -29.62
N LYS E 29 -9.96 29.57 -29.69
CA LYS E 29 -10.24 30.79 -30.41
C LYS E 29 -9.13 31.88 -30.36
N GLU E 30 -8.73 32.38 -31.55
CA GLU E 30 -7.70 33.39 -31.74
C GLU E 30 -7.99 34.71 -31.01
N LEU E 31 -6.93 35.42 -30.58
CA LEU E 31 -6.98 36.63 -29.77
C LEU E 31 -6.77 37.87 -30.63
N VAL E 32 -7.76 38.79 -30.70
CA VAL E 32 -7.71 39.87 -31.68
C VAL E 32 -8.16 41.24 -31.16
N VAL E 33 -9.15 41.34 -30.26
CA VAL E 33 -9.66 42.63 -29.79
C VAL E 33 -8.77 43.16 -28.66
N GLY E 34 -8.09 42.24 -27.95
CA GLY E 34 -7.11 42.49 -26.90
C GLY E 34 -5.73 42.84 -27.39
N ALA E 35 -5.53 42.88 -28.72
CA ALA E 35 -4.24 43.15 -29.31
C ALA E 35 -4.39 43.73 -30.71
N LEU E 36 -5.12 44.86 -30.80
CA LEU E 36 -5.37 45.53 -32.07
C LEU E 36 -5.21 47.03 -31.89
N PHE E 37 -6.09 47.65 -31.08
CA PHE E 37 -6.05 49.08 -30.77
C PHE E 37 -4.80 49.56 -30.05
N GLU E 38 -4.38 50.78 -30.41
CA GLU E 38 -3.33 51.58 -29.85
C GLU E 38 -3.47 51.98 -28.39
N GLU E 39 -2.33 51.92 -27.67
CA GLU E 39 -2.25 52.39 -26.31
C GLU E 39 -2.01 53.88 -26.22
N LEU E 40 -2.67 54.57 -25.27
CA LEU E 40 -2.32 55.93 -24.91
C LEU E 40 -1.72 55.93 -23.51
N PRO E 41 -0.47 56.31 -23.26
CA PRO E 41 0.06 56.39 -21.90
C PRO E 41 -0.48 57.58 -21.13
N MET E 42 -0.75 57.39 -19.83
CA MET E 42 -1.20 58.42 -18.92
C MET E 42 -0.37 58.35 -17.64
N SER E 43 -0.51 59.35 -16.74
CA SER E 43 0.31 59.43 -15.55
C SER E 43 -0.41 60.03 -14.35
N SER E 44 -1.75 59.91 -14.28
CA SER E 44 -2.47 60.46 -13.12
C SER E 44 -3.71 59.64 -12.77
N LYS E 45 -4.85 59.90 -13.43
CA LYS E 45 -6.12 59.33 -13.05
C LYS E 45 -7.17 59.63 -14.12
N ILE E 46 -7.28 60.91 -14.53
CA ILE E 46 -8.12 61.40 -15.62
C ILE E 46 -7.19 62.18 -16.53
N LEU E 47 -7.40 62.14 -17.86
CA LEU E 47 -6.71 62.99 -18.80
C LEU E 47 -7.74 63.87 -19.49
N THR E 48 -7.45 65.17 -19.63
CA THR E 48 -8.30 66.16 -20.31
C THR E 48 -7.57 66.82 -21.45
N MET E 49 -8.33 67.22 -22.49
CA MET E 49 -7.81 67.91 -23.65
C MET E 49 -8.93 68.70 -24.32
N LEU E 50 -8.58 69.63 -25.23
CA LEU E 50 -9.52 70.56 -25.84
C LEU E 50 -9.73 70.24 -27.31
N VAL E 51 -10.99 70.18 -27.78
CA VAL E 51 -11.32 69.96 -29.18
C VAL E 51 -12.20 71.07 -29.73
N GLU E 52 -11.95 71.48 -30.99
CA GLU E 52 -12.73 72.51 -31.66
C GLU E 52 -13.84 71.85 -32.49
N PRO E 53 -15.13 72.12 -32.28
CA PRO E 53 -16.17 71.72 -33.23
C PRO E 53 -16.21 72.65 -34.44
N ASP E 54 -16.88 72.22 -35.51
CA ASP E 54 -17.19 73.02 -36.66
C ASP E 54 -18.09 74.21 -36.34
N ALA E 55 -17.64 75.44 -36.65
CA ALA E 55 -18.24 76.64 -36.09
C ALA E 55 -17.68 77.91 -36.75
N GLY E 56 -18.12 78.29 -37.97
CA GLY E 56 -19.29 77.77 -38.66
C GLY E 56 -19.54 78.39 -40.01
N LYS E 57 -19.94 79.67 -40.11
CA LYS E 57 -20.16 80.31 -41.40
C LYS E 57 -20.24 81.82 -41.27
N ALA E 58 -20.40 82.53 -42.41
CA ALA E 58 -20.53 83.97 -42.52
C ALA E 58 -21.66 84.26 -43.51
N THR E 59 -22.05 85.54 -43.68
CA THR E 59 -23.24 85.93 -44.44
C THR E 59 -22.93 86.87 -45.61
N TRP E 60 -23.96 87.25 -46.38
CA TRP E 60 -23.87 88.12 -47.54
C TRP E 60 -24.04 89.60 -47.21
N VAL E 61 -23.50 90.51 -48.07
CA VAL E 61 -23.72 91.94 -47.92
C VAL E 61 -25.17 92.37 -48.20
N ALA E 62 -25.68 93.40 -47.51
CA ALA E 62 -27.00 93.96 -47.77
C ALA E 62 -27.03 94.85 -49.01
N ALA E 63 -26.70 94.26 -50.18
CA ALA E 63 -26.64 94.88 -51.49
C ALA E 63 -25.61 96.00 -51.64
N SER E 64 -25.97 97.22 -51.22
CA SER E 64 -25.18 98.42 -51.43
C SER E 64 -24.71 99.06 -50.15
N THR E 65 -24.65 98.34 -49.03
CA THR E 65 -24.10 98.88 -47.78
C THR E 65 -22.58 99.05 -47.79
N TYR E 66 -22.14 100.30 -47.56
CA TYR E 66 -20.76 100.68 -47.42
C TYR E 66 -20.72 101.64 -46.25
N GLY E 67 -19.56 101.79 -45.58
CA GLY E 67 -19.40 102.77 -44.51
C GLY E 67 -18.48 102.33 -43.42
N THR E 68 -18.27 101.01 -43.28
CA THR E 68 -17.23 100.41 -42.42
C THR E 68 -17.45 100.61 -40.92
N ASP E 69 -18.43 99.92 -40.29
CA ASP E 69 -19.31 98.90 -40.79
C ASP E 69 -20.76 99.36 -40.60
N THR E 70 -21.60 99.12 -41.62
CA THR E 70 -22.97 99.61 -41.71
C THR E 70 -23.93 98.42 -41.71
N THR E 71 -23.55 97.41 -40.90
CA THR E 71 -24.15 96.08 -40.65
C THR E 71 -23.41 95.00 -41.41
N THR E 72 -22.24 95.34 -41.96
CA THR E 72 -21.52 94.58 -42.96
C THR E 72 -20.50 93.63 -42.37
N GLY E 73 -20.92 92.71 -41.48
CA GLY E 73 -19.93 91.79 -40.92
C GLY E 73 -20.37 90.63 -40.07
N GLU E 74 -21.63 90.55 -39.58
CA GLU E 74 -22.09 89.47 -38.68
C GLU E 74 -21.23 89.34 -37.40
N GLU E 75 -21.38 88.26 -36.60
CA GLU E 75 -20.36 87.87 -35.64
C GLU E 75 -20.38 86.39 -35.23
N VAL E 76 -19.26 85.67 -35.56
CA VAL E 76 -19.21 84.21 -35.52
C VAL E 76 -18.90 83.62 -34.14
N LYS E 77 -19.96 83.22 -33.41
CA LYS E 77 -19.81 82.64 -32.09
C LYS E 77 -19.40 81.17 -32.07
N GLY E 78 -18.08 80.89 -32.05
CA GLY E 78 -17.56 79.52 -31.91
C GLY E 78 -16.71 79.34 -30.67
N ALA E 79 -16.70 78.12 -30.10
CA ALA E 79 -15.94 77.81 -28.90
C ALA E 79 -15.57 76.33 -28.82
N LEU E 80 -14.44 76.01 -28.17
CA LEU E 80 -13.95 74.66 -27.95
C LEU E 80 -14.73 73.93 -26.86
N LYS E 81 -14.41 72.65 -26.61
CA LYS E 81 -14.97 71.90 -25.51
C LYS E 81 -13.95 70.88 -25.05
N GLU E 82 -13.99 70.48 -23.77
CA GLU E 82 -13.14 69.42 -23.26
C GLU E 82 -13.61 68.03 -23.63
N ILE E 83 -12.66 67.08 -23.74
CA ILE E 83 -12.90 65.65 -23.81
C ILE E 83 -12.09 65.00 -22.70
N HIS E 84 -12.73 64.17 -21.84
CA HIS E 84 -12.10 63.61 -20.66
C HIS E 84 -12.03 62.08 -20.66
N PHE E 85 -10.89 61.51 -20.25
CA PHE E 85 -10.63 60.09 -20.31
C PHE E 85 -10.49 59.53 -18.90
N SER E 86 -11.39 58.60 -18.49
CA SER E 86 -11.33 57.95 -17.19
C SER E 86 -10.70 56.57 -17.30
N THR E 87 -10.23 55.99 -16.17
CA THR E 87 -9.44 54.76 -16.14
C THR E 87 -9.91 53.82 -15.01
N TYR E 88 -10.04 52.50 -15.29
CA TYR E 88 -10.49 51.51 -14.33
C TYR E 88 -9.32 50.65 -13.85
N LYS E 89 -9.46 49.97 -12.69
CA LYS E 89 -8.43 49.09 -12.16
C LYS E 89 -8.88 47.65 -12.22
N LEU E 90 -8.31 46.84 -13.15
CA LEU E 90 -8.52 45.41 -13.18
C LEU E 90 -7.66 44.74 -12.10
N ALA E 91 -8.10 43.60 -11.53
CA ALA E 91 -7.35 42.85 -10.58
C ALA E 91 -7.79 41.41 -10.63
N ALA E 92 -6.93 40.46 -10.26
CA ALA E 92 -7.30 39.08 -10.08
C ALA E 92 -6.27 38.46 -9.17
N LYS E 93 -6.54 37.24 -8.68
CA LYS E 93 -5.62 36.53 -7.82
C LYS E 93 -5.85 35.04 -7.93
N SER E 94 -4.86 34.23 -7.53
CA SER E 94 -4.98 32.78 -7.41
C SER E 94 -4.11 32.33 -6.25
N PHE E 95 -4.41 31.17 -5.63
CA PHE E 95 -3.69 30.75 -4.44
C PHE E 95 -3.66 29.24 -4.25
N ILE E 96 -2.54 28.69 -3.76
CA ILE E 96 -2.32 27.25 -3.65
C ILE E 96 -1.75 26.91 -2.28
N THR E 97 -1.70 25.61 -1.88
CA THR E 97 -1.36 25.17 -0.52
C THR E 97 0.07 24.69 -0.40
N ASP E 98 0.55 24.51 0.85
CA ASP E 98 1.89 23.99 1.17
C ASP E 98 1.95 22.47 1.18
N GLU E 99 0.87 21.82 0.76
CA GLU E 99 0.77 20.39 0.76
C GLU E 99 0.54 19.87 -0.65
N THR E 100 -0.32 20.54 -1.45
CA THR E 100 -0.66 20.11 -2.82
C THR E 100 0.26 20.80 -3.81
N GLU E 101 1.58 20.71 -3.57
CA GLU E 101 2.62 21.13 -4.48
C GLU E 101 3.76 20.10 -4.40
N GLU E 102 4.29 19.87 -3.19
CA GLU E 102 5.29 18.87 -2.86
C GLU E 102 4.88 17.43 -3.19
N ASP E 103 3.59 17.08 -3.03
CA ASP E 103 3.22 15.69 -2.92
C ASP E 103 2.84 15.00 -4.23
N ALA E 104 3.13 15.65 -5.37
CA ALA E 104 2.90 15.13 -6.71
C ALA E 104 4.13 15.25 -7.62
N ILE E 105 3.96 15.75 -8.85
CA ILE E 105 4.99 15.71 -9.88
C ILE E 105 5.64 17.08 -10.13
N PHE E 106 5.31 18.10 -9.31
CA PHE E 106 5.93 19.43 -9.32
C PHE E 106 5.83 20.23 -10.65
N SER E 107 4.78 19.97 -11.47
CA SER E 107 4.65 20.63 -12.76
C SER E 107 3.70 21.81 -12.76
N LEU E 108 3.06 22.11 -11.62
CA LEU E 108 1.94 23.02 -11.56
C LEU E 108 2.26 24.52 -11.62
N LEU E 109 3.50 24.96 -11.35
CA LEU E 109 3.85 26.37 -11.39
C LEU E 109 3.76 27.04 -12.77
N PRO E 110 4.26 26.49 -13.90
CA PRO E 110 4.06 27.11 -15.21
C PRO E 110 2.62 26.94 -15.67
N LEU E 111 1.94 25.85 -15.27
CA LEU E 111 0.54 25.63 -15.58
C LEU E 111 -0.37 26.69 -14.98
N LEU E 112 -0.23 26.97 -13.67
CA LEU E 112 -0.95 28.04 -12.99
C LEU E 112 -0.64 29.41 -13.56
N ARG E 113 0.65 29.70 -13.83
CA ARG E 113 1.04 30.96 -14.44
C ARG E 113 0.53 31.21 -15.86
N LYS E 114 0.52 30.22 -16.77
CA LYS E 114 -0.15 30.39 -18.06
C LYS E 114 -1.68 30.49 -17.94
N ARG E 115 -2.30 29.66 -17.10
CA ARG E 115 -3.75 29.64 -16.99
C ARG E 115 -4.36 30.92 -16.40
N LEU E 116 -3.74 31.54 -15.37
CA LEU E 116 -4.19 32.84 -14.87
C LEU E 116 -4.03 34.00 -15.86
N ILE E 117 -2.94 34.03 -16.66
CA ILE E 117 -2.77 35.09 -17.67
C ILE E 117 -3.75 34.93 -18.83
N GLU E 118 -4.03 33.70 -19.27
CA GLU E 118 -5.05 33.40 -20.27
C GLU E 118 -6.45 33.77 -19.80
N ALA E 119 -6.77 33.45 -18.53
CA ALA E 119 -7.99 33.87 -17.85
C ALA E 119 -8.13 35.38 -17.74
N HIS E 120 -7.04 36.10 -17.40
CA HIS E 120 -7.01 37.55 -17.45
C HIS E 120 -7.20 38.13 -18.85
N ALA E 121 -6.56 37.53 -19.88
CA ALA E 121 -6.73 37.93 -21.27
C ALA E 121 -8.15 37.79 -21.82
N VAL E 122 -8.82 36.64 -21.57
CA VAL E 122 -10.24 36.49 -21.90
C VAL E 122 -11.14 37.40 -21.05
N SER E 123 -10.78 37.65 -19.77
CA SER E 123 -11.48 38.63 -18.92
C SER E 123 -11.45 40.05 -19.47
N ILE E 124 -10.28 40.54 -19.94
CA ILE E 124 -10.19 41.85 -20.58
C ILE E 124 -10.84 41.91 -21.95
N GLU E 125 -10.74 40.88 -22.82
CA GLU E 125 -11.53 40.85 -24.06
C GLU E 125 -13.04 40.84 -23.81
N GLU E 126 -13.52 40.08 -22.81
CA GLU E 126 -14.92 40.13 -22.39
C GLU E 126 -15.34 41.52 -21.89
N ALA E 127 -14.48 42.20 -21.10
CA ALA E 127 -14.72 43.56 -20.68
C ALA E 127 -14.76 44.58 -21.84
N PHE E 128 -13.88 44.42 -22.84
CA PHE E 128 -13.87 45.25 -24.03
C PHE E 128 -14.99 44.92 -25.03
N MET E 129 -15.54 43.70 -25.05
CA MET E 129 -16.69 43.36 -25.87
C MET E 129 -18.02 43.58 -25.17
N THR E 130 -18.19 43.08 -23.94
CA THR E 130 -19.48 42.96 -23.25
C THR E 130 -19.54 43.94 -22.08
N GLY E 131 -20.16 45.13 -22.27
CA GLY E 131 -20.20 46.14 -21.21
C GLY E 131 -21.34 47.10 -21.37
N ASP E 132 -21.42 48.07 -20.45
CA ASP E 132 -22.54 48.99 -20.29
C ASP E 132 -22.10 50.23 -19.53
N GLY E 133 -21.57 50.07 -18.31
CA GLY E 133 -21.03 51.20 -17.55
C GLY E 133 -21.17 51.09 -16.06
N SER E 134 -22.07 50.22 -15.57
CA SER E 134 -22.32 50.06 -14.13
C SER E 134 -21.30 49.17 -13.43
N GLY E 135 -20.13 49.76 -13.10
CA GLY E 135 -19.04 49.08 -12.40
C GLY E 135 -18.01 48.54 -13.35
N LYS E 136 -18.48 47.86 -14.40
CA LYS E 136 -17.67 47.50 -15.55
C LYS E 136 -17.74 48.59 -16.61
N PRO E 137 -16.76 48.78 -17.50
CA PRO E 137 -16.86 49.76 -18.57
C PRO E 137 -17.87 49.38 -19.65
N LYS E 138 -18.00 50.21 -20.70
CA LYS E 138 -18.77 49.86 -21.86
C LYS E 138 -17.88 49.28 -22.94
N GLY E 139 -18.31 48.14 -23.49
CA GLY E 139 -17.59 47.41 -24.51
C GLY E 139 -18.06 47.77 -25.89
N LEU E 140 -18.55 46.79 -26.68
CA LEU E 140 -18.91 47.01 -28.07
C LEU E 140 -20.42 46.99 -28.33
N LEU E 141 -21.19 46.12 -27.66
CA LEU E 141 -22.61 45.97 -27.93
C LEU E 141 -23.48 47.19 -27.59
N THR E 142 -23.21 47.83 -26.44
CA THR E 142 -23.84 49.08 -26.04
C THR E 142 -23.35 50.27 -26.83
N LEU E 143 -22.07 50.25 -27.26
CA LEU E 143 -21.32 51.33 -27.87
C LEU E 143 -21.89 51.92 -29.15
N ALA E 144 -22.47 51.09 -30.03
CA ALA E 144 -23.13 51.57 -31.23
C ALA E 144 -24.61 51.81 -30.98
N SER E 145 -25.11 51.48 -29.79
CA SER E 145 -26.53 51.61 -29.48
C SER E 145 -26.82 52.81 -28.61
N GLU E 146 -25.80 53.62 -28.25
CA GLU E 146 -25.94 54.80 -27.43
C GLU E 146 -25.95 56.12 -28.23
N ASP E 147 -25.64 56.10 -29.55
CA ASP E 147 -25.89 57.24 -30.43
C ASP E 147 -26.80 56.84 -31.60
N SER E 148 -27.44 55.65 -31.47
CA SER E 148 -28.43 55.11 -32.40
C SER E 148 -27.90 54.63 -33.74
N ALA E 149 -26.62 54.23 -33.79
CA ALA E 149 -25.92 53.73 -34.95
C ALA E 149 -26.22 52.26 -35.30
N LYS E 150 -27.46 51.96 -35.71
CA LYS E 150 -27.86 50.60 -36.03
C LYS E 150 -29.02 50.59 -37.01
N VAL E 151 -29.31 49.42 -37.61
CA VAL E 151 -30.49 49.23 -38.42
C VAL E 151 -31.41 48.26 -37.71
N VAL E 152 -32.68 48.23 -38.13
CA VAL E 152 -33.58 47.16 -37.83
C VAL E 152 -34.38 46.99 -39.12
N THR E 153 -34.61 45.78 -39.67
CA THR E 153 -34.08 44.47 -39.30
C THR E 153 -33.15 43.96 -40.42
N GLU E 154 -32.88 42.65 -40.41
CA GLU E 154 -32.14 41.91 -41.40
C GLU E 154 -32.99 40.65 -41.63
N ALA E 155 -32.63 39.51 -41.05
CA ALA E 155 -33.35 38.26 -41.16
C ALA E 155 -34.10 37.94 -39.87
N LYS E 156 -33.87 36.72 -39.35
CA LYS E 156 -34.59 36.17 -38.23
C LYS E 156 -33.72 35.23 -37.43
N ALA E 157 -32.39 35.46 -37.41
CA ALA E 157 -31.45 34.68 -36.62
C ALA E 157 -31.50 33.17 -36.89
N ASP E 158 -31.41 32.85 -38.19
CA ASP E 158 -31.43 31.55 -38.83
C ASP E 158 -32.87 31.10 -39.14
N GLY E 159 -33.92 31.76 -38.56
CA GLY E 159 -35.28 31.24 -38.52
C GLY E 159 -36.01 31.05 -39.83
N SER E 160 -35.55 31.70 -40.90
CA SER E 160 -36.02 31.38 -42.25
C SER E 160 -35.15 31.98 -43.35
N VAL E 161 -34.15 32.80 -43.00
CA VAL E 161 -33.30 33.50 -43.94
C VAL E 161 -31.93 33.49 -43.28
N LEU E 162 -30.85 33.31 -44.06
CA LEU E 162 -29.47 33.32 -43.59
C LEU E 162 -28.84 34.69 -43.75
N VAL E 163 -27.85 35.02 -42.91
CA VAL E 163 -27.09 36.24 -43.01
C VAL E 163 -25.98 36.09 -44.04
N THR E 164 -25.77 37.10 -44.90
CA THR E 164 -24.70 37.03 -45.90
C THR E 164 -24.24 38.43 -46.21
N ALA E 165 -23.73 38.71 -47.43
CA ALA E 165 -23.55 40.00 -48.03
C ALA E 165 -24.84 40.86 -48.10
N LYS E 166 -24.74 42.09 -48.63
CA LYS E 166 -25.82 43.07 -48.72
C LYS E 166 -26.34 43.65 -47.38
N THR E 167 -26.09 42.96 -46.27
CA THR E 167 -26.26 43.43 -44.89
C THR E 167 -25.37 44.62 -44.57
N ILE E 168 -24.08 44.50 -44.93
CA ILE E 168 -23.01 45.47 -44.78
C ILE E 168 -23.20 46.77 -45.56
N SER E 169 -23.72 46.73 -46.80
CA SER E 169 -24.04 47.90 -47.60
C SER E 169 -25.20 48.72 -47.07
N LYS E 170 -26.32 48.08 -46.64
CA LYS E 170 -27.39 48.79 -45.92
C LYS E 170 -26.93 49.39 -44.60
N LEU E 171 -26.07 48.69 -43.84
CA LEU E 171 -25.46 49.21 -42.64
C LEU E 171 -24.48 50.37 -42.86
N ARG E 172 -23.61 50.32 -43.89
CA ARG E 172 -22.72 51.42 -44.25
C ARG E 172 -23.44 52.70 -44.68
N ARG E 173 -24.53 52.57 -45.46
CA ARG E 173 -25.46 53.65 -45.79
C ARG E 173 -26.16 54.25 -44.57
N LYS E 174 -26.54 53.41 -43.57
CA LYS E 174 -27.00 53.90 -42.28
C LYS E 174 -25.95 54.69 -41.48
N LEU E 175 -24.68 54.24 -41.45
CA LEU E 175 -23.61 54.95 -40.75
C LEU E 175 -23.31 56.33 -41.34
N GLY E 176 -23.04 56.41 -42.66
CA GLY E 176 -22.84 57.64 -43.43
C GLY E 176 -21.78 58.63 -42.98
N ARG E 177 -22.12 59.40 -41.94
CA ARG E 177 -21.36 60.47 -41.31
C ARG E 177 -20.04 60.03 -40.66
N HIS E 178 -18.94 60.79 -40.72
CA HIS E 178 -18.68 62.08 -41.34
C HIS E 178 -17.57 61.86 -42.34
N GLY E 179 -17.83 62.05 -43.65
CA GLY E 179 -16.87 61.87 -44.74
C GLY E 179 -15.97 60.63 -44.73
N LEU E 180 -16.52 59.43 -44.41
CA LEU E 180 -15.71 58.21 -44.35
C LEU E 180 -15.31 57.64 -45.71
N LYS E 181 -14.29 58.25 -46.34
CA LYS E 181 -13.66 57.84 -47.59
C LYS E 181 -12.92 56.48 -47.58
N LEU E 182 -13.62 55.41 -47.15
CA LEU E 182 -13.31 53.99 -47.25
C LEU E 182 -11.88 53.57 -46.90
N SER E 183 -11.26 54.20 -45.90
CA SER E 183 -9.86 53.96 -45.57
C SER E 183 -9.71 53.77 -44.08
N LYS E 184 -9.07 52.65 -43.68
CA LYS E 184 -8.81 52.27 -42.30
C LYS E 184 -10.05 52.10 -41.41
N LEU E 185 -10.65 50.91 -41.55
CA LEU E 185 -11.79 50.41 -40.83
C LEU E 185 -11.59 48.92 -40.75
N VAL E 186 -12.15 48.26 -39.72
CA VAL E 186 -12.05 46.82 -39.52
C VAL E 186 -13.44 46.22 -39.44
N LEU E 187 -13.58 44.95 -39.87
CA LEU E 187 -14.83 44.22 -39.76
C LEU E 187 -14.58 42.95 -38.97
N ILE E 188 -15.31 42.79 -37.86
CA ILE E 188 -15.16 41.67 -36.94
C ILE E 188 -16.44 40.87 -37.01
N VAL E 189 -16.37 39.56 -37.26
CA VAL E 189 -17.54 38.72 -37.51
C VAL E 189 -17.61 37.55 -36.53
N SER E 190 -18.82 37.20 -36.04
CA SER E 190 -19.05 35.97 -35.30
C SER E 190 -18.81 34.73 -36.14
N MET E 191 -18.47 33.60 -35.51
CA MET E 191 -18.23 32.35 -36.23
C MET E 191 -19.45 31.82 -37.01
N ASP E 192 -20.67 31.91 -36.44
CA ASP E 192 -21.91 31.58 -37.13
C ASP E 192 -22.18 32.47 -38.35
N ALA E 193 -22.01 33.80 -38.21
CA ALA E 193 -22.12 34.75 -39.31
C ALA E 193 -21.05 34.53 -40.38
N TYR E 194 -19.83 34.15 -39.97
CA TYR E 194 -18.79 33.68 -40.87
C TYR E 194 -19.19 32.40 -41.62
N TYR E 195 -19.81 31.41 -40.96
CA TYR E 195 -20.18 30.17 -41.61
C TYR E 195 -21.38 30.25 -42.54
N ASP E 196 -22.27 31.26 -42.42
CA ASP E 196 -23.32 31.50 -43.40
C ASP E 196 -22.89 32.47 -44.50
N LEU E 197 -21.68 33.07 -44.38
CA LEU E 197 -21.10 33.91 -45.39
C LEU E 197 -20.60 33.13 -46.62
N LEU E 198 -20.44 31.80 -46.49
CA LEU E 198 -20.09 30.90 -47.59
C LEU E 198 -21.21 29.93 -47.94
N GLU E 199 -22.46 30.36 -47.76
CA GLU E 199 -23.62 29.63 -48.23
C GLU E 199 -24.51 30.58 -49.01
N ASP E 200 -23.86 31.45 -49.80
CA ASP E 200 -24.41 32.41 -50.73
C ASP E 200 -24.47 31.84 -52.16
N GLU E 201 -25.54 32.00 -52.95
CA GLU E 201 -26.90 32.47 -52.69
C GLU E 201 -27.05 33.99 -52.48
N GLU E 202 -26.10 34.80 -53.02
CA GLU E 202 -26.02 36.26 -52.99
C GLU E 202 -24.66 36.67 -53.52
N TRP E 203 -24.55 37.73 -54.35
CA TRP E 203 -23.32 38.24 -54.98
C TRP E 203 -22.48 37.24 -55.78
N GLN E 204 -21.73 36.37 -55.07
CA GLN E 204 -20.76 35.45 -55.59
C GLN E 204 -21.27 34.01 -55.49
N ASP E 205 -22.40 33.72 -56.17
CA ASP E 205 -23.15 32.49 -56.03
C ASP E 205 -22.53 31.20 -56.61
N VAL E 206 -23.39 30.36 -57.20
CA VAL E 206 -23.03 29.14 -57.90
C VAL E 206 -22.14 29.42 -59.11
N ALA E 207 -22.37 30.56 -59.79
CA ALA E 207 -21.59 30.94 -60.94
C ALA E 207 -20.50 31.95 -60.59
N GLN E 208 -19.42 32.00 -61.41
CA GLN E 208 -18.38 33.01 -61.29
C GLN E 208 -18.78 34.42 -61.75
N VAL E 209 -20.05 34.80 -61.52
CA VAL E 209 -20.61 36.13 -61.76
C VAL E 209 -20.03 37.19 -60.83
N GLY E 210 -19.81 36.85 -59.54
CA GLY E 210 -19.46 37.80 -58.49
C GLY E 210 -18.04 37.71 -57.97
N ASN E 211 -17.30 36.63 -58.28
CA ASN E 211 -15.89 36.56 -57.94
C ASN E 211 -15.07 35.94 -59.07
N ASP E 212 -13.77 36.27 -59.11
CA ASP E 212 -12.80 35.81 -60.08
C ASP E 212 -12.20 34.44 -59.65
N SER E 213 -10.96 34.46 -59.16
CA SER E 213 -10.11 33.34 -58.86
C SER E 213 -10.37 32.73 -57.51
N VAL E 214 -11.01 33.49 -56.61
CA VAL E 214 -11.17 33.23 -55.18
C VAL E 214 -12.10 32.05 -54.82
N LYS E 215 -11.64 30.82 -55.11
CA LYS E 215 -12.37 29.60 -54.85
C LYS E 215 -11.52 28.31 -54.88
N LEU E 216 -10.23 28.22 -54.50
CA LEU E 216 -9.22 29.14 -53.98
C LEU E 216 -9.61 30.04 -52.78
N GLN E 217 -9.95 29.51 -51.59
CA GLN E 217 -9.77 28.14 -51.14
C GLN E 217 -11.08 27.56 -50.63
N GLY E 218 -11.50 27.90 -49.39
CA GLY E 218 -12.78 27.46 -48.83
C GLY E 218 -13.83 28.52 -48.90
N GLN E 219 -14.06 29.07 -50.09
CA GLN E 219 -15.04 30.12 -50.39
C GLN E 219 -14.95 31.39 -49.53
N VAL E 220 -13.72 31.90 -49.32
CA VAL E 220 -13.52 33.03 -48.43
C VAL E 220 -13.58 34.34 -49.23
N GLY E 221 -14.82 34.81 -49.49
CA GLY E 221 -15.09 36.06 -50.20
C GLY E 221 -14.55 37.31 -49.55
N ARG E 222 -13.52 37.94 -50.15
CA ARG E 222 -12.95 39.18 -49.65
C ARG E 222 -13.80 40.41 -49.99
N ILE E 223 -14.96 40.54 -49.31
CA ILE E 223 -16.01 41.52 -49.55
C ILE E 223 -15.57 42.99 -49.57
N TYR E 224 -15.67 43.64 -50.76
CA TYR E 224 -15.26 45.02 -51.03
C TYR E 224 -13.80 45.27 -50.68
N GLY E 225 -12.94 44.24 -50.88
CA GLY E 225 -11.50 44.33 -50.69
C GLY E 225 -11.03 44.36 -49.25
N LEU E 226 -11.96 44.31 -48.29
CA LEU E 226 -11.70 44.48 -46.88
C LEU E 226 -11.14 43.20 -46.24
N PRO E 227 -10.21 43.20 -45.28
CA PRO E 227 -9.99 42.04 -44.43
C PRO E 227 -11.09 41.91 -43.38
N VAL E 228 -11.56 40.68 -43.14
CA VAL E 228 -12.57 40.39 -42.15
C VAL E 228 -11.93 39.43 -41.16
N VAL E 229 -12.11 39.66 -39.84
CA VAL E 229 -11.55 38.80 -38.82
C VAL E 229 -12.67 38.10 -38.07
N VAL E 230 -12.56 36.77 -37.91
CA VAL E 230 -13.56 35.96 -37.22
C VAL E 230 -13.22 35.81 -35.75
N SER E 231 -14.20 35.88 -34.85
CA SER E 231 -13.95 35.68 -33.44
C SER E 231 -15.15 35.02 -32.77
N GLU E 232 -14.91 34.28 -31.67
CA GLU E 232 -15.98 33.65 -30.93
C GLU E 232 -16.24 34.35 -29.61
N TYR E 233 -16.82 35.57 -29.70
CA TYR E 233 -17.31 36.31 -28.56
C TYR E 233 -18.70 36.83 -28.89
N PHE E 234 -19.74 36.09 -28.46
CA PHE E 234 -21.11 36.46 -28.69
C PHE E 234 -21.92 35.60 -27.73
N PRO E 235 -23.17 35.85 -27.39
CA PRO E 235 -23.82 35.16 -26.28
C PRO E 235 -24.62 33.95 -26.75
N ALA E 236 -24.30 33.40 -27.95
CA ALA E 236 -24.92 32.20 -28.49
C ALA E 236 -26.42 32.28 -28.83
N LYS E 237 -26.76 33.02 -29.90
CA LYS E 237 -28.10 33.09 -30.48
C LYS E 237 -29.05 34.07 -29.77
N ALA E 238 -28.64 35.34 -29.69
CA ALA E 238 -29.46 36.37 -29.08
C ALA E 238 -29.22 37.72 -29.74
N ASN E 239 -30.08 38.70 -29.43
CA ASN E 239 -30.19 40.05 -29.97
C ASN E 239 -29.02 40.97 -29.56
N SER E 240 -27.82 40.70 -30.10
CA SER E 240 -26.61 41.46 -29.81
C SER E 240 -25.94 41.93 -31.08
N ALA E 241 -24.93 41.18 -31.60
CA ALA E 241 -24.29 41.51 -32.85
C ALA E 241 -23.82 40.25 -33.57
N GLU E 242 -24.07 40.18 -34.89
CA GLU E 242 -23.53 39.22 -35.84
C GLU E 242 -22.11 39.57 -36.27
N PHE E 243 -21.89 40.85 -36.55
CA PHE E 243 -20.62 41.41 -36.95
C PHE E 243 -20.63 42.86 -36.51
N ALA E 244 -19.47 43.50 -36.53
CA ALA E 244 -19.34 44.90 -36.24
C ALA E 244 -18.37 45.53 -37.21
N VAL E 245 -18.69 46.72 -37.72
CA VAL E 245 -17.81 47.50 -38.56
C VAL E 245 -17.32 48.66 -37.72
N ILE E 246 -15.99 48.77 -37.50
CA ILE E 246 -15.39 49.73 -36.58
C ILE E 246 -14.34 50.54 -37.33
N VAL E 247 -14.44 51.89 -37.30
CA VAL E 247 -13.49 52.76 -37.96
C VAL E 247 -12.21 52.97 -37.15
N TYR E 248 -11.05 53.18 -37.82
CA TYR E 248 -9.75 53.22 -37.17
C TYR E 248 -9.03 54.56 -37.43
N LYS E 249 -8.41 55.19 -36.40
CA LYS E 249 -7.65 56.45 -36.44
C LYS E 249 -7.32 56.89 -35.01
N ASP E 250 -7.44 58.20 -34.65
CA ASP E 250 -7.20 58.75 -33.32
C ASP E 250 -8.48 58.65 -32.48
N ASN E 251 -9.35 57.68 -32.84
CA ASN E 251 -10.56 57.38 -32.13
C ASN E 251 -10.71 55.88 -31.99
N PHE E 252 -11.13 55.45 -30.77
CA PHE E 252 -11.36 54.09 -30.27
C PHE E 252 -10.22 53.60 -29.35
N VAL E 253 -9.06 54.27 -29.38
CA VAL E 253 -7.95 54.27 -28.43
C VAL E 253 -8.21 53.89 -26.97
N MET E 254 -7.33 53.03 -26.39
CA MET E 254 -7.45 52.57 -25.02
C MET E 254 -6.32 53.15 -24.15
N PRO E 255 -6.58 54.03 -23.17
CA PRO E 255 -5.52 54.61 -22.37
C PRO E 255 -5.15 53.75 -21.17
N ARG E 256 -3.86 53.71 -20.80
CA ARG E 256 -3.39 52.92 -19.68
C ARG E 256 -2.22 53.59 -18.98
N GLN E 257 -2.12 53.48 -17.65
CA GLN E 257 -0.98 54.04 -16.93
C GLN E 257 -0.29 53.03 -16.03
N ARG E 258 -0.74 51.77 -16.02
CA ARG E 258 0.09 50.70 -15.51
C ARG E 258 -0.23 49.50 -16.36
N ALA E 259 0.80 48.81 -16.86
CA ALA E 259 0.68 47.56 -17.58
C ALA E 259 0.42 46.43 -16.62
N VAL E 260 0.20 45.19 -17.12
CA VAL E 260 0.14 44.03 -16.25
C VAL E 260 1.43 43.80 -15.42
N THR E 261 1.27 43.62 -14.10
CA THR E 261 2.33 43.38 -13.15
C THR E 261 1.92 42.14 -12.40
N VAL E 262 2.86 41.45 -11.72
CA VAL E 262 2.55 40.26 -10.96
C VAL E 262 3.35 40.23 -9.68
N GLU E 263 2.66 40.00 -8.56
CA GLU E 263 3.21 40.14 -7.21
C GLU E 263 2.73 38.95 -6.36
N ARG E 264 3.34 38.70 -5.19
CA ARG E 264 3.00 37.55 -4.37
C ARG E 264 3.39 37.77 -2.91
N GLU E 265 2.82 36.98 -1.98
CA GLU E 265 2.95 37.17 -0.54
C GLU E 265 3.84 36.13 0.17
N ARG E 266 3.27 35.46 1.20
CA ARG E 266 3.74 34.37 2.06
C ARG E 266 3.59 34.76 3.53
N GLN E 267 3.81 36.04 3.87
CA GLN E 267 3.60 36.53 5.22
C GLN E 267 2.63 37.73 5.19
N ALA E 268 1.53 37.74 5.95
CA ALA E 268 1.08 36.80 6.97
C ALA E 268 0.06 35.81 6.44
N GLY E 269 0.53 34.84 5.62
CA GLY E 269 -0.25 33.74 5.09
C GLY E 269 -0.66 32.70 6.12
N LYS E 270 -0.59 31.42 5.70
CA LYS E 270 -0.83 30.23 6.52
C LYS E 270 -0.93 29.03 5.61
N GLN E 271 0.24 28.40 5.31
CA GLN E 271 0.35 27.22 4.47
C GLN E 271 -0.22 27.43 3.07
N ARG E 272 0.19 28.55 2.47
CA ARG E 272 -0.33 29.04 1.23
C ARG E 272 0.71 29.98 0.62
N ASP E 273 0.76 30.07 -0.73
CA ASP E 273 1.43 31.14 -1.45
C ASP E 273 0.35 31.61 -2.42
N ALA E 274 0.35 32.91 -2.77
CA ALA E 274 -0.75 33.49 -3.49
C ALA E 274 -0.26 34.60 -4.39
N TYR E 275 -0.85 34.71 -5.58
CA TYR E 275 -0.39 35.58 -6.65
C TYR E 275 -1.46 36.60 -6.94
N TYR E 276 -1.06 37.86 -7.11
CA TYR E 276 -1.95 38.94 -7.46
C TYR E 276 -1.48 39.52 -8.78
N VAL E 277 -2.42 39.94 -9.65
CA VAL E 277 -2.12 40.63 -10.89
C VAL E 277 -3.04 41.84 -11.01
N THR E 278 -2.49 43.08 -11.11
CA THR E 278 -3.36 44.26 -11.18
C THR E 278 -2.84 45.34 -12.14
N GLN E 279 -3.67 45.83 -13.10
CA GLN E 279 -3.28 46.87 -14.06
C GLN E 279 -4.18 48.11 -13.93
N ARG E 280 -4.11 49.09 -14.87
CA ARG E 280 -5.08 50.18 -14.94
C ARG E 280 -5.29 50.64 -16.39
N VAL E 281 -6.55 50.56 -16.90
CA VAL E 281 -6.88 50.69 -18.34
C VAL E 281 -8.36 51.03 -18.53
N ASN E 282 -8.80 51.49 -19.72
CA ASN E 282 -10.19 51.68 -20.11
C ASN E 282 -10.28 51.75 -21.65
N LEU E 283 -11.48 51.77 -22.24
CA LEU E 283 -11.73 51.93 -23.68
C LEU E 283 -12.63 53.17 -23.86
N GLN E 284 -12.36 54.06 -24.84
CA GLN E 284 -13.10 55.31 -24.97
C GLN E 284 -13.59 55.64 -26.38
N ARG E 285 -14.89 55.96 -26.50
CA ARG E 285 -15.54 56.48 -27.69
C ARG E 285 -15.29 57.99 -27.76
N TYR E 286 -14.28 58.41 -28.57
CA TYR E 286 -13.76 59.77 -28.63
C TYR E 286 -14.73 60.85 -29.15
N PHE E 287 -15.35 60.64 -30.32
CA PHE E 287 -16.20 61.63 -30.95
C PHE E 287 -17.66 61.33 -30.60
N ALA E 288 -18.42 60.73 -31.54
CA ALA E 288 -19.73 60.22 -31.23
C ALA E 288 -19.95 58.84 -31.82
N ASN E 289 -19.37 58.54 -33.00
CA ASN E 289 -19.77 57.38 -33.78
C ASN E 289 -18.59 56.78 -34.52
N GLY E 290 -18.87 55.81 -35.42
CA GLY E 290 -17.84 55.10 -36.19
C GLY E 290 -17.76 53.64 -35.83
N VAL E 291 -18.77 53.15 -35.10
CA VAL E 291 -19.00 51.76 -34.85
C VAL E 291 -20.45 51.47 -35.21
N VAL E 292 -20.71 50.37 -35.94
CA VAL E 292 -22.07 49.95 -36.28
C VAL E 292 -22.18 48.44 -36.21
N SER E 293 -23.29 47.93 -35.67
CA SER E 293 -23.57 46.50 -35.62
C SER E 293 -25.06 46.23 -35.58
N GLY E 294 -25.51 45.14 -36.26
CA GLY E 294 -26.90 44.66 -36.27
C GLY E 294 -28.00 45.62 -36.70
N THR E 295 -29.28 45.22 -36.59
CA THR E 295 -29.84 43.96 -36.09
C THR E 295 -30.33 43.11 -37.27
N TYR E 296 -30.22 41.76 -37.29
CA TYR E 296 -29.77 40.78 -36.29
C TYR E 296 -30.49 40.85 -34.95
N ALA E 297 -31.80 40.59 -34.96
CA ALA E 297 -32.64 40.74 -33.79
C ALA E 297 -32.94 39.41 -33.09
N ALA E 298 -34.22 39.03 -33.10
CA ALA E 298 -34.76 37.83 -32.51
C ALA E 298 -36.02 37.57 -33.30
N SER E 299 -36.70 36.45 -33.08
CA SER E 299 -37.87 36.07 -33.83
C SER E 299 -38.58 34.99 -33.01
N ALA F 1 -11.82 -32.03 -71.34
CA ALA F 1 -11.66 -32.98 -72.50
C ALA F 1 -11.62 -32.27 -73.81
N VAL F 2 -10.88 -32.79 -74.82
CA VAL F 2 -10.87 -32.22 -76.16
C VAL F 2 -11.05 -33.39 -77.11
N ASN F 3 -12.05 -33.31 -78.00
CA ASN F 3 -12.38 -34.37 -78.94
C ASN F 3 -12.38 -33.81 -80.35
N GLN F 4 -11.41 -32.93 -80.68
CA GLN F 4 -11.34 -32.28 -81.97
C GLN F 4 -10.29 -32.97 -82.84
N SER F 5 -10.66 -33.74 -83.87
CA SER F 5 -12.01 -34.00 -84.39
C SER F 5 -12.13 -35.43 -84.87
N SER F 6 -13.01 -35.70 -85.85
CA SER F 6 -13.46 -37.02 -86.25
C SER F 6 -12.91 -37.48 -87.59
N SER F 7 -12.05 -36.67 -88.25
CA SER F 7 -11.56 -36.98 -89.58
C SER F 7 -10.06 -37.16 -89.55
N VAL F 8 -9.46 -38.34 -89.78
CA VAL F 8 -10.05 -39.60 -90.24
C VAL F 8 -9.61 -40.80 -89.40
N GLU F 9 -8.41 -40.75 -88.78
CA GLU F 9 -7.82 -41.90 -88.12
C GLU F 9 -7.20 -41.59 -86.76
N VAL F 10 -6.90 -40.31 -86.49
CA VAL F 10 -6.30 -39.85 -85.24
C VAL F 10 -7.21 -38.86 -84.56
N SER F 11 -7.14 -38.79 -83.23
CA SER F 11 -7.99 -37.91 -82.44
C SER F 11 -7.31 -37.64 -81.11
N SER F 12 -7.83 -36.66 -80.36
CA SER F 12 -7.28 -36.19 -79.11
C SER F 12 -8.01 -36.78 -77.92
N GLU F 13 -7.38 -36.80 -76.73
CA GLU F 13 -8.00 -37.27 -75.52
C GLU F 13 -8.27 -36.15 -74.49
N SER F 14 -8.29 -36.45 -73.19
CA SER F 14 -9.16 -35.79 -72.23
C SER F 14 -8.57 -34.61 -71.47
N TYR F 15 -7.33 -34.24 -71.72
CA TYR F 15 -6.74 -33.07 -71.08
C TYR F 15 -5.81 -32.30 -72.01
N GLU F 16 -6.09 -32.29 -73.33
CA GLU F 16 -5.34 -31.42 -74.22
C GLU F 16 -5.67 -29.92 -74.14
N THR F 17 -5.28 -29.27 -73.05
CA THR F 17 -5.54 -27.85 -72.85
C THR F 17 -4.35 -27.25 -72.15
N ILE F 18 -3.94 -26.04 -72.57
CA ILE F 18 -2.80 -25.38 -71.96
C ILE F 18 -3.23 -24.65 -70.70
N PHE F 19 -2.82 -25.19 -69.54
CA PHE F 19 -3.03 -24.58 -68.24
C PHE F 19 -1.90 -23.59 -67.92
N SER F 20 -2.21 -22.28 -67.80
CA SER F 20 -1.18 -21.28 -67.56
C SER F 20 -1.05 -20.93 -66.08
N GLN F 21 0.18 -20.92 -65.55
CA GLN F 21 0.46 -20.82 -64.12
C GLN F 21 0.57 -19.41 -63.57
N ARG F 22 0.11 -18.41 -64.35
CA ARG F 22 0.24 -17.01 -64.01
C ARG F 22 -0.92 -16.50 -63.16
N ILE F 23 -0.63 -15.93 -61.99
CA ILE F 23 -1.63 -15.48 -61.04
C ILE F 23 -2.08 -14.06 -61.40
N ILE F 24 -3.40 -13.84 -61.56
CA ILE F 24 -3.99 -12.56 -61.91
C ILE F 24 -5.12 -12.25 -60.94
N ARG F 25 -5.73 -11.06 -61.06
CA ARG F 25 -6.87 -10.66 -60.25
C ARG F 25 -7.51 -9.50 -60.99
N ASP F 26 -8.77 -9.17 -60.69
CA ASP F 26 -9.58 -8.17 -61.33
C ASP F 26 -8.97 -6.75 -61.40
N LEU F 27 -8.41 -6.23 -60.27
CA LEU F 27 -7.59 -5.02 -60.28
C LEU F 27 -6.81 -4.91 -58.96
N GLN F 28 -7.24 -3.98 -58.10
CA GLN F 28 -6.60 -3.53 -56.90
C GLN F 28 -7.40 -4.05 -55.70
N LYS F 29 -7.50 -3.24 -54.64
CA LYS F 29 -8.49 -3.33 -53.59
C LYS F 29 -8.76 -1.88 -53.28
N GLU F 30 -9.80 -1.60 -52.48
CA GLU F 30 -10.24 -0.29 -52.05
C GLU F 30 -9.16 0.53 -51.32
N LEU F 31 -8.44 -0.09 -50.35
CA LEU F 31 -7.35 0.40 -49.50
C LEU F 31 -6.92 1.87 -49.61
N VAL F 32 -7.40 2.69 -48.67
CA VAL F 32 -7.12 4.11 -48.67
C VAL F 32 -7.18 4.73 -47.26
N VAL F 33 -7.77 4.06 -46.25
CA VAL F 33 -7.86 4.62 -44.90
C VAL F 33 -7.30 3.67 -43.85
N GLY F 34 -6.30 4.12 -43.07
CA GLY F 34 -5.53 3.22 -42.20
C GLY F 34 -4.09 3.64 -42.06
N ALA F 35 -3.61 4.51 -42.97
CA ALA F 35 -2.27 5.07 -42.92
C ALA F 35 -2.31 6.58 -43.15
N LEU F 36 -3.37 7.24 -42.63
CA LEU F 36 -3.60 8.67 -42.80
C LEU F 36 -3.67 9.39 -41.46
N PHE F 37 -3.19 8.73 -40.40
CA PHE F 37 -3.11 9.25 -39.05
C PHE F 37 -1.83 8.65 -38.53
N GLU F 38 -1.09 9.36 -37.68
CA GLU F 38 0.10 8.84 -37.03
C GLU F 38 -0.18 7.88 -35.89
N GLU F 39 0.68 6.85 -35.77
CA GLU F 39 0.82 6.09 -34.56
C GLU F 39 1.89 6.67 -33.62
N LEU F 40 1.93 6.12 -32.40
CA LEU F 40 3.05 6.30 -31.49
C LEU F 40 3.23 4.97 -30.78
N PRO F 41 4.44 4.59 -30.43
CA PRO F 41 4.67 3.37 -29.66
C PRO F 41 4.28 3.54 -28.20
N MET F 42 3.91 2.44 -27.52
CA MET F 42 3.59 2.44 -26.11
C MET F 42 4.26 1.24 -25.47
N SER F 43 4.29 1.20 -24.14
CA SER F 43 4.80 0.07 -23.39
C SER F 43 3.69 -0.58 -22.57
N SER F 44 2.41 -0.39 -22.95
CA SER F 44 1.30 -0.94 -22.18
C SER F 44 -0.03 -0.99 -22.93
N LYS F 45 -1.04 -0.24 -22.44
CA LYS F 45 -2.39 -0.26 -22.95
C LYS F 45 -3.20 0.96 -22.58
N ILE F 46 -2.77 1.75 -21.58
CA ILE F 46 -3.43 2.98 -21.15
C ILE F 46 -2.33 4.00 -20.95
N LEU F 47 -2.39 5.15 -21.65
CA LEU F 47 -1.39 6.19 -21.59
C LEU F 47 -2.08 7.49 -21.23
N THR F 48 -1.56 8.28 -20.27
CA THR F 48 -2.19 9.55 -19.88
C THR F 48 -1.82 10.71 -20.80
N MET F 49 -2.64 11.79 -20.78
CA MET F 49 -2.48 12.96 -21.63
C MET F 49 -2.72 14.28 -20.91
N LEU F 50 -3.41 14.29 -19.75
CA LEU F 50 -3.62 15.47 -18.91
C LEU F 50 -4.21 16.68 -19.65
N VAL F 51 -5.43 16.60 -20.20
CA VAL F 51 -5.98 17.68 -21.02
C VAL F 51 -6.45 18.92 -20.24
N GLU F 52 -5.86 20.08 -20.60
CA GLU F 52 -6.05 21.41 -20.02
C GLU F 52 -7.52 21.86 -19.89
N PRO F 53 -7.91 22.68 -18.91
CA PRO F 53 -9.22 23.30 -18.91
C PRO F 53 -9.29 24.55 -19.78
N ASP F 54 -10.31 24.54 -20.64
CA ASP F 54 -11.31 25.54 -20.92
C ASP F 54 -11.41 26.82 -20.06
N ALA F 55 -11.87 27.91 -20.70
CA ALA F 55 -11.97 29.22 -20.12
C ALA F 55 -13.44 29.60 -19.95
N GLY F 56 -13.94 30.01 -18.76
CA GLY F 56 -13.24 30.43 -17.55
C GLY F 56 -12.84 31.88 -17.64
N LYS F 57 -13.09 32.68 -16.59
CA LYS F 57 -12.85 34.11 -16.62
C LYS F 57 -12.67 34.54 -15.18
N ALA F 58 -12.11 35.75 -14.97
CA ALA F 58 -12.04 36.39 -13.68
C ALA F 58 -13.20 37.35 -13.48
N THR F 59 -13.06 38.30 -12.53
CA THR F 59 -14.07 39.27 -12.16
C THR F 59 -13.32 40.41 -11.52
N TRP F 60 -14.00 41.53 -11.23
CA TRP F 60 -13.36 42.75 -10.82
C TRP F 60 -14.31 43.56 -9.94
N VAL F 61 -13.81 44.66 -9.35
CA VAL F 61 -14.57 45.47 -8.40
C VAL F 61 -15.10 46.72 -9.10
N ALA F 62 -14.82 47.93 -8.58
CA ALA F 62 -15.30 49.18 -9.16
C ALA F 62 -14.20 50.23 -9.07
N ALA F 63 -12.93 49.76 -8.99
CA ALA F 63 -11.71 50.54 -8.99
C ALA F 63 -11.44 51.35 -7.71
N SER F 64 -12.23 51.11 -6.66
CA SER F 64 -12.27 51.90 -5.43
C SER F 64 -11.59 51.24 -4.24
N THR F 65 -11.35 49.92 -4.29
CA THR F 65 -10.87 49.17 -3.14
C THR F 65 -9.37 49.22 -2.96
N TYR F 66 -8.95 49.52 -1.72
CA TYR F 66 -7.57 49.87 -1.42
C TYR F 66 -7.21 49.70 0.06
N GLY F 67 -8.18 49.51 0.99
CA GLY F 67 -7.89 49.50 2.43
C GLY F 67 -7.56 48.14 2.99
N THR F 68 -7.09 47.24 2.10
CA THR F 68 -6.99 45.78 2.21
C THR F 68 -7.87 45.05 3.23
N ASP F 69 -9.20 44.88 3.03
CA ASP F 69 -10.00 45.03 1.82
C ASP F 69 -9.53 44.06 0.72
N THR F 70 -9.59 42.75 1.03
CA THR F 70 -9.06 41.67 0.18
C THR F 70 -10.07 41.22 -0.87
N THR F 71 -10.84 42.19 -1.40
CA THR F 71 -12.01 42.03 -2.25
C THR F 71 -11.63 41.95 -3.72
N THR F 72 -10.36 41.68 -4.01
CA THR F 72 -9.68 41.90 -5.29
C THR F 72 -9.98 40.89 -6.38
N GLY F 73 -11.23 40.42 -6.47
CA GLY F 73 -11.67 39.40 -7.42
C GLY F 73 -11.21 38.01 -7.12
N GLU F 74 -11.84 37.04 -7.80
CA GLU F 74 -11.59 35.63 -7.68
C GLU F 74 -11.89 35.11 -9.08
N GLU F 75 -11.11 34.16 -9.65
CA GLU F 75 -11.46 33.56 -10.93
C GLU F 75 -12.16 32.23 -10.74
N VAL F 76 -12.19 31.38 -11.78
CA VAL F 76 -12.62 30.00 -11.64
C VAL F 76 -11.58 29.18 -10.87
N LYS F 77 -11.41 27.88 -11.15
CA LYS F 77 -10.49 27.05 -10.38
C LYS F 77 -9.74 26.17 -11.34
N GLY F 78 -8.42 25.99 -11.11
CA GLY F 78 -7.52 25.23 -11.98
C GLY F 78 -7.70 23.73 -11.95
N ALA F 79 -8.84 23.26 -12.49
CA ALA F 79 -9.17 21.89 -12.74
C ALA F 79 -8.25 21.17 -13.75
N LEU F 80 -8.48 19.86 -13.94
CA LEU F 80 -7.74 19.08 -14.92
C LEU F 80 -8.72 18.04 -15.42
N LYS F 81 -8.47 17.39 -16.57
CA LYS F 81 -9.31 16.33 -17.07
C LYS F 81 -8.41 15.30 -17.73
N GLU F 82 -8.63 13.98 -17.52
CA GLU F 82 -7.80 12.96 -18.15
C GLU F 82 -8.41 12.35 -19.42
N ILE F 83 -7.53 11.85 -20.32
CA ILE F 83 -7.90 11.15 -21.55
C ILE F 83 -7.20 9.81 -21.53
N HIS F 84 -7.93 8.69 -21.70
CA HIS F 84 -7.33 7.37 -21.69
C HIS F 84 -7.55 6.65 -23.02
N PHE F 85 -6.82 5.53 -23.21
CA PHE F 85 -6.85 4.78 -24.46
C PHE F 85 -7.17 3.34 -24.12
N SER F 86 -7.55 2.57 -25.15
CA SER F 86 -7.83 1.15 -25.05
C SER F 86 -7.09 0.49 -26.18
N THR F 87 -6.83 -0.82 -26.12
CA THR F 87 -6.20 -1.54 -27.22
C THR F 87 -6.98 -2.81 -27.45
N TYR F 88 -6.98 -3.31 -28.69
CA TYR F 88 -7.62 -4.56 -29.03
C TYR F 88 -6.58 -5.36 -29.80
N LYS F 89 -6.67 -6.69 -29.76
CA LYS F 89 -5.72 -7.59 -30.41
C LYS F 89 -6.48 -8.48 -31.36
N LEU F 90 -6.15 -8.44 -32.67
CA LEU F 90 -6.70 -9.37 -33.63
C LEU F 90 -5.69 -10.48 -33.87
N ALA F 91 -6.19 -11.69 -34.13
CA ALA F 91 -5.34 -12.84 -34.39
C ALA F 91 -6.02 -13.68 -35.45
N ALA F 92 -5.29 -14.03 -36.52
CA ALA F 92 -5.84 -14.80 -37.61
C ALA F 92 -5.01 -16.05 -37.78
N LYS F 93 -5.61 -17.07 -38.41
CA LYS F 93 -4.95 -18.35 -38.57
C LYS F 93 -5.30 -18.91 -39.92
N SER F 94 -4.36 -19.62 -40.54
CA SER F 94 -4.61 -20.33 -41.79
C SER F 94 -3.72 -21.56 -41.77
N PHE F 95 -4.16 -22.66 -42.41
CA PHE F 95 -3.47 -23.93 -42.28
C PHE F 95 -3.42 -24.66 -43.59
N ILE F 96 -2.30 -25.35 -43.84
CA ILE F 96 -2.07 -26.16 -45.02
C ILE F 96 -1.78 -27.57 -44.54
N THR F 97 -2.17 -28.58 -45.32
CA THR F 97 -1.92 -29.98 -45.00
C THR F 97 -0.75 -30.39 -45.85
N ASP F 98 0.30 -31.00 -45.28
CA ASP F 98 1.59 -31.28 -45.94
C ASP F 98 1.41 -32.07 -47.25
N GLU F 99 0.44 -32.99 -47.29
CA GLU F 99 0.03 -33.77 -48.44
C GLU F 99 -0.35 -32.94 -49.68
N THR F 100 -1.04 -31.80 -49.50
CA THR F 100 -1.63 -31.08 -50.62
C THR F 100 -0.79 -29.92 -51.12
N GLU F 101 0.49 -29.81 -50.71
CA GLU F 101 1.40 -28.87 -51.35
C GLU F 101 2.29 -29.51 -52.41
N GLU F 102 2.50 -30.85 -52.38
CA GLU F 102 3.34 -31.53 -53.37
C GLU F 102 2.56 -32.32 -54.41
N ASP F 103 1.25 -32.52 -54.22
CA ASP F 103 0.27 -33.00 -55.19
C ASP F 103 0.19 -32.11 -56.44
N ALA F 104 0.18 -30.78 -56.20
CA ALA F 104 -0.13 -29.80 -57.22
C ALA F 104 1.03 -28.83 -57.44
N ILE F 105 0.86 -27.85 -58.34
CA ILE F 105 1.89 -26.86 -58.64
C ILE F 105 2.21 -25.98 -57.42
N PHE F 106 3.50 -25.92 -57.02
CA PHE F 106 3.98 -25.35 -55.77
C PHE F 106 3.97 -23.80 -55.72
N SER F 107 2.82 -23.18 -56.03
CA SER F 107 2.64 -21.73 -56.02
C SER F 107 1.85 -21.27 -54.81
N LEU F 108 1.43 -22.22 -53.96
CA LEU F 108 0.50 -21.99 -52.86
C LEU F 108 1.03 -21.08 -51.75
N LEU F 109 2.26 -21.27 -51.28
CA LEU F 109 2.78 -20.53 -50.13
C LEU F 109 2.91 -19.02 -50.34
N PRO F 110 3.42 -18.43 -51.42
CA PRO F 110 3.35 -16.99 -51.63
C PRO F 110 1.92 -16.51 -51.80
N LEU F 111 1.07 -17.31 -52.48
CA LEU F 111 -0.32 -16.99 -52.72
C LEU F 111 -1.16 -16.87 -51.45
N LEU F 112 -0.99 -17.82 -50.52
CA LEU F 112 -1.59 -17.81 -49.19
C LEU F 112 -1.12 -16.66 -48.33
N ARG F 113 0.21 -16.37 -48.31
CA ARG F 113 0.75 -15.27 -47.53
C ARG F 113 0.26 -13.89 -47.98
N LYS F 114 0.21 -13.61 -49.30
CA LYS F 114 -0.39 -12.35 -49.77
C LYS F 114 -1.89 -12.24 -49.49
N ARG F 115 -2.65 -13.35 -49.57
CA ARG F 115 -4.07 -13.40 -49.23
C ARG F 115 -4.32 -13.07 -47.76
N LEU F 116 -3.50 -13.63 -46.85
CA LEU F 116 -3.53 -13.31 -45.44
C LEU F 116 -3.21 -11.84 -45.13
N ILE F 117 -2.23 -11.25 -45.84
CA ILE F 117 -1.94 -9.82 -45.78
C ILE F 117 -3.10 -8.94 -46.26
N GLU F 118 -3.76 -9.23 -47.41
CA GLU F 118 -4.93 -8.47 -47.81
C GLU F 118 -6.11 -8.66 -46.84
N ALA F 119 -6.33 -9.88 -46.33
CA ALA F 119 -7.32 -10.20 -45.32
C ALA F 119 -7.15 -9.42 -44.01
N HIS F 120 -5.90 -9.30 -43.50
CA HIS F 120 -5.58 -8.41 -42.41
C HIS F 120 -5.79 -6.93 -42.72
N ALA F 121 -5.33 -6.46 -43.89
CA ALA F 121 -5.48 -5.08 -44.32
C ALA F 121 -6.93 -4.62 -44.46
N VAL F 122 -7.79 -5.43 -45.12
CA VAL F 122 -9.19 -5.10 -45.27
C VAL F 122 -9.99 -5.34 -43.98
N SER F 123 -9.48 -6.16 -43.03
CA SER F 123 -10.08 -6.22 -41.69
C SER F 123 -9.87 -4.96 -40.87
N ILE F 124 -8.64 -4.41 -40.86
CA ILE F 124 -8.35 -3.18 -40.13
C ILE F 124 -8.99 -1.93 -40.73
N GLU F 125 -9.05 -1.81 -42.07
CA GLU F 125 -9.66 -0.67 -42.73
C GLU F 125 -11.16 -0.51 -42.45
N GLU F 126 -11.94 -1.59 -42.61
CA GLU F 126 -13.37 -1.62 -42.33
C GLU F 126 -13.72 -1.38 -40.86
N ALA F 127 -12.89 -1.90 -39.93
CA ALA F 127 -13.06 -1.79 -38.50
C ALA F 127 -13.13 -0.36 -38.00
N PHE F 128 -12.35 0.55 -38.60
CA PHE F 128 -12.35 1.95 -38.20
C PHE F 128 -13.44 2.75 -38.91
N MET F 129 -14.14 2.15 -39.90
CA MET F 129 -15.32 2.75 -40.48
C MET F 129 -16.58 2.41 -39.70
N THR F 130 -16.83 1.12 -39.39
CA THR F 130 -18.05 0.69 -38.70
C THR F 130 -17.78 -0.17 -37.47
N GLY F 131 -18.26 0.27 -36.29
CA GLY F 131 -18.02 -0.50 -35.08
C GLY F 131 -18.69 0.10 -33.89
N ASP F 132 -19.51 -0.71 -33.21
CA ASP F 132 -20.16 -0.42 -31.93
C ASP F 132 -19.21 -0.27 -30.73
N GLY F 133 -18.25 -1.21 -30.59
CA GLY F 133 -17.25 -1.25 -29.52
C GLY F 133 -17.19 -2.61 -28.87
N SER F 134 -18.05 -3.55 -29.31
CA SER F 134 -18.15 -4.89 -28.76
C SER F 134 -17.17 -5.81 -29.47
N GLY F 135 -15.96 -5.94 -28.90
CA GLY F 135 -14.86 -6.78 -29.39
C GLY F 135 -14.05 -6.18 -30.51
N LYS F 136 -14.75 -5.50 -31.41
CA LYS F 136 -14.17 -4.70 -32.46
C LYS F 136 -14.14 -3.25 -32.03
N PRO F 137 -13.19 -2.42 -32.40
CA PRO F 137 -13.15 -1.00 -32.03
C PRO F 137 -14.30 -0.16 -32.55
N LYS F 138 -14.41 1.09 -32.07
CA LYS F 138 -15.45 2.01 -32.52
C LYS F 138 -15.10 2.70 -33.82
N GLY F 139 -15.99 2.58 -34.82
CA GLY F 139 -15.79 3.16 -36.14
C GLY F 139 -16.35 4.55 -36.28
N LEU F 140 -15.79 5.33 -37.23
CA LEU F 140 -15.99 6.77 -37.38
C LEU F 140 -17.42 7.23 -37.49
N LEU F 141 -18.27 6.53 -38.26
CA LEU F 141 -19.63 6.97 -38.54
C LEU F 141 -20.57 6.80 -37.36
N THR F 142 -20.15 6.07 -36.31
CA THR F 142 -20.87 5.97 -35.04
C THR F 142 -19.98 6.41 -33.88
N LEU F 143 -19.03 7.32 -34.20
CA LEU F 143 -18.24 8.04 -33.22
C LEU F 143 -18.55 9.53 -33.36
N ALA F 144 -19.70 9.82 -34.00
CA ALA F 144 -20.23 11.12 -34.33
C ALA F 144 -21.75 11.05 -34.23
N SER F 145 -22.23 10.22 -33.31
CA SER F 145 -23.62 9.84 -33.12
C SER F 145 -24.10 10.16 -31.72
N GLU F 146 -23.24 9.89 -30.72
CA GLU F 146 -23.33 10.21 -29.31
C GLU F 146 -23.15 11.68 -28.95
N ASP F 147 -22.19 12.39 -29.58
CA ASP F 147 -22.05 13.84 -29.46
C ASP F 147 -23.27 14.57 -30.02
N SER F 148 -23.73 14.09 -31.19
CA SER F 148 -24.98 14.39 -31.90
C SER F 148 -24.65 15.10 -33.20
N ALA F 149 -23.43 14.88 -33.73
CA ALA F 149 -22.96 15.49 -34.94
C ALA F 149 -23.54 14.86 -36.22
N LYS F 150 -24.86 15.02 -36.40
CA LYS F 150 -25.65 14.52 -37.51
C LYS F 150 -26.38 15.70 -38.13
N VAL F 151 -26.82 15.63 -39.41
CA VAL F 151 -27.44 16.79 -40.06
C VAL F 151 -28.94 16.63 -40.31
N VAL F 152 -29.38 15.47 -40.84
CA VAL F 152 -30.77 14.98 -40.95
C VAL F 152 -31.90 15.98 -41.27
N THR F 153 -32.38 16.10 -42.54
CA THR F 153 -31.95 15.38 -43.74
C THR F 153 -32.07 16.22 -45.00
N GLU F 154 -31.00 16.12 -45.81
CA GLU F 154 -30.74 16.74 -47.08
C GLU F 154 -31.62 16.29 -48.24
N ALA F 155 -31.87 14.97 -48.37
CA ALA F 155 -32.17 14.38 -49.67
C ALA F 155 -33.36 13.41 -49.65
N LYS F 156 -33.08 12.07 -49.53
CA LYS F 156 -33.97 10.94 -49.25
C LYS F 156 -33.52 9.59 -49.83
N ALA F 157 -32.22 9.24 -49.82
CA ALA F 157 -31.74 7.95 -50.35
C ALA F 157 -32.06 7.70 -51.83
N ASP F 158 -31.49 8.55 -52.72
CA ASP F 158 -31.79 8.63 -54.16
C ASP F 158 -33.21 9.04 -54.57
N GLY F 159 -34.23 8.87 -53.70
CA GLY F 159 -35.61 8.67 -54.13
C GLY F 159 -36.41 9.85 -54.63
N SER F 160 -35.84 11.07 -54.67
CA SER F 160 -36.35 12.08 -55.61
C SER F 160 -35.44 13.27 -55.79
N VAL F 161 -34.45 13.43 -54.90
CA VAL F 161 -33.48 14.51 -54.97
C VAL F 161 -32.23 13.87 -54.44
N LEU F 162 -31.07 14.22 -55.03
CA LEU F 162 -29.79 13.61 -54.79
C LEU F 162 -28.92 14.51 -53.91
N VAL F 163 -27.59 14.27 -53.82
CA VAL F 163 -26.67 15.13 -53.09
C VAL F 163 -26.53 16.54 -53.70
N THR F 164 -26.09 17.54 -52.91
CA THR F 164 -25.98 18.93 -53.35
C THR F 164 -24.75 19.50 -52.69
N ALA F 165 -24.08 20.50 -53.29
CA ALA F 165 -22.78 20.97 -52.86
C ALA F 165 -22.83 21.73 -51.52
N LYS F 166 -24.03 22.11 -51.07
CA LYS F 166 -24.24 22.79 -49.82
C LYS F 166 -24.48 21.82 -48.65
N THR F 167 -24.26 20.50 -48.83
CA THR F 167 -24.06 19.60 -47.68
C THR F 167 -22.73 19.87 -46.98
N ILE F 168 -21.64 20.03 -47.76
CA ILE F 168 -20.29 20.26 -47.26
C ILE F 168 -20.17 21.55 -46.44
N SER F 169 -20.83 22.66 -46.87
CA SER F 169 -20.92 23.89 -46.08
C SER F 169 -21.59 23.71 -44.74
N LYS F 170 -22.73 22.98 -44.68
CA LYS F 170 -23.43 22.66 -43.46
C LYS F 170 -22.67 21.71 -42.52
N LEU F 171 -22.01 20.68 -43.08
CA LEU F 171 -21.11 19.82 -42.32
C LEU F 171 -19.93 20.59 -41.74
N ARG F 172 -19.28 21.48 -42.53
CA ARG F 172 -18.22 22.37 -42.05
C ARG F 172 -18.69 23.35 -40.97
N ARG F 173 -19.90 23.91 -41.11
CA ARG F 173 -20.54 24.78 -40.12
C ARG F 173 -20.77 24.13 -38.75
N LYS F 174 -21.20 22.86 -38.73
CA LYS F 174 -21.50 22.19 -37.47
C LYS F 174 -20.34 21.37 -36.91
N LEU F 175 -19.23 21.23 -37.65
CA LEU F 175 -18.12 20.33 -37.36
C LEU F 175 -17.44 20.46 -36.01
N GLY F 176 -16.83 21.62 -35.73
CA GLY F 176 -16.13 21.80 -34.48
C GLY F 176 -15.82 23.21 -34.18
N ARG F 177 -16.72 24.16 -34.57
CA ARG F 177 -16.60 25.59 -34.28
C ARG F 177 -15.33 26.29 -34.78
N HIS F 178 -14.24 26.17 -34.00
CA HIS F 178 -12.92 26.77 -34.19
C HIS F 178 -12.03 25.85 -35.04
N GLY F 179 -12.61 24.80 -35.63
CA GLY F 179 -11.95 23.66 -36.27
C GLY F 179 -11.25 23.89 -37.60
N LEU F 180 -11.25 25.11 -38.15
CA LEU F 180 -10.73 25.44 -39.48
C LEU F 180 -9.20 25.62 -39.54
N LYS F 181 -8.74 26.80 -40.03
CA LYS F 181 -7.36 27.18 -40.35
C LYS F 181 -6.93 26.78 -41.77
N LEU F 182 -7.69 27.32 -42.76
CA LEU F 182 -7.66 27.02 -44.19
C LEU F 182 -8.32 25.69 -44.54
N SER F 183 -7.58 24.78 -45.23
CA SER F 183 -7.97 23.41 -45.50
C SER F 183 -7.58 22.56 -44.29
N LYS F 184 -6.67 21.57 -44.44
CA LYS F 184 -6.18 20.67 -43.39
C LYS F 184 -7.29 19.94 -42.63
N LEU F 185 -8.21 19.40 -43.44
CA LEU F 185 -9.42 18.74 -43.01
C LEU F 185 -9.65 17.71 -44.10
N VAL F 186 -10.08 16.48 -43.75
CA VAL F 186 -10.15 15.39 -44.70
C VAL F 186 -11.60 15.00 -44.89
N LEU F 187 -12.03 14.91 -46.16
CA LEU F 187 -13.39 14.61 -46.54
C LEU F 187 -13.44 13.26 -47.23
N ILE F 188 -14.02 12.25 -46.55
CA ILE F 188 -14.24 10.94 -47.12
C ILE F 188 -15.65 10.91 -47.66
N VAL F 189 -15.80 10.47 -48.91
CA VAL F 189 -17.04 10.50 -49.67
C VAL F 189 -17.35 9.09 -50.09
N SER F 190 -18.60 8.62 -49.90
CA SER F 190 -19.03 7.34 -50.46
C SER F 190 -18.94 7.27 -51.98
N MET F 191 -18.68 6.06 -52.51
CA MET F 191 -18.70 5.75 -53.92
C MET F 191 -20.02 6.14 -54.59
N ASP F 192 -21.18 5.89 -53.92
CA ASP F 192 -22.49 6.31 -54.37
C ASP F 192 -22.55 7.84 -54.54
N ALA F 193 -22.23 8.59 -53.46
CA ALA F 193 -22.30 10.03 -53.31
C ALA F 193 -21.40 10.81 -54.27
N TYR F 194 -20.25 10.23 -54.63
CA TYR F 194 -19.38 10.72 -55.68
C TYR F 194 -20.03 10.72 -57.06
N TYR F 195 -20.94 9.76 -57.37
CA TYR F 195 -21.59 9.70 -58.66
C TYR F 195 -22.68 10.74 -58.90
N ASP F 196 -23.53 11.09 -57.91
CA ASP F 196 -24.63 12.03 -58.11
C ASP F 196 -24.19 13.48 -57.99
N LEU F 197 -22.98 13.71 -57.45
CA LEU F 197 -22.38 15.05 -57.42
C LEU F 197 -21.62 15.31 -58.72
N LEU F 198 -21.68 14.38 -59.69
CA LEU F 198 -20.95 14.46 -60.94
C LEU F 198 -21.85 14.73 -62.14
N GLU F 199 -23.17 14.90 -61.92
CA GLU F 199 -24.11 15.33 -62.95
C GLU F 199 -24.61 16.74 -62.69
N ASP F 200 -23.78 17.51 -62.00
CA ASP F 200 -24.00 18.87 -61.57
C ASP F 200 -23.90 19.91 -62.72
N GLU F 201 -24.53 21.10 -62.67
CA GLU F 201 -25.62 21.61 -61.85
C GLU F 201 -25.28 22.20 -60.47
N GLU F 202 -23.96 22.35 -60.18
CA GLU F 202 -23.41 23.00 -58.99
C GLU F 202 -22.18 23.79 -59.41
N TRP F 203 -21.43 24.39 -58.44
CA TRP F 203 -20.36 25.33 -58.73
C TRP F 203 -18.99 24.72 -59.05
N GLN F 204 -18.80 23.42 -58.81
CA GLN F 204 -17.49 22.78 -58.83
C GLN F 204 -17.35 21.81 -59.98
N ASP F 205 -18.16 22.10 -61.01
CA ASP F 205 -18.40 21.44 -62.26
C ASP F 205 -17.21 21.02 -63.15
N VAL F 206 -17.51 20.30 -64.25
CA VAL F 206 -16.55 19.90 -65.28
C VAL F 206 -16.83 20.65 -66.60
N ALA F 207 -17.55 21.79 -66.56
CA ALA F 207 -17.87 22.60 -67.73
C ALA F 207 -17.15 23.96 -67.72
N GLN F 208 -17.65 24.91 -66.92
CA GLN F 208 -17.11 26.27 -66.75
C GLN F 208 -17.84 27.09 -65.67
N VAL F 209 -18.82 26.54 -64.92
CA VAL F 209 -19.70 27.33 -64.07
C VAL F 209 -18.96 28.00 -62.92
N GLY F 210 -18.08 27.25 -62.22
CA GLY F 210 -17.23 27.88 -61.22
C GLY F 210 -16.01 27.08 -60.85
N ASN F 211 -15.46 26.32 -61.80
CA ASN F 211 -14.32 25.44 -61.58
C ASN F 211 -12.94 26.10 -61.74
N ASP F 212 -11.84 25.32 -61.59
CA ASP F 212 -10.48 25.74 -61.86
C ASP F 212 -9.99 25.35 -63.25
N SER F 213 -10.92 25.03 -64.18
CA SER F 213 -10.73 24.67 -65.60
C SER F 213 -10.54 23.19 -65.87
N VAL F 214 -10.93 22.35 -64.90
CA VAL F 214 -10.94 20.90 -65.01
C VAL F 214 -11.72 20.36 -66.22
N LYS F 215 -11.12 19.42 -66.98
CA LYS F 215 -11.71 18.97 -68.23
C LYS F 215 -11.57 17.48 -68.62
N LEU F 216 -10.58 16.65 -68.26
CA LEU F 216 -9.20 16.82 -67.77
C LEU F 216 -9.01 17.25 -66.32
N GLN F 217 -9.24 16.40 -65.30
CA GLN F 217 -9.74 15.04 -65.33
C GLN F 217 -11.24 15.00 -65.05
N GLY F 218 -11.78 13.85 -64.62
CA GLY F 218 -13.23 13.70 -64.43
C GLY F 218 -13.71 14.10 -63.05
N GLN F 219 -13.48 15.38 -62.68
CA GLN F 219 -13.74 16.02 -61.38
C GLN F 219 -12.45 16.10 -60.57
N VAL F 220 -12.26 17.16 -59.75
CA VAL F 220 -11.01 17.39 -59.02
C VAL F 220 -11.25 17.73 -57.56
N GLY F 221 -10.23 17.44 -56.71
CA GLY F 221 -10.23 17.78 -55.29
C GLY F 221 -10.07 19.26 -55.03
N ARG F 222 -11.21 19.96 -54.98
CA ARG F 222 -11.30 21.39 -54.77
C ARG F 222 -12.53 21.73 -53.97
N ILE F 223 -13.20 20.72 -53.38
CA ILE F 223 -14.53 20.87 -52.82
C ILE F 223 -14.48 21.58 -51.47
N TYR F 224 -14.57 22.93 -51.54
CA TYR F 224 -14.38 23.89 -50.46
C TYR F 224 -12.94 23.89 -49.97
N GLY F 225 -11.99 23.60 -50.88
CA GLY F 225 -10.57 23.50 -50.57
C GLY F 225 -10.15 22.19 -49.94
N LEU F 226 -11.06 21.20 -49.85
CA LEU F 226 -10.77 19.90 -49.26
C LEU F 226 -10.38 18.89 -50.36
N PRO F 227 -9.48 17.94 -50.10
CA PRO F 227 -9.28 16.80 -50.98
C PRO F 227 -10.43 15.81 -50.87
N VAL F 228 -10.79 15.15 -51.98
CA VAL F 228 -11.80 14.11 -52.00
C VAL F 228 -11.15 12.75 -51.80
N VAL F 229 -11.59 12.00 -50.78
CA VAL F 229 -11.16 10.63 -50.57
C VAL F 229 -12.36 9.73 -50.80
N VAL F 230 -12.31 8.86 -51.82
CA VAL F 230 -13.32 7.84 -52.05
C VAL F 230 -13.33 6.76 -50.97
N SER F 231 -14.50 6.19 -50.64
CA SER F 231 -14.53 4.88 -49.99
C SER F 231 -15.80 4.15 -50.40
N GLU F 232 -15.65 2.86 -50.73
CA GLU F 232 -16.73 1.99 -51.13
C GLU F 232 -17.34 1.21 -49.99
N TYR F 233 -16.74 1.25 -48.78
CA TYR F 233 -17.27 0.49 -47.66
C TYR F 233 -18.32 1.31 -46.89
N PHE F 234 -19.58 1.21 -47.36
CA PHE F 234 -20.72 1.84 -46.74
C PHE F 234 -21.91 0.90 -46.92
N PRO F 235 -22.85 0.78 -45.98
CA PRO F 235 -23.78 -0.36 -45.98
C PRO F 235 -25.07 -0.01 -46.73
N ALA F 236 -26.25 -0.30 -46.14
CA ALA F 236 -27.54 0.04 -46.70
C ALA F 236 -27.73 1.54 -46.93
N LYS F 237 -28.34 1.94 -48.05
CA LYS F 237 -28.63 3.33 -48.31
C LYS F 237 -30.03 3.64 -47.82
N ALA F 238 -30.15 4.13 -46.58
CA ALA F 238 -31.43 4.50 -45.99
C ALA F 238 -31.25 5.58 -44.93
N ASN F 239 -30.65 5.26 -43.77
CA ASN F 239 -30.48 6.19 -42.66
C ASN F 239 -29.00 6.36 -42.31
N SER F 240 -28.14 5.91 -43.22
CA SER F 240 -26.69 5.77 -43.03
C SER F 240 -25.90 7.05 -43.26
N ALA F 241 -24.61 7.02 -42.88
CA ALA F 241 -23.70 8.08 -43.25
C ALA F 241 -23.03 7.81 -44.58
N GLU F 242 -22.89 8.86 -45.42
CA GLU F 242 -22.27 8.80 -46.73
C GLU F 242 -21.02 9.67 -46.81
N PHE F 243 -20.85 10.57 -45.82
CA PHE F 243 -19.69 11.44 -45.72
C PHE F 243 -19.02 11.20 -44.37
N ALA F 244 -17.71 11.48 -44.30
CA ALA F 244 -17.03 11.66 -43.04
C ALA F 244 -16.11 12.85 -43.15
N VAL F 245 -16.24 13.83 -42.24
CA VAL F 245 -15.34 14.98 -42.15
C VAL F 245 -14.53 14.81 -40.89
N ILE F 246 -13.21 14.66 -41.05
CA ILE F 246 -12.30 14.30 -39.98
C ILE F 246 -11.05 15.16 -40.08
N VAL F 247 -10.23 15.19 -39.01
CA VAL F 247 -9.13 16.12 -38.88
C VAL F 247 -7.89 15.36 -38.43
N TYR F 248 -6.69 15.96 -38.57
CA TYR F 248 -5.42 15.27 -38.38
C TYR F 248 -4.34 16.26 -37.92
N LYS F 249 -4.71 17.30 -37.16
CA LYS F 249 -3.76 18.33 -36.75
C LYS F 249 -3.39 18.26 -35.27
N ASP F 250 -3.94 17.27 -34.56
CA ASP F 250 -3.85 17.16 -33.12
C ASP F 250 -4.47 15.85 -32.68
N ASN F 251 -5.77 15.73 -32.99
CA ASN F 251 -6.67 14.68 -32.66
C ASN F 251 -6.78 13.64 -33.79
N PHE F 252 -7.21 12.41 -33.43
CA PHE F 252 -7.43 11.21 -34.25
C PHE F 252 -6.24 10.26 -34.37
N VAL F 253 -5.27 10.32 -33.43
CA VAL F 253 -4.13 9.40 -33.35
C VAL F 253 -4.46 7.90 -33.25
N MET F 254 -3.59 7.03 -33.82
CA MET F 254 -3.75 5.57 -33.79
C MET F 254 -2.67 4.87 -32.98
N PRO F 255 -2.61 4.89 -31.65
CA PRO F 255 -1.55 4.27 -30.83
C PRO F 255 -1.29 2.80 -31.12
N ARG F 256 -0.01 2.44 -31.32
CA ARG F 256 0.38 1.13 -31.78
C ARG F 256 1.32 0.48 -30.79
N GLN F 257 0.89 -0.60 -30.11
CA GLN F 257 1.76 -1.36 -29.22
C GLN F 257 2.82 -2.16 -29.94
N ARG F 258 2.46 -2.84 -31.05
CA ARG F 258 3.43 -3.64 -31.77
C ARG F 258 3.07 -3.76 -33.24
N ALA F 259 4.03 -4.21 -34.06
CA ALA F 259 3.82 -4.53 -35.45
C ALA F 259 3.06 -5.84 -35.62
N VAL F 260 2.64 -6.15 -36.85
CA VAL F 260 2.17 -7.49 -37.18
C VAL F 260 3.29 -8.53 -37.08
N THR F 261 2.99 -9.73 -36.56
CA THR F 261 3.96 -10.80 -36.39
C THR F 261 3.40 -12.08 -36.99
N VAL F 262 4.27 -13.08 -37.25
CA VAL F 262 3.85 -14.36 -37.76
C VAL F 262 4.61 -15.45 -37.03
N GLU F 263 3.90 -16.45 -36.50
CA GLU F 263 4.49 -17.63 -35.87
C GLU F 263 3.94 -18.85 -36.60
N ARG F 264 4.64 -20.01 -36.53
CA ARG F 264 4.18 -21.21 -37.22
C ARG F 264 4.42 -22.45 -36.39
N GLU F 265 3.56 -23.45 -36.59
CA GLU F 265 3.46 -24.59 -35.71
C GLU F 265 3.13 -25.82 -36.54
N ARG F 266 3.88 -26.93 -36.34
CA ARG F 266 3.64 -28.13 -37.12
C ARG F 266 4.10 -29.39 -36.40
N GLN F 267 4.69 -29.25 -35.21
CA GLN F 267 5.23 -30.35 -34.45
C GLN F 267 4.90 -30.03 -33.01
N ALA F 268 4.31 -30.93 -32.19
CA ALA F 268 3.81 -32.26 -32.47
C ALA F 268 2.40 -32.29 -33.09
N GLY F 269 2.20 -31.65 -34.26
CA GLY F 269 0.97 -31.76 -35.03
C GLY F 269 0.83 -33.06 -35.78
N LYS F 270 -0.19 -33.12 -36.65
CA LYS F 270 -0.37 -34.24 -37.56
C LYS F 270 -0.39 -33.68 -38.97
N GLN F 271 0.68 -33.94 -39.76
CA GLN F 271 0.92 -33.50 -41.14
C GLN F 271 0.26 -32.21 -41.60
N ARG F 272 0.76 -31.06 -41.11
CA ARG F 272 0.04 -29.81 -41.17
C ARG F 272 0.89 -28.67 -40.68
N ASP F 273 1.29 -27.73 -41.56
CA ASP F 273 1.88 -26.46 -41.17
C ASP F 273 0.76 -25.45 -40.87
N ALA F 274 0.80 -24.82 -39.69
CA ALA F 274 -0.17 -23.83 -39.29
C ALA F 274 0.51 -22.48 -39.18
N TYR F 275 -0.11 -21.44 -39.76
CA TYR F 275 0.37 -20.09 -39.72
C TYR F 275 -0.56 -19.25 -38.90
N TYR F 276 -0.02 -18.59 -37.86
CA TYR F 276 -0.76 -17.70 -36.99
C TYR F 276 -0.16 -16.31 -37.13
N VAL F 277 -1.01 -15.28 -37.24
CA VAL F 277 -0.58 -13.90 -37.28
C VAL F 277 -1.29 -13.12 -36.19
N THR F 278 -0.64 -12.10 -35.60
CA THR F 278 -1.31 -11.24 -34.60
C THR F 278 -0.97 -9.80 -34.83
N GLN F 279 -1.88 -8.90 -34.41
CA GLN F 279 -1.63 -7.48 -34.47
C GLN F 279 -2.37 -6.77 -33.33
N ARG F 280 -1.73 -5.80 -32.65
CA ARG F 280 -2.38 -4.99 -31.62
C ARG F 280 -2.25 -3.52 -32.01
N VAL F 281 -3.38 -2.90 -32.42
CA VAL F 281 -3.47 -1.55 -32.96
C VAL F 281 -4.84 -1.08 -32.54
N ASN F 282 -5.05 0.23 -32.31
CA ASN F 282 -6.38 0.75 -32.09
C ASN F 282 -6.43 2.19 -32.57
N LEU F 283 -7.61 2.66 -32.98
CA LEU F 283 -7.85 4.06 -33.30
C LEU F 283 -8.63 4.63 -32.13
N GLN F 284 -8.10 5.67 -31.45
CA GLN F 284 -8.82 6.27 -30.36
C GLN F 284 -8.50 7.75 -30.33
N ARG F 285 -9.53 8.60 -30.49
CA ARG F 285 -9.36 10.03 -30.49
C ARG F 285 -9.30 10.58 -29.07
N TYR F 286 -8.81 11.82 -28.88
CA TYR F 286 -8.70 12.43 -27.56
C TYR F 286 -10.07 12.86 -27.05
N PHE F 287 -10.48 14.08 -27.39
CA PHE F 287 -11.71 14.69 -26.96
C PHE F 287 -12.76 14.65 -28.07
N ALA F 288 -14.04 14.78 -27.68
CA ALA F 288 -15.15 14.84 -28.60
C ALA F 288 -15.36 16.26 -29.11
N ASN F 289 -14.68 16.59 -30.22
CA ASN F 289 -14.80 17.85 -30.92
C ASN F 289 -14.35 17.49 -32.34
N GLY F 290 -14.66 18.34 -33.32
CA GLY F 290 -14.26 18.19 -34.73
C GLY F 290 -14.56 16.88 -35.43
N VAL F 291 -15.83 16.48 -35.50
CA VAL F 291 -16.25 15.33 -36.30
C VAL F 291 -17.69 15.54 -36.72
N VAL F 292 -18.13 14.94 -37.84
CA VAL F 292 -19.55 14.84 -38.18
C VAL F 292 -19.81 13.49 -38.80
N SER F 293 -21.08 13.06 -38.81
CA SER F 293 -21.57 11.97 -39.65
C SER F 293 -22.14 12.50 -40.95
N GLY F 294 -23.48 12.54 -41.11
CA GLY F 294 -24.16 12.88 -42.36
C GLY F 294 -24.48 11.66 -43.18
N THR F 295 -25.64 10.99 -43.01
CA THR F 295 -26.85 11.28 -42.23
C THR F 295 -27.58 12.58 -42.55
N TYR F 296 -28.07 12.84 -43.79
CA TYR F 296 -28.47 11.96 -44.88
C TYR F 296 -29.38 10.80 -44.49
N ALA F 297 -30.71 11.02 -44.44
CA ALA F 297 -31.63 9.96 -44.08
C ALA F 297 -32.93 9.98 -44.86
N ALA F 298 -33.56 8.80 -45.00
CA ALA F 298 -34.90 8.64 -45.47
C ALA F 298 -35.81 8.22 -44.32
N SER F 299 -36.98 7.69 -44.66
CA SER F 299 -37.99 7.15 -43.79
C SER F 299 -38.83 6.24 -44.70
N ALA G 1 6.69 -54.57 -13.32
CA ALA G 1 7.92 -53.74 -13.43
C ALA G 1 7.68 -52.35 -13.99
N VAL G 2 8.22 -52.05 -15.20
CA VAL G 2 7.45 -51.35 -16.22
C VAL G 2 6.27 -52.24 -16.63
N ASN G 3 5.09 -51.64 -16.90
CA ASN G 3 3.84 -52.34 -17.14
C ASN G 3 2.73 -51.31 -17.19
N GLN G 4 3.01 -50.13 -17.78
CA GLN G 4 2.10 -49.00 -17.78
C GLN G 4 2.30 -48.27 -19.09
N SER G 5 1.27 -47.78 -19.82
CA SER G 5 -0.16 -48.07 -19.67
C SER G 5 -0.57 -49.11 -20.70
N SER G 6 -0.98 -48.68 -21.90
CA SER G 6 -1.44 -49.55 -22.98
C SER G 6 -0.33 -49.77 -24.01
N SER G 7 -0.56 -49.47 -25.30
CA SER G 7 0.48 -49.53 -26.31
C SER G 7 1.32 -48.27 -26.27
N VAL G 8 2.42 -48.29 -25.51
CA VAL G 8 3.35 -47.18 -25.40
C VAL G 8 4.56 -47.42 -26.29
N GLU G 9 5.26 -48.55 -26.06
CA GLU G 9 6.46 -48.92 -26.77
C GLU G 9 6.55 -50.45 -26.78
N VAL G 10 7.41 -51.05 -25.94
CA VAL G 10 7.60 -52.49 -25.82
C VAL G 10 7.30 -52.94 -24.39
N SER G 11 6.58 -54.06 -24.19
CA SER G 11 6.46 -54.70 -22.89
C SER G 11 7.75 -55.36 -22.42
N SER G 12 7.97 -55.42 -21.10
CA SER G 12 9.18 -56.01 -20.52
C SER G 12 8.70 -56.85 -19.36
N GLU G 13 7.59 -57.57 -19.58
CA GLU G 13 6.90 -58.44 -18.66
C GLU G 13 6.91 -58.01 -17.19
N SER G 14 7.59 -58.73 -16.27
CA SER G 14 7.85 -58.16 -14.96
C SER G 14 9.00 -58.88 -14.27
N TYR G 15 9.85 -58.15 -13.50
CA TYR G 15 10.83 -58.68 -12.54
C TYR G 15 12.21 -58.84 -13.18
N GLU G 16 12.59 -57.82 -13.97
CA GLU G 16 13.84 -57.62 -14.66
C GLU G 16 14.58 -56.38 -14.14
N THR G 17 13.95 -55.57 -13.25
CA THR G 17 14.56 -54.42 -12.59
C THR G 17 15.71 -54.74 -11.66
N ILE G 18 16.58 -53.75 -11.35
CA ILE G 18 17.70 -53.94 -10.44
C ILE G 18 17.33 -54.40 -9.01
N PHE G 19 18.18 -55.27 -8.43
CA PHE G 19 17.94 -55.90 -7.15
C PHE G 19 19.05 -55.54 -6.17
N SER G 20 18.78 -55.67 -4.86
CA SER G 20 19.74 -55.34 -3.82
C SER G 20 20.51 -56.56 -3.34
N GLN G 21 21.81 -56.41 -3.01
CA GLN G 21 22.57 -57.46 -2.36
C GLN G 21 22.77 -57.21 -0.87
N ARG G 22 22.41 -56.02 -0.35
CA ARG G 22 22.59 -55.72 1.06
C ARG G 22 21.41 -56.19 1.91
N ILE G 23 21.70 -56.95 2.98
CA ILE G 23 20.71 -57.36 3.97
C ILE G 23 20.59 -56.34 5.10
N ILE G 24 19.40 -56.22 5.73
CA ILE G 24 19.20 -55.41 6.94
C ILE G 24 18.21 -56.11 7.87
N ARG G 25 18.04 -55.52 9.06
CA ARG G 25 17.34 -56.03 10.22
C ARG G 25 16.64 -54.83 10.83
N ASP G 26 15.56 -55.01 11.61
CA ASP G 26 15.04 -53.96 12.46
C ASP G 26 15.32 -54.24 13.93
N LEU G 27 14.31 -54.69 14.72
CA LEU G 27 14.45 -54.94 16.13
C LEU G 27 15.41 -56.05 16.55
N GLN G 28 16.04 -55.86 17.73
CA GLN G 28 16.92 -56.83 18.34
C GLN G 28 16.56 -56.89 19.81
N LYS G 29 17.19 -57.82 20.55
CA LYS G 29 17.15 -57.88 22.00
C LYS G 29 18.58 -57.69 22.50
N GLU G 30 18.85 -56.66 23.34
CA GLU G 30 20.04 -56.62 24.15
C GLU G 30 20.13 -57.76 25.17
N LEU G 31 21.33 -58.37 25.33
CA LEU G 31 21.59 -59.42 26.29
C LEU G 31 21.74 -58.84 27.69
N VAL G 32 21.09 -59.44 28.72
CA VAL G 32 21.06 -58.85 30.06
C VAL G 32 21.35 -59.84 31.17
N VAL G 33 21.25 -61.15 30.94
CA VAL G 33 21.68 -62.14 31.93
C VAL G 33 22.72 -63.08 31.35
N GLY G 34 22.82 -63.18 30.00
CA GLY G 34 23.70 -64.14 29.33
C GLY G 34 25.19 -63.83 29.37
N ALA G 35 25.58 -62.70 29.98
CA ALA G 35 26.96 -62.34 30.19
C ALA G 35 27.16 -61.67 31.55
N LEU G 36 26.19 -61.81 32.48
CA LEU G 36 26.22 -61.09 33.75
C LEU G 36 26.97 -61.80 34.88
N PHE G 37 26.75 -63.13 35.04
CA PHE G 37 27.30 -63.90 36.15
C PHE G 37 28.72 -64.37 35.86
N GLU G 38 29.45 -64.87 36.88
CA GLU G 38 30.84 -65.20 36.74
C GLU G 38 31.13 -66.58 36.13
N GLU G 39 32.39 -66.76 35.68
CA GLU G 39 32.87 -67.99 35.09
C GLU G 39 33.34 -68.97 36.16
N LEU G 40 32.76 -70.18 36.22
CA LEU G 40 33.29 -71.24 37.06
C LEU G 40 33.65 -72.43 36.17
N PRO G 41 34.93 -72.65 35.85
CA PRO G 41 35.32 -73.76 34.98
C PRO G 41 35.34 -75.08 35.75
N MET G 42 34.92 -76.19 35.13
CA MET G 42 34.88 -77.49 35.78
C MET G 42 35.43 -78.57 34.87
N SER G 43 35.83 -79.72 35.45
CA SER G 43 36.40 -80.84 34.68
C SER G 43 35.51 -82.07 34.77
N SER G 44 35.00 -82.42 35.97
CA SER G 44 34.14 -83.59 36.15
C SER G 44 32.66 -83.28 35.96
N LYS G 45 31.80 -84.33 35.81
CA LYS G 45 30.40 -84.19 35.43
C LYS G 45 29.50 -83.40 36.37
N ILE G 46 29.48 -83.80 37.66
CA ILE G 46 28.80 -83.08 38.72
C ILE G 46 29.88 -82.54 39.64
N LEU G 47 29.55 -81.48 40.39
CA LEU G 47 30.44 -80.89 41.36
C LEU G 47 29.76 -80.91 42.69
N THR G 48 30.47 -81.37 43.74
CA THR G 48 29.99 -81.40 45.10
C THR G 48 30.81 -80.47 45.96
N MET G 49 30.14 -79.85 46.95
CA MET G 49 30.80 -79.00 47.92
C MET G 49 30.00 -79.01 49.20
N LEU G 50 30.66 -78.72 50.33
CA LEU G 50 30.08 -78.88 51.64
C LEU G 50 29.81 -77.54 52.31
N VAL G 51 28.67 -77.44 53.00
CA VAL G 51 28.28 -76.22 53.68
C VAL G 51 27.79 -76.53 55.08
N GLU G 52 28.45 -75.98 56.12
CA GLU G 52 28.02 -76.06 57.51
C GLU G 52 26.64 -75.42 57.74
N PRO G 53 25.85 -75.82 58.72
CA PRO G 53 24.64 -75.11 59.07
C PRO G 53 24.90 -74.11 60.18
N ASP G 54 23.89 -73.29 60.43
CA ASP G 54 23.70 -72.35 61.51
C ASP G 54 24.08 -72.79 62.92
N ALA G 55 24.23 -71.80 63.81
CA ALA G 55 24.43 -72.06 65.21
C ALA G 55 23.75 -70.97 66.03
N GLY G 56 23.04 -71.26 67.12
CA GLY G 56 22.76 -72.60 67.66
C GLY G 56 21.84 -72.52 68.83
N LYS G 57 21.73 -71.33 69.45
CA LYS G 57 20.78 -71.04 70.52
C LYS G 57 21.01 -71.86 71.78
N ALA G 58 22.30 -72.07 72.15
CA ALA G 58 22.71 -72.82 73.32
C ALA G 58 22.20 -72.24 74.64
N THR G 59 21.86 -73.14 75.58
CA THR G 59 21.23 -72.81 76.86
C THR G 59 22.26 -72.56 77.96
N TRP G 60 21.77 -72.17 79.15
CA TRP G 60 22.57 -71.74 80.27
C TRP G 60 22.06 -72.36 81.56
N VAL G 61 22.88 -72.33 82.63
CA VAL G 61 22.50 -72.83 83.94
C VAL G 61 21.41 -71.97 84.61
N ALA G 62 20.52 -72.57 85.42
CA ALA G 62 19.42 -71.86 86.06
C ALA G 62 19.84 -71.13 87.35
N ALA G 63 21.16 -70.91 87.53
CA ALA G 63 21.81 -70.08 88.51
C ALA G 63 21.83 -70.55 89.96
N SER G 64 20.91 -71.45 90.35
CA SER G 64 20.81 -72.09 91.66
C SER G 64 21.87 -73.12 91.98
N THR G 65 22.27 -73.95 90.99
CA THR G 65 23.15 -75.09 91.20
C THR G 65 24.43 -74.94 90.41
N TYR G 66 25.61 -74.98 91.06
CA TYR G 66 26.90 -74.95 90.36
C TYR G 66 27.66 -76.26 90.46
N GLY G 67 27.03 -77.31 91.02
CA GLY G 67 27.52 -78.69 90.88
C GLY G 67 27.53 -79.21 89.45
N THR G 68 28.18 -80.36 89.22
CA THR G 68 28.28 -81.00 87.92
C THR G 68 26.93 -81.48 87.33
N ASP G 69 26.67 -81.35 86.01
CA ASP G 69 27.37 -80.58 84.99
C ASP G 69 26.78 -79.17 84.97
N THR G 70 27.61 -78.14 84.67
CA THR G 70 27.14 -76.75 84.68
C THR G 70 26.96 -76.18 83.29
N THR G 71 27.20 -77.00 82.25
CA THR G 71 27.19 -76.58 80.85
C THR G 71 25.82 -76.79 80.20
N THR G 72 25.80 -76.93 78.85
CA THR G 72 24.61 -77.31 78.10
C THR G 72 24.61 -78.82 77.86
N GLY G 73 25.65 -79.55 78.34
CA GLY G 73 25.76 -80.99 78.21
C GLY G 73 26.45 -81.44 76.95
N GLU G 74 25.98 -80.89 75.81
CA GLU G 74 26.37 -81.07 74.42
C GLU G 74 25.30 -80.23 73.72
N GLU G 75 25.59 -79.53 72.61
CA GLU G 75 24.58 -78.71 71.91
C GLU G 75 23.95 -79.47 70.76
N VAL G 76 23.18 -78.78 69.90
CA VAL G 76 22.77 -79.35 68.62
C VAL G 76 23.99 -79.48 67.71
N LYS G 77 24.52 -80.70 67.57
CA LYS G 77 25.72 -81.02 66.82
C LYS G 77 25.55 -80.80 65.31
N GLY G 78 25.72 -79.55 64.86
CA GLY G 78 25.46 -79.09 63.50
C GLY G 78 26.40 -79.62 62.45
N ALA G 79 26.10 -80.84 61.97
CA ALA G 79 26.77 -81.48 60.86
C ALA G 79 26.66 -80.75 59.53
N LEU G 80 27.78 -80.64 58.79
CA LEU G 80 27.79 -80.12 57.43
C LEU G 80 26.96 -80.95 56.44
N LYS G 81 26.37 -80.26 55.45
CA LYS G 81 25.54 -80.87 54.44
C LYS G 81 26.21 -80.59 53.10
N GLU G 82 26.26 -81.58 52.20
CA GLU G 82 26.75 -81.34 50.86
C GLU G 82 25.64 -80.90 49.94
N ILE G 83 26.01 -80.27 48.80
CA ILE G 83 25.08 -79.87 47.76
C ILE G 83 25.75 -80.20 46.43
N HIS G 84 25.01 -80.83 45.48
CA HIS G 84 25.56 -81.26 44.21
C HIS G 84 25.03 -80.45 43.03
N PHE G 85 25.93 -80.03 42.12
CA PHE G 85 25.58 -79.22 40.96
C PHE G 85 25.87 -80.00 39.69
N SER G 86 25.05 -79.84 38.63
CA SER G 86 25.09 -80.69 37.44
C SER G 86 25.01 -79.84 36.18
N THR G 87 25.27 -80.44 35.00
CA THR G 87 25.34 -79.71 33.72
C THR G 87 24.51 -80.36 32.61
N TYR G 88 23.54 -79.63 32.03
CA TYR G 88 22.77 -80.08 30.87
C TYR G 88 23.47 -79.80 29.53
N LYS G 89 23.02 -80.46 28.43
CA LYS G 89 23.59 -80.27 27.10
C LYS G 89 22.57 -79.61 26.17
N LEU G 90 23.00 -78.59 25.41
CA LEU G 90 22.19 -78.03 24.33
C LEU G 90 23.00 -78.20 23.05
N ALA G 91 22.33 -78.57 21.96
CA ALA G 91 22.98 -78.91 20.73
C ALA G 91 22.01 -78.64 19.60
N ALA G 92 22.54 -78.39 18.39
CA ALA G 92 21.72 -78.17 17.23
C ALA G 92 22.47 -78.66 16.00
N LYS G 93 21.73 -79.08 14.96
CA LYS G 93 22.33 -79.53 13.71
C LYS G 93 21.74 -78.72 12.58
N SER G 94 22.56 -77.87 11.96
CA SER G 94 22.14 -77.18 10.74
C SER G 94 22.59 -78.00 9.55
N PHE G 95 21.81 -77.96 8.47
CA PHE G 95 22.14 -78.66 7.25
C PHE G 95 21.68 -77.79 6.10
N ILE G 96 22.49 -77.73 5.05
CA ILE G 96 22.08 -77.14 3.79
C ILE G 96 22.21 -78.24 2.77
N THR G 97 22.31 -77.90 1.49
CA THR G 97 22.44 -78.85 0.41
C THR G 97 23.16 -78.06 -0.64
N ASP G 98 24.02 -78.72 -1.45
CA ASP G 98 24.75 -78.12 -2.54
C ASP G 98 23.80 -77.56 -3.62
N GLU G 99 22.65 -78.23 -3.82
CA GLU G 99 21.70 -77.98 -4.88
C GLU G 99 21.07 -76.57 -4.91
N THR G 100 20.90 -75.88 -3.75
CA THR G 100 20.12 -74.63 -3.68
C THR G 100 20.91 -73.36 -3.37
N GLU G 101 22.26 -73.34 -3.47
CA GLU G 101 23.00 -72.12 -3.14
C GLU G 101 23.94 -71.64 -4.25
N GLU G 102 24.46 -72.57 -5.11
CA GLU G 102 24.97 -72.33 -6.46
C GLU G 102 23.95 -71.64 -7.38
N ASP G 103 22.68 -72.06 -7.30
CA ASP G 103 21.54 -71.55 -8.03
C ASP G 103 21.14 -70.12 -7.59
N ALA G 104 21.59 -69.70 -6.39
CA ALA G 104 21.25 -68.42 -5.81
C ALA G 104 22.27 -67.31 -6.16
N ILE G 105 22.56 -66.43 -5.18
CA ILE G 105 23.47 -65.32 -5.36
C ILE G 105 24.68 -65.44 -4.44
N PHE G 106 24.99 -66.67 -3.97
CA PHE G 106 26.21 -67.02 -3.23
C PHE G 106 26.42 -66.31 -1.89
N SER G 107 25.37 -65.73 -1.29
CA SER G 107 25.52 -64.79 -0.18
C SER G 107 25.18 -65.36 1.18
N LEU G 108 24.84 -66.67 1.26
CA LEU G 108 24.15 -67.19 2.44
C LEU G 108 25.12 -67.76 3.48
N LEU G 109 26.42 -67.85 3.14
CA LEU G 109 27.49 -68.37 3.98
C LEU G 109 27.69 -67.62 5.32
N PRO G 110 27.67 -66.29 5.48
CA PRO G 110 27.60 -65.67 6.81
C PRO G 110 26.22 -65.75 7.44
N LEU G 111 25.14 -65.61 6.65
CA LEU G 111 23.76 -65.50 7.10
C LEU G 111 23.28 -66.70 7.94
N LEU G 112 23.53 -67.93 7.46
CA LEU G 112 23.15 -69.14 8.19
C LEU G 112 23.88 -69.29 9.53
N ARG G 113 25.20 -69.06 9.52
CA ARG G 113 26.04 -69.18 10.69
C ARG G 113 25.72 -68.16 11.77
N LYS G 114 25.50 -66.88 11.41
CA LYS G 114 25.08 -65.90 12.41
C LYS G 114 23.71 -66.20 12.99
N ARG G 115 22.73 -66.58 12.16
CA ARG G 115 21.37 -66.85 12.60
C ARG G 115 21.29 -68.05 13.55
N LEU G 116 22.14 -69.08 13.36
CA LEU G 116 22.29 -70.17 14.29
C LEU G 116 22.82 -69.75 15.68
N ILE G 117 23.87 -68.90 15.76
CA ILE G 117 24.33 -68.36 17.04
C ILE G 117 23.33 -67.40 17.71
N GLU G 118 22.66 -66.54 16.91
CA GLU G 118 21.62 -65.60 17.30
C GLU G 118 20.40 -66.36 17.90
N ALA G 119 19.96 -67.45 17.24
CA ALA G 119 19.00 -68.41 17.77
C ALA G 119 19.43 -69.11 19.06
N HIS G 120 20.70 -69.57 19.12
CA HIS G 120 21.27 -70.18 20.31
C HIS G 120 21.32 -69.24 21.50
N ALA G 121 21.70 -67.97 21.28
CA ALA G 121 21.73 -66.92 22.29
C ALA G 121 20.35 -66.64 22.91
N VAL G 122 19.30 -66.53 22.08
CA VAL G 122 17.92 -66.39 22.56
C VAL G 122 17.46 -67.59 23.38
N SER G 123 17.75 -68.84 22.94
CA SER G 123 17.38 -70.04 23.71
C SER G 123 18.08 -70.14 25.07
N ILE G 124 19.39 -69.83 25.17
CA ILE G 124 20.07 -69.80 26.47
C ILE G 124 19.59 -68.68 27.37
N GLU G 125 19.34 -67.46 26.86
CA GLU G 125 18.80 -66.37 27.68
C GLU G 125 17.38 -66.61 28.17
N GLU G 126 16.49 -67.15 27.30
CA GLU G 126 15.14 -67.58 27.67
C GLU G 126 15.12 -68.67 28.74
N ALA G 127 16.01 -69.68 28.65
CA ALA G 127 16.18 -70.70 29.66
C ALA G 127 16.61 -70.17 31.04
N PHE G 128 17.51 -69.16 31.06
CA PHE G 128 17.88 -68.44 32.26
C PHE G 128 16.73 -67.61 32.86
N MET G 129 15.87 -67.01 32.01
CA MET G 129 14.73 -66.24 32.48
C MET G 129 13.55 -67.08 32.96
N THR G 130 12.98 -67.93 32.09
CA THR G 130 11.66 -68.52 32.35
C THR G 130 11.76 -69.96 32.80
N GLY G 131 11.63 -70.93 31.87
CA GLY G 131 11.71 -72.37 32.11
C GLY G 131 10.94 -72.98 33.27
N ASP G 132 11.43 -74.14 33.71
CA ASP G 132 10.76 -75.00 34.68
C ASP G 132 11.79 -75.72 35.55
N GLY G 133 12.69 -76.43 34.87
CA GLY G 133 13.69 -77.36 35.39
C GLY G 133 13.73 -78.67 34.63
N SER G 134 12.89 -78.87 33.58
CA SER G 134 12.86 -80.08 32.78
C SER G 134 13.73 -79.96 31.53
N GLY G 135 14.97 -80.53 31.56
CA GLY G 135 15.88 -80.67 30.41
C GLY G 135 16.63 -79.41 30.04
N LYS G 136 16.13 -78.28 30.52
CA LYS G 136 16.66 -76.96 30.43
C LYS G 136 16.82 -76.48 31.86
N PRO G 137 17.80 -75.65 32.19
CA PRO G 137 17.92 -75.02 33.51
C PRO G 137 16.63 -74.43 34.13
N LYS G 138 16.54 -74.38 35.47
CA LYS G 138 15.46 -73.68 36.13
C LYS G 138 15.71 -72.16 36.12
N GLY G 139 14.92 -71.41 35.34
CA GLY G 139 15.01 -69.96 35.28
C GLY G 139 14.55 -69.21 36.52
N LEU G 140 14.74 -67.89 36.51
CA LEU G 140 14.39 -67.02 37.62
C LEU G 140 12.88 -66.88 37.94
N LEU G 141 11.97 -66.78 36.95
CA LEU G 141 10.56 -66.54 37.28
C LEU G 141 9.82 -67.77 37.81
N THR G 142 10.35 -68.99 37.54
CA THR G 142 9.86 -70.27 38.07
C THR G 142 10.63 -70.64 39.33
N LEU G 143 11.43 -69.67 39.84
CA LEU G 143 12.16 -69.80 41.08
C LEU G 143 11.67 -68.78 42.11
N ALA G 144 11.41 -67.53 41.69
CA ALA G 144 10.88 -66.46 42.53
C ALA G 144 9.37 -66.56 42.72
N SER G 145 8.95 -67.78 43.11
CA SER G 145 7.57 -68.20 43.33
C SER G 145 7.47 -69.58 43.95
N GLU G 146 8.60 -70.30 44.22
CA GLU G 146 8.59 -71.50 45.05
C GLU G 146 8.84 -71.12 46.52
N ASP G 147 9.03 -69.81 46.78
CA ASP G 147 9.30 -69.18 48.06
C ASP G 147 8.05 -68.71 48.81
N SER G 148 7.19 -67.95 48.09
CA SER G 148 5.96 -67.25 48.46
C SER G 148 6.13 -65.74 48.32
N ALA G 149 7.09 -65.25 47.51
CA ALA G 149 7.52 -63.85 47.57
C ALA G 149 6.74 -62.89 46.66
N LYS G 150 5.50 -63.26 46.28
CA LYS G 150 4.58 -62.44 45.52
C LYS G 150 4.17 -61.13 46.23
N VAL G 151 3.85 -60.06 45.47
CA VAL G 151 3.44 -58.78 46.04
C VAL G 151 2.04 -58.38 45.57
N VAL G 152 1.26 -59.38 45.11
CA VAL G 152 -0.14 -59.23 44.75
C VAL G 152 -1.06 -58.81 45.93
N THR G 153 -2.09 -57.96 45.75
CA THR G 153 -2.48 -57.21 44.55
C THR G 153 -2.42 -55.74 44.87
N GLU G 154 -1.37 -55.06 44.38
CA GLU G 154 -1.13 -53.64 44.62
C GLU G 154 -1.39 -52.80 43.39
N ALA G 155 -1.70 -53.45 42.26
CA ALA G 155 -1.64 -52.87 40.96
C ALA G 155 -2.54 -53.68 40.07
N LYS G 156 -2.90 -53.12 38.91
CA LYS G 156 -3.90 -53.69 38.03
C LYS G 156 -3.43 -53.71 36.58
N ALA G 157 -2.54 -52.79 36.18
CA ALA G 157 -2.22 -52.59 34.78
C ALA G 157 -3.45 -52.28 33.91
N ASP G 158 -3.54 -52.86 32.69
CA ASP G 158 -4.51 -52.57 31.64
C ASP G 158 -4.76 -51.07 31.31
N GLY G 159 -5.73 -50.44 31.99
CA GLY G 159 -5.93 -48.99 31.90
C GLY G 159 -5.39 -48.17 33.05
N SER G 160 -4.98 -48.76 34.19
CA SER G 160 -4.50 -47.99 35.33
C SER G 160 -3.13 -48.41 35.87
N VAL G 161 -2.22 -47.42 35.92
CA VAL G 161 -0.85 -47.60 36.35
C VAL G 161 -0.71 -47.11 37.77
N LEU G 162 -0.08 -47.91 38.66
CA LEU G 162 0.06 -47.57 40.07
C LEU G 162 1.44 -48.00 40.57
N VAL G 163 2.36 -48.27 39.62
CA VAL G 163 3.74 -48.60 39.89
C VAL G 163 4.51 -47.28 39.89
N THR G 164 5.29 -47.04 40.95
CA THR G 164 5.95 -45.77 41.27
C THR G 164 7.08 -46.18 42.18
N ALA G 165 7.95 -45.25 42.61
CA ALA G 165 9.04 -45.51 43.51
C ALA G 165 8.76 -46.36 44.77
N LYS G 166 7.66 -46.13 45.51
CA LYS G 166 7.32 -46.97 46.68
C LYS G 166 7.10 -48.44 46.36
N THR G 167 6.68 -48.82 45.13
CA THR G 167 6.36 -50.22 44.85
C THR G 167 7.54 -51.14 44.98
N ILE G 168 8.70 -50.66 44.51
CA ILE G 168 10.03 -51.24 44.61
C ILE G 168 10.50 -51.39 46.06
N SER G 169 10.25 -50.40 46.93
CA SER G 169 10.68 -50.48 48.34
C SER G 169 10.02 -51.63 49.11
N LYS G 170 8.68 -51.75 49.10
CA LYS G 170 7.99 -52.88 49.72
C LYS G 170 8.11 -54.18 48.94
N LEU G 171 8.52 -54.12 47.66
CA LEU G 171 8.97 -55.31 46.93
C LEU G 171 10.24 -55.88 47.56
N ARG G 172 11.24 -55.00 47.79
CA ARG G 172 12.51 -55.27 48.46
C ARG G 172 12.43 -55.54 49.97
N ARG G 173 11.51 -54.90 50.70
CA ARG G 173 11.35 -54.96 52.15
C ARG G 173 11.25 -56.37 52.73
N LYS G 174 10.59 -57.27 52.00
CA LYS G 174 10.43 -58.66 52.37
C LYS G 174 11.43 -59.60 51.69
N LEU G 175 12.50 -59.07 51.04
CA LEU G 175 13.54 -59.88 50.42
C LEU G 175 14.33 -60.72 51.40
N GLY G 176 14.61 -60.15 52.60
CA GLY G 176 15.26 -60.90 53.66
C GLY G 176 16.16 -60.05 54.52
N ARG G 177 16.80 -60.71 55.49
CA ARG G 177 17.84 -60.14 56.32
C ARG G 177 19.07 -61.04 56.17
N HIS G 178 20.20 -60.60 55.59
CA HIS G 178 20.39 -59.40 54.80
C HIS G 178 20.53 -59.71 53.31
N GLY G 179 20.95 -60.94 52.94
CA GLY G 179 21.11 -61.36 51.54
C GLY G 179 22.35 -60.82 50.86
N LEU G 180 22.67 -59.54 51.08
CA LEU G 180 23.89 -58.90 50.63
C LEU G 180 24.07 -57.65 51.50
N LYS G 181 25.24 -56.98 51.47
CA LYS G 181 25.49 -55.76 52.21
C LYS G 181 24.85 -54.50 51.59
N LEU G 182 23.50 -54.42 51.63
CA LEU G 182 22.66 -53.25 51.33
C LEU G 182 22.50 -52.93 49.85
N SER G 183 23.61 -52.56 49.19
CA SER G 183 23.68 -52.17 47.79
C SER G 183 24.59 -53.11 47.04
N LYS G 184 24.54 -53.08 45.68
CA LYS G 184 25.10 -54.05 44.74
C LYS G 184 24.11 -55.17 44.45
N LEU G 185 22.81 -54.87 44.64
CA LEU G 185 21.68 -55.72 44.31
C LEU G 185 21.19 -55.34 42.92
N VAL G 186 20.93 -56.32 42.04
CA VAL G 186 20.63 -56.07 40.63
C VAL G 186 19.13 -56.10 40.39
N LEU G 187 18.59 -55.13 39.63
CA LEU G 187 17.18 -55.02 39.37
C LEU G 187 16.90 -55.16 37.87
N ILE G 188 16.00 -56.08 37.48
CA ILE G 188 15.62 -56.29 36.10
C ILE G 188 14.15 -55.94 35.94
N VAL G 189 13.82 -55.03 34.99
CA VAL G 189 12.47 -54.50 34.78
C VAL G 189 12.07 -54.72 33.32
N SER G 190 10.78 -55.01 33.03
CA SER G 190 10.25 -55.04 31.68
C SER G 190 10.30 -53.74 30.89
N MET G 191 10.17 -53.83 29.54
CA MET G 191 9.97 -52.67 28.70
C MET G 191 8.66 -51.91 28.99
N ASP G 192 7.54 -52.63 29.25
CA ASP G 192 6.28 -52.05 29.68
C ASP G 192 6.38 -51.27 30.98
N ALA G 193 6.95 -51.90 32.03
CA ALA G 193 7.08 -51.32 33.34
C ALA G 193 8.19 -50.28 33.43
N TYR G 194 9.16 -50.28 32.49
CA TYR G 194 10.08 -49.17 32.30
C TYR G 194 9.39 -47.91 31.77
N TYR G 195 8.48 -48.06 30.78
CA TYR G 195 7.76 -46.93 30.25
C TYR G 195 6.59 -46.45 31.09
N ASP G 196 5.86 -47.33 31.80
CA ASP G 196 4.77 -46.96 32.69
C ASP G 196 5.31 -46.65 34.10
N LEU G 197 6.34 -45.78 34.14
CA LEU G 197 7.08 -45.40 35.33
C LEU G 197 7.58 -43.97 35.14
N LEU G 198 6.94 -43.23 34.21
CA LEU G 198 7.24 -41.83 33.96
C LEU G 198 6.15 -40.96 34.59
N GLU G 199 5.37 -41.57 35.49
CA GLU G 199 4.50 -40.94 36.45
C GLU G 199 4.93 -41.33 37.86
N ASP G 200 6.21 -41.06 38.18
CA ASP G 200 6.61 -40.62 39.50
C ASP G 200 6.24 -39.11 39.55
N GLU G 201 5.45 -38.58 40.51
CA GLU G 201 4.78 -39.16 41.66
C GLU G 201 5.62 -40.04 42.59
N GLU G 202 6.69 -39.42 43.16
CA GLU G 202 7.68 -39.91 44.12
C GLU G 202 9.06 -39.75 43.48
N TRP G 203 10.10 -40.45 43.98
CA TRP G 203 11.52 -40.41 43.59
C TRP G 203 12.00 -39.55 42.41
N GLN G 204 11.65 -39.85 41.14
CA GLN G 204 12.25 -39.16 39.99
C GLN G 204 11.37 -38.06 39.37
N ASP G 205 10.45 -37.46 40.14
CA ASP G 205 9.32 -36.65 39.71
C ASP G 205 9.38 -35.59 38.59
N VAL G 206 8.22 -34.96 38.36
CA VAL G 206 7.98 -33.86 37.45
C VAL G 206 8.85 -32.64 37.73
N ALA G 207 9.17 -32.35 39.01
CA ALA G 207 10.12 -31.34 39.42
C ALA G 207 11.58 -31.75 39.27
N GLN G 208 12.52 -30.79 39.10
CA GLN G 208 13.94 -31.06 39.14
C GLN G 208 14.52 -30.65 40.49
N VAL G 209 13.74 -29.90 41.30
CA VAL G 209 14.12 -29.54 42.67
C VAL G 209 13.45 -30.50 43.65
N GLY G 210 12.65 -31.45 43.12
CA GLY G 210 12.04 -32.52 43.91
C GLY G 210 12.98 -33.65 44.21
N ASN G 211 13.87 -33.98 43.27
CA ASN G 211 14.75 -35.13 43.36
C ASN G 211 16.21 -34.74 43.42
N ASP G 212 17.09 -35.68 43.83
CA ASP G 212 18.54 -35.52 43.77
C ASP G 212 19.06 -35.15 42.37
N SER G 213 20.24 -34.49 42.26
CA SER G 213 20.72 -33.97 40.97
C SER G 213 21.25 -35.04 40.00
N VAL G 214 20.34 -35.94 39.59
CA VAL G 214 20.58 -37.05 38.70
C VAL G 214 19.57 -37.08 37.56
N LYS G 215 18.72 -36.04 37.42
CA LYS G 215 17.69 -35.97 36.38
C LYS G 215 18.24 -35.56 35.01
N LEU G 216 19.49 -35.93 34.71
CA LEU G 216 20.25 -35.55 33.54
C LEU G 216 20.17 -36.61 32.44
N GLN G 217 19.34 -36.48 31.39
CA GLN G 217 18.38 -35.43 31.13
C GLN G 217 17.02 -36.00 30.80
N GLY G 218 15.98 -35.62 31.59
CA GLY G 218 14.61 -35.99 31.29
C GLY G 218 14.13 -37.31 31.86
N GLN G 219 14.58 -37.67 33.08
CA GLN G 219 14.21 -38.90 33.78
C GLN G 219 14.90 -40.15 33.23
N VAL G 220 16.21 -40.27 33.49
CA VAL G 220 16.98 -41.47 33.23
C VAL G 220 16.62 -42.61 34.16
N GLY G 221 16.82 -43.88 33.72
CA GLY G 221 16.46 -45.05 34.52
C GLY G 221 17.44 -45.36 35.64
N ARG G 222 17.37 -44.60 36.74
CA ARG G 222 18.18 -44.88 37.91
C ARG G 222 17.36 -44.72 39.18
N ILE G 223 16.98 -45.84 39.83
CA ILE G 223 16.11 -45.80 40.99
C ILE G 223 16.79 -46.42 42.21
N TYR G 224 16.70 -45.71 43.37
CA TYR G 224 17.30 -46.11 44.65
C TYR G 224 18.82 -46.24 44.65
N GLY G 225 19.50 -45.70 43.62
CA GLY G 225 20.94 -45.79 43.44
C GLY G 225 21.45 -47.11 42.92
N LEU G 226 20.56 -48.08 42.70
CA LEU G 226 20.91 -49.43 42.29
C LEU G 226 21.28 -49.53 40.82
N PRO G 227 21.81 -50.62 40.31
CA PRO G 227 21.94 -50.85 38.88
C PRO G 227 20.69 -51.57 38.40
N VAL G 228 19.94 -50.90 37.52
CA VAL G 228 18.69 -51.39 36.98
C VAL G 228 18.81 -51.54 35.49
N VAL G 229 18.40 -52.71 34.96
CA VAL G 229 18.47 -53.02 33.55
C VAL G 229 17.09 -53.33 32.99
N VAL G 230 16.84 -52.89 31.75
CA VAL G 230 15.59 -53.11 31.04
C VAL G 230 15.67 -54.43 30.28
N SER G 231 14.55 -55.17 30.17
CA SER G 231 14.53 -56.48 29.55
C SER G 231 13.19 -56.69 28.88
N GLU G 232 13.10 -57.66 27.94
CA GLU G 232 11.87 -57.95 27.24
C GLU G 232 11.71 -59.45 26.98
N TYR G 233 11.99 -60.25 28.02
CA TYR G 233 11.69 -61.68 28.06
C TYR G 233 10.59 -61.92 29.10
N PHE G 234 9.78 -60.89 29.37
CA PHE G 234 8.68 -60.95 30.30
C PHE G 234 7.40 -60.72 29.50
N PRO G 235 6.37 -61.56 29.50
CA PRO G 235 5.20 -61.34 28.65
C PRO G 235 4.21 -60.40 29.30
N ALA G 236 4.36 -60.15 30.61
CA ALA G 236 3.48 -59.34 31.43
C ALA G 236 2.00 -59.68 31.35
N LYS G 237 1.11 -58.69 31.62
CA LYS G 237 -0.30 -58.67 31.24
C LYS G 237 -1.18 -59.80 31.78
N ALA G 238 -0.86 -60.36 32.96
CA ALA G 238 -1.57 -61.49 33.50
C ALA G 238 -1.34 -61.60 35.00
N ASN G 239 -0.92 -62.78 35.51
CA ASN G 239 -0.46 -62.96 36.88
C ASN G 239 0.99 -63.41 36.86
N SER G 240 1.65 -63.05 35.74
CA SER G 240 3.03 -63.27 35.39
C SER G 240 3.97 -62.33 36.14
N ALA G 241 5.29 -62.57 36.03
CA ALA G 241 6.29 -61.79 36.71
C ALA G 241 7.07 -60.97 35.70
N GLU G 242 7.32 -59.69 36.01
CA GLU G 242 8.03 -58.79 35.12
C GLU G 242 9.02 -57.90 35.85
N PHE G 243 9.19 -58.16 37.16
CA PHE G 243 10.24 -57.61 37.98
C PHE G 243 11.07 -58.78 38.49
N ALA G 244 12.40 -58.62 38.52
CA ALA G 244 13.27 -59.54 39.22
C ALA G 244 14.29 -58.76 40.01
N VAL G 245 14.37 -59.01 41.34
CA VAL G 245 15.31 -58.31 42.21
C VAL G 245 16.32 -59.33 42.71
N ILE G 246 17.55 -59.33 42.17
CA ILE G 246 18.48 -60.45 42.35
C ILE G 246 19.77 -60.06 43.04
N VAL G 247 20.30 -60.99 43.85
CA VAL G 247 21.60 -60.88 44.48
C VAL G 247 22.65 -61.41 43.51
N TYR G 248 23.75 -60.66 43.34
CA TYR G 248 24.88 -61.09 42.55
C TYR G 248 26.14 -60.80 43.33
N LYS G 249 26.73 -61.82 43.98
CA LYS G 249 28.00 -61.60 44.61
C LYS G 249 28.89 -62.81 44.64
N ASP G 250 28.41 -63.85 45.29
CA ASP G 250 29.10 -65.07 45.64
C ASP G 250 28.21 -66.24 45.23
N ASN G 251 27.25 -65.96 44.35
CA ASN G 251 26.07 -66.76 44.17
C ASN G 251 25.42 -66.55 42.80
N PHE G 252 24.65 -67.55 42.32
CA PHE G 252 23.97 -67.55 41.02
C PHE G 252 24.93 -67.71 39.83
N VAL G 253 26.06 -68.39 40.09
CA VAL G 253 27.06 -68.77 39.11
C VAL G 253 26.56 -69.67 37.98
N MET G 254 27.12 -69.52 36.77
CA MET G 254 26.77 -70.34 35.62
C MET G 254 27.90 -71.27 35.12
N PRO G 255 28.40 -72.26 35.86
CA PRO G 255 29.45 -73.18 35.41
C PRO G 255 29.26 -73.86 34.07
N ARG G 256 30.38 -74.14 33.39
CA ARG G 256 30.36 -74.81 32.11
C ARG G 256 31.62 -75.63 31.89
N GLN G 257 31.50 -76.71 31.09
CA GLN G 257 32.61 -77.59 30.75
C GLN G 257 33.02 -77.43 29.30
N ARG G 258 32.36 -76.52 28.56
CA ARG G 258 32.85 -76.08 27.28
C ARG G 258 32.16 -74.78 26.97
N ALA G 259 32.74 -73.98 26.06
CA ALA G 259 32.07 -72.85 25.45
C ALA G 259 31.15 -73.35 24.34
N VAL G 260 31.05 -72.60 23.23
CA VAL G 260 30.31 -73.04 22.06
C VAL G 260 31.30 -73.75 21.14
N THR G 261 31.13 -75.06 20.92
CA THR G 261 32.05 -75.83 20.07
C THR G 261 31.33 -76.18 18.78
N VAL G 262 31.98 -75.89 17.63
CA VAL G 262 31.39 -76.00 16.31
C VAL G 262 32.23 -76.86 15.37
N GLU G 263 31.56 -77.75 14.62
CA GLU G 263 32.20 -78.77 13.81
C GLU G 263 31.30 -79.06 12.60
N ARG G 264 31.74 -79.87 11.61
CA ARG G 264 31.04 -79.95 10.34
C ARG G 264 31.09 -81.32 9.67
N GLU G 265 30.01 -81.67 8.94
CA GLU G 265 29.88 -82.97 8.28
C GLU G 265 29.67 -82.81 6.77
N ARG G 266 30.70 -83.09 5.96
CA ARG G 266 30.54 -83.10 4.51
C ARG G 266 29.90 -84.37 3.99
N GLN G 267 30.21 -85.53 4.60
CA GLN G 267 29.72 -86.82 4.16
C GLN G 267 28.82 -87.39 5.25
N ALA G 268 27.63 -87.92 4.95
CA ALA G 268 26.99 -88.10 3.66
C ALA G 268 25.50 -87.83 3.78
N GLY G 269 24.73 -88.10 2.71
CA GLY G 269 23.28 -87.88 2.67
C GLY G 269 22.88 -86.87 1.63
N LYS G 270 22.93 -87.29 0.35
CA LYS G 270 22.56 -86.55 -0.86
C LYS G 270 23.37 -85.30 -1.21
N GLN G 271 24.55 -85.11 -0.59
CA GLN G 271 25.37 -83.91 -0.69
C GLN G 271 24.85 -82.79 0.21
N ARG G 272 25.73 -82.31 1.10
CA ARG G 272 25.41 -81.20 2.00
C ARG G 272 26.71 -80.66 2.55
N ASP G 273 26.75 -79.41 3.04
CA ASP G 273 27.63 -79.08 4.15
C ASP G 273 26.67 -79.00 5.33
N ALA G 274 27.17 -79.26 6.53
CA ALA G 274 26.32 -79.37 7.68
C ALA G 274 27.10 -78.98 8.90
N TYR G 275 26.47 -78.21 9.80
CA TYR G 275 27.15 -77.65 10.94
C TYR G 275 26.55 -78.20 12.21
N TYR G 276 27.42 -78.73 13.08
CA TYR G 276 27.04 -79.26 14.36
C TYR G 276 27.57 -78.30 15.40
N VAL G 277 26.74 -77.94 16.38
CA VAL G 277 27.11 -77.04 17.43
C VAL G 277 26.65 -77.64 18.74
N THR G 278 27.52 -77.61 19.76
CA THR G 278 27.20 -78.12 21.09
C THR G 278 27.69 -77.16 22.14
N GLN G 279 26.92 -77.02 23.24
CA GLN G 279 27.29 -76.20 24.38
C GLN G 279 26.77 -76.84 25.66
N ARG G 280 27.31 -76.43 26.82
CA ARG G 280 27.05 -77.10 28.08
C ARG G 280 27.24 -76.12 29.22
N VAL G 281 26.24 -75.25 29.46
CA VAL G 281 26.25 -74.21 30.48
C VAL G 281 25.05 -74.43 31.40
N ASN G 282 25.22 -74.30 32.73
CA ASN G 282 24.11 -74.48 33.66
C ASN G 282 24.11 -73.41 34.74
N LEU G 283 22.97 -72.73 34.96
CA LEU G 283 22.80 -71.76 36.04
C LEU G 283 22.41 -72.44 37.35
N GLN G 284 23.06 -72.12 38.49
CA GLN G 284 22.70 -72.75 39.75
C GLN G 284 22.93 -71.85 40.97
N ARG G 285 21.98 -71.85 41.94
CA ARG G 285 22.12 -71.13 43.19
C ARG G 285 22.67 -72.03 44.30
N TYR G 286 23.61 -71.52 45.11
CA TYR G 286 24.14 -72.23 46.27
C TYR G 286 23.13 -72.39 47.40
N PHE G 287 22.43 -71.29 47.76
CA PHE G 287 21.55 -71.24 48.92
C PHE G 287 20.15 -70.78 48.55
N ALA G 288 19.37 -70.27 49.54
CA ALA G 288 17.99 -69.88 49.35
C ALA G 288 17.63 -68.67 50.21
N ASN G 289 18.12 -67.49 49.82
CA ASN G 289 17.83 -66.26 50.52
C ASN G 289 17.70 -65.18 49.44
N GLY G 290 16.67 -64.32 49.52
CA GLY G 290 16.29 -63.38 48.47
C GLY G 290 15.87 -63.93 47.11
N VAL G 291 15.69 -63.00 46.14
CA VAL G 291 15.17 -63.23 44.79
C VAL G 291 13.66 -63.17 44.72
N VAL G 292 13.09 -62.03 45.17
CA VAL G 292 11.66 -61.73 45.02
C VAL G 292 11.28 -61.45 43.56
N SER G 293 10.03 -61.81 43.16
CA SER G 293 9.53 -61.49 41.84
C SER G 293 8.74 -60.19 41.78
N GLY G 294 7.40 -60.29 41.76
CA GLY G 294 6.52 -59.22 41.32
C GLY G 294 6.08 -59.47 39.89
N THR G 295 4.87 -59.97 39.60
CA THR G 295 3.72 -60.36 40.42
C THR G 295 3.16 -59.43 41.51
N TYR G 296 2.52 -58.27 41.24
CA TYR G 296 1.92 -57.74 40.01
C TYR G 296 0.77 -58.59 39.46
N ALA G 297 -0.36 -57.97 39.07
CA ALA G 297 -1.49 -58.72 38.60
C ALA G 297 -2.31 -57.82 37.69
N ALA G 298 -3.13 -58.45 36.85
CA ALA G 298 -4.09 -57.79 35.98
C ALA G 298 -5.42 -57.54 36.69
N SER G 299 -6.53 -58.02 36.12
CA SER G 299 -7.87 -57.67 36.53
C SER G 299 -8.76 -58.89 36.85
N ALA H 1 -17.03 10.55 -1.05
CA ALA H 1 -16.28 9.48 -1.80
C ALA H 1 -14.86 9.96 -1.98
N VAL H 2 -14.28 9.89 -3.19
CA VAL H 2 -13.01 10.53 -3.51
C VAL H 2 -13.04 12.06 -3.35
N ASN H 3 -11.92 12.66 -2.90
CA ASN H 3 -11.73 14.10 -2.78
C ASN H 3 -10.24 14.46 -2.82
N GLN H 4 -9.38 13.56 -3.31
CA GLN H 4 -7.95 13.63 -3.13
C GLN H 4 -7.20 14.20 -4.33
N SER H 5 -6.73 15.47 -4.36
CA SER H 5 -6.71 16.47 -3.29
C SER H 5 -7.39 17.75 -3.70
N SER H 6 -8.64 17.98 -3.28
CA SER H 6 -9.42 19.16 -3.63
C SER H 6 -9.04 20.41 -2.86
N SER H 7 -7.74 20.70 -2.71
CA SER H 7 -7.23 21.82 -1.92
C SER H 7 -6.30 22.73 -2.74
N VAL H 8 -6.75 23.90 -3.22
CA VAL H 8 -8.13 24.41 -3.33
C VAL H 8 -8.65 24.29 -4.75
N GLU H 9 -7.88 23.65 -5.65
CA GLU H 9 -8.21 23.66 -7.07
C GLU H 9 -7.50 22.61 -7.89
N VAL H 10 -6.15 22.45 -7.77
CA VAL H 10 -5.39 21.45 -8.50
C VAL H 10 -5.63 20.03 -7.94
N SER H 11 -6.85 19.51 -8.17
CA SER H 11 -7.33 18.26 -7.59
C SER H 11 -6.77 17.01 -8.21
N SER H 12 -6.25 17.16 -9.45
CA SER H 12 -6.00 16.11 -10.43
C SER H 12 -7.15 15.15 -10.68
N GLU H 13 -6.89 13.93 -11.21
CA GLU H 13 -7.94 13.03 -11.66
C GLU H 13 -7.63 11.59 -11.22
N SER H 14 -6.58 10.96 -11.77
CA SER H 14 -6.34 9.52 -11.63
C SER H 14 -5.33 9.23 -10.54
N TYR H 15 -5.24 10.14 -9.56
CA TYR H 15 -4.35 10.06 -8.41
C TYR H 15 -2.87 10.16 -8.75
N GLU H 16 -2.46 11.19 -9.51
CA GLU H 16 -1.05 11.45 -9.81
C GLU H 16 -0.11 11.45 -8.60
N THR H 17 0.60 10.33 -8.39
CA THR H 17 1.49 10.10 -7.27
C THR H 17 2.66 9.30 -7.81
N ILE H 18 3.28 8.42 -7.01
CA ILE H 18 4.28 7.50 -7.50
C ILE H 18 3.98 6.14 -6.88
N PHE H 19 4.54 5.05 -7.44
CA PHE H 19 4.32 3.71 -6.95
C PHE H 19 5.65 3.00 -6.86
N SER H 20 5.71 1.88 -6.13
CA SER H 20 6.91 1.09 -5.94
C SER H 20 6.76 -0.26 -6.57
N GLN H 21 7.78 -0.71 -7.31
CA GLN H 21 7.75 -2.03 -7.93
C GLN H 21 8.33 -3.12 -7.03
N ARG H 22 8.73 -2.77 -5.78
CA ARG H 22 9.08 -3.78 -4.78
C ARG H 22 7.90 -4.67 -4.39
N ILE H 23 8.16 -5.97 -4.26
CA ILE H 23 7.18 -6.96 -3.83
C ILE H 23 7.69 -7.50 -2.50
N ILE H 24 6.80 -7.64 -1.50
CA ILE H 24 7.16 -8.17 -0.20
C ILE H 24 6.15 -9.22 0.21
N ARG H 25 6.50 -10.02 1.24
CA ARG H 25 5.67 -11.08 1.76
C ARG H 25 6.15 -11.24 3.20
N ASP H 26 5.32 -11.77 4.12
CA ASP H 26 5.70 -11.88 5.53
C ASP H 26 6.50 -13.17 5.78
N LEU H 27 6.21 -13.87 6.88
CA LEU H 27 6.53 -15.26 7.14
C LEU H 27 6.28 -16.23 5.97
N GLN H 28 7.00 -17.35 5.93
CA GLN H 28 6.60 -18.53 5.20
C GLN H 28 6.77 -19.65 6.20
N LYS H 29 6.01 -20.72 6.00
CA LYS H 29 6.01 -21.90 6.84
C LYS H 29 7.35 -22.62 6.96
N GLU H 30 7.60 -23.24 8.13
CA GLU H 30 8.79 -23.99 8.43
C GLU H 30 8.79 -25.40 7.80
N LEU H 31 9.57 -25.62 6.70
CA LEU H 31 9.65 -26.87 5.93
C LEU H 31 10.37 -28.03 6.66
N VAL H 32 9.92 -28.45 7.85
CA VAL H 32 10.56 -29.47 8.66
C VAL H 32 10.62 -30.87 8.05
N VAL H 33 9.61 -31.29 7.26
CA VAL H 33 9.56 -32.65 6.73
C VAL H 33 10.24 -32.77 5.38
N GLY H 34 10.80 -31.67 4.83
CA GLY H 34 11.44 -31.67 3.52
C GLY H 34 12.85 -32.20 3.46
N ALA H 35 13.45 -32.55 4.61
CA ALA H 35 14.87 -32.84 4.69
C ALA H 35 15.18 -33.88 5.77
N LEU H 36 14.23 -34.76 6.09
CA LEU H 36 14.35 -35.70 7.21
C LEU H 36 15.29 -36.89 6.96
N PHE H 37 15.64 -37.18 5.69
CA PHE H 37 16.52 -38.26 5.33
C PHE H 37 17.10 -37.88 3.97
N GLU H 38 18.16 -38.56 3.49
CA GLU H 38 18.74 -38.33 2.17
C GLU H 38 17.85 -38.82 1.02
N GLU H 39 17.98 -38.18 -0.16
CA GLU H 39 17.30 -38.57 -1.37
C GLU H 39 17.88 -39.89 -1.96
N LEU H 40 17.43 -41.07 -1.50
CA LEU H 40 17.93 -42.36 -1.97
C LEU H 40 17.80 -42.57 -3.50
N PRO H 41 18.87 -42.71 -4.29
CA PRO H 41 18.76 -42.70 -5.73
C PRO H 41 18.29 -44.03 -6.30
N MET H 42 17.34 -43.98 -7.25
CA MET H 42 16.83 -45.14 -7.93
C MET H 42 17.00 -45.00 -9.43
N SER H 43 17.57 -46.03 -10.10
CA SER H 43 17.62 -46.09 -11.55
C SER H 43 16.32 -46.57 -12.17
N SER H 44 15.46 -47.20 -11.37
CA SER H 44 14.29 -47.94 -11.84
C SER H 44 13.07 -47.44 -11.09
N LYS H 45 11.86 -47.78 -11.55
CA LYS H 45 10.64 -47.20 -11.01
C LYS H 45 10.06 -47.96 -9.83
N ILE H 46 10.69 -49.09 -9.49
CA ILE H 46 10.45 -49.90 -8.31
C ILE H 46 11.84 -50.32 -7.84
N LEU H 47 11.97 -50.76 -6.59
CA LEU H 47 13.21 -51.23 -6.03
C LEU H 47 12.82 -52.26 -4.98
N THR H 48 13.71 -53.21 -4.65
CA THR H 48 13.45 -54.21 -3.62
C THR H 48 14.60 -54.26 -2.63
N MET H 49 14.29 -54.63 -1.37
CA MET H 49 15.24 -54.84 -0.29
C MET H 49 14.91 -56.15 0.41
N LEU H 50 15.92 -57.02 0.61
CA LEU H 50 15.77 -58.30 1.27
C LEU H 50 16.10 -58.20 2.77
N VAL H 51 15.16 -58.63 3.64
CA VAL H 51 15.32 -58.50 5.09
C VAL H 51 15.14 -59.83 5.82
N GLU H 52 16.10 -60.14 6.71
CA GLU H 52 16.20 -61.39 7.43
C GLU H 52 15.16 -61.61 8.53
N PRO H 53 14.94 -62.83 9.02
CA PRO H 53 14.18 -63.06 10.26
C PRO H 53 15.11 -63.58 11.37
N ASP H 54 14.66 -63.47 12.63
CA ASP H 54 15.44 -63.70 13.82
C ASP H 54 15.30 -65.12 14.41
N ALA H 55 14.61 -65.25 15.56
CA ALA H 55 14.51 -66.47 16.34
C ALA H 55 13.63 -67.58 15.71
N GLY H 56 14.08 -68.84 15.57
CA GLY H 56 15.30 -69.46 16.09
C GLY H 56 15.09 -69.97 17.49
N LYS H 57 14.55 -71.18 17.65
CA LYS H 57 14.33 -71.75 18.97
C LYS H 57 14.95 -73.13 19.02
N ALA H 58 16.07 -73.30 19.75
CA ALA H 58 16.72 -74.58 19.89
C ALA H 58 16.16 -75.36 21.06
N THR H 59 15.69 -76.59 20.82
CA THR H 59 15.07 -77.44 21.83
C THR H 59 16.09 -78.20 22.65
N TRP H 60 16.11 -77.90 23.97
CA TRP H 60 16.95 -78.56 24.96
C TRP H 60 16.67 -80.05 25.11
N VAL H 61 17.74 -80.84 25.37
CA VAL H 61 17.67 -82.28 25.40
C VAL H 61 18.11 -82.80 26.76
N ALA H 62 17.26 -83.64 27.40
CA ALA H 62 17.34 -84.05 28.80
C ALA H 62 18.63 -84.78 29.23
N ALA H 63 19.29 -85.45 28.27
CA ALA H 63 20.61 -86.03 28.38
C ALA H 63 20.67 -87.47 28.86
N SER H 64 19.54 -88.18 28.71
CA SER H 64 19.44 -89.63 28.79
C SER H 64 20.22 -90.37 27.72
N THR H 65 20.18 -89.85 26.48
CA THR H 65 20.67 -90.54 25.30
C THR H 65 21.98 -90.00 24.77
N TYR H 66 22.66 -90.87 23.98
CA TYR H 66 23.88 -90.58 23.28
C TYR H 66 23.85 -91.41 22.00
N GLY H 67 24.44 -90.90 20.90
CA GLY H 67 24.36 -91.52 19.58
C GLY H 67 24.34 -90.49 18.48
N THR H 68 24.05 -89.23 18.87
CA THR H 68 23.71 -88.10 18.00
C THR H 68 22.59 -88.33 16.99
N ASP H 69 21.33 -88.57 17.42
CA ASP H 69 20.70 -88.23 18.70
C ASP H 69 20.86 -86.74 19.05
N THR H 70 20.41 -85.88 18.14
CA THR H 70 20.37 -84.44 18.37
C THR H 70 19.14 -83.93 17.66
N THR H 71 18.25 -83.23 18.39
CA THR H 71 17.09 -82.54 17.82
C THR H 71 17.50 -81.11 17.53
N THR H 72 16.70 -80.34 16.77
CA THR H 72 17.16 -79.00 16.38
C THR H 72 16.03 -78.02 16.20
N GLY H 73 14.81 -78.37 16.67
CA GLY H 73 13.67 -77.45 16.70
C GLY H 73 12.96 -77.21 15.39
N GLU H 74 13.32 -77.99 14.35
CA GLU H 74 13.02 -77.85 12.94
C GLU H 74 12.74 -76.46 12.36
N GLU H 75 13.84 -75.71 12.19
CA GLU H 75 13.84 -74.33 11.77
C GLU H 75 14.16 -74.21 10.29
N VAL H 76 13.47 -73.29 9.58
CA VAL H 76 13.73 -73.05 8.17
C VAL H 76 15.10 -72.43 7.90
N LYS H 77 15.94 -73.16 7.15
CA LYS H 77 17.35 -72.86 6.97
C LYS H 77 17.64 -71.52 6.29
N GLY H 78 16.86 -71.19 5.25
CA GLY H 78 16.96 -69.92 4.55
C GLY H 78 15.61 -69.45 4.09
N ALA H 79 14.99 -68.56 4.88
CA ALA H 79 13.76 -67.87 4.51
C ALA H 79 14.02 -66.40 4.67
N LEU H 80 13.66 -65.58 3.66
CA LEU H 80 13.93 -64.15 3.66
C LEU H 80 12.65 -63.45 3.29
N LYS H 81 12.59 -62.12 3.51
CA LYS H 81 11.40 -61.35 3.19
C LYS H 81 11.81 -60.23 2.23
N GLU H 82 11.27 -60.18 0.99
CA GLU H 82 11.39 -59.00 0.15
C GLU H 82 10.47 -57.87 0.62
N ILE H 83 10.97 -56.62 0.57
CA ILE H 83 10.20 -55.41 0.78
C ILE H 83 10.41 -54.55 -0.45
N HIS H 84 9.32 -54.13 -1.13
CA HIS H 84 9.40 -53.44 -2.40
C HIS H 84 8.86 -52.02 -2.33
N PHE H 85 9.51 -51.12 -3.08
CA PHE H 85 9.26 -49.70 -3.05
C PHE H 85 8.65 -49.25 -4.36
N SER H 86 7.88 -48.15 -4.32
CA SER H 86 7.19 -47.63 -5.49
C SER H 86 7.34 -46.12 -5.53
N THR H 87 7.25 -45.51 -6.71
CA THR H 87 7.54 -44.10 -6.90
C THR H 87 6.36 -43.36 -7.51
N TYR H 88 5.94 -42.24 -6.89
CA TYR H 88 4.86 -41.42 -7.40
C TYR H 88 5.46 -40.18 -8.07
N LYS H 89 4.69 -39.47 -8.90
CA LYS H 89 5.18 -38.29 -9.59
C LYS H 89 4.26 -37.13 -9.28
N LEU H 90 4.79 -36.04 -8.73
CA LEU H 90 4.06 -34.78 -8.64
C LEU H 90 4.37 -34.01 -9.90
N ALA H 91 3.37 -33.34 -10.46
CA ALA H 91 3.56 -32.56 -11.66
C ALA H 91 2.64 -31.38 -11.57
N ALA H 92 3.03 -30.27 -12.20
CA ALA H 92 2.19 -29.11 -12.30
C ALA H 92 2.42 -28.50 -13.66
N LYS H 93 1.53 -27.56 -14.05
CA LYS H 93 1.73 -26.79 -15.25
C LYS H 93 1.28 -25.37 -14.97
N SER H 94 1.92 -24.41 -15.64
CA SER H 94 1.48 -23.04 -15.67
C SER H 94 1.62 -22.56 -17.10
N PHE H 95 0.96 -21.44 -17.43
CA PHE H 95 0.92 -20.91 -18.77
C PHE H 95 1.20 -19.43 -18.66
N ILE H 96 1.60 -18.79 -19.78
CA ILE H 96 1.59 -17.34 -19.89
C ILE H 96 0.93 -16.96 -21.20
N THR H 97 -0.22 -16.26 -21.16
CA THR H 97 -0.85 -15.67 -22.35
C THR H 97 -0.04 -14.53 -22.99
N ASP H 98 0.08 -14.48 -24.34
CA ASP H 98 0.77 -13.42 -25.07
C ASP H 98 -0.03 -12.11 -25.09
N GLU H 99 -0.18 -11.50 -23.91
CA GLU H 99 -0.74 -10.18 -23.76
C GLU H 99 -0.35 -9.53 -22.45
N THR H 100 0.10 -10.27 -21.42
CA THR H 100 0.28 -9.73 -20.07
C THR H 100 1.72 -9.44 -19.72
N GLU H 101 2.68 -9.87 -20.56
CA GLU H 101 4.09 -9.52 -20.37
C GLU H 101 4.47 -8.40 -21.33
N GLU H 102 3.50 -7.89 -22.13
CA GLU H 102 3.73 -6.73 -22.98
C GLU H 102 3.14 -5.47 -22.41
N ASP H 103 2.48 -5.53 -21.24
CA ASP H 103 1.93 -4.35 -20.60
C ASP H 103 2.18 -4.26 -19.09
N ALA H 104 3.03 -5.15 -18.56
CA ALA H 104 3.30 -5.25 -17.15
C ALA H 104 4.69 -4.74 -16.73
N ILE H 105 5.44 -5.56 -15.96
CA ILE H 105 6.67 -5.16 -15.31
C ILE H 105 7.88 -5.80 -16.00
N PHE H 106 7.66 -6.58 -17.08
CA PHE H 106 8.71 -7.19 -17.91
C PHE H 106 9.66 -8.05 -17.11
N SER H 107 9.10 -8.98 -16.34
CA SER H 107 9.82 -9.65 -15.25
C SER H 107 8.95 -10.66 -14.52
N LEU H 108 7.87 -11.19 -15.13
CA LEU H 108 6.97 -12.08 -14.40
C LEU H 108 7.50 -13.51 -14.27
N LEU H 109 8.45 -13.94 -15.12
CA LEU H 109 9.07 -15.26 -15.07
C LEU H 109 9.82 -15.61 -13.77
N PRO H 110 10.66 -14.80 -13.13
CA PRO H 110 11.08 -14.99 -11.74
C PRO H 110 9.95 -15.15 -10.73
N LEU H 111 8.92 -14.29 -10.78
CA LEU H 111 7.78 -14.31 -9.88
C LEU H 111 6.95 -15.59 -10.00
N LEU H 112 6.75 -16.08 -11.24
CA LEU H 112 6.11 -17.35 -11.51
C LEU H 112 6.86 -18.55 -10.94
N ARG H 113 8.18 -18.67 -11.19
CA ARG H 113 8.93 -19.82 -10.70
C ARG H 113 9.11 -19.87 -9.18
N LYS H 114 9.32 -18.73 -8.49
CA LYS H 114 9.40 -18.71 -7.03
C LYS H 114 8.12 -19.18 -6.35
N ARG H 115 6.94 -18.81 -6.88
CA ARG H 115 5.67 -19.31 -6.38
C ARG H 115 5.43 -20.78 -6.72
N LEU H 116 5.73 -21.21 -7.96
CA LEU H 116 5.52 -22.59 -8.37
C LEU H 116 6.35 -23.61 -7.58
N ILE H 117 7.63 -23.32 -7.28
CA ILE H 117 8.42 -24.15 -6.37
C ILE H 117 7.88 -24.20 -4.94
N GLU H 118 7.35 -23.06 -4.42
CA GLU H 118 6.68 -22.98 -3.12
C GLU H 118 5.41 -23.81 -3.07
N ALA H 119 4.58 -23.73 -4.13
CA ALA H 119 3.41 -24.56 -4.35
C ALA H 119 3.71 -26.05 -4.43
N HIS H 120 4.81 -26.45 -5.10
CA HIS H 120 5.35 -27.81 -5.01
C HIS H 120 5.83 -28.21 -3.62
N ALA H 121 6.58 -27.33 -2.91
CA ALA H 121 7.09 -27.57 -1.59
C ALA H 121 6.02 -27.78 -0.52
N VAL H 122 5.00 -26.91 -0.48
CA VAL H 122 3.85 -27.08 0.40
C VAL H 122 2.99 -28.30 0.05
N SER H 123 2.84 -28.63 -1.26
CA SER H 123 2.16 -29.85 -1.71
C SER H 123 2.86 -31.14 -1.29
N ILE H 124 4.21 -31.21 -1.39
CA ILE H 124 4.94 -32.36 -0.84
C ILE H 124 4.89 -32.43 0.68
N GLU H 125 4.93 -31.27 1.39
CA GLU H 125 4.70 -31.22 2.83
C GLU H 125 3.34 -31.73 3.25
N GLU H 126 2.24 -31.31 2.58
CA GLU H 126 0.88 -31.74 2.86
C GLU H 126 0.72 -33.25 2.73
N ALA H 127 1.22 -33.79 1.61
CA ALA H 127 1.24 -35.22 1.34
C ALA H 127 2.08 -36.05 2.33
N PHE H 128 3.23 -35.52 2.79
CA PHE H 128 4.03 -36.10 3.85
C PHE H 128 3.40 -36.00 5.24
N MET H 129 2.67 -34.92 5.56
CA MET H 129 1.90 -34.83 6.80
C MET H 129 0.65 -35.70 6.78
N THR H 130 -0.14 -35.65 5.70
CA THR H 130 -1.42 -36.32 5.54
C THR H 130 -1.50 -37.07 4.23
N GLY H 131 -1.76 -38.39 4.28
CA GLY H 131 -1.95 -39.12 3.05
C GLY H 131 -2.77 -40.36 3.22
N ASP H 132 -3.92 -40.38 2.56
CA ASP H 132 -4.79 -41.52 2.37
C ASP H 132 -4.11 -42.65 1.58
N GLY H 133 -3.39 -42.26 0.52
CA GLY H 133 -2.74 -43.12 -0.44
C GLY H 133 -3.37 -43.01 -1.80
N SER H 134 -4.35 -42.09 -2.01
CA SER H 134 -4.99 -41.94 -3.31
C SER H 134 -4.15 -41.06 -4.22
N GLY H 135 -3.23 -41.70 -4.97
CA GLY H 135 -2.30 -41.07 -5.89
C GLY H 135 -1.13 -40.38 -5.24
N LYS H 136 -0.99 -40.50 -3.91
CA LYS H 136 -0.10 -39.65 -3.15
C LYS H 136 0.59 -40.48 -2.07
N PRO H 137 1.73 -40.10 -1.49
CA PRO H 137 2.34 -40.81 -0.36
C PRO H 137 1.44 -40.97 0.86
N LYS H 138 1.88 -41.78 1.83
CA LYS H 138 1.11 -42.12 3.01
C LYS H 138 1.58 -41.32 4.21
N GLY H 139 1.25 -40.01 4.24
CA GLY H 139 1.57 -39.09 5.32
C GLY H 139 1.33 -39.48 6.77
N LEU H 140 2.19 -38.94 7.64
CA LEU H 140 2.47 -39.43 8.98
C LEU H 140 1.31 -39.44 9.95
N LEU H 141 0.46 -38.40 9.93
CA LEU H 141 -0.61 -38.21 10.89
C LEU H 141 -1.65 -39.34 10.86
N THR H 142 -1.99 -39.82 9.65
CA THR H 142 -2.95 -40.92 9.51
C THR H 142 -2.24 -42.28 9.48
N LEU H 143 -0.93 -42.30 9.15
CA LEU H 143 -0.14 -43.52 9.00
C LEU H 143 -0.06 -44.37 10.26
N ALA H 144 0.11 -43.75 11.44
CA ALA H 144 0.15 -44.46 12.70
C ALA H 144 -1.22 -44.99 13.12
N SER H 145 -2.31 -44.54 12.45
CA SER H 145 -3.63 -45.06 12.73
C SER H 145 -3.84 -46.45 12.15
N GLU H 146 -3.09 -46.79 11.07
CA GLU H 146 -3.13 -48.04 10.32
C GLU H 146 -2.66 -49.24 11.12
N ASP H 147 -1.48 -49.12 11.77
CA ASP H 147 -0.92 -50.09 12.70
C ASP H 147 -1.42 -49.82 14.11
N SER H 148 -2.25 -48.77 14.28
CA SER H 148 -3.09 -48.50 15.45
C SER H 148 -2.39 -47.92 16.65
N ALA H 149 -1.22 -47.33 16.43
CA ALA H 149 -0.37 -46.67 17.40
C ALA H 149 -0.89 -45.28 17.82
N LYS H 150 -1.98 -45.24 18.62
CA LYS H 150 -2.66 -44.01 19.02
C LYS H 150 -3.16 -44.08 20.46
N VAL H 151 -3.44 -42.92 21.10
CA VAL H 151 -3.90 -42.87 22.49
C VAL H 151 -5.18 -42.05 22.63
N VAL H 152 -6.34 -42.69 22.45
CA VAL H 152 -7.61 -42.04 22.69
C VAL H 152 -7.91 -42.11 24.19
N THR H 153 -8.02 -41.00 24.96
CA THR H 153 -7.86 -39.60 24.55
C THR H 153 -7.11 -38.80 25.60
N GLU H 154 -6.66 -37.61 25.21
CA GLU H 154 -5.68 -36.80 25.92
C GLU H 154 -6.27 -35.62 26.67
N ALA H 155 -7.11 -34.81 26.00
CA ALA H 155 -7.66 -33.59 26.53
C ALA H 155 -8.95 -33.33 25.77
N LYS H 156 -9.77 -32.36 26.24
CA LYS H 156 -11.14 -32.18 25.78
C LYS H 156 -11.31 -31.78 24.32
N ALA H 157 -10.40 -30.96 23.75
CA ALA H 157 -10.47 -30.46 22.39
C ALA H 157 -11.56 -29.40 22.19
N ASP H 158 -11.22 -28.30 21.51
CA ASP H 158 -11.98 -27.06 21.37
C ASP H 158 -12.95 -26.68 22.51
N GLY H 159 -12.36 -26.14 23.60
CA GLY H 159 -13.05 -25.84 24.84
C GLY H 159 -12.42 -26.59 25.97
N SER H 160 -11.58 -25.90 26.75
CA SER H 160 -10.77 -26.49 27.82
C SER H 160 -9.70 -27.45 27.30
N VAL H 161 -8.69 -26.88 26.62
CA VAL H 161 -7.62 -27.63 26.02
C VAL H 161 -6.39 -27.49 26.90
N LEU H 162 -5.81 -28.63 27.35
CA LEU H 162 -4.62 -28.64 28.16
C LEU H 162 -3.58 -29.44 27.41
N VAL H 163 -2.53 -28.80 26.87
CA VAL H 163 -1.44 -29.48 26.19
C VAL H 163 -0.24 -29.47 27.11
N THR H 164 0.15 -30.64 27.63
CA THR H 164 1.23 -30.72 28.61
C THR H 164 2.10 -31.92 28.31
N ALA H 165 3.21 -32.12 29.05
CA ALA H 165 4.11 -33.24 28.88
C ALA H 165 3.50 -34.63 29.14
N LYS H 166 2.31 -34.70 29.77
CA LYS H 166 1.59 -35.94 30.00
C LYS H 166 1.11 -36.63 28.72
N THR H 167 0.70 -35.90 27.66
CA THR H 167 0.25 -36.52 26.39
C THR H 167 1.36 -37.27 25.67
N ILE H 168 2.52 -36.60 25.47
CA ILE H 168 3.70 -37.16 24.83
C ILE H 168 4.33 -38.31 25.60
N SER H 169 4.22 -38.32 26.95
CA SER H 169 4.56 -39.46 27.80
C SER H 169 3.72 -40.69 27.46
N LYS H 170 2.39 -40.54 27.32
CA LYS H 170 1.50 -41.61 26.94
C LYS H 170 1.66 -42.12 25.51
N LEU H 171 1.90 -41.21 24.54
CA LEU H 171 2.28 -41.58 23.18
C LEU H 171 3.59 -42.36 23.12
N ARG H 172 4.63 -41.92 23.87
CA ARG H 172 5.89 -42.64 23.99
C ARG H 172 5.77 -44.01 24.65
N ARG H 173 4.96 -44.16 25.73
CA ARG H 173 4.63 -45.45 26.30
C ARG H 173 3.85 -46.37 25.37
N LYS H 174 2.90 -45.82 24.60
CA LYS H 174 2.14 -46.55 23.59
C LYS H 174 2.97 -47.09 22.43
N LEU H 175 4.01 -46.35 22.00
CA LEU H 175 4.92 -46.76 20.94
C LEU H 175 5.66 -48.07 21.24
N GLY H 176 6.14 -48.24 22.48
CA GLY H 176 6.66 -49.52 22.96
C GLY H 176 7.89 -50.05 22.27
N ARG H 177 7.70 -50.98 21.31
CA ARG H 177 8.79 -51.69 20.67
C ARG H 177 9.09 -51.12 19.28
N HIS H 178 10.31 -50.66 18.96
CA HIS H 178 11.52 -50.62 19.75
C HIS H 178 12.03 -49.20 19.93
N GLY H 179 11.94 -48.36 18.87
CA GLY H 179 12.55 -47.03 18.86
C GLY H 179 14.05 -47.09 18.74
N LEU H 180 14.67 -46.17 17.99
CA LEU H 180 16.10 -46.24 17.73
C LEU H 180 16.95 -45.72 18.90
N LYS H 181 16.91 -46.43 20.03
CA LYS H 181 17.66 -46.22 21.26
C LYS H 181 17.06 -45.15 22.19
N LEU H 182 15.79 -45.35 22.59
CA LEU H 182 15.06 -44.67 23.66
C LEU H 182 14.56 -43.26 23.35
N SER H 183 15.45 -42.37 22.91
CA SER H 183 15.14 -41.00 22.53
C SER H 183 15.77 -40.72 21.18
N LYS H 184 16.39 -39.53 20.93
CA LYS H 184 16.99 -39.15 19.64
C LYS H 184 16.14 -39.46 18.40
N LEU H 185 14.96 -38.82 18.35
CA LEU H 185 13.93 -38.95 17.35
C LEU H 185 13.22 -37.62 17.32
N VAL H 186 12.27 -37.37 16.38
CA VAL H 186 11.71 -36.05 16.15
C VAL H 186 10.24 -36.01 16.56
N LEU H 187 9.82 -34.95 17.27
CA LEU H 187 8.42 -34.71 17.59
C LEU H 187 7.93 -33.50 16.82
N ILE H 188 6.90 -33.70 15.96
CA ILE H 188 6.27 -32.63 15.21
C ILE H 188 4.92 -32.29 15.82
N VAL H 189 4.68 -30.98 16.04
CA VAL H 189 3.49 -30.48 16.73
C VAL H 189 2.87 -29.31 15.96
N SER H 190 1.53 -29.25 15.86
CA SER H 190 0.77 -28.10 15.37
C SER H 190 0.96 -26.78 16.10
N MET H 191 0.68 -25.65 15.41
CA MET H 191 0.77 -24.32 15.96
C MET H 191 -0.22 -24.03 17.08
N ASP H 192 -1.46 -24.58 17.01
CA ASP H 192 -2.49 -24.37 18.02
C ASP H 192 -2.12 -24.96 19.39
N ALA H 193 -1.61 -26.21 19.42
CA ALA H 193 -1.13 -26.89 20.60
C ALA H 193 0.12 -26.28 21.23
N TYR H 194 1.09 -25.84 20.41
CA TYR H 194 2.38 -25.31 20.86
C TYR H 194 2.26 -24.07 21.75
N TYR H 195 1.23 -23.24 21.55
CA TYR H 195 1.05 -22.04 22.35
C TYR H 195 0.19 -22.24 23.58
N ASP H 196 -0.34 -23.46 23.83
CA ASP H 196 -0.95 -23.81 25.12
C ASP H 196 0.08 -24.27 26.14
N LEU H 197 1.27 -24.71 25.67
CA LEU H 197 2.39 -25.11 26.51
C LEU H 197 3.15 -23.87 27.03
N LEU H 198 2.38 -22.97 27.67
CA LEU H 198 2.84 -21.72 28.21
C LEU H 198 2.02 -21.28 29.42
N GLU H 199 0.79 -21.77 29.68
CA GLU H 199 0.05 -21.40 30.89
C GLU H 199 0.35 -22.24 32.11
N ASP H 200 0.72 -23.51 31.91
CA ASP H 200 1.32 -24.46 32.84
C ASP H 200 2.26 -23.94 33.95
N GLU H 201 2.23 -24.45 35.20
CA GLU H 201 1.22 -25.16 35.96
C GLU H 201 1.19 -26.69 35.78
N GLU H 202 2.29 -27.30 35.25
CA GLU H 202 2.45 -28.73 34.98
C GLU H 202 3.78 -29.00 34.26
N TRP H 203 4.86 -29.41 34.97
CA TRP H 203 6.12 -29.93 34.38
C TRP H 203 7.03 -28.87 33.77
N GLN H 204 6.47 -28.09 32.84
CA GLN H 204 7.09 -27.02 32.12
C GLN H 204 6.93 -25.71 32.87
N ASP H 205 6.44 -25.77 34.13
CA ASP H 205 5.95 -24.69 34.96
C ASP H 205 6.70 -23.35 35.03
N VAL H 206 6.04 -22.31 35.58
CA VAL H 206 6.58 -20.96 35.63
C VAL H 206 7.72 -20.80 36.64
N ALA H 207 7.82 -21.71 37.63
CA ALA H 207 8.89 -21.68 38.57
C ALA H 207 10.08 -22.50 38.10
N GLN H 208 11.25 -22.34 38.76
CA GLN H 208 12.42 -23.17 38.54
C GLN H 208 12.30 -24.54 39.23
N VAL H 209 11.05 -24.99 39.48
CA VAL H 209 10.75 -26.23 40.14
C VAL H 209 10.67 -27.37 39.13
N GLY H 210 9.84 -27.27 38.08
CA GLY H 210 9.83 -28.20 36.93
C GLY H 210 11.14 -28.37 36.20
N ASN H 211 11.72 -27.23 35.78
CA ASN H 211 12.87 -27.16 34.90
C ASN H 211 13.91 -26.20 35.45
N ASP H 212 15.08 -26.19 34.79
CA ASP H 212 16.02 -25.08 34.75
C ASP H 212 15.39 -23.80 34.13
N SER H 213 16.20 -22.76 33.91
CA SER H 213 15.83 -21.41 33.52
C SER H 213 15.46 -21.26 32.05
N VAL H 214 14.41 -21.98 31.62
CA VAL H 214 13.99 -22.07 30.23
C VAL H 214 12.47 -21.99 30.06
N LYS H 215 11.81 -20.95 30.61
CA LYS H 215 10.38 -20.71 30.40
C LYS H 215 9.97 -19.36 29.79
N LEU H 216 10.53 -18.16 30.08
CA LEU H 216 11.53 -17.70 31.05
C LEU H 216 12.97 -18.09 30.79
N GLN H 217 13.67 -17.56 29.77
CA GLN H 217 13.18 -16.64 28.74
C GLN H 217 12.48 -17.34 27.59
N GLY H 218 13.04 -18.47 27.09
CA GLY H 218 12.38 -19.26 26.05
C GLY H 218 12.57 -20.73 26.32
N GLN H 219 11.51 -21.53 26.14
CA GLN H 219 11.63 -22.98 26.17
C GLN H 219 12.48 -23.57 25.05
N VAL H 220 13.24 -24.62 25.36
CA VAL H 220 14.13 -25.29 24.41
C VAL H 220 13.69 -26.73 24.31
N GLY H 221 13.65 -27.31 23.09
CA GLY H 221 13.20 -28.68 22.84
C GLY H 221 14.11 -29.75 23.39
N ARG H 222 13.87 -30.14 24.65
CA ARG H 222 14.67 -31.12 25.38
C ARG H 222 13.76 -31.90 26.32
N ILE H 223 12.44 -31.85 26.08
CA ILE H 223 11.38 -32.47 26.86
C ILE H 223 11.49 -33.99 26.87
N TYR H 224 11.89 -34.61 28.01
CA TYR H 224 12.18 -36.05 28.09
C TYR H 224 13.28 -36.51 27.13
N GLY H 225 14.23 -35.61 26.77
CA GLY H 225 15.27 -35.90 25.80
C GLY H 225 14.83 -35.84 24.35
N LEU H 226 13.60 -35.37 24.10
CA LEU H 226 12.98 -35.32 22.78
C LEU H 226 13.03 -33.90 22.22
N PRO H 227 13.75 -33.60 21.13
CA PRO H 227 13.51 -32.37 20.37
C PRO H 227 12.10 -32.24 19.83
N VAL H 228 11.42 -31.13 20.17
CA VAL H 228 10.08 -30.82 19.72
C VAL H 228 10.17 -29.64 18.76
N VAL H 229 9.57 -29.80 17.57
CA VAL H 229 9.56 -28.78 16.54
C VAL H 229 8.13 -28.51 16.13
N VAL H 230 7.80 -27.22 15.98
CA VAL H 230 6.46 -26.76 15.70
C VAL H 230 6.28 -26.48 14.22
N SER H 231 5.18 -26.98 13.64
CA SER H 231 4.71 -26.69 12.29
C SER H 231 3.39 -25.97 12.48
N GLU H 232 2.67 -25.62 11.41
CA GLU H 232 1.34 -25.06 11.55
C GLU H 232 0.27 -25.84 10.83
N TYR H 233 0.61 -26.88 10.05
CA TYR H 233 -0.38 -27.65 9.33
C TYR H 233 -1.16 -28.61 10.24
N PHE H 234 -2.45 -28.33 10.46
CA PHE H 234 -3.38 -29.23 11.12
C PHE H 234 -4.52 -29.58 10.17
N PRO H 235 -4.91 -30.82 9.96
CA PRO H 235 -5.98 -31.13 9.01
C PRO H 235 -7.27 -31.26 9.81
N ALA H 236 -7.73 -30.09 10.30
CA ALA H 236 -8.91 -29.86 11.11
C ALA H 236 -8.83 -30.39 12.55
N LYS H 237 -8.55 -29.49 13.53
CA LYS H 237 -8.73 -29.79 14.94
C LYS H 237 -10.19 -30.07 15.32
N ALA H 238 -10.38 -30.93 16.35
CA ALA H 238 -11.60 -31.53 16.84
C ALA H 238 -11.34 -33.03 17.05
N ASN H 239 -11.23 -33.80 15.94
CA ASN H 239 -11.06 -35.24 15.99
C ASN H 239 -9.80 -35.72 15.30
N SER H 240 -8.92 -34.81 14.86
CA SER H 240 -7.76 -35.16 14.03
C SER H 240 -6.46 -34.97 14.78
N ALA H 241 -5.38 -35.60 14.30
CA ALA H 241 -4.08 -35.56 14.94
C ALA H 241 -3.34 -34.22 14.93
N GLU H 242 -2.60 -33.92 16.02
CA GLU H 242 -1.68 -32.80 16.05
C GLU H 242 -0.37 -33.09 16.79
N PHE H 243 -0.20 -34.32 17.32
CA PHE H 243 1.06 -34.79 17.86
C PHE H 243 1.52 -36.02 17.06
N ALA H 244 2.73 -35.99 16.50
CA ALA H 244 3.30 -37.17 15.87
C ALA H 244 4.79 -37.28 16.18
N VAL H 245 5.25 -38.48 16.58
CA VAL H 245 6.63 -38.71 17.01
C VAL H 245 7.26 -39.75 16.12
N ILE H 246 8.45 -39.49 15.56
CA ILE H 246 8.99 -40.32 14.48
C ILE H 246 10.52 -40.38 14.44
N VAL H 247 11.07 -41.54 13.99
CA VAL H 247 12.49 -41.79 13.82
C VAL H 247 12.96 -41.54 12.38
N TYR H 248 14.29 -41.42 12.17
CA TYR H 248 14.85 -40.97 10.90
C TYR H 248 16.26 -41.55 10.67
N LYS H 249 16.50 -42.83 11.04
CA LYS H 249 17.86 -43.34 11.04
C LYS H 249 17.96 -44.80 10.66
N ASP H 250 16.86 -45.35 10.15
CA ASP H 250 16.84 -46.60 9.40
C ASP H 250 15.60 -46.48 8.51
N ASN H 251 14.45 -46.95 9.01
CA ASN H 251 13.15 -46.70 8.44
C ASN H 251 12.78 -45.22 8.26
N PHE H 252 11.87 -44.96 7.28
CA PHE H 252 11.42 -43.64 6.82
C PHE H 252 12.33 -43.02 5.77
N VAL H 253 12.91 -43.90 4.94
CA VAL H 253 13.69 -43.59 3.75
C VAL H 253 12.91 -42.76 2.71
N MET H 254 13.62 -41.91 1.95
CA MET H 254 13.08 -41.02 0.93
C MET H 254 13.44 -41.49 -0.51
N PRO H 255 12.82 -42.52 -1.10
CA PRO H 255 13.20 -43.02 -2.41
C PRO H 255 12.81 -42.10 -3.56
N ARG H 256 13.71 -41.91 -4.55
CA ARG H 256 13.45 -41.01 -5.66
C ARG H 256 14.12 -41.44 -6.95
N GLN H 257 13.44 -41.22 -8.10
CA GLN H 257 13.97 -41.59 -9.41
C GLN H 257 14.09 -40.38 -10.35
N ARG H 258 13.51 -39.22 -9.98
CA ARG H 258 13.70 -38.03 -10.78
C ARG H 258 13.58 -36.80 -9.90
N ALA H 259 14.72 -36.15 -9.62
CA ALA H 259 14.77 -34.81 -9.08
C ALA H 259 14.19 -33.79 -10.07
N VAL H 260 13.64 -32.68 -9.53
CA VAL H 260 12.92 -31.62 -10.24
C VAL H 260 13.38 -31.24 -11.65
N THR H 261 12.46 -31.33 -12.63
CA THR H 261 12.68 -30.95 -14.02
C THR H 261 11.76 -29.82 -14.39
N VAL H 262 12.28 -28.73 -14.98
CA VAL H 262 11.48 -27.59 -15.41
C VAL H 262 11.55 -27.47 -16.91
N GLU H 263 10.43 -27.75 -17.61
CA GLU H 263 10.32 -27.69 -19.07
C GLU H 263 9.61 -26.41 -19.51
N ARG H 264 9.64 -26.13 -20.82
CA ARG H 264 9.31 -24.86 -21.45
C ARG H 264 8.95 -25.01 -22.94
N GLU H 265 7.72 -24.63 -23.33
CA GLU H 265 7.27 -24.72 -24.71
C GLU H 265 6.65 -23.37 -25.10
N ARG H 266 6.76 -22.99 -26.38
CA ARG H 266 6.34 -21.69 -26.93
C ARG H 266 6.11 -21.74 -28.45
N GLN H 267 6.26 -22.89 -29.15
CA GLN H 267 6.04 -22.98 -30.59
C GLN H 267 4.79 -23.79 -30.99
N ALA H 268 3.57 -23.25 -30.97
CA ALA H 268 3.17 -21.91 -30.59
C ALA H 268 2.35 -21.88 -29.31
N GLY H 269 1.62 -22.98 -29.02
CA GLY H 269 0.63 -23.04 -27.93
C GLY H 269 -0.65 -22.30 -28.25
N LYS H 270 -0.71 -21.76 -29.49
CA LYS H 270 -1.55 -20.67 -29.96
C LYS H 270 -1.30 -19.40 -29.13
N GLN H 271 -0.15 -18.72 -29.34
CA GLN H 271 0.23 -17.51 -28.62
C GLN H 271 0.27 -17.64 -27.09
N ARG H 272 0.92 -18.68 -26.56
CA ARG H 272 0.87 -18.93 -25.13
C ARG H 272 1.89 -19.98 -24.75
N ASP H 273 2.99 -19.57 -24.10
CA ASP H 273 3.95 -20.46 -23.50
C ASP H 273 3.42 -21.32 -22.36
N ALA H 274 4.06 -22.49 -22.19
CA ALA H 274 3.69 -23.46 -21.19
C ALA H 274 4.91 -23.93 -20.45
N TYR H 275 4.82 -23.96 -19.12
CA TYR H 275 5.91 -24.34 -18.25
C TYR H 275 5.47 -25.55 -17.45
N TYR H 276 6.28 -26.61 -17.47
CA TYR H 276 5.91 -27.88 -16.87
C TYR H 276 6.95 -28.25 -15.84
N VAL H 277 6.53 -28.51 -14.59
CA VAL H 277 7.47 -28.86 -13.53
C VAL H 277 7.07 -30.21 -12.98
N THR H 278 8.02 -31.16 -12.87
CA THR H 278 7.71 -32.50 -12.39
C THR H 278 8.83 -33.03 -11.50
N GLN H 279 8.47 -33.87 -10.51
CA GLN H 279 9.41 -34.52 -9.60
C GLN H 279 8.88 -35.90 -9.26
N ARG H 280 9.75 -36.93 -9.20
CA ARG H 280 9.34 -38.30 -8.90
C ARG H 280 10.07 -38.81 -7.65
N VAL H 281 9.32 -38.94 -6.55
CA VAL H 281 9.82 -39.12 -5.19
C VAL H 281 8.70 -39.78 -4.39
N ASN H 282 9.01 -40.43 -3.24
CA ASN H 282 8.04 -41.05 -2.37
C ASN H 282 8.67 -41.11 -0.99
N LEU H 283 7.89 -41.43 0.06
CA LEU H 283 8.40 -41.54 1.42
C LEU H 283 7.81 -42.81 2.04
N GLN H 284 8.66 -43.79 2.42
CA GLN H 284 8.17 -45.12 2.74
C GLN H 284 8.99 -45.76 3.87
N ARG H 285 8.37 -46.65 4.66
CA ARG H 285 9.00 -47.25 5.84
C ARG H 285 9.17 -48.74 5.63
N TYR H 286 10.32 -49.32 6.06
CA TYR H 286 10.60 -50.75 5.95
C TYR H 286 9.58 -51.62 6.70
N PHE H 287 9.24 -51.23 7.95
CA PHE H 287 8.39 -52.02 8.82
C PHE H 287 7.32 -51.15 9.43
N ALA H 288 6.17 -51.76 9.78
CA ALA H 288 5.08 -51.10 10.46
C ALA H 288 5.33 -50.94 11.96
N ASN H 289 6.21 -50.01 12.33
CA ASN H 289 6.44 -49.60 13.69
C ASN H 289 7.13 -48.25 13.64
N GLY H 290 7.40 -47.62 14.80
CA GLY H 290 8.27 -46.43 14.84
C GLY H 290 7.58 -45.09 14.73
N VAL H 291 6.24 -45.05 14.79
CA VAL H 291 5.48 -43.80 14.73
C VAL H 291 4.22 -43.95 15.57
N VAL H 292 3.77 -42.86 16.22
CA VAL H 292 2.50 -42.81 16.94
C VAL H 292 1.80 -41.51 16.58
N SER H 293 0.45 -41.46 16.68
CA SER H 293 -0.29 -40.23 16.47
C SER H 293 -1.31 -39.95 17.55
N GLY H 294 -1.33 -38.69 18.03
CA GLY H 294 -2.31 -38.18 18.98
C GLY H 294 -3.07 -37.06 18.31
N THR H 295 -4.41 -37.07 18.15
CA THR H 295 -5.43 -38.06 18.50
C THR H 295 -5.52 -38.41 19.99
N TYR H 296 -5.76 -37.47 20.93
CA TYR H 296 -6.37 -36.14 20.86
C TYR H 296 -7.66 -36.08 20.03
N ALA H 297 -8.72 -36.75 20.52
CA ALA H 297 -10.00 -36.69 19.85
C ALA H 297 -11.12 -36.84 20.88
N ALA H 298 -12.18 -36.02 20.77
CA ALA H 298 -13.28 -36.09 21.68
C ALA H 298 -14.46 -35.39 21.03
N SER H 299 -15.61 -35.38 21.70
CA SER H 299 -16.73 -34.50 21.35
C SER H 299 -16.80 -33.41 22.43
N ALA I 1 4.12 42.54 49.46
CA ALA I 1 5.38 43.23 49.87
C ALA I 1 6.21 42.27 50.69
N VAL I 2 7.17 42.76 51.50
CA VAL I 2 7.88 42.00 52.50
C VAL I 2 7.91 42.98 53.65
N ASN I 3 8.02 42.52 54.92
CA ASN I 3 7.76 43.37 56.07
C ASN I 3 8.60 42.96 57.26
N GLN I 4 9.76 42.35 57.02
CA GLN I 4 10.65 41.86 58.04
C GLN I 4 11.94 42.64 57.94
N SER I 5 12.48 43.29 58.99
CA SER I 5 12.11 43.18 60.38
C SER I 5 12.29 44.51 61.05
N SER I 6 11.35 44.88 61.96
CA SER I 6 11.27 46.15 62.67
C SER I 6 12.33 46.35 63.74
N SER I 7 13.61 46.06 63.44
CA SER I 7 14.70 46.04 64.41
C SER I 7 15.88 46.88 63.96
N VAL I 8 16.13 48.08 64.51
CA VAL I 8 15.37 48.85 65.51
C VAL I 8 14.66 50.04 64.88
N GLU I 9 15.12 50.48 63.69
CA GLU I 9 14.70 51.72 63.07
C GLU I 9 14.31 51.50 61.60
N VAL I 10 14.88 50.48 60.93
CA VAL I 10 14.75 50.32 59.48
C VAL I 10 13.92 49.09 59.12
N SER I 11 12.75 49.28 58.47
CA SER I 11 11.80 48.23 58.08
C SER I 11 12.31 47.19 57.08
N SER I 12 13.07 47.64 56.06
CA SER I 12 13.49 46.84 54.90
C SER I 12 12.34 46.22 54.10
N GLU I 13 11.63 47.04 53.30
CA GLU I 13 10.31 46.68 52.81
C GLU I 13 9.95 47.04 51.37
N SER I 14 8.76 46.57 50.97
CA SER I 14 8.15 46.76 49.64
C SER I 14 8.74 45.92 48.50
N TYR I 15 10.08 45.73 48.42
CA TYR I 15 10.74 44.79 47.50
C TYR I 15 12.24 44.75 47.81
N GLU I 16 12.64 43.97 48.83
CA GLU I 16 13.99 43.96 49.34
C GLU I 16 14.46 42.52 49.52
N THR I 17 14.14 41.66 48.54
CA THR I 17 14.51 40.25 48.54
C THR I 17 14.85 39.82 47.15
N ILE I 18 16.04 39.19 46.94
CA ILE I 18 16.43 38.71 45.63
C ILE I 18 15.81 37.36 45.29
N PHE I 19 15.50 37.14 44.00
CA PHE I 19 14.85 35.93 43.53
C PHE I 19 15.78 35.12 42.63
N SER I 20 15.50 33.83 42.43
CA SER I 20 16.37 32.92 41.71
C SER I 20 15.92 32.80 40.26
N GLN I 21 16.68 33.43 39.34
CA GLN I 21 16.45 33.34 37.91
C GLN I 21 16.86 32.00 37.30
N ARG I 22 16.06 30.95 37.52
CA ARG I 22 16.24 29.67 36.89
C ARG I 22 14.88 29.03 36.68
N ILE I 23 14.74 28.22 35.62
CA ILE I 23 13.49 27.60 35.21
C ILE I 23 13.58 26.13 35.55
N ILE I 24 12.53 25.56 36.17
CA ILE I 24 12.49 24.14 36.49
C ILE I 24 11.14 23.56 36.11
N ARG I 25 11.07 22.22 36.05
CA ARG I 25 9.89 21.44 35.81
C ARG I 25 10.25 20.04 36.31
N ASP I 26 9.26 19.22 36.67
CA ASP I 26 9.45 17.83 37.03
C ASP I 26 9.53 16.97 35.75
N LEU I 27 9.82 15.68 35.92
CA LEU I 27 9.92 14.68 34.90
C LEU I 27 8.61 14.47 34.14
N GLN I 28 8.64 14.54 32.80
CA GLN I 28 7.48 14.29 31.96
C GLN I 28 7.20 12.80 31.71
N LYS I 29 6.73 12.45 30.51
CA LYS I 29 6.42 11.09 30.14
C LYS I 29 7.64 10.43 29.51
N GLU I 30 7.68 9.09 29.47
CA GLU I 30 8.68 8.35 28.73
C GLU I 30 8.35 8.40 27.22
N LEU I 31 9.22 8.99 26.36
CA LEU I 31 8.94 9.12 24.93
C LEU I 31 9.22 7.82 24.18
N VAL I 32 8.24 6.91 24.12
CA VAL I 32 8.36 5.59 23.56
C VAL I 32 7.93 5.50 22.08
N VAL I 33 6.76 6.05 21.71
CA VAL I 33 6.21 5.91 20.37
C VAL I 33 6.51 7.15 19.55
N GLY I 34 7.70 7.16 18.91
CA GLY I 34 8.06 8.26 18.04
C GLY I 34 9.44 8.12 17.45
N ALA I 35 10.39 7.53 18.19
CA ALA I 35 11.73 7.28 17.66
C ALA I 35 12.08 5.80 17.63
N LEU I 36 11.13 4.91 17.99
CA LEU I 36 11.34 3.47 17.96
C LEU I 36 11.17 2.84 16.58
N PHE I 37 10.20 3.32 15.78
CA PHE I 37 9.88 2.74 14.49
C PHE I 37 10.56 3.48 13.37
N GLU I 38 11.05 2.75 12.37
CA GLU I 38 11.65 3.26 11.16
C GLU I 38 10.74 4.14 10.29
N GLU I 39 11.35 5.17 9.67
CA GLU I 39 10.65 6.12 8.83
C GLU I 39 10.90 5.84 7.36
N LEU I 40 9.83 5.91 6.54
CA LEU I 40 9.95 5.73 5.10
C LEU I 40 10.09 7.09 4.40
N PRO I 41 11.10 7.33 3.57
CA PRO I 41 11.22 8.60 2.88
C PRO I 41 10.45 8.50 1.58
N MET I 42 9.40 9.32 1.43
CA MET I 42 8.42 9.11 0.40
C MET I 42 8.18 10.39 -0.39
N SER I 43 8.51 10.41 -1.69
CA SER I 43 8.38 11.60 -2.52
C SER I 43 6.96 11.83 -3.05
N SER I 44 5.95 11.90 -2.17
CA SER I 44 4.53 11.99 -2.51
C SER I 44 3.73 11.76 -1.23
N LYS I 45 2.40 12.01 -1.25
CA LYS I 45 1.50 11.76 -0.15
C LYS I 45 1.03 10.32 -0.05
N ILE I 46 1.17 9.57 -1.16
CA ILE I 46 0.75 8.19 -1.29
C ILE I 46 1.85 7.50 -2.07
N LEU I 47 2.27 6.31 -1.61
CA LEU I 47 3.11 5.42 -2.35
C LEU I 47 2.37 4.10 -2.29
N THR I 48 2.30 3.37 -3.42
CA THR I 48 1.67 2.06 -3.44
C THR I 48 2.69 0.99 -3.70
N MET I 49 2.37 -0.28 -3.38
CA MET I 49 3.25 -1.39 -3.68
C MET I 49 2.45 -2.68 -3.73
N LEU I 50 3.02 -3.72 -4.37
CA LEU I 50 2.31 -4.94 -4.67
C LEU I 50 2.71 -6.03 -3.69
N VAL I 51 1.73 -6.75 -3.11
CA VAL I 51 2.04 -7.75 -2.09
C VAL I 51 1.41 -9.09 -2.42
N GLU I 52 2.25 -10.13 -2.60
CA GLU I 52 1.84 -11.47 -2.99
C GLU I 52 0.89 -12.16 -1.96
N PRO I 53 0.01 -13.10 -2.35
CA PRO I 53 -0.67 -13.94 -1.38
C PRO I 53 -0.27 -15.39 -1.55
N ASP I 54 -0.68 -16.18 -0.56
CA ASP I 54 -0.47 -17.57 -0.28
C ASP I 54 -1.06 -18.48 -1.37
N ALA I 55 -0.25 -19.35 -2.01
CA ALA I 55 -0.68 -19.98 -3.25
C ALA I 55 0.32 -20.99 -3.82
N GLY I 56 0.23 -22.31 -3.51
CA GLY I 56 -0.65 -22.91 -2.50
C GLY I 56 -0.79 -24.40 -2.56
N LYS I 57 -0.85 -25.01 -3.77
CA LYS I 57 -0.88 -26.47 -3.90
C LYS I 57 -0.64 -26.88 -5.33
N ALA I 58 -0.52 -28.21 -5.57
CA ALA I 58 -0.45 -28.82 -6.87
C ALA I 58 -1.15 -30.18 -6.73
N THR I 59 -1.40 -30.93 -7.81
CA THR I 59 -2.11 -32.22 -7.73
C THR I 59 -1.25 -33.36 -8.24
N TRP I 60 -1.14 -34.43 -7.45
CA TRP I 60 -0.46 -35.66 -7.80
C TRP I 60 -1.08 -36.40 -8.98
N VAL I 61 -0.23 -37.01 -9.83
CA VAL I 61 -0.66 -37.80 -10.99
C VAL I 61 -1.43 -39.07 -10.61
N ALA I 62 -2.36 -39.54 -11.46
CA ALA I 62 -3.20 -40.70 -11.18
C ALA I 62 -2.51 -42.03 -11.49
N ALA I 63 -1.17 -42.01 -11.61
CA ALA I 63 -0.26 -43.14 -11.67
C ALA I 63 -0.22 -43.84 -13.02
N SER I 64 -1.39 -44.23 -13.56
CA SER I 64 -1.54 -44.92 -14.83
C SER I 64 -1.71 -43.96 -16.00
N THR I 65 -1.93 -42.66 -15.74
CA THR I 65 -2.02 -41.63 -16.76
C THR I 65 -0.64 -41.28 -17.33
N TYR I 66 -0.32 -41.85 -18.51
CA TYR I 66 0.94 -41.61 -19.20
C TYR I 66 0.75 -40.92 -20.54
N GLY I 67 -0.47 -40.98 -21.13
CA GLY I 67 -0.78 -40.34 -22.39
C GLY I 67 -1.17 -38.89 -22.25
N THR I 68 -1.51 -38.23 -23.37
CA THR I 68 -1.98 -36.84 -23.39
C THR I 68 -3.43 -36.72 -22.94
N ASP I 69 -3.80 -35.95 -21.88
CA ASP I 69 -3.01 -35.33 -20.83
C ASP I 69 -2.99 -36.25 -19.60
N THR I 70 -2.05 -35.98 -18.68
CA THR I 70 -1.82 -36.76 -17.48
C THR I 70 -2.52 -36.15 -16.29
N THR I 71 -3.36 -35.11 -16.54
CA THR I 71 -4.30 -34.46 -15.62
C THR I 71 -3.64 -33.70 -14.49
N THR I 72 -2.55 -32.99 -14.84
CA THR I 72 -1.59 -32.34 -13.95
C THR I 72 -2.06 -31.18 -13.09
N GLY I 73 -3.38 -30.92 -12.99
CA GLY I 73 -3.95 -29.72 -12.37
C GLY I 73 -3.33 -28.41 -12.78
N GLU I 74 -3.38 -27.39 -11.93
CA GLU I 74 -2.69 -26.14 -12.13
C GLU I 74 -2.57 -25.46 -10.77
N GLU I 75 -1.82 -24.36 -10.70
CA GLU I 75 -1.54 -23.64 -9.48
C GLU I 75 -2.73 -22.87 -8.91
N VAL I 76 -2.57 -22.26 -7.72
CA VAL I 76 -3.60 -21.41 -7.16
C VAL I 76 -3.36 -19.99 -7.66
N LYS I 77 -4.39 -19.34 -8.26
CA LYS I 77 -4.25 -18.00 -8.83
C LYS I 77 -3.84 -16.93 -7.82
N GLY I 78 -2.54 -16.55 -7.86
CA GLY I 78 -1.97 -15.52 -7.01
C GLY I 78 -2.32 -14.13 -7.46
N ALA I 79 -3.44 -13.58 -6.96
CA ALA I 79 -3.83 -12.19 -7.14
C ALA I 79 -2.84 -11.21 -6.52
N LEU I 80 -2.08 -10.46 -7.34
CA LEU I 80 -0.97 -9.63 -6.90
C LEU I 80 -1.41 -8.25 -6.39
N LYS I 81 -2.28 -8.27 -5.36
CA LYS I 81 -2.95 -7.16 -4.74
C LYS I 81 -2.10 -5.95 -4.34
N GLU I 82 -2.59 -4.74 -4.66
CA GLU I 82 -2.05 -3.48 -4.19
C GLU I 82 -2.26 -3.23 -2.70
N ILE I 83 -1.28 -2.58 -2.04
CA ILE I 83 -1.50 -1.88 -0.78
C ILE I 83 -1.02 -0.45 -0.91
N HIS I 84 -1.69 0.51 -0.22
CA HIS I 84 -1.40 1.93 -0.35
C HIS I 84 -1.23 2.59 1.01
N PHE I 85 -0.61 3.79 1.03
CA PHE I 85 -0.40 4.55 2.24
C PHE I 85 -1.13 5.88 2.16
N SER I 86 -1.18 6.63 3.28
CA SER I 86 -1.82 7.93 3.35
C SER I 86 -1.00 8.76 4.31
N THR I 87 -1.03 10.10 4.21
CA THR I 87 -0.37 11.01 5.15
C THR I 87 -1.37 12.03 5.65
N TYR I 88 -1.36 12.32 6.96
CA TYR I 88 -2.18 13.35 7.58
C TYR I 88 -1.25 14.50 7.95
N LYS I 89 -1.78 15.71 8.20
CA LYS I 89 -0.97 16.84 8.63
C LYS I 89 -1.36 17.32 10.01
N LEU I 90 -0.35 17.71 10.82
CA LEU I 90 -0.55 18.44 12.05
C LEU I 90 0.17 19.75 11.89
N ALA I 91 -0.37 20.81 12.49
CA ALA I 91 0.29 22.08 12.54
C ALA I 91 -0.07 22.71 13.86
N ALA I 92 0.92 23.26 14.58
CA ALA I 92 0.71 23.92 15.84
C ALA I 92 1.21 25.34 15.72
N LYS I 93 0.51 26.28 16.37
CA LYS I 93 0.83 27.69 16.28
C LYS I 93 0.90 28.25 17.68
N SER I 94 1.86 29.16 17.93
CA SER I 94 1.96 29.87 19.19
C SER I 94 2.21 31.33 18.90
N PHE I 95 1.97 32.21 19.87
CA PHE I 95 2.00 33.64 19.63
C PHE I 95 2.49 34.38 20.86
N ILE I 96 2.95 35.62 20.64
CA ILE I 96 3.38 36.51 21.71
C ILE I 96 3.19 37.91 21.14
N THR I 97 3.16 38.94 21.97
CA THR I 97 3.02 40.32 21.51
C THR I 97 4.20 41.10 22.02
N ASP I 98 4.59 42.14 21.26
CA ASP I 98 5.76 42.95 21.54
C ASP I 98 5.74 43.61 22.93
N GLU I 99 4.56 44.10 23.37
CA GLU I 99 4.40 44.69 24.68
C GLU I 99 4.58 43.73 25.86
N THR I 100 4.64 42.39 25.64
CA THR I 100 4.71 41.41 26.73
C THR I 100 6.00 40.61 26.79
N GLU I 101 7.11 41.08 26.16
CA GLU I 101 8.44 40.66 26.63
C GLU I 101 9.41 41.82 26.82
N GLU I 102 8.96 43.10 26.71
CA GLU I 102 9.85 44.24 26.94
C GLU I 102 9.90 44.72 28.38
N ASP I 103 8.85 44.43 29.18
CA ASP I 103 8.73 44.81 30.57
C ASP I 103 9.71 44.08 31.50
N ALA I 104 9.86 42.77 31.22
CA ALA I 104 10.53 41.83 32.07
C ALA I 104 11.96 41.49 31.64
N ILE I 105 12.21 40.21 31.30
CA ILE I 105 13.51 39.69 30.93
C ILE I 105 13.34 39.00 29.59
N PHE I 106 14.13 39.41 28.57
CA PHE I 106 14.12 38.86 27.22
C PHE I 106 14.62 37.42 27.14
N SER I 107 13.76 36.44 27.50
CA SER I 107 14.13 35.04 27.51
C SER I 107 12.94 34.12 27.25
N LEU I 108 11.79 34.69 26.81
CA LEU I 108 10.58 33.96 26.54
C LEU I 108 10.67 33.09 25.29
N LEU I 109 11.33 33.57 24.22
CA LEU I 109 11.44 32.87 22.95
C LEU I 109 12.11 31.48 22.97
N PRO I 110 13.17 31.15 23.71
CA PRO I 110 13.57 29.77 23.92
C PRO I 110 12.56 28.93 24.70
N LEU I 111 11.97 29.47 25.79
CA LEU I 111 10.99 28.77 26.60
C LEU I 111 9.72 28.41 25.82
N LEU I 112 9.23 29.34 25.00
CA LEU I 112 8.08 29.12 24.14
C LEU I 112 8.27 28.01 23.11
N ARG I 113 9.42 27.98 22.41
CA ARG I 113 9.69 26.94 21.42
C ARG I 113 9.91 25.54 21.98
N LYS I 114 10.59 25.38 23.15
CA LYS I 114 10.72 24.06 23.79
C LYS I 114 9.38 23.48 24.21
N ARG I 115 8.50 24.32 24.79
CA ARG I 115 7.18 23.94 25.22
C ARG I 115 6.25 23.61 24.05
N LEU I 116 6.33 24.37 22.93
CA LEU I 116 5.61 24.05 21.70
C LEU I 116 6.02 22.73 21.06
N ILE I 117 7.34 22.41 20.95
CA ILE I 117 7.78 21.12 20.44
C ILE I 117 7.43 19.95 21.36
N GLU I 118 7.50 20.10 22.71
CA GLU I 118 6.97 19.14 23.68
C GLU I 118 5.47 18.92 23.48
N ALA I 119 4.68 20.01 23.36
CA ALA I 119 3.25 19.98 23.12
C ALA I 119 2.86 19.27 21.83
N HIS I 120 3.64 19.50 20.76
CA HIS I 120 3.55 18.76 19.51
C HIS I 120 3.93 17.29 19.66
N ALA I 121 5.05 16.97 20.36
CA ALA I 121 5.51 15.61 20.59
C ALA I 121 4.56 14.73 21.38
N VAL I 122 4.04 15.23 22.53
CA VAL I 122 3.04 14.55 23.34
C VAL I 122 1.73 14.34 22.59
N SER I 123 1.32 15.33 21.77
CA SER I 123 0.14 15.22 20.89
C SER I 123 0.26 14.19 19.79
N ILE I 124 1.43 14.06 19.12
CA ILE I 124 1.63 12.98 18.16
C ILE I 124 1.76 11.61 18.81
N GLU I 125 2.47 11.48 19.97
CA GLU I 125 2.55 10.24 20.71
C GLU I 125 1.19 9.76 21.22
N GLU I 126 0.35 10.70 21.73
CA GLU I 126 -1.05 10.47 22.03
C GLU I 126 -1.87 9.93 20.87
N ALA I 127 -1.77 10.57 19.69
CA ALA I 127 -2.47 10.17 18.49
C ALA I 127 -2.05 8.82 17.92
N PHE I 128 -0.74 8.51 17.99
CA PHE I 128 -0.20 7.19 17.70
C PHE I 128 -0.68 6.13 18.70
N MET I 129 -0.79 6.45 19.99
CA MET I 129 -1.34 5.53 20.97
C MET I 129 -2.85 5.37 20.91
N THR I 130 -3.61 6.43 21.23
CA THR I 130 -5.05 6.43 21.40
C THR I 130 -5.64 7.24 20.29
N GLY I 131 -6.26 6.57 19.30
CA GLY I 131 -6.72 7.28 18.14
C GLY I 131 -7.90 6.63 17.51
N ASP I 132 -8.17 7.04 16.27
CA ASP I 132 -9.54 7.24 15.83
C ASP I 132 -9.59 6.83 14.34
N GLY I 133 -10.13 7.72 13.49
CA GLY I 133 -10.12 7.61 12.03
C GLY I 133 -10.70 8.83 11.39
N SER I 134 -11.41 9.67 12.15
CA SER I 134 -12.00 10.92 11.68
C SER I 134 -11.00 12.07 11.85
N GLY I 135 -10.34 12.46 10.74
CA GLY I 135 -9.45 13.63 10.61
C GLY I 135 -8.07 13.49 11.20
N LYS I 136 -7.99 12.85 12.36
CA LYS I 136 -6.78 12.51 13.06
C LYS I 136 -6.41 11.06 12.75
N PRO I 137 -5.17 10.63 12.77
CA PRO I 137 -4.80 9.24 12.47
C PRO I 137 -5.41 8.18 13.38
N LYS I 138 -5.40 6.94 12.89
CA LYS I 138 -5.81 5.78 13.66
C LYS I 138 -4.70 5.28 14.57
N GLY I 139 -4.92 5.30 15.89
CA GLY I 139 -3.92 4.90 16.87
C GLY I 139 -3.81 3.42 17.09
N LEU I 140 -2.84 3.01 17.92
CA LEU I 140 -2.48 1.63 18.18
C LEU I 140 -3.59 0.77 18.77
N LEU I 141 -4.34 1.29 19.77
CA LEU I 141 -5.43 0.54 20.39
C LEU I 141 -6.61 0.24 19.46
N THR I 142 -7.02 1.19 18.60
CA THR I 142 -8.07 0.95 17.59
C THR I 142 -7.60 -0.02 16.50
N LEU I 143 -6.31 0.09 16.10
CA LEU I 143 -5.64 -0.72 15.10
C LEU I 143 -5.47 -2.19 15.49
N ALA I 144 -5.72 -2.52 16.77
CA ALA I 144 -5.72 -3.87 17.30
C ALA I 144 -7.10 -4.31 17.74
N SER I 145 -8.16 -3.67 17.21
CA SER I 145 -9.52 -4.02 17.56
C SER I 145 -10.43 -4.06 16.34
N GLU I 146 -9.99 -3.47 15.20
CA GLU I 146 -10.60 -3.62 13.87
C GLU I 146 -10.61 -5.06 13.34
N ASP I 147 -9.46 -5.76 13.49
CA ASP I 147 -9.25 -7.16 13.14
C ASP I 147 -9.96 -8.10 14.10
N SER I 148 -10.29 -7.57 15.29
CA SER I 148 -11.24 -8.01 16.32
C SER I 148 -10.62 -8.52 17.60
N ALA I 149 -9.27 -8.58 17.71
CA ALA I 149 -8.49 -9.42 18.61
C ALA I 149 -8.64 -9.26 20.15
N LYS I 150 -9.82 -9.60 20.70
CA LYS I 150 -10.14 -9.48 22.11
C LYS I 150 -10.91 -10.70 22.60
N VAL I 151 -11.00 -10.91 23.93
CA VAL I 151 -11.70 -12.06 24.52
C VAL I 151 -12.53 -11.53 25.68
N VAL I 152 -13.53 -12.31 26.12
CA VAL I 152 -14.41 -11.94 27.21
C VAL I 152 -14.61 -13.18 28.08
N THR I 153 -14.58 -13.11 29.41
CA THR I 153 -14.31 -11.95 30.27
C THR I 153 -12.98 -12.21 30.95
N GLU I 154 -11.89 -11.60 30.42
CA GLU I 154 -10.50 -11.85 30.80
C GLU I 154 -10.17 -11.46 32.25
N ALA I 155 -10.70 -10.33 32.73
CA ALA I 155 -10.68 -9.97 34.12
C ALA I 155 -11.80 -8.96 34.34
N LYS I 156 -11.65 -8.06 35.33
CA LYS I 156 -12.53 -6.95 35.56
C LYS I 156 -11.75 -6.02 36.46
N ALA I 157 -12.29 -4.82 36.78
CA ALA I 157 -11.69 -3.86 37.70
C ALA I 157 -11.23 -4.42 39.07
N ASP I 158 -10.19 -3.79 39.67
CA ASP I 158 -9.52 -4.24 40.88
C ASP I 158 -10.44 -4.37 42.09
N GLY I 159 -10.61 -5.61 42.57
CA GLY I 159 -11.56 -5.83 43.65
C GLY I 159 -11.75 -7.25 44.06
N SER I 160 -11.00 -8.22 43.49
CA SER I 160 -11.40 -9.63 43.46
C SER I 160 -10.62 -10.47 42.45
N VAL I 161 -10.13 -9.88 41.34
CA VAL I 161 -9.33 -10.62 40.37
C VAL I 161 -8.20 -9.70 39.95
N LEU I 162 -7.14 -10.26 39.31
CA LEU I 162 -5.94 -9.58 38.89
C LEU I 162 -5.51 -10.22 37.56
N VAL I 163 -4.54 -9.62 36.82
CA VAL I 163 -4.06 -10.15 35.54
C VAL I 163 -2.56 -10.40 35.59
N THR I 164 -2.12 -11.62 35.26
CA THR I 164 -0.72 -12.01 35.51
C THR I 164 -0.18 -12.87 34.37
N ALA I 165 0.59 -13.96 34.64
CA ALA I 165 1.25 -14.73 33.59
C ALA I 165 0.29 -15.47 32.68
N LYS I 166 -0.78 -16.00 33.29
CA LYS I 166 -1.85 -16.76 32.69
C LYS I 166 -2.69 -16.04 31.64
N THR I 167 -3.02 -14.74 31.83
CA THR I 167 -3.69 -13.95 30.78
C THR I 167 -2.78 -13.70 29.60
N ILE I 168 -1.51 -13.34 29.84
CA ILE I 168 -0.51 -13.07 28.81
C ILE I 168 -0.24 -14.30 27.92
N SER I 169 -0.27 -15.52 28.51
CA SER I 169 -0.24 -16.77 27.73
C SER I 169 -1.41 -16.91 26.76
N LYS I 170 -2.66 -16.68 27.22
CA LYS I 170 -3.84 -16.70 26.39
C LYS I 170 -3.88 -15.57 25.36
N LEU I 171 -3.32 -14.39 25.69
CA LEU I 171 -3.04 -13.35 24.71
C LEU I 171 -2.04 -13.77 23.63
N ARG I 172 -0.94 -14.48 23.98
CA ARG I 172 0.00 -15.06 23.03
C ARG I 172 -0.62 -16.13 22.10
N ARG I 173 -1.48 -17.01 22.64
CA ARG I 173 -2.28 -17.96 21.88
C ARG I 173 -3.24 -17.33 20.86
N LYS I 174 -3.95 -16.24 21.24
CA LYS I 174 -4.79 -15.49 20.31
C LYS I 174 -3.99 -14.69 19.26
N LEU I 175 -2.84 -14.10 19.65
CA LEU I 175 -1.95 -13.33 18.78
C LEU I 175 -1.33 -14.06 17.60
N GLY I 176 -0.79 -15.28 17.79
CA GLY I 176 0.18 -15.89 16.86
C GLY I 176 -0.35 -16.49 15.57
N ARG I 177 -1.30 -15.82 14.89
CA ARG I 177 -1.94 -16.29 13.68
C ARG I 177 -1.41 -15.54 12.45
N HIS I 178 -0.49 -16.09 11.63
CA HIS I 178 0.22 -17.36 11.75
C HIS I 178 1.72 -17.10 11.84
N GLY I 179 2.45 -17.95 12.58
CA GLY I 179 3.91 -17.92 12.59
C GLY I 179 4.56 -16.92 13.54
N LEU I 180 4.59 -17.18 14.86
CA LEU I 180 5.32 -16.29 15.74
C LEU I 180 6.19 -17.05 16.72
N LYS I 181 7.52 -16.97 16.51
CA LYS I 181 8.54 -17.67 17.26
C LYS I 181 9.66 -16.69 17.63
N LEU I 182 10.54 -17.07 18.58
CA LEU I 182 11.57 -16.25 19.19
C LEU I 182 11.03 -15.01 19.93
N SER I 183 11.85 -13.94 20.00
CA SER I 183 11.48 -12.63 20.50
C SER I 183 10.92 -11.78 19.35
N LYS I 184 11.53 -10.61 19.04
CA LYS I 184 11.12 -9.60 18.07
C LYS I 184 9.71 -9.06 18.33
N LEU I 185 9.42 -8.77 19.60
CA LEU I 185 8.12 -8.31 20.03
C LEU I 185 8.33 -7.32 21.15
N VAL I 186 7.58 -6.21 21.15
CA VAL I 186 7.62 -5.18 22.17
C VAL I 186 6.25 -5.14 22.82
N LEU I 187 6.20 -5.04 24.16
CA LEU I 187 4.95 -4.97 24.89
C LEU I 187 4.92 -3.74 25.78
N ILE I 188 3.76 -3.06 25.82
CA ILE I 188 3.59 -1.81 26.55
C ILE I 188 2.38 -1.88 27.46
N VAL I 189 2.43 -1.13 28.58
CA VAL I 189 1.39 -1.16 29.60
C VAL I 189 1.04 0.23 30.09
N SER I 190 -0.19 0.39 30.63
CA SER I 190 -0.63 1.58 31.36
C SER I 190 0.13 1.80 32.67
N MET I 191 0.02 3.01 33.29
CA MET I 191 0.59 3.32 34.60
C MET I 191 0.09 2.38 35.68
N ASP I 192 -1.24 2.27 35.79
CA ASP I 192 -1.90 1.48 36.79
C ASP I 192 -1.62 0.00 36.58
N ALA I 193 -1.46 -0.39 35.29
CA ALA I 193 -1.17 -1.75 34.86
C ALA I 193 0.32 -2.08 34.84
N TYR I 194 1.15 -1.28 35.53
CA TYR I 194 2.49 -1.67 35.94
C TYR I 194 2.54 -1.76 37.46
N TYR I 195 1.38 -1.55 38.12
CA TYR I 195 1.33 -1.30 39.54
C TYR I 195 0.34 -2.19 40.27
N ASP I 196 -0.55 -2.91 39.56
CA ASP I 196 -1.34 -4.00 40.10
C ASP I 196 -0.56 -5.32 39.98
N LEU I 197 0.13 -5.56 38.84
CA LEU I 197 1.14 -6.64 38.69
C LEU I 197 2.44 -6.36 39.47
N LEU I 198 2.26 -6.10 40.76
CA LEU I 198 3.29 -5.74 41.71
C LEU I 198 2.80 -6.00 43.12
N GLU I 199 1.54 -6.40 43.37
CA GLU I 199 1.07 -6.75 44.72
C GLU I 199 0.94 -8.25 44.93
N ASP I 200 1.21 -9.02 43.86
CA ASP I 200 1.53 -10.42 43.70
C ASP I 200 2.17 -11.18 44.87
N GLU I 201 1.77 -12.41 45.25
CA GLU I 201 0.65 -13.26 44.84
C GLU I 201 0.87 -14.19 43.62
N GLU I 202 1.76 -13.82 42.68
CA GLU I 202 2.40 -14.71 41.71
C GLU I 202 3.89 -14.34 41.66
N TRP I 203 4.76 -15.18 41.02
CA TRP I 203 6.07 -14.82 40.48
C TRP I 203 7.22 -14.66 41.50
N GLN I 204 6.94 -14.03 42.64
CA GLN I 204 7.90 -13.60 43.65
C GLN I 204 7.13 -13.38 44.95
N ASP I 205 6.10 -14.22 45.15
CA ASP I 205 5.07 -14.12 46.14
C ASP I 205 5.54 -14.46 47.56
N VAL I 206 5.35 -15.72 47.96
CA VAL I 206 5.95 -16.32 49.12
C VAL I 206 7.32 -16.82 48.73
N ALA I 207 7.44 -17.33 47.50
CA ALA I 207 8.60 -18.08 47.08
C ALA I 207 9.34 -17.41 45.92
N GLN I 208 10.66 -17.13 46.06
CA GLN I 208 11.44 -16.48 45.02
C GLN I 208 11.74 -17.39 43.83
N VAL I 209 11.55 -18.71 44.00
CA VAL I 209 11.70 -19.72 42.97
C VAL I 209 10.74 -19.60 41.78
N GLY I 210 9.81 -18.63 41.78
CA GLY I 210 8.84 -18.38 40.71
C GLY I 210 9.38 -17.67 39.49
N ASN I 211 10.69 -17.39 39.45
CA ASN I 211 11.28 -16.57 38.41
C ASN I 211 12.75 -16.94 38.16
N ASP I 212 13.45 -16.18 37.29
CA ASP I 212 14.83 -16.42 36.92
C ASP I 212 15.83 -16.36 38.09
N SER I 213 15.69 -15.31 38.95
CA SER I 213 16.53 -14.92 40.10
C SER I 213 16.44 -13.40 40.31
N VAL I 214 15.24 -12.78 40.14
CA VAL I 214 15.08 -11.34 40.31
C VAL I 214 14.65 -10.97 41.72
N LYS I 215 15.34 -9.99 42.32
CA LYS I 215 15.39 -9.80 43.76
C LYS I 215 16.00 -8.46 44.23
N LEU I 216 16.56 -7.55 43.42
CA LEU I 216 17.62 -7.67 42.41
C LEU I 216 17.16 -7.50 40.97
N GLN I 217 17.55 -6.45 40.20
CA GLN I 217 18.38 -5.32 40.54
C GLN I 217 17.54 -4.13 40.99
N GLY I 218 16.21 -4.33 41.05
CA GLY I 218 15.27 -3.28 41.44
C GLY I 218 13.85 -3.57 41.02
N GLN I 219 13.46 -4.86 40.98
CA GLN I 219 12.12 -5.32 40.64
C GLN I 219 11.59 -4.89 39.28
N VAL I 220 12.40 -5.10 38.23
CA VAL I 220 12.01 -4.77 36.86
C VAL I 220 11.21 -5.89 36.21
N GLY I 221 10.14 -5.53 35.47
CA GLY I 221 9.39 -6.50 34.68
C GLY I 221 10.16 -7.10 33.52
N ARG I 222 10.23 -8.44 33.47
CA ARG I 222 10.90 -9.20 32.43
C ARG I 222 10.00 -10.37 32.04
N ILE I 223 8.72 -10.08 31.75
CA ILE I 223 7.69 -11.08 31.49
C ILE I 223 7.93 -11.87 30.22
N TYR I 224 8.16 -13.20 30.39
CA TYR I 224 8.62 -14.13 29.36
C TYR I 224 9.94 -13.71 28.71
N GLY I 225 10.82 -13.05 29.50
CA GLY I 225 12.11 -12.56 29.06
C GLY I 225 12.09 -11.26 28.30
N LEU I 226 10.91 -10.67 28.09
CA LEU I 226 10.74 -9.45 27.35
C LEU I 226 10.74 -8.25 28.30
N PRO I 227 11.41 -7.14 28.03
CA PRO I 227 11.27 -5.94 28.84
C PRO I 227 9.91 -5.29 28.61
N VAL I 228 9.27 -4.85 29.70
CA VAL I 228 8.00 -4.13 29.62
C VAL I 228 8.28 -2.65 29.58
N VAL I 229 7.73 -1.94 28.58
CA VAL I 229 7.89 -0.50 28.50
C VAL I 229 6.59 0.15 28.95
N VAL I 230 6.66 0.90 30.06
CA VAL I 230 5.56 1.69 30.58
C VAL I 230 5.14 2.80 29.60
N SER I 231 3.84 3.14 29.55
CA SER I 231 3.43 4.32 28.82
C SER I 231 2.23 4.92 29.51
N GLU I 232 2.38 6.10 30.14
CA GLU I 232 1.32 6.76 30.87
C GLU I 232 0.38 7.58 29.97
N TYR I 233 0.01 7.01 28.80
CA TYR I 233 -0.84 7.60 27.78
C TYR I 233 -2.13 6.80 27.55
N PHE I 234 -2.40 5.78 28.37
CA PHE I 234 -3.64 5.03 28.28
C PHE I 234 -4.77 5.75 29.04
N PRO I 235 -6.02 5.78 28.57
CA PRO I 235 -7.15 6.29 29.35
C PRO I 235 -7.46 5.49 30.63
N ALA I 236 -8.28 6.09 31.51
CA ALA I 236 -8.80 5.49 32.72
C ALA I 236 -9.47 4.11 32.58
N LYS I 237 -9.60 3.37 33.71
CA LYS I 237 -10.16 2.03 33.75
C LYS I 237 -11.63 1.95 33.32
N ALA I 238 -11.89 1.33 32.15
CA ALA I 238 -13.21 1.23 31.58
C ALA I 238 -13.30 -0.03 30.71
N ASN I 239 -13.72 0.11 29.44
CA ASN I 239 -13.72 -0.94 28.44
C ASN I 239 -12.52 -0.80 27.50
N SER I 240 -11.61 0.12 27.86
CA SER I 240 -10.34 0.40 27.21
C SER I 240 -9.28 -0.66 27.43
N ALA I 241 -8.30 -0.70 26.50
CA ALA I 241 -7.09 -1.47 26.60
C ALA I 241 -6.14 -1.10 27.75
N GLU I 242 -5.32 -2.06 28.24
CA GLU I 242 -4.27 -1.79 29.20
C GLU I 242 -2.92 -2.43 28.83
N PHE I 243 -2.92 -3.57 28.10
CA PHE I 243 -1.74 -4.32 27.72
C PHE I 243 -1.69 -4.50 26.20
N ALA I 244 -0.71 -3.90 25.51
CA ALA I 244 -0.61 -3.98 24.07
C ALA I 244 0.72 -4.57 23.61
N VAL I 245 0.67 -5.49 22.62
CA VAL I 245 1.83 -6.17 22.07
C VAL I 245 1.98 -5.85 20.59
N ILE I 246 3.23 -5.66 20.12
CA ILE I 246 3.50 -5.37 18.72
C ILE I 246 4.73 -6.14 18.24
N VAL I 247 4.62 -6.80 17.08
CA VAL I 247 5.70 -7.49 16.39
C VAL I 247 5.89 -6.86 15.02
N TYR I 248 7.14 -6.50 14.70
CA TYR I 248 7.50 -5.80 13.48
C TYR I 248 8.77 -6.41 12.91
N LYS I 249 8.93 -6.38 11.57
CA LYS I 249 10.14 -6.82 10.91
C LYS I 249 10.36 -6.13 9.55
N ASP I 250 9.30 -5.56 8.97
CA ASP I 250 9.31 -4.94 7.66
C ASP I 250 8.20 -3.89 7.56
N ASN I 251 7.43 -3.76 8.67
CA ASN I 251 6.05 -3.41 8.69
C ASN I 251 5.75 -2.63 9.95
N PHE I 252 4.91 -1.57 9.85
CA PHE I 252 4.53 -0.59 10.88
C PHE I 252 5.23 0.74 10.66
N VAL I 253 6.28 0.73 9.82
CA VAL I 253 6.93 1.87 9.15
C VAL I 253 6.09 3.13 8.96
N MET I 254 6.54 4.28 9.46
CA MET I 254 5.79 5.52 9.32
C MET I 254 6.24 6.34 8.11
N PRO I 255 5.38 6.80 7.20
CA PRO I 255 5.83 7.56 6.03
C PRO I 255 6.04 9.03 6.35
N ARG I 256 7.15 9.59 5.85
CA ARG I 256 7.45 11.00 6.00
C ARG I 256 7.99 11.57 4.69
N GLN I 257 7.40 12.66 4.17
CA GLN I 257 7.98 13.41 3.05
C GLN I 257 8.69 14.68 3.51
N ARG I 258 8.41 15.17 4.74
CA ARG I 258 9.01 16.40 5.21
C ARG I 258 9.11 16.38 6.73
N ALA I 259 10.07 17.14 7.29
CA ALA I 259 10.30 17.19 8.71
C ALA I 259 9.44 18.28 9.36
N VAL I 260 9.72 18.59 10.64
CA VAL I 260 9.12 19.70 11.36
C VAL I 260 9.54 21.04 10.79
N THR I 261 8.76 21.61 9.85
CA THR I 261 9.09 22.90 9.26
C THR I 261 8.58 24.01 10.14
N VAL I 262 9.43 25.00 10.43
CA VAL I 262 9.08 26.12 11.29
C VAL I 262 9.14 27.41 10.50
N GLU I 263 8.05 28.19 10.54
CA GLU I 263 7.98 29.49 9.90
C GLU I 263 7.35 30.46 10.87
N ARG I 264 7.41 31.76 10.56
CA ARG I 264 6.96 32.77 11.48
C ARG I 264 6.61 34.04 10.75
N GLU I 265 5.91 34.94 11.44
CA GLU I 265 5.42 36.17 10.86
C GLU I 265 5.27 37.20 11.97
N ARG I 266 4.88 38.42 11.58
CA ARG I 266 5.02 39.63 12.38
C ARG I 266 4.31 40.76 11.65
N GLN I 267 4.60 40.89 10.34
CA GLN I 267 3.96 41.85 9.48
C GLN I 267 2.73 41.19 8.84
N ALA I 268 1.47 41.57 9.18
CA ALA I 268 1.06 42.69 9.98
C ALA I 268 -0.22 42.41 10.76
N GLY I 269 -0.58 43.34 11.68
CA GLY I 269 -1.83 43.32 12.43
C GLY I 269 -1.64 43.01 13.90
N LYS I 270 -1.94 44.00 14.77
CA LYS I 270 -1.88 43.86 16.23
C LYS I 270 -0.58 43.31 16.84
N GLN I 271 0.58 43.89 16.44
CA GLN I 271 1.94 43.63 16.94
C GLN I 271 2.25 42.29 17.60
N ARG I 272 2.28 41.23 16.78
CA ARG I 272 2.41 39.87 17.25
C ARG I 272 3.65 39.23 16.65
N ASP I 273 4.38 38.38 17.39
CA ASP I 273 5.32 37.46 16.78
C ASP I 273 4.64 36.11 16.89
N ALA I 274 4.60 35.35 15.79
CA ALA I 274 3.83 34.12 15.76
C ALA I 274 4.65 33.03 15.13
N TYR I 275 4.63 31.82 15.72
CA TYR I 275 5.44 30.71 15.30
C TYR I 275 4.55 29.59 14.86
N TYR I 276 4.82 29.02 13.68
CA TYR I 276 4.05 27.97 13.07
C TYR I 276 4.96 26.79 12.85
N VAL I 277 4.64 25.62 13.43
CA VAL I 277 5.39 24.39 13.24
C VAL I 277 4.49 23.39 12.55
N THR I 278 5.00 22.69 11.51
CA THR I 278 4.14 21.84 10.68
C THR I 278 4.78 20.50 10.36
N GLN I 279 3.98 19.41 10.39
CA GLN I 279 4.47 18.07 10.15
C GLN I 279 3.42 17.26 9.40
N ARG I 280 3.85 16.36 8.48
CA ARG I 280 3.00 15.38 7.85
C ARG I 280 3.50 14.01 8.27
N VAL I 281 2.59 13.08 8.68
CA VAL I 281 2.96 11.75 9.16
C VAL I 281 1.73 10.85 9.15
N ASN I 282 1.86 9.52 9.37
CA ASN I 282 0.76 8.60 9.62
C ASN I 282 1.33 7.33 10.26
N LEU I 283 0.48 6.45 10.81
CA LEU I 283 0.85 5.15 11.34
C LEU I 283 0.10 4.05 10.59
N GLN I 284 0.82 3.15 9.91
CA GLN I 284 0.26 2.15 9.02
C GLN I 284 0.67 0.74 9.43
N ARG I 285 0.20 -0.28 8.69
CA ARG I 285 0.68 -1.64 8.79
C ARG I 285 0.46 -2.21 7.41
N TYR I 286 1.02 -3.40 7.09
CA TYR I 286 0.78 -4.06 5.82
C TYR I 286 -0.32 -5.09 6.03
N PHE I 287 0.08 -6.32 6.40
CA PHE I 287 -0.77 -7.35 6.95
C PHE I 287 -1.39 -6.96 8.30
N ALA I 288 -2.61 -7.47 8.59
CA ALA I 288 -3.33 -7.24 9.83
C ALA I 288 -2.65 -7.86 11.06
N ASN I 289 -2.09 -9.07 10.92
CA ASN I 289 -1.32 -9.74 11.95
C ASN I 289 -0.07 -8.95 12.38
N GLY I 290 -0.04 -8.43 13.62
CA GLY I 290 1.12 -7.67 14.04
C GLY I 290 0.96 -6.94 15.33
N VAL I 291 -0.24 -6.41 15.61
CA VAL I 291 -0.54 -5.75 16.87
C VAL I 291 -1.77 -6.39 17.48
N VAL I 292 -1.75 -6.65 18.80
CA VAL I 292 -2.90 -7.14 19.55
C VAL I 292 -2.91 -6.37 20.85
N SER I 293 -4.10 -5.91 21.30
CA SER I 293 -4.24 -5.17 22.54
C SER I 293 -5.28 -5.82 23.40
N GLY I 294 -4.93 -6.25 24.62
CA GLY I 294 -5.93 -6.55 25.64
C GLY I 294 -6.53 -5.25 26.12
N THR I 295 -7.80 -5.14 26.51
CA THR I 295 -8.97 -5.99 26.26
C THR I 295 -8.95 -7.47 26.66
N TYR I 296 -8.96 -7.85 27.97
CA TYR I 296 -9.28 -7.08 29.18
C TYR I 296 -10.61 -6.33 29.16
N ALA I 297 -11.73 -7.03 29.44
CA ALA I 297 -13.01 -6.38 29.51
C ALA I 297 -13.26 -5.63 30.83
N ALA I 298 -14.27 -4.74 30.82
CA ALA I 298 -14.80 -4.01 31.96
C ALA I 298 -15.29 -4.85 33.16
N SER I 299 -15.92 -4.17 34.14
CA SER I 299 -16.70 -4.77 35.19
C SER I 299 -18.17 -4.32 35.07
N ALA J 1 23.70 6.58 106.31
CA ALA J 1 24.31 6.26 107.63
C ALA J 1 24.55 4.78 107.83
N VAL J 2 25.29 4.40 108.87
CA VAL J 2 25.51 3.04 109.31
C VAL J 2 24.91 2.94 110.70
N ASN J 3 24.15 1.87 110.97
CA ASN J 3 23.55 1.68 112.28
C ASN J 3 23.41 0.21 112.63
N GLN J 4 23.43 -0.69 111.63
CA GLN J 4 23.52 -2.11 111.86
C GLN J 4 24.31 -2.72 110.69
N SER J 5 25.31 -3.59 110.91
CA SER J 5 26.02 -3.85 112.14
C SER J 5 26.97 -2.72 112.53
N SER J 6 27.33 -2.64 113.82
CA SER J 6 28.27 -1.64 114.31
C SER J 6 28.95 -2.27 115.50
N SER J 7 29.57 -3.43 115.24
CA SER J 7 30.02 -4.35 116.27
C SER J 7 31.49 -4.63 116.06
N VAL J 8 32.42 -4.40 117.01
CA VAL J 8 32.26 -3.93 118.38
C VAL J 8 32.75 -2.48 118.53
N GLU J 9 33.22 -1.88 117.42
CA GLU J 9 33.78 -0.55 117.39
C GLU J 9 32.93 0.37 116.53
N VAL J 10 33.31 1.66 116.42
CA VAL J 10 32.45 2.69 115.86
C VAL J 10 32.66 2.87 114.36
N SER J 11 31.76 2.29 113.56
CA SER J 11 31.75 2.33 112.09
C SER J 11 31.33 3.68 111.52
N SER J 12 32.09 4.76 111.85
CA SER J 12 31.82 6.16 111.54
C SER J 12 30.38 6.65 111.74
N GLU J 13 29.79 7.24 110.70
CA GLU J 13 28.42 7.74 110.72
C GLU J 13 27.78 7.47 109.37
N SER J 14 28.31 8.02 108.27
CA SER J 14 27.78 7.98 106.91
C SER J 14 28.93 8.17 105.95
N TYR J 15 28.62 8.26 104.63
CA TYR J 15 29.55 8.63 103.57
C TYR J 15 30.80 7.72 103.49
N GLU J 16 30.55 6.40 103.50
CA GLU J 16 31.56 5.40 103.74
C GLU J 16 31.94 4.60 102.51
N THR J 17 31.73 5.17 101.31
CA THR J 17 32.00 4.46 100.08
C THR J 17 32.66 5.33 99.02
N ILE J 18 33.27 4.67 98.03
CA ILE J 18 33.83 5.27 96.84
C ILE J 18 32.77 5.90 95.93
N PHE J 19 33.03 7.12 95.42
CA PHE J 19 32.10 7.85 94.58
C PHE J 19 32.43 7.64 93.10
N SER J 20 31.45 7.22 92.27
CA SER J 20 31.67 7.14 90.84
C SER J 20 31.31 8.43 90.14
N GLN J 21 32.33 9.16 89.67
CA GLN J 21 32.17 10.31 88.79
C GLN J 21 31.77 9.94 87.37
N ARG J 22 31.97 8.67 86.95
CA ARG J 22 31.69 8.24 85.60
C ARG J 22 30.20 8.22 85.24
N ILE J 23 29.82 9.05 84.25
CA ILE J 23 28.47 9.07 83.74
C ILE J 23 28.30 7.95 82.71
N ILE J 24 27.09 7.37 82.62
CA ILE J 24 26.73 6.36 81.65
C ILE J 24 25.27 6.64 81.36
N ARG J 25 24.76 6.27 80.18
CA ARG J 25 23.36 6.42 79.89
C ARG J 25 22.99 5.45 78.80
N ASP J 26 21.71 5.10 78.78
CA ASP J 26 20.99 4.25 77.86
C ASP J 26 20.92 4.71 76.40
N LEU J 27 20.67 3.75 75.49
CA LEU J 27 20.38 4.07 74.10
C LEU J 27 18.96 4.60 73.98
N GLN J 28 18.84 5.94 73.85
CA GLN J 28 17.58 6.64 73.86
C GLN J 28 16.96 6.74 72.45
N LYS J 29 16.65 7.95 71.96
CA LYS J 29 16.30 8.19 70.57
C LYS J 29 17.56 8.54 69.76
N GLU J 30 17.72 7.92 68.57
CA GLU J 30 18.64 8.37 67.56
C GLU J 30 18.00 9.38 66.60
N LEU J 31 18.81 10.01 65.74
CA LEU J 31 18.43 10.94 64.71
C LEU J 31 18.81 10.29 63.39
N VAL J 32 17.89 10.23 62.42
CA VAL J 32 18.12 9.52 61.15
C VAL J 32 17.52 10.24 59.96
N VAL J 33 16.49 11.11 60.14
CA VAL J 33 15.85 11.81 59.04
C VAL J 33 16.52 13.13 58.71
N GLY J 34 16.89 13.93 59.73
CA GLY J 34 17.59 15.21 59.59
C GLY J 34 19.06 15.14 59.21
N ALA J 35 19.41 14.19 58.33
CA ALA J 35 20.78 13.93 57.93
C ALA J 35 20.86 13.41 56.50
N LEU J 36 19.80 13.59 55.69
CA LEU J 36 19.74 13.02 54.35
C LEU J 36 18.99 13.88 53.34
N PHE J 37 18.97 15.22 53.56
CA PHE J 37 18.31 16.15 52.66
C PHE J 37 19.32 17.09 52.07
N GLU J 38 19.17 17.42 50.77
CA GLU J 38 19.98 18.43 50.10
C GLU J 38 19.88 19.83 50.72
N GLU J 39 20.99 20.58 50.78
CA GLU J 39 21.07 21.82 51.53
C GLU J 39 21.20 23.04 50.64
N LEU J 40 20.28 24.01 50.77
CA LEU J 40 20.24 25.18 49.90
C LEU J 40 20.67 26.45 50.64
N PRO J 41 21.80 27.08 50.33
CA PRO J 41 22.18 28.34 50.92
C PRO J 41 21.43 29.53 50.33
N MET J 42 21.06 30.52 51.14
CA MET J 42 20.40 31.73 50.67
C MET J 42 20.64 32.90 51.62
N SER J 43 20.65 34.15 51.10
CA SER J 43 21.01 35.33 51.91
C SER J 43 19.85 36.29 52.13
N SER J 44 18.61 35.88 51.85
CA SER J 44 17.43 36.77 51.91
C SER J 44 16.43 36.30 52.95
N LYS J 45 15.32 37.03 53.14
CA LYS J 45 14.24 36.58 54.03
C LYS J 45 13.49 35.38 53.44
N ILE J 46 13.17 35.46 52.14
CA ILE J 46 12.53 34.44 51.35
C ILE J 46 13.38 34.21 50.12
N LEU J 47 13.17 33.09 49.40
CA LEU J 47 13.74 32.88 48.09
C LEU J 47 12.63 32.38 47.18
N THR J 48 12.46 33.02 46.01
CA THR J 48 11.41 32.67 45.05
C THR J 48 12.05 32.22 43.76
N MET J 49 11.50 31.17 43.12
CA MET J 49 11.97 30.62 41.86
C MET J 49 10.78 30.23 40.99
N LEU J 50 10.99 29.96 39.69
CA LEU J 50 9.92 29.78 38.73
C LEU J 50 9.82 28.36 38.18
N VAL J 51 8.62 27.75 38.23
CA VAL J 51 8.37 26.42 37.71
C VAL J 51 7.27 26.44 36.65
N GLU J 52 7.58 25.98 35.41
CA GLU J 52 6.64 25.93 34.30
C GLU J 52 5.67 24.74 34.40
N PRO J 53 4.59 24.59 33.63
CA PRO J 53 3.78 23.37 33.65
C PRO J 53 3.99 22.60 32.35
N ASP J 54 3.62 21.30 32.29
CA ASP J 54 3.45 20.57 31.06
C ASP J 54 2.73 21.28 29.90
N ALA J 55 2.90 20.73 28.70
CA ALA J 55 2.08 21.06 27.57
C ALA J 55 2.05 19.79 26.75
N GLY J 56 0.99 19.49 25.99
CA GLY J 56 -0.30 20.17 25.92
C GLY J 56 -1.22 19.23 25.19
N LYS J 57 -2.21 19.75 24.46
CA LYS J 57 -3.00 18.96 23.53
C LYS J 57 -3.19 19.81 22.29
N ALA J 58 -2.89 19.27 21.09
CA ALA J 58 -3.16 19.94 19.85
C ALA J 58 -4.18 19.15 19.05
N THR J 59 -5.29 19.79 18.64
CA THR J 59 -6.32 19.16 17.84
C THR J 59 -5.95 19.08 16.37
N TRP J 60 -5.87 17.84 15.84
CA TRP J 60 -5.67 17.57 14.43
C TRP J 60 -6.79 18.09 13.54
N VAL J 61 -6.42 18.49 12.31
CA VAL J 61 -7.29 19.03 11.28
C VAL J 61 -8.39 18.09 10.78
N ALA J 62 -9.39 18.63 10.06
CA ALA J 62 -10.48 17.85 9.50
C ALA J 62 -10.20 17.34 8.09
N ALA J 63 -8.92 17.31 7.69
CA ALA J 63 -8.38 16.75 6.45
C ALA J 63 -8.77 17.45 5.15
N SER J 64 -9.69 18.42 5.21
CA SER J 64 -10.18 19.14 4.05
C SER J 64 -9.89 20.64 4.15
N THR J 65 -9.57 21.15 5.35
CA THR J 65 -9.49 22.58 5.64
C THR J 65 -8.08 23.13 5.52
N TYR J 66 -7.45 22.95 4.35
CA TYR J 66 -6.04 23.31 4.17
C TYR J 66 -5.80 24.79 3.85
N GLY J 67 -5.92 25.63 4.90
CA GLY J 67 -5.67 27.07 4.88
C GLY J 67 -6.91 27.87 4.59
N THR J 68 -7.09 29.01 5.28
CA THR J 68 -8.37 29.73 5.41
C THR J 68 -9.59 28.89 5.79
N ASP J 69 -9.61 28.26 6.98
CA ASP J 69 -8.60 28.31 8.02
C ASP J 69 -8.37 26.93 8.61
N THR J 70 -7.24 26.79 9.32
CA THR J 70 -6.62 25.48 9.56
C THR J 70 -7.25 24.68 10.65
N THR J 71 -8.04 25.34 11.52
CA THR J 71 -8.82 24.72 12.59
C THR J 71 -8.00 23.85 13.54
N THR J 72 -6.78 24.31 13.86
CA THR J 72 -5.90 23.67 14.84
C THR J 72 -6.06 24.37 16.16
N GLY J 73 -5.62 23.70 17.26
CA GLY J 73 -5.70 24.21 18.62
C GLY J 73 -5.13 25.59 18.88
N GLU J 74 -5.66 26.24 19.91
CA GLU J 74 -5.12 27.46 20.44
C GLU J 74 -4.44 27.09 21.75
N GLU J 75 -3.09 27.11 21.80
CA GLU J 75 -2.36 26.71 22.99
C GLU J 75 -2.07 27.96 23.80
N VAL J 76 -2.57 27.98 25.04
CA VAL J 76 -2.47 29.15 25.89
C VAL J 76 -1.11 29.17 26.56
N LYS J 77 -0.38 30.31 26.45
CA LYS J 77 0.97 30.46 26.94
C LYS J 77 1.12 30.12 28.43
N GLY J 78 1.67 28.92 28.73
CA GLY J 78 1.85 28.39 30.07
C GLY J 78 2.48 29.34 31.05
N ALA J 79 1.73 29.67 32.12
CA ALA J 79 2.18 30.53 33.19
C ALA J 79 3.34 29.93 33.97
N LEU J 80 4.40 30.72 34.22
CA LEU J 80 5.47 30.32 35.09
C LEU J 80 5.00 30.53 36.52
N LYS J 81 4.98 29.46 37.32
CA LYS J 81 4.39 29.51 38.65
C LYS J 81 5.52 29.77 39.63
N GLU J 82 5.39 30.78 40.49
CA GLU J 82 6.35 30.97 41.56
C GLU J 82 6.28 29.90 42.65
N ILE J 83 7.43 29.58 43.27
CA ILE J 83 7.54 28.79 44.48
C ILE J 83 8.41 29.60 45.42
N HIS J 84 7.89 29.94 46.63
CA HIS J 84 8.59 30.77 47.60
C HIS J 84 8.92 29.97 48.86
N PHE J 85 10.11 30.22 49.47
CA PHE J 85 10.58 29.48 50.63
C PHE J 85 10.72 30.38 51.86
N SER J 86 10.28 29.91 53.05
CA SER J 86 10.25 30.71 54.28
C SER J 86 11.12 30.14 55.39
N THR J 87 12.16 30.86 55.87
CA THR J 87 13.09 30.30 56.87
C THR J 87 12.81 30.73 58.31
N TYR J 88 12.20 29.82 59.11
CA TYR J 88 11.88 30.01 60.51
C TYR J 88 13.09 29.87 61.43
N LYS J 89 13.03 30.51 62.62
CA LYS J 89 14.13 30.55 63.57
C LYS J 89 13.74 29.92 64.90
N LEU J 90 14.73 29.36 65.60
CA LEU J 90 14.56 28.94 66.97
C LEU J 90 15.82 29.29 67.74
N ALA J 91 15.76 29.25 69.07
CA ALA J 91 16.91 29.53 69.89
C ALA J 91 16.70 28.87 71.23
N ALA J 92 17.80 28.56 71.94
CA ALA J 92 17.75 28.07 73.30
C ALA J 92 18.80 28.81 74.09
N LYS J 93 18.64 28.88 75.42
CA LYS J 93 19.60 29.55 76.26
C LYS J 93 19.88 28.69 77.45
N SER J 94 21.03 28.90 78.09
CA SER J 94 21.43 28.15 79.25
C SER J 94 22.37 29.01 80.06
N PHE J 95 22.52 28.72 81.35
CA PHE J 95 23.38 29.47 82.23
C PHE J 95 23.67 28.62 83.43
N ILE J 96 24.79 28.91 84.11
CA ILE J 96 25.21 28.36 85.40
C ILE J 96 25.81 29.59 86.08
N THR J 97 25.94 29.64 87.41
CA THR J 97 26.63 30.75 88.09
C THR J 97 28.00 30.28 88.50
N ASP J 98 29.02 31.17 88.58
CA ASP J 98 30.39 30.73 88.81
C ASP J 98 30.60 30.12 90.23
N GLU J 99 29.71 30.47 91.19
CA GLU J 99 29.62 29.99 92.57
C GLU J 99 28.93 28.62 92.73
N THR J 100 28.45 27.98 91.63
CA THR J 100 27.74 26.70 91.69
C THR J 100 28.39 25.63 90.84
N GLU J 101 29.74 25.61 90.77
CA GLU J 101 30.44 24.41 90.32
C GLU J 101 31.79 24.14 90.97
N GLU J 102 32.45 25.15 91.61
CA GLU J 102 33.74 24.94 92.26
C GLU J 102 33.64 24.21 93.59
N ASP J 103 32.46 24.23 94.23
CA ASP J 103 32.11 23.62 95.50
C ASP J 103 32.11 22.08 95.47
N ALA J 104 31.60 21.51 94.37
CA ALA J 104 31.25 20.11 94.28
C ALA J 104 32.25 19.25 93.50
N ILE J 105 31.75 18.50 92.50
CA ILE J 105 32.56 17.62 91.67
C ILE J 105 32.58 18.24 90.29
N PHE J 106 33.77 18.68 89.85
CA PHE J 106 34.00 19.27 88.54
C PHE J 106 33.78 18.28 87.38
N SER J 107 32.55 18.27 86.85
CA SER J 107 32.16 17.47 85.69
C SER J 107 31.21 18.29 84.83
N LEU J 108 31.14 19.61 85.08
CA LEU J 108 30.27 20.53 84.38
C LEU J 108 31.00 21.18 83.22
N LEU J 109 30.25 21.92 82.36
CA LEU J 109 30.66 22.52 81.09
C LEU J 109 30.45 21.62 79.86
N PRO J 110 31.20 20.61 79.41
CA PRO J 110 30.88 19.88 78.19
C PRO J 110 29.65 19.02 78.35
N LEU J 111 29.29 18.63 79.59
CA LEU J 111 28.05 17.93 79.91
C LEU J 111 26.80 18.72 79.51
N LEU J 112 26.74 20.02 79.89
CA LEU J 112 25.67 20.91 79.48
C LEU J 112 25.69 21.19 77.98
N ARG J 113 26.89 21.44 77.41
CA ARG J 113 27.05 21.69 75.99
C ARG J 113 26.60 20.55 75.08
N LYS J 114 26.90 19.28 75.44
CA LYS J 114 26.34 18.14 74.72
C LYS J 114 24.82 18.05 74.85
N ARG J 115 24.26 18.30 76.05
CA ARG J 115 22.85 18.14 76.30
C ARG J 115 21.95 19.12 75.56
N LEU J 116 22.32 20.41 75.50
CA LEU J 116 21.58 21.39 74.72
C LEU J 116 21.59 21.13 73.22
N ILE J 117 22.74 20.72 72.61
CA ILE J 117 22.77 20.31 71.21
C ILE J 117 21.99 19.01 70.95
N GLU J 118 22.07 18.02 71.87
CA GLU J 118 21.29 16.79 71.83
C GLU J 118 19.77 17.05 71.88
N ALA J 119 19.34 17.94 72.79
CA ALA J 119 17.96 18.41 72.88
C ALA J 119 17.47 19.16 71.63
N HIS J 120 18.33 20.01 71.06
CA HIS J 120 18.11 20.72 69.82
C HIS J 120 17.99 19.81 68.59
N ALA J 121 18.86 18.78 68.48
CA ALA J 121 18.79 17.78 67.44
C ALA J 121 17.48 16.98 67.47
N VAL J 122 17.04 16.57 68.68
CA VAL J 122 15.73 15.94 68.89
C VAL J 122 14.57 16.86 68.51
N SER J 123 14.58 18.16 68.89
CA SER J 123 13.52 19.09 68.50
C SER J 123 13.41 19.35 67.01
N ILE J 124 14.54 19.43 66.28
CA ILE J 124 14.56 19.51 64.83
C ILE J 124 13.99 18.26 64.16
N GLU J 125 14.41 17.05 64.59
CA GLU J 125 13.88 15.79 64.08
C GLU J 125 12.38 15.61 64.37
N GLU J 126 11.92 15.92 65.61
CA GLU J 126 10.53 15.85 66.01
C GLU J 126 9.63 16.78 65.20
N ALA J 127 10.10 18.02 64.92
CA ALA J 127 9.48 18.99 64.06
C ALA J 127 9.44 18.60 62.58
N PHE J 128 10.51 18.00 62.05
CA PHE J 128 10.56 17.46 60.69
C PHE J 128 9.61 16.27 60.49
N MET J 129 9.42 15.43 61.52
CA MET J 129 8.38 14.42 61.53
C MET J 129 6.96 14.99 61.67
N THR J 130 6.73 15.91 62.62
CA THR J 130 5.39 16.39 62.97
C THR J 130 5.29 17.91 63.05
N GLY J 131 4.32 18.52 62.32
CA GLY J 131 4.12 19.95 62.41
C GLY J 131 2.68 20.39 62.36
N ASP J 132 2.39 21.60 62.86
CA ASP J 132 1.12 22.28 62.72
C ASP J 132 1.33 23.46 61.78
N GLY J 133 2.38 24.25 62.05
CA GLY J 133 2.83 25.38 61.26
C GLY J 133 3.07 26.61 62.11
N SER J 134 2.82 26.52 63.43
CA SER J 134 2.90 27.63 64.36
C SER J 134 4.33 27.98 64.75
N GLY J 135 5.15 28.40 63.77
CA GLY J 135 6.57 28.74 63.93
C GLY J 135 7.51 27.58 63.79
N LYS J 136 6.96 26.37 63.60
CA LYS J 136 7.73 25.18 63.33
C LYS J 136 7.49 24.76 61.87
N PRO J 137 8.38 24.03 61.22
CA PRO J 137 8.11 23.34 59.95
C PRO J 137 6.79 22.57 59.82
N LYS J 138 6.26 22.42 58.58
CA LYS J 138 5.23 21.44 58.30
C LYS J 138 5.89 20.07 58.10
N GLY J 139 6.11 19.33 59.20
CA GLY J 139 6.62 17.96 59.19
C GLY J 139 5.91 16.98 58.30
N LEU J 140 6.59 15.87 57.97
CA LEU J 140 6.20 14.97 56.89
C LEU J 140 4.80 14.37 57.01
N LEU J 141 4.35 13.99 58.21
CA LEU J 141 3.00 13.48 58.41
C LEU J 141 1.88 14.46 58.08
N THR J 142 2.05 15.75 58.39
CA THR J 142 1.05 16.79 58.19
C THR J 142 1.34 17.61 56.96
N LEU J 143 2.33 17.21 56.16
CA LEU J 143 2.45 17.58 54.77
C LEU J 143 1.78 16.50 53.90
N ALA J 144 2.13 15.21 54.10
CA ALA J 144 1.57 14.07 53.40
C ALA J 144 0.22 13.64 53.96
N SER J 145 -0.70 14.61 54.01
CA SER J 145 -2.06 14.46 54.43
C SER J 145 -2.91 15.52 53.79
N GLU J 146 -2.29 16.58 53.26
CA GLU J 146 -3.02 17.69 52.65
C GLU J 146 -3.15 17.47 51.13
N ASP J 147 -2.33 16.57 50.56
CA ASP J 147 -2.25 16.24 49.16
C ASP J 147 -3.06 14.97 48.84
N SER J 148 -3.73 14.41 49.86
CA SER J 148 -4.65 13.25 49.85
C SER J 148 -3.96 11.90 49.87
N ALA J 149 -2.65 11.88 50.17
CA ALA J 149 -1.82 10.70 50.04
C ALA J 149 -1.99 9.63 51.14
N LYS J 150 -3.10 8.88 51.14
CA LYS J 150 -3.40 7.86 52.14
C LYS J 150 -4.10 6.64 51.55
N VAL J 151 -4.02 5.47 52.23
CA VAL J 151 -4.61 4.22 51.78
C VAL J 151 -5.63 3.72 52.78
N VAL J 152 -6.68 3.00 52.30
CA VAL J 152 -7.64 2.34 53.16
C VAL J 152 -7.72 0.88 52.72
N THR J 153 -7.31 -0.12 53.52
CA THR J 153 -6.46 -0.01 54.70
C THR J 153 -5.44 -1.12 54.72
N GLU J 154 -4.44 -0.92 55.56
CA GLU J 154 -3.22 -1.68 55.71
C GLU J 154 -3.30 -2.75 56.78
N ALA J 155 -3.83 -2.40 57.97
CA ALA J 155 -3.97 -3.32 59.07
C ALA J 155 -5.14 -2.91 59.93
N LYS J 156 -5.09 -3.16 61.26
CA LYS J 156 -6.28 -3.09 62.08
C LYS J 156 -6.15 -2.42 63.44
N ALA J 157 -4.94 -1.98 63.86
CA ALA J 157 -4.68 -1.38 65.17
C ALA J 157 -4.79 -2.36 66.36
N ASP J 158 -3.66 -2.57 67.10
CA ASP J 158 -3.48 -3.39 68.29
C ASP J 158 -4.23 -4.73 68.41
N GLY J 159 -4.42 -5.42 67.28
CA GLY J 159 -5.23 -6.63 67.24
C GLY J 159 -5.42 -7.03 65.81
N SER J 160 -5.37 -8.36 65.52
CA SER J 160 -5.46 -8.91 64.16
C SER J 160 -4.52 -8.29 63.13
N VAL J 161 -3.19 -8.48 63.31
CA VAL J 161 -2.12 -8.12 62.39
C VAL J 161 -2.26 -8.78 61.00
N LEU J 162 -1.79 -8.10 59.94
CA LEU J 162 -1.80 -8.58 58.57
C LEU J 162 -1.06 -7.60 57.66
N VAL J 163 -0.06 -6.89 58.21
CA VAL J 163 0.67 -5.86 57.48
C VAL J 163 1.91 -6.47 56.88
N THR J 164 1.74 -7.04 55.68
CA THR J 164 2.75 -7.85 55.02
C THR J 164 3.38 -7.12 53.84
N ALA J 165 4.26 -7.81 53.10
CA ALA J 165 4.87 -7.37 51.85
C ALA J 165 3.93 -6.72 50.82
N LYS J 166 2.66 -7.16 50.76
CA LYS J 166 1.61 -6.60 49.92
C LYS J 166 1.34 -5.10 50.15
N THR J 167 1.41 -4.60 51.40
CA THR J 167 1.06 -3.20 51.72
C THR J 167 1.97 -2.17 51.08
N ILE J 168 3.28 -2.47 50.98
CA ILE J 168 4.28 -1.66 50.30
C ILE J 168 3.92 -1.40 48.84
N SER J 169 3.40 -2.44 48.15
CA SER J 169 2.84 -2.25 46.81
C SER J 169 1.57 -1.43 46.77
N LYS J 170 0.62 -1.65 47.71
CA LYS J 170 -0.60 -0.87 47.82
C LYS J 170 -0.37 0.62 48.06
N LEU J 171 0.61 0.96 48.91
CA LEU J 171 1.13 2.31 49.04
C LEU J 171 1.82 2.83 47.78
N ARG J 172 2.71 2.03 47.14
CA ARG J 172 3.42 2.41 45.93
C ARG J 172 2.55 2.64 44.69
N ARG J 173 1.45 1.87 44.53
CA ARG J 173 0.50 2.05 43.45
C ARG J 173 -0.38 3.28 43.59
N LYS J 174 -0.32 3.96 44.75
CA LYS J 174 -0.88 5.29 44.93
C LYS J 174 0.19 6.39 44.96
N LEU J 175 1.47 6.05 45.18
CA LEU J 175 2.61 6.97 45.21
C LEU J 175 2.92 7.59 43.85
N GLY J 176 2.60 6.89 42.75
CA GLY J 176 2.90 7.31 41.38
C GLY J 176 2.06 8.45 40.86
N ARG J 177 1.28 8.21 39.78
CA ARG J 177 0.37 9.19 39.19
C ARG J 177 0.93 10.61 38.94
N HIS J 178 1.97 10.80 38.10
CA HIS J 178 2.30 9.95 36.97
C HIS J 178 3.69 9.40 36.88
N GLY J 179 4.64 9.66 37.80
CA GLY J 179 5.99 9.14 37.56
C GLY J 179 6.90 8.90 38.75
N LEU J 180 6.31 8.63 39.94
CA LEU J 180 7.14 8.24 41.07
C LEU J 180 7.32 6.73 41.10
N LYS J 181 8.39 6.28 40.42
CA LYS J 181 8.72 4.90 40.19
C LYS J 181 10.22 4.83 40.01
N LEU J 182 10.78 3.61 39.85
CA LEU J 182 12.21 3.32 39.79
C LEU J 182 12.83 3.21 41.18
N SER J 183 14.16 3.40 41.30
CA SER J 183 14.88 3.43 42.56
C SER J 183 14.84 4.84 43.16
N LYS J 184 15.90 5.27 43.89
CA LYS J 184 16.04 6.60 44.49
C LYS J 184 14.89 7.06 45.40
N LEU J 185 14.47 6.16 46.30
CA LEU J 185 13.42 6.40 47.26
C LEU J 185 13.79 5.67 48.54
N VAL J 186 13.17 6.06 49.66
CA VAL J 186 13.44 5.44 50.95
C VAL J 186 12.16 5.44 51.75
N LEU J 187 11.95 4.42 52.60
CA LEU J 187 10.75 4.26 53.39
C LEU J 187 11.08 4.21 54.87
N ILE J 188 10.23 4.85 55.69
CA ILE J 188 10.45 5.02 57.11
C ILE J 188 9.30 4.34 57.83
N VAL J 189 9.63 3.43 58.77
CA VAL J 189 8.68 2.59 59.47
C VAL J 189 8.78 2.88 60.95
N SER J 190 7.64 2.98 61.66
CA SER J 190 7.62 3.04 63.12
C SER J 190 8.32 1.88 63.83
N MET J 191 8.77 2.10 65.08
CA MET J 191 9.39 1.05 65.86
C MET J 191 8.47 -0.13 66.16
N ASP J 192 7.20 0.17 66.50
CA ASP J 192 6.16 -0.80 66.76
C ASP J 192 5.79 -1.61 65.50
N ALA J 193 5.53 -0.95 64.35
CA ALA J 193 5.20 -1.62 63.11
C ALA J 193 6.38 -2.32 62.44
N TYR J 194 7.63 -1.96 62.79
CA TYR J 194 8.82 -2.70 62.41
C TYR J 194 8.82 -4.13 62.95
N TYR J 195 8.36 -4.34 64.20
CA TYR J 195 8.24 -5.67 64.76
C TYR J 195 7.07 -6.47 64.24
N ASP J 196 5.92 -5.81 64.01
CA ASP J 196 4.77 -6.44 63.38
C ASP J 196 5.02 -6.75 61.88
N LEU J 197 5.76 -5.94 61.09
CA LEU J 197 6.20 -6.29 59.72
C LEU J 197 7.33 -7.33 59.73
N LEU J 198 7.00 -8.54 60.22
CA LEU J 198 7.92 -9.63 60.47
C LEU J 198 7.15 -10.93 60.74
N GLU J 199 5.80 -10.91 60.70
CA GLU J 199 5.00 -12.13 60.73
C GLU J 199 5.03 -12.88 59.41
N ASP J 200 5.02 -12.17 58.27
CA ASP J 200 5.08 -12.74 56.95
C ASP J 200 6.29 -13.66 56.68
N GLU J 201 6.22 -14.76 55.91
CA GLU J 201 5.15 -15.46 55.22
C GLU J 201 4.94 -15.02 53.78
N GLU J 202 5.58 -13.91 53.39
CA GLU J 202 5.64 -13.48 52.00
C GLU J 202 6.99 -12.84 51.78
N TRP J 203 7.53 -12.88 50.54
CA TRP J 203 8.67 -12.08 50.10
C TRP J 203 10.02 -12.30 50.82
N GLN J 204 10.13 -11.80 52.07
CA GLN J 204 11.32 -11.82 52.89
C GLN J 204 11.21 -12.83 54.02
N ASP J 205 10.29 -13.79 53.89
CA ASP J 205 9.78 -14.76 54.85
C ASP J 205 10.69 -15.46 55.89
N VAL J 206 10.14 -16.51 56.50
CA VAL J 206 10.83 -17.37 57.43
C VAL J 206 11.42 -18.60 56.76
N ALA J 207 11.54 -18.65 55.41
CA ALA J 207 11.99 -19.84 54.73
C ALA J 207 13.08 -19.59 53.69
N GLN J 208 13.81 -20.65 53.33
CA GLN J 208 14.87 -20.55 52.33
C GLN J 208 14.32 -20.64 50.90
N VAL J 209 13.04 -21.02 50.77
CA VAL J 209 12.25 -20.91 49.56
C VAL J 209 11.94 -19.45 49.21
N GLY J 210 11.63 -18.61 50.22
CA GLY J 210 11.33 -17.19 50.05
C GLY J 210 12.54 -16.37 49.77
N ASN J 211 13.68 -16.72 50.39
CA ASN J 211 14.92 -16.04 50.10
C ASN J 211 16.14 -16.91 50.35
N ASP J 212 17.26 -16.54 49.73
CA ASP J 212 18.58 -16.94 50.07
C ASP J 212 19.09 -16.49 51.45
N SER J 213 20.42 -16.53 51.64
CA SER J 213 21.12 -16.16 52.87
C SER J 213 21.19 -14.66 53.11
N VAL J 214 20.04 -13.99 53.19
CA VAL J 214 19.96 -12.54 53.27
C VAL J 214 19.78 -12.06 54.71
N LYS J 215 19.42 -12.96 55.65
CA LYS J 215 19.28 -12.59 57.05
C LYS J 215 19.81 -13.74 57.93
N LEU J 216 20.97 -13.67 58.62
CA LEU J 216 22.03 -12.68 58.63
C LEU J 216 21.64 -11.30 59.17
N GLN J 217 21.43 -11.10 60.48
CA GLN J 217 21.52 -12.04 61.59
C GLN J 217 20.33 -11.85 62.51
N GLY J 218 19.35 -11.03 62.09
CA GLY J 218 18.26 -10.60 62.96
C GLY J 218 17.11 -10.06 62.19
N GLN J 219 16.83 -10.62 61.00
CA GLN J 219 15.68 -10.29 60.17
C GLN J 219 15.55 -8.81 59.78
N VAL J 220 16.64 -8.24 59.22
CA VAL J 220 16.84 -6.80 59.07
C VAL J 220 15.75 -6.01 58.33
N GLY J 221 15.14 -6.60 57.27
CA GLY J 221 14.11 -5.96 56.45
C GLY J 221 14.64 -5.41 55.15
N ARG J 222 14.01 -5.78 54.01
CA ARG J 222 14.30 -5.18 52.71
C ARG J 222 13.27 -5.56 51.65
N ILE J 223 12.00 -5.22 51.92
CA ILE J 223 10.83 -5.50 51.09
C ILE J 223 10.93 -4.87 49.70
N TYR J 224 10.80 -5.68 48.62
CA TYR J 224 11.03 -5.27 47.24
C TYR J 224 12.44 -4.77 46.97
N GLY J 225 13.42 -5.20 47.80
CA GLY J 225 14.82 -4.83 47.70
C GLY J 225 15.17 -3.48 48.29
N LEU J 226 14.20 -2.76 48.87
CA LEU J 226 14.34 -1.41 49.38
C LEU J 226 15.05 -1.34 50.73
N PRO J 227 15.74 -0.25 51.08
CA PRO J 227 16.22 -0.04 52.45
C PRO J 227 15.10 0.39 53.39
N VAL J 228 15.21 0.02 54.68
CA VAL J 228 14.23 0.35 55.71
C VAL J 228 14.85 1.30 56.71
N VAL J 229 14.14 2.37 57.09
CA VAL J 229 14.58 3.29 58.14
C VAL J 229 13.67 3.12 59.35
N VAL J 230 14.26 2.75 60.50
CA VAL J 230 13.58 2.62 61.78
C VAL J 230 13.50 3.96 62.49
N SER J 231 12.35 4.29 63.11
CA SER J 231 12.23 5.50 63.91
C SER J 231 11.00 5.36 64.79
N GLU J 232 10.97 5.95 66.00
CA GLU J 232 9.83 5.85 66.90
C GLU J 232 9.20 7.21 67.17
N TYR J 233 9.41 8.15 66.23
CA TYR J 233 8.86 9.50 66.29
C TYR J 233 7.47 9.55 65.64
N PHE J 234 6.86 8.38 65.45
CA PHE J 234 5.55 8.23 64.88
C PHE J 234 4.60 7.73 65.96
N PRO J 235 3.43 8.26 66.22
CA PRO J 235 2.67 7.80 67.40
C PRO J 235 1.69 6.71 67.06
N ALA J 236 2.13 5.45 67.24
CA ALA J 236 1.34 4.23 67.18
C ALA J 236 0.36 4.10 68.34
N LYS J 237 -0.46 3.03 68.35
CA LYS J 237 -1.54 2.72 69.30
C LYS J 237 -2.83 3.43 68.92
N ALA J 238 -2.98 3.78 67.63
CA ALA J 238 -4.11 4.52 67.14
C ALA J 238 -4.16 4.32 65.65
N ASN J 239 -5.23 4.80 65.01
CA ASN J 239 -5.47 4.70 63.57
C ASN J 239 -4.89 5.92 62.84
N SER J 240 -3.66 6.32 63.24
CA SER J 240 -3.03 7.59 62.94
C SER J 240 -2.16 7.57 61.68
N ALA J 241 -0.85 7.77 61.84
CA ALA J 241 0.10 7.74 60.77
C ALA J 241 1.47 7.34 61.28
N GLU J 242 2.11 6.36 60.60
CA GLU J 242 3.30 5.72 61.13
C GLU J 242 4.15 4.99 60.08
N PHE J 243 3.71 4.96 58.81
CA PHE J 243 4.51 4.44 57.71
C PHE J 243 4.60 5.54 56.66
N ALA J 244 5.81 5.87 56.19
CA ALA J 244 5.99 7.00 55.29
C ALA J 244 7.03 6.70 54.23
N VAL J 245 6.79 7.17 52.99
CA VAL J 245 7.71 7.00 51.87
C VAL J 245 8.09 8.35 51.28
N ILE J 246 9.36 8.51 50.90
CA ILE J 246 9.88 9.74 50.33
C ILE J 246 10.78 9.38 49.16
N VAL J 247 10.70 10.17 48.05
CA VAL J 247 11.48 10.00 46.83
C VAL J 247 12.53 11.09 46.75
N TYR J 248 13.76 10.77 46.30
CA TYR J 248 14.89 11.68 46.30
C TYR J 248 15.15 12.17 44.88
N LYS J 249 14.98 13.49 44.63
CA LYS J 249 15.11 14.02 43.28
C LYS J 249 15.70 15.44 43.30
N ASP J 250 15.09 16.36 42.54
CA ASP J 250 15.24 17.79 42.54
C ASP J 250 14.69 18.44 43.82
N ASN J 251 13.66 17.79 44.39
CA ASN J 251 12.85 18.23 45.49
C ASN J 251 13.30 17.63 46.82
N PHE J 252 12.70 18.13 47.94
CA PHE J 252 13.09 17.80 49.31
C PHE J 252 14.45 18.37 49.68
N VAL J 253 14.63 19.67 49.35
CA VAL J 253 15.84 20.42 49.56
C VAL J 253 15.54 21.48 50.62
N MET J 254 16.38 21.58 51.66
CA MET J 254 16.10 22.40 52.84
C MET J 254 16.83 23.75 52.79
N PRO J 255 16.17 24.90 52.93
CA PRO J 255 16.84 26.18 52.73
C PRO J 255 17.32 26.78 54.04
N ARG J 256 18.56 27.29 54.09
CA ARG J 256 19.03 27.99 55.27
C ARG J 256 20.07 29.04 54.99
N GLN J 257 20.05 30.11 55.80
CA GLN J 257 20.97 31.23 55.68
C GLN J 257 22.02 31.22 56.78
N ARG J 258 21.97 30.21 57.65
CA ARG J 258 22.78 30.14 58.83
C ARG J 258 22.70 28.69 59.24
N ALA J 259 23.69 28.16 59.99
CA ALA J 259 23.58 26.88 60.63
C ALA J 259 23.32 27.15 62.11
N VAL J 260 23.72 26.23 62.99
CA VAL J 260 23.82 26.51 64.41
C VAL J 260 24.89 27.56 64.72
N THR J 261 24.53 28.60 65.50
CA THR J 261 25.49 29.58 66.03
C THR J 261 25.42 29.52 67.53
N VAL J 262 26.57 29.58 68.22
CA VAL J 262 26.65 29.52 69.66
C VAL J 262 27.48 30.68 70.18
N GLU J 263 26.95 31.43 71.16
CA GLU J 263 27.48 32.69 71.60
C GLU J 263 27.40 32.82 73.12
N ARG J 264 28.22 33.71 73.71
CA ARG J 264 28.48 33.74 75.15
C ARG J 264 28.30 35.13 75.75
N GLU J 265 27.52 35.22 76.84
CA GLU J 265 27.21 36.43 77.57
C GLU J 265 27.77 36.33 79.00
N ARG J 266 28.22 37.45 79.61
CA ARG J 266 28.67 37.49 81.00
C ARG J 266 28.81 38.92 81.49
N GLN J 267 29.41 39.82 80.70
CA GLN J 267 29.53 41.21 81.08
C GLN J 267 28.37 42.03 80.50
N ALA J 268 27.51 42.69 81.32
CA ALA J 268 27.49 42.84 82.76
C ALA J 268 26.26 42.19 83.41
N GLY J 269 26.25 40.85 83.58
CA GLY J 269 25.10 40.10 84.08
C GLY J 269 25.04 39.86 85.57
N LYS J 270 26.00 40.39 86.36
CA LYS J 270 26.19 40.14 87.80
C LYS J 270 26.40 38.67 88.21
N GLN J 271 27.55 38.08 87.78
CA GLN J 271 27.95 36.68 88.01
C GLN J 271 27.02 35.64 87.40
N ARG J 272 26.95 35.67 86.05
CA ARG J 272 26.22 34.71 85.28
C ARG J 272 27.00 34.53 84.00
N ASP J 273 27.42 33.31 83.67
CA ASP J 273 27.99 33.00 82.38
C ASP J 273 26.89 32.28 81.62
N ALA J 274 26.49 32.82 80.46
CA ALA J 274 25.28 32.40 79.78
C ALA J 274 25.53 32.10 78.31
N TYR J 275 25.01 30.97 77.83
CA TYR J 275 25.24 30.50 76.49
C TYR J 275 23.92 30.49 75.75
N TYR J 276 23.94 31.05 74.54
CA TYR J 276 22.79 31.13 73.67
C TYR J 276 23.16 30.34 72.44
N VAL J 277 22.18 29.61 71.88
CA VAL J 277 22.38 28.85 70.67
C VAL J 277 21.21 29.11 69.75
N THR J 278 21.46 29.52 68.49
CA THR J 278 20.41 29.84 67.53
C THR J 278 20.56 29.05 66.25
N GLN J 279 19.44 28.85 65.53
CA GLN J 279 19.44 28.16 64.25
C GLN J 279 18.30 28.75 63.43
N ARG J 280 18.43 28.81 62.09
CA ARG J 280 17.35 29.21 61.21
C ARG J 280 17.26 28.29 60.01
N VAL J 281 16.13 27.58 59.83
CA VAL J 281 15.98 26.56 58.80
C VAL J 281 14.50 26.23 58.61
N ASN J 282 14.12 25.54 57.53
CA ASN J 282 12.78 25.06 57.32
C ASN J 282 12.88 23.80 56.49
N LEU J 283 11.82 22.98 56.43
CA LEU J 283 11.77 21.83 55.56
C LEU J 283 10.58 22.04 54.64
N GLN J 284 10.82 22.00 53.32
CA GLN J 284 9.84 22.37 52.32
C GLN J 284 10.24 21.62 51.05
N ARG J 285 9.45 21.73 49.98
CA ARG J 285 9.72 21.06 48.73
C ARG J 285 9.05 21.90 47.66
N TYR J 286 9.25 21.59 46.36
CA TYR J 286 8.62 22.36 45.30
C TYR J 286 7.13 22.00 45.17
N PHE J 287 6.77 21.12 44.22
CA PHE J 287 5.43 20.58 44.05
C PHE J 287 4.95 19.68 45.20
N ALA J 288 3.63 19.72 45.46
CA ALA J 288 2.99 19.03 46.56
C ALA J 288 2.49 17.62 46.21
N ASN J 289 3.29 16.83 45.47
CA ASN J 289 2.88 15.50 45.02
C ASN J 289 4.02 14.53 45.27
N GLY J 290 3.79 13.20 45.24
CA GLY J 290 4.87 12.22 45.34
C GLY J 290 5.44 11.97 46.72
N VAL J 291 4.57 11.81 47.72
CA VAL J 291 4.90 11.41 49.07
C VAL J 291 3.68 10.62 49.50
N VAL J 292 3.79 9.61 50.41
CA VAL J 292 2.62 8.95 50.96
C VAL J 292 2.91 8.68 52.42
N SER J 293 1.97 9.04 53.33
CA SER J 293 2.09 8.73 54.74
C SER J 293 0.85 8.03 55.21
N GLY J 294 0.98 6.72 55.50
CA GLY J 294 -0.08 5.87 56.00
C GLY J 294 -0.10 5.85 57.50
N THR J 295 -1.24 5.70 58.19
CA THR J 295 -2.61 5.54 57.71
C THR J 295 -2.82 4.34 56.80
N TYR J 296 -2.79 3.07 57.27
CA TYR J 296 -2.94 2.57 58.64
C TYR J 296 -4.18 3.07 59.40
N ALA J 297 -5.39 2.69 58.95
CA ALA J 297 -6.63 3.10 59.58
C ALA J 297 -7.48 1.90 59.98
N ALA J 298 -8.41 2.06 60.91
CA ALA J 298 -9.16 0.95 61.46
C ALA J 298 -10.60 1.36 61.74
N SER J 299 -10.96 1.44 63.02
CA SER J 299 -12.07 2.18 63.56
C SER J 299 -11.46 2.80 64.84
N ALA K 1 31.77 -67.63 99.09
CA ALA K 1 31.53 -68.36 97.84
C ALA K 1 30.15 -68.04 97.27
N VAL K 2 29.13 -68.85 97.59
CA VAL K 2 27.76 -68.57 97.24
C VAL K 2 26.92 -69.06 98.42
N ASN K 3 25.80 -68.38 98.67
CA ASN K 3 24.96 -68.53 99.82
C ASN K 3 23.59 -69.04 99.40
N GLN K 4 23.00 -69.89 100.26
CA GLN K 4 21.75 -70.60 100.04
C GLN K 4 21.61 -71.29 98.66
N SER K 5 22.51 -72.22 98.30
CA SER K 5 23.39 -73.03 99.15
C SER K 5 24.84 -73.09 98.71
N SER K 6 25.72 -73.64 99.57
CA SER K 6 27.15 -73.84 99.29
C SER K 6 27.45 -74.63 98.02
N SER K 7 28.35 -74.10 97.17
CA SER K 7 28.84 -74.84 96.01
C SER K 7 30.36 -74.80 96.03
N VAL K 8 31.10 -75.90 96.30
CA VAL K 8 30.63 -77.22 96.74
C VAL K 8 30.95 -77.39 98.21
N GLU K 9 32.20 -77.69 98.58
CA GLU K 9 32.63 -77.87 99.94
C GLU K 9 32.64 -76.57 100.74
N VAL K 10 33.21 -75.50 100.16
CA VAL K 10 33.40 -74.21 100.81
C VAL K 10 32.11 -73.51 101.22
N SER K 11 32.08 -72.93 102.45
CA SER K 11 31.00 -72.06 102.88
C SER K 11 31.26 -70.62 102.44
N SER K 12 31.56 -69.68 103.36
CA SER K 12 31.66 -68.25 103.07
C SER K 12 30.42 -67.66 102.43
N GLU K 13 29.32 -67.75 103.16
CA GLU K 13 28.00 -67.30 102.90
C GLU K 13 27.81 -65.82 102.51
N SER K 14 28.19 -64.85 103.35
CA SER K 14 27.86 -63.45 103.08
C SER K 14 28.93 -62.59 103.69
N TYR K 15 29.04 -61.32 103.24
CA TYR K 15 30.08 -60.39 103.63
C TYR K 15 31.49 -60.88 103.22
N GLU K 16 31.61 -61.37 101.98
CA GLU K 16 32.80 -62.05 101.47
C GLU K 16 33.30 -61.40 100.19
N THR K 17 32.97 -60.11 99.99
CA THR K 17 33.30 -59.38 98.77
C THR K 17 34.02 -58.09 99.07
N ILE K 18 34.67 -57.53 98.03
CA ILE K 18 35.28 -56.21 98.11
C ILE K 18 34.25 -55.08 98.02
N PHE K 19 34.60 -53.90 98.56
CA PHE K 19 33.76 -52.72 98.64
C PHE K 19 34.44 -51.61 97.86
N SER K 20 33.70 -50.79 97.09
CA SER K 20 34.30 -49.76 96.24
C SER K 20 34.31 -48.40 96.90
N GLN K 21 35.51 -47.83 97.11
CA GLN K 21 35.69 -46.50 97.64
C GLN K 21 35.40 -45.36 96.65
N ARG K 22 35.37 -45.64 95.33
CA ARG K 22 35.13 -44.59 94.35
C ARG K 22 33.65 -44.19 94.26
N ILE K 23 33.38 -42.89 94.39
CA ILE K 23 32.07 -42.30 94.21
C ILE K 23 31.89 -41.98 92.73
N ILE K 24 30.82 -42.50 92.11
CA ILE K 24 30.40 -42.13 90.77
C ILE K 24 29.32 -41.07 90.92
N ARG K 25 29.38 -40.01 90.12
CA ARG K 25 28.39 -38.97 90.10
C ARG K 25 27.89 -38.83 88.68
N ASP K 26 26.57 -38.96 88.51
CA ASP K 26 25.75 -38.65 87.35
C ASP K 26 26.01 -37.28 86.70
N LEU K 27 25.54 -37.08 85.45
CA LEU K 27 25.56 -35.77 84.80
C LEU K 27 24.67 -34.76 85.52
N GLN K 28 25.30 -33.85 86.28
CA GLN K 28 24.61 -32.87 87.08
C GLN K 28 24.38 -31.55 86.36
N LYS K 29 23.18 -30.98 86.57
CA LYS K 29 22.73 -29.63 86.24
C LYS K 29 23.81 -28.52 86.12
N GLU K 30 23.71 -27.73 85.05
CA GLU K 30 24.64 -26.67 84.70
C GLU K 30 24.31 -25.36 85.42
N LEU K 31 25.15 -24.32 85.20
CA LEU K 31 24.93 -22.97 85.68
C LEU K 31 24.91 -22.11 84.42
N VAL K 32 23.88 -21.28 84.20
CA VAL K 32 23.66 -20.62 82.92
C VAL K 32 23.84 -19.11 83.00
N VAL K 33 23.67 -18.48 84.17
CA VAL K 33 23.98 -17.05 84.32
C VAL K 33 25.24 -16.81 85.13
N GLY K 34 25.83 -17.87 85.71
CA GLY K 34 26.89 -17.76 86.73
C GLY K 34 28.25 -17.31 86.25
N ALA K 35 28.40 -17.05 84.95
CA ALA K 35 29.54 -16.38 84.38
C ALA K 35 29.13 -15.59 83.13
N LEU K 36 27.84 -15.21 83.03
CA LEU K 36 27.29 -14.61 81.81
C LEU K 36 27.04 -13.11 81.94
N PHE K 37 27.14 -12.56 83.15
CA PHE K 37 26.95 -11.13 83.39
C PHE K 37 28.30 -10.46 83.65
N GLU K 38 28.35 -9.12 83.49
CA GLU K 38 29.51 -8.31 83.86
C GLU K 38 29.80 -8.42 85.37
N GLU K 39 31.08 -8.45 85.78
CA GLU K 39 31.55 -8.94 87.07
C GLU K 39 32.42 -7.85 87.69
N LEU K 40 31.80 -6.97 88.50
CA LEU K 40 32.39 -5.70 88.86
C LEU K 40 33.13 -5.74 90.21
N PRO K 41 34.46 -5.81 90.32
CA PRO K 41 35.16 -5.70 91.59
C PRO K 41 34.91 -4.39 92.34
N MET K 42 34.44 -4.47 93.59
CA MET K 42 34.14 -3.30 94.39
C MET K 42 34.70 -3.47 95.79
N SER K 43 35.51 -2.52 96.27
CA SER K 43 36.16 -2.61 97.58
C SER K 43 35.35 -1.89 98.64
N SER K 44 34.01 -1.86 98.50
CA SER K 44 33.16 -1.04 99.35
C SER K 44 31.75 -1.60 99.44
N LYS K 45 31.00 -1.21 100.48
CA LYS K 45 29.69 -1.77 100.84
C LYS K 45 28.57 -1.58 99.81
N ILE K 46 28.51 -0.39 99.20
CA ILE K 46 27.50 0.02 98.24
C ILE K 46 28.23 0.87 97.23
N LEU K 47 27.64 1.19 96.06
CA LEU K 47 28.21 2.16 95.14
C LEU K 47 27.13 3.13 94.76
N THR K 48 27.48 4.42 94.59
CA THR K 48 26.61 5.47 94.08
C THR K 48 27.22 6.04 92.81
N MET K 49 26.36 6.40 91.82
CA MET K 49 26.81 6.86 90.54
C MET K 49 25.83 7.88 89.96
N LEU K 50 26.34 8.97 89.35
CA LEU K 50 25.48 9.99 88.76
C LEU K 50 25.19 9.74 87.28
N VAL K 51 23.89 9.70 86.89
CA VAL K 51 23.49 9.34 85.54
C VAL K 51 22.38 10.23 84.98
N GLU K 52 22.54 10.72 83.74
CA GLU K 52 21.58 11.60 83.05
C GLU K 52 20.16 11.01 82.80
N PRO K 53 19.07 11.77 82.68
CA PRO K 53 17.82 11.31 82.09
C PRO K 53 17.83 11.55 80.58
N ASP K 54 16.68 11.94 79.97
CA ASP K 54 16.55 12.24 78.55
C ASP K 54 17.34 13.47 78.09
N ALA K 55 17.44 13.64 76.77
CA ALA K 55 17.49 14.94 76.18
C ALA K 55 16.86 14.84 74.79
N GLY K 56 15.92 15.71 74.39
CA GLY K 56 15.30 16.74 75.22
C GLY K 56 14.08 17.32 74.60
N LYS K 57 14.06 18.64 74.41
CA LYS K 57 13.03 19.38 73.71
C LYS K 57 13.51 20.82 73.67
N ALA K 58 12.91 21.67 72.82
CA ALA K 58 13.27 23.07 72.73
C ALA K 58 12.07 23.77 72.13
N THR K 59 12.08 25.10 72.18
CA THR K 59 11.06 26.00 71.66
C THR K 59 11.21 26.25 70.17
N TRP K 60 10.15 26.82 69.56
CA TRP K 60 10.15 27.35 68.21
C TRP K 60 9.33 28.61 68.34
N VAL K 61 9.64 29.67 67.58
CA VAL K 61 8.91 30.94 67.68
C VAL K 61 8.27 31.27 66.34
N ALA K 62 7.10 31.95 66.36
CA ALA K 62 6.32 32.26 65.18
C ALA K 62 6.88 33.41 64.31
N ALA K 63 8.21 33.61 64.35
CA ALA K 63 9.00 34.60 63.64
C ALA K 63 8.78 36.07 63.99
N SER K 64 7.58 36.44 64.48
CA SER K 64 7.07 37.79 64.68
C SER K 64 7.89 38.67 65.60
N THR K 65 8.36 38.13 66.74
CA THR K 65 9.21 38.85 67.68
C THR K 65 10.64 38.90 67.15
N TYR K 66 11.01 40.06 66.57
CA TYR K 66 12.34 40.27 66.04
C TYR K 66 12.87 41.59 66.58
N GLY K 67 14.01 41.52 67.27
CA GLY K 67 14.49 42.57 68.15
C GLY K 67 15.03 41.86 69.35
N THR K 68 14.96 42.50 70.53
CA THR K 68 15.28 41.87 71.81
C THR K 68 14.20 42.25 72.81
N ASP K 69 13.68 41.32 73.64
CA ASP K 69 13.85 39.88 73.65
C ASP K 69 13.28 39.16 72.40
N THR K 70 13.69 37.90 72.23
CA THR K 70 13.28 37.00 71.17
C THR K 70 12.26 36.01 71.67
N THR K 71 11.95 36.06 72.99
CA THR K 71 11.00 35.21 73.68
C THR K 71 11.44 33.77 73.76
N THR K 72 12.67 33.52 74.25
CA THR K 72 13.35 32.22 74.12
C THR K 72 12.65 31.02 74.74
N GLY K 73 12.10 31.20 75.96
CA GLY K 73 11.78 30.06 76.83
C GLY K 73 13.01 29.65 77.61
N GLU K 74 13.16 28.37 77.94
CA GLU K 74 14.28 27.79 78.65
C GLU K 74 14.27 26.28 78.37
N GLU K 75 15.43 25.59 78.37
CA GLU K 75 15.50 24.14 78.38
C GLU K 75 14.93 23.54 79.66
N VAL K 76 14.42 22.29 79.60
CA VAL K 76 14.10 21.57 80.81
C VAL K 76 15.36 21.22 81.58
N LYS K 77 15.45 21.68 82.85
CA LYS K 77 16.69 21.67 83.62
C LYS K 77 17.06 20.31 84.20
N GLY K 78 17.22 19.29 83.33
CA GLY K 78 17.54 17.91 83.69
C GLY K 78 18.86 17.79 84.42
N ALA K 79 18.80 17.47 85.70
CA ALA K 79 19.97 17.25 86.54
C ALA K 79 20.40 15.80 86.48
N LEU K 80 21.63 15.51 86.93
CA LEU K 80 22.07 14.14 87.14
C LEU K 80 21.33 13.50 88.32
N LYS K 81 20.70 12.34 88.11
CA LYS K 81 20.09 11.58 89.18
C LYS K 81 21.12 10.58 89.68
N GLU K 82 21.19 10.34 91.01
CA GLU K 82 22.02 9.29 91.56
C GLU K 82 21.34 7.94 91.43
N ILE K 83 22.13 6.85 91.42
CA ILE K 83 21.63 5.49 91.41
C ILE K 83 22.54 4.65 92.30
N HIS K 84 21.93 3.80 93.14
CA HIS K 84 22.66 3.05 94.14
C HIS K 84 22.73 1.56 93.85
N PHE K 85 23.83 0.92 94.26
CA PHE K 85 24.03 -0.51 94.13
C PHE K 85 24.16 -1.12 95.51
N SER K 86 23.21 -2.00 95.90
CA SER K 86 23.16 -2.61 97.24
C SER K 86 23.48 -4.10 97.18
N THR K 87 23.83 -4.73 98.32
CA THR K 87 24.42 -6.07 98.32
C THR K 87 24.00 -6.98 99.48
N TYR K 88 23.86 -8.30 99.20
CA TYR K 88 23.24 -9.28 100.10
C TYR K 88 24.24 -10.35 100.53
N LYS K 89 24.23 -10.81 101.81
CA LYS K 89 25.27 -11.67 102.36
C LYS K 89 24.96 -13.17 102.24
N LEU K 90 25.56 -13.86 101.24
CA LEU K 90 25.52 -15.30 101.13
C LEU K 90 26.61 -15.94 102.00
N ALA K 91 26.24 -16.96 102.78
CA ALA K 91 27.18 -17.71 103.57
C ALA K 91 26.60 -19.09 103.79
N ALA K 92 27.45 -20.11 103.95
CA ALA K 92 26.97 -21.46 104.21
C ALA K 92 27.96 -22.14 105.13
N LYS K 93 27.63 -23.34 105.63
CA LYS K 93 28.45 -23.98 106.62
C LYS K 93 28.16 -25.47 106.65
N SER K 94 29.08 -26.27 107.20
CA SER K 94 28.87 -27.68 107.47
C SER K 94 29.85 -28.08 108.57
N PHE K 95 29.76 -29.31 109.07
CA PHE K 95 30.68 -29.88 110.04
C PHE K 95 30.62 -31.40 109.98
N ILE K 96 31.75 -32.06 110.32
CA ILE K 96 31.85 -33.49 110.53
C ILE K 96 32.47 -33.74 111.91
N THR K 97 31.94 -34.72 112.67
CA THR K 97 32.40 -35.05 114.01
C THR K 97 33.37 -36.22 114.05
N ASP K 98 34.35 -36.20 114.98
CA ASP K 98 35.32 -37.24 115.33
C ASP K 98 34.77 -38.58 115.83
N GLU K 99 33.76 -39.10 115.15
CA GLU K 99 33.02 -40.29 115.54
C GLU K 99 32.11 -40.78 114.43
N THR K 100 32.40 -40.37 113.18
CA THR K 100 31.70 -40.82 111.98
C THR K 100 32.61 -40.48 110.80
N GLU K 101 33.90 -40.80 110.96
CA GLU K 101 34.95 -40.35 110.05
C GLU K 101 36.19 -41.20 110.29
N GLU K 102 36.70 -41.17 111.55
CA GLU K 102 37.85 -41.92 112.03
C GLU K 102 37.71 -43.43 111.86
N ASP K 103 36.45 -43.87 111.80
CA ASP K 103 35.99 -45.22 111.74
C ASP K 103 35.30 -45.52 110.40
N ALA K 104 35.41 -44.62 109.39
CA ALA K 104 34.78 -44.75 108.09
C ALA K 104 35.69 -45.30 106.99
N ILE K 105 36.00 -44.51 105.94
CA ILE K 105 36.69 -45.01 104.75
C ILE K 105 37.63 -43.98 104.10
N PHE K 106 38.07 -42.93 104.85
CA PHE K 106 39.12 -41.99 104.45
C PHE K 106 38.86 -41.03 103.27
N SER K 107 37.84 -41.27 102.41
CA SER K 107 37.62 -40.49 101.20
C SER K 107 36.63 -39.35 101.39
N LEU K 108 36.22 -39.10 102.64
CA LEU K 108 35.17 -38.15 102.98
C LEU K 108 35.49 -36.69 102.72
N LEU K 109 36.74 -36.23 102.94
CA LEU K 109 37.12 -34.83 102.76
C LEU K 109 36.90 -34.24 101.37
N PRO K 110 37.22 -34.83 100.21
CA PRO K 110 36.77 -34.31 98.92
C PRO K 110 35.26 -34.30 98.72
N LEU K 111 34.53 -35.29 99.27
CA LEU K 111 33.08 -35.38 99.18
C LEU K 111 32.37 -34.22 99.84
N LEU K 112 32.81 -33.81 101.05
CA LEU K 112 32.28 -32.65 101.74
C LEU K 112 32.53 -31.35 100.95
N ARG K 113 33.75 -31.19 100.41
CA ARG K 113 34.10 -30.03 99.62
C ARG K 113 33.32 -29.92 98.31
N LYS K 114 33.07 -31.03 97.57
CA LYS K 114 32.18 -30.97 96.42
C LYS K 114 30.73 -30.61 96.77
N ARG K 115 30.18 -31.15 97.88
CA ARG K 115 28.83 -30.80 98.32
C ARG K 115 28.64 -29.34 98.66
N LEU K 116 29.58 -28.74 99.39
CA LEU K 116 29.51 -27.34 99.77
C LEU K 116 29.53 -26.40 98.55
N ILE K 117 30.42 -26.65 97.57
CA ILE K 117 30.43 -25.87 96.33
C ILE K 117 29.22 -26.09 95.43
N GLU K 118 28.75 -27.35 95.28
CA GLU K 118 27.57 -27.68 94.50
C GLU K 118 26.28 -27.10 95.08
N ALA K 119 26.09 -27.19 96.41
CA ALA K 119 24.99 -26.55 97.10
C ALA K 119 25.02 -25.02 97.00
N HIS K 120 26.23 -24.41 97.11
CA HIS K 120 26.43 -23.00 96.85
C HIS K 120 26.09 -22.59 95.41
N ALA K 121 26.53 -23.38 94.41
CA ALA K 121 26.26 -23.15 93.01
C ALA K 121 24.77 -23.19 92.66
N VAL K 122 24.02 -24.19 93.17
CA VAL K 122 22.56 -24.23 93.04
C VAL K 122 21.89 -23.05 93.74
N SER K 123 22.32 -22.71 94.97
CA SER K 123 21.77 -21.61 95.76
C SER K 123 21.91 -20.24 95.12
N ILE K 124 23.10 -19.89 94.57
CA ILE K 124 23.28 -18.64 93.85
C ILE K 124 22.50 -18.56 92.54
N GLU K 125 22.46 -19.64 91.74
CA GLU K 125 21.70 -19.73 90.49
C GLU K 125 20.19 -19.64 90.72
N GLU K 126 19.67 -20.31 91.78
CA GLU K 126 18.30 -20.20 92.24
C GLU K 126 17.91 -18.77 92.61
N ALA K 127 18.77 -18.06 93.36
CA ALA K 127 18.60 -16.65 93.66
C ALA K 127 18.59 -15.74 92.42
N PHE K 128 19.50 -15.98 91.46
CA PHE K 128 19.52 -15.29 90.18
C PHE K 128 18.32 -15.55 89.28
N MET K 129 17.82 -16.81 89.19
CA MET K 129 16.60 -17.11 88.45
C MET K 129 15.34 -16.57 89.10
N THR K 130 15.18 -16.76 90.42
CA THR K 130 13.91 -16.55 91.12
C THR K 130 14.13 -15.96 92.50
N GLY K 131 14.39 -14.65 92.55
CA GLY K 131 14.47 -13.92 93.82
C GLY K 131 13.52 -12.76 93.79
N ASP K 132 12.73 -12.55 94.85
CA ASP K 132 11.87 -11.40 95.01
C ASP K 132 12.64 -10.24 95.70
N GLY K 133 11.99 -9.41 96.54
CA GLY K 133 12.68 -8.39 97.34
C GLY K 133 12.97 -8.78 98.76
N SER K 134 12.28 -9.82 99.28
CA SER K 134 12.36 -10.26 100.67
C SER K 134 13.68 -10.91 101.04
N GLY K 135 14.70 -10.09 101.40
CA GLY K 135 16.00 -10.55 101.90
C GLY K 135 16.87 -11.25 100.88
N LYS K 136 16.69 -10.95 99.60
CA LYS K 136 17.43 -11.60 98.54
C LYS K 136 17.46 -10.64 97.36
N PRO K 137 18.39 -10.75 96.42
CA PRO K 137 18.36 -9.94 95.21
C PRO K 137 17.23 -10.33 94.28
N LYS K 138 16.88 -9.44 93.35
CA LYS K 138 15.80 -9.69 92.41
C LYS K 138 16.26 -10.52 91.21
N GLY K 139 15.63 -11.69 91.03
CA GLY K 139 15.92 -12.62 89.95
C GLY K 139 15.20 -12.32 88.67
N LEU K 140 15.45 -13.09 87.61
CA LEU K 140 14.96 -12.77 86.29
C LEU K 140 13.45 -12.90 86.08
N LEU K 141 12.82 -14.00 86.56
CA LEU K 141 11.39 -14.22 86.34
C LEU K 141 10.51 -13.27 87.13
N THR K 142 10.87 -12.98 88.39
CA THR K 142 10.24 -11.96 89.24
C THR K 142 10.43 -10.55 88.73
N LEU K 143 11.63 -10.20 88.22
CA LEU K 143 11.90 -8.91 87.60
C LEU K 143 11.03 -8.64 86.37
N ALA K 144 10.80 -9.66 85.54
CA ALA K 144 9.85 -9.56 84.45
C ALA K 144 8.37 -9.65 84.90
N SER K 145 8.10 -10.18 86.12
CA SER K 145 6.76 -10.24 86.66
C SER K 145 6.21 -8.87 87.05
N GLU K 146 7.01 -8.06 87.79
CA GLU K 146 6.75 -6.70 88.24
C GLU K 146 6.64 -5.66 87.12
N ASP K 147 7.59 -5.66 86.15
CA ASP K 147 7.76 -4.61 85.15
C ASP K 147 6.86 -4.84 83.93
N SER K 148 5.91 -5.77 84.08
CA SER K 148 4.88 -6.13 83.11
C SER K 148 5.42 -6.78 81.85
N ALA K 149 6.59 -7.43 81.92
CA ALA K 149 7.36 -7.80 80.75
C ALA K 149 6.96 -9.12 80.09
N LYS K 150 5.66 -9.23 79.75
CA LYS K 150 5.04 -10.45 79.25
C LYS K 150 3.74 -10.13 78.54
N VAL K 151 3.14 -11.14 77.90
CA VAL K 151 1.81 -11.14 77.31
C VAL K 151 1.24 -12.50 77.68
N VAL K 152 -0.04 -12.79 77.41
CA VAL K 152 -0.65 -14.10 77.64
C VAL K 152 -1.74 -14.26 76.58
N THR K 153 -2.10 -15.44 76.06
CA THR K 153 -1.42 -16.73 76.11
C THR K 153 -1.39 -17.29 74.69
N GLU K 154 -0.20 -17.52 74.12
CA GLU K 154 -0.03 -17.98 72.74
C GLU K 154 0.23 -19.47 72.64
N ALA K 155 0.47 -20.12 73.78
CA ALA K 155 0.76 -21.52 73.88
C ALA K 155 -0.52 -22.35 73.98
N LYS K 156 -0.75 -22.96 75.16
CA LYS K 156 -1.94 -23.71 75.58
C LYS K 156 -1.66 -24.22 76.98
N ALA K 157 -0.48 -24.86 77.16
CA ALA K 157 -0.07 -25.57 78.37
C ALA K 157 -0.62 -26.99 78.35
N ASP K 158 0.26 -27.98 78.08
CA ASP K 158 0.09 -29.43 78.03
C ASP K 158 -1.24 -30.07 77.58
N GLY K 159 -2.02 -29.35 76.76
CA GLY K 159 -3.30 -29.80 76.23
C GLY K 159 -3.42 -29.34 74.82
N SER K 160 -2.64 -29.96 73.92
CA SER K 160 -2.50 -29.54 72.52
C SER K 160 -1.79 -28.21 72.39
N VAL K 161 -0.66 -28.07 73.12
CA VAL K 161 0.30 -27.01 72.91
C VAL K 161 1.07 -27.21 71.61
N LEU K 162 1.38 -26.09 70.92
CA LEU K 162 2.36 -26.06 69.86
C LEU K 162 3.24 -24.87 70.23
N VAL K 163 4.48 -25.08 70.67
CA VAL K 163 5.34 -24.03 71.21
C VAL K 163 5.83 -23.07 70.15
N THR K 164 6.54 -23.63 69.13
CA THR K 164 7.15 -22.96 67.97
C THR K 164 7.92 -21.65 68.18
N ALA K 165 8.44 -21.02 67.10
CA ALA K 165 9.33 -19.86 67.24
C ALA K 165 8.57 -18.55 67.43
N LYS K 166 7.25 -18.56 67.16
CA LYS K 166 6.33 -17.43 67.28
C LYS K 166 6.23 -16.74 68.64
N THR K 167 6.69 -17.34 69.75
CA THR K 167 6.81 -16.66 71.04
C THR K 167 7.89 -15.59 71.02
N ILE K 168 9.04 -15.85 70.37
CA ILE K 168 10.20 -14.98 70.31
C ILE K 168 9.90 -13.62 69.68
N SER K 169 9.11 -13.58 68.59
CA SER K 169 8.65 -12.31 68.00
C SER K 169 7.79 -11.48 68.94
N LYS K 170 6.86 -12.10 69.68
CA LYS K 170 6.05 -11.45 70.69
C LYS K 170 6.83 -10.93 71.88
N LEU K 171 7.80 -11.70 72.41
CA LEU K 171 8.72 -11.23 73.43
C LEU K 171 9.57 -10.07 72.94
N ARG K 172 10.11 -10.12 71.70
CA ARG K 172 10.84 -9.01 71.13
C ARG K 172 10.01 -7.74 70.96
N ARG K 173 8.75 -7.84 70.49
CA ARG K 173 7.89 -6.68 70.32
C ARG K 173 7.37 -6.12 71.65
N LYS K 174 7.39 -6.91 72.74
CA LYS K 174 7.12 -6.42 74.09
C LYS K 174 8.35 -5.75 74.72
N LEU K 175 9.54 -5.94 74.12
CA LEU K 175 10.82 -5.38 74.54
C LEU K 175 11.28 -4.24 73.62
N GLY K 176 10.33 -3.38 73.20
CA GLY K 176 10.60 -2.09 72.56
C GLY K 176 11.21 -1.05 73.47
N ARG K 177 11.49 0.16 72.92
CA ARG K 177 11.89 1.34 73.70
C ARG K 177 13.12 1.22 74.62
N HIS K 178 14.36 1.03 74.17
CA HIS K 178 14.88 0.77 72.84
C HIS K 178 15.27 -0.70 72.73
N GLY K 179 16.17 -1.15 73.64
CA GLY K 179 16.85 -2.45 73.55
C GLY K 179 17.85 -2.49 72.41
N LEU K 180 18.94 -3.25 72.54
CA LEU K 180 20.18 -3.07 71.77
C LEU K 180 20.17 -3.49 70.29
N LYS K 181 19.05 -3.28 69.57
CA LYS K 181 18.76 -3.58 68.18
C LYS K 181 19.35 -4.88 67.65
N LEU K 182 19.08 -5.97 68.41
CA LEU K 182 19.51 -7.34 68.16
C LEU K 182 21.03 -7.54 68.13
N SER K 183 21.80 -6.74 68.91
CA SER K 183 23.24 -6.87 68.98
C SER K 183 23.71 -7.37 70.35
N LYS K 184 24.14 -8.65 70.41
CA LYS K 184 24.60 -9.32 71.62
C LYS K 184 23.56 -9.43 72.75
N LEU K 185 22.41 -10.02 72.40
CA LEU K 185 21.41 -10.52 73.32
C LEU K 185 21.62 -12.02 73.55
N VAL K 186 20.95 -12.59 74.56
CA VAL K 186 20.91 -14.02 74.79
C VAL K 186 19.49 -14.40 75.18
N LEU K 187 19.09 -15.64 74.86
CA LEU K 187 17.80 -16.17 75.25
C LEU K 187 17.99 -17.49 75.99
N ILE K 188 17.37 -17.58 77.18
CA ILE K 188 17.38 -18.73 78.04
C ILE K 188 16.08 -19.48 77.81
N VAL K 189 16.18 -20.77 77.48
CA VAL K 189 15.06 -21.61 77.15
C VAL K 189 14.90 -22.66 78.22
N SER K 190 13.67 -22.93 78.70
CA SER K 190 13.46 -24.07 79.59
C SER K 190 13.75 -25.40 78.90
N MET K 191 14.28 -26.39 79.64
CA MET K 191 14.65 -27.69 79.14
C MET K 191 13.51 -28.44 78.48
N ASP K 192 12.31 -28.31 79.06
CA ASP K 192 11.04 -28.84 78.56
C ASP K 192 10.70 -28.29 77.18
N ALA K 193 10.81 -26.95 77.01
CA ALA K 193 10.55 -26.27 75.76
C ALA K 193 11.59 -26.57 74.67
N TYR K 194 12.77 -27.09 75.06
CA TYR K 194 13.81 -27.52 74.13
C TYR K 194 13.71 -29.02 73.82
N TYR K 195 12.93 -29.79 74.62
CA TYR K 195 12.53 -31.15 74.28
C TYR K 195 11.45 -31.17 73.22
N ASP K 196 10.48 -30.25 73.34
CA ASP K 196 9.33 -30.19 72.48
C ASP K 196 9.59 -29.60 71.10
N LEU K 197 10.65 -28.77 70.96
CA LEU K 197 11.06 -28.01 69.78
C LEU K 197 11.49 -28.82 68.54
N LEU K 198 10.60 -29.72 68.08
CA LEU K 198 10.74 -30.60 66.93
C LEU K 198 9.31 -30.94 66.50
N GLU K 199 8.42 -29.94 66.55
CA GLU K 199 6.99 -30.07 66.27
C GLU K 199 6.55 -28.97 65.33
N ASP K 200 7.33 -27.87 65.30
CA ASP K 200 7.62 -26.99 64.21
C ASP K 200 8.21 -27.79 63.03
N GLU K 201 7.81 -27.60 61.76
CA GLU K 201 6.78 -26.77 61.19
C GLU K 201 6.79 -25.24 61.49
N GLU K 202 7.98 -24.57 61.48
CA GLU K 202 8.23 -23.10 61.61
C GLU K 202 9.71 -22.83 61.89
N TRP K 203 10.51 -22.45 60.87
CA TRP K 203 11.89 -21.95 60.95
C TRP K 203 12.89 -23.08 61.16
N GLN K 204 12.69 -23.87 62.21
CA GLN K 204 13.54 -24.98 62.59
C GLN K 204 12.86 -26.30 62.33
N ASP K 205 11.92 -26.27 61.37
CA ASP K 205 11.25 -27.40 60.76
C ASP K 205 12.09 -28.56 60.21
N VAL K 206 11.39 -29.61 59.77
CA VAL K 206 11.99 -30.88 59.41
C VAL K 206 12.43 -30.94 57.95
N ALA K 207 12.48 -29.79 57.26
CA ALA K 207 13.01 -29.69 55.93
C ALA K 207 14.10 -28.62 55.86
N GLN K 208 15.30 -28.95 55.35
CA GLN K 208 16.37 -27.97 55.26
C GLN K 208 16.16 -26.96 54.15
N VAL K 209 15.22 -27.25 53.23
CA VAL K 209 14.74 -26.32 52.23
C VAL K 209 13.94 -25.18 52.88
N GLY K 210 13.53 -25.36 54.16
CA GLY K 210 12.96 -24.31 54.99
C GLY K 210 13.94 -23.37 55.67
N ASN K 211 15.27 -23.60 55.63
CA ASN K 211 16.17 -22.83 56.49
C ASN K 211 17.61 -22.76 55.99
N ASP K 212 18.48 -22.00 56.70
CA ASP K 212 19.92 -22.18 56.68
C ASP K 212 20.33 -23.65 56.81
N SER K 213 21.36 -24.14 56.08
CA SER K 213 21.83 -25.51 56.30
C SER K 213 22.66 -25.65 57.58
N VAL K 214 21.97 -25.53 58.73
CA VAL K 214 22.46 -25.65 60.09
C VAL K 214 22.00 -26.98 60.66
N LYS K 215 21.51 -27.86 59.78
CA LYS K 215 21.01 -29.20 60.04
C LYS K 215 22.11 -30.20 60.36
N LEU K 216 22.89 -29.89 61.41
CA LEU K 216 23.96 -30.68 61.96
C LEU K 216 23.82 -30.70 63.48
N GLN K 217 23.60 -31.84 64.15
CA GLN K 217 23.14 -33.12 63.63
C GLN K 217 21.73 -33.01 63.06
N GLY K 218 20.85 -32.27 63.77
CA GLY K 218 19.51 -31.97 63.33
C GLY K 218 18.90 -30.99 64.29
N GLN K 219 18.75 -29.73 63.85
CA GLN K 219 18.06 -28.63 64.52
C GLN K 219 18.35 -28.36 65.98
N VAL K 220 19.61 -28.04 66.32
CA VAL K 220 19.98 -27.64 67.68
C VAL K 220 19.74 -26.15 67.93
N GLY K 221 20.47 -25.52 68.88
CA GLY K 221 20.26 -24.12 69.27
C GLY K 221 20.50 -23.08 68.19
N ARG K 222 19.42 -22.65 67.51
CA ARG K 222 19.52 -21.70 66.43
C ARG K 222 18.18 -21.07 66.06
N ILE K 223 17.61 -20.26 66.97
CA ILE K 223 16.33 -19.60 66.74
C ILE K 223 16.57 -18.25 66.11
N TYR K 224 16.24 -18.09 64.81
CA TYR K 224 16.46 -16.86 64.04
C TYR K 224 17.88 -16.35 64.03
N GLY K 225 18.86 -17.25 63.82
CA GLY K 225 20.30 -16.93 63.84
C GLY K 225 20.93 -16.87 65.20
N LEU K 226 20.16 -16.49 66.23
CA LEU K 226 20.61 -16.20 67.59
C LEU K 226 21.25 -17.36 68.39
N PRO K 227 22.18 -17.09 69.32
CA PRO K 227 22.63 -18.07 70.30
C PRO K 227 21.56 -18.43 71.32
N VAL K 228 21.41 -19.74 71.62
CA VAL K 228 20.36 -20.25 72.48
C VAL K 228 21.01 -21.04 73.62
N VAL K 229 20.63 -20.78 74.88
CA VAL K 229 21.11 -21.54 76.03
C VAL K 229 19.92 -22.17 76.74
N VAL K 230 20.07 -23.42 77.21
CA VAL K 230 18.99 -24.19 77.82
C VAL K 230 19.17 -24.22 79.35
N SER K 231 18.09 -24.36 80.14
CA SER K 231 18.19 -24.45 81.59
C SER K 231 17.04 -25.26 82.14
N GLU K 232 17.22 -26.07 83.21
CA GLU K 232 16.09 -26.79 83.80
C GLU K 232 15.36 -26.01 84.89
N TYR K 233 16.01 -24.95 85.45
CA TYR K 233 15.73 -24.34 86.74
C TYR K 233 14.40 -23.59 86.86
N PHE K 234 13.30 -24.33 87.02
CA PHE K 234 11.97 -23.79 87.21
C PHE K 234 11.30 -24.71 88.22
N PRO K 235 10.19 -24.36 88.88
CA PRO K 235 9.50 -25.29 89.78
C PRO K 235 8.58 -26.21 88.98
N ALA K 236 7.37 -26.54 89.45
CA ALA K 236 6.49 -27.53 88.85
C ALA K 236 5.78 -27.09 87.55
N LYS K 237 6.52 -26.46 86.64
CA LYS K 237 6.31 -26.32 85.20
C LYS K 237 5.00 -25.78 84.62
N ALA K 238 4.00 -25.40 85.45
CA ALA K 238 2.76 -24.84 84.97
C ALA K 238 2.90 -23.36 84.57
N ASN K 239 2.53 -22.41 85.44
CA ASN K 239 2.72 -20.99 85.18
C ASN K 239 4.17 -20.55 85.42
N SER K 240 5.11 -21.16 84.69
CA SER K 240 6.54 -20.92 84.78
C SER K 240 6.98 -20.12 83.56
N ALA K 241 8.03 -20.54 82.83
CA ALA K 241 8.40 -19.86 81.61
C ALA K 241 9.01 -20.82 80.60
N GLU K 242 8.65 -20.67 79.31
CA GLU K 242 9.29 -21.37 78.21
C GLU K 242 10.54 -20.65 77.75
N PHE K 243 10.47 -19.31 77.54
CA PHE K 243 11.56 -18.49 77.04
C PHE K 243 11.74 -17.24 77.88
N ALA K 244 13.00 -16.90 78.22
CA ALA K 244 13.36 -15.62 78.80
C ALA K 244 14.47 -14.96 77.98
N VAL K 245 14.33 -13.68 77.63
CA VAL K 245 15.28 -12.99 76.75
C VAL K 245 15.89 -11.82 77.52
N ILE K 246 17.22 -11.64 77.43
CA ILE K 246 17.96 -10.68 78.23
C ILE K 246 19.20 -10.21 77.44
N VAL K 247 19.88 -9.15 77.92
CA VAL K 247 21.08 -8.58 77.32
C VAL K 247 22.09 -8.35 78.43
N TYR K 248 23.37 -8.11 78.10
CA TYR K 248 24.42 -7.95 79.10
C TYR K 248 25.55 -7.03 78.63
N LYS K 249 25.23 -6.01 77.80
CA LYS K 249 26.22 -5.10 77.25
C LYS K 249 26.35 -3.81 78.07
N ASP K 250 25.38 -3.58 78.96
CA ASP K 250 25.11 -2.28 79.55
C ASP K 250 24.47 -2.56 80.91
N ASN K 251 23.13 -2.70 80.91
CA ASN K 251 22.39 -3.27 82.00
C ASN K 251 22.73 -4.74 82.27
N PHE K 252 22.62 -5.16 83.55
CA PHE K 252 22.87 -6.52 84.03
C PHE K 252 24.33 -6.81 84.38
N VAL K 253 24.83 -6.04 85.36
CA VAL K 253 26.14 -6.19 85.98
C VAL K 253 25.94 -6.72 87.39
N MET K 254 26.82 -7.62 87.85
CA MET K 254 26.79 -8.14 89.21
C MET K 254 28.05 -7.65 89.95
N PRO K 255 27.97 -6.91 91.07
CA PRO K 255 29.17 -6.41 91.73
C PRO K 255 29.70 -7.40 92.74
N ARG K 256 31.02 -7.37 93.00
CA ARG K 256 31.71 -8.32 93.83
C ARG K 256 32.52 -7.66 94.93
N GLN K 257 32.27 -8.04 96.21
CA GLN K 257 33.05 -7.57 97.34
C GLN K 257 33.85 -8.68 98.01
N ARG K 258 33.95 -9.89 97.39
CA ARG K 258 35.00 -10.83 97.74
C ARG K 258 35.22 -11.93 96.71
N ALA K 259 36.41 -12.56 96.77
CA ALA K 259 36.64 -13.87 96.22
C ALA K 259 36.01 -14.91 97.13
N VAL K 260 35.82 -16.16 96.67
CA VAL K 260 35.25 -17.22 97.50
C VAL K 260 36.22 -17.62 98.61
N THR K 261 35.84 -17.40 99.88
CA THR K 261 36.61 -17.82 101.03
C THR K 261 36.00 -19.08 101.59
N VAL K 262 36.83 -20.02 102.09
CA VAL K 262 36.36 -21.29 102.63
C VAL K 262 37.06 -21.51 103.96
N GLU K 263 36.63 -20.77 104.99
CA GLU K 263 37.13 -20.82 106.35
C GLU K 263 36.94 -22.18 107.03
N ARG K 264 37.85 -22.54 107.98
CA ARG K 264 37.77 -23.81 108.68
C ARG K 264 38.19 -23.67 110.13
N GLU K 265 37.42 -24.26 111.07
CA GLU K 265 37.78 -24.39 112.47
C GLU K 265 37.89 -25.87 112.84
N ARG K 266 38.19 -26.17 114.11
CA ARG K 266 38.56 -27.51 114.57
C ARG K 266 38.56 -27.59 116.10
N GLN K 267 38.16 -26.53 116.83
CA GLN K 267 38.14 -26.56 118.28
C GLN K 267 37.03 -25.64 118.79
N ALA K 268 36.10 -26.05 119.67
CA ALA K 268 35.96 -27.34 120.34
C ALA K 268 34.59 -27.94 120.07
N GLY K 269 33.55 -27.45 120.79
CA GLY K 269 32.14 -27.79 120.55
C GLY K 269 31.79 -29.26 120.46
N LYS K 270 32.37 -30.08 121.37
CA LYS K 270 32.25 -31.53 121.55
C LYS K 270 33.14 -32.35 120.61
N GLN K 271 34.11 -31.72 119.93
CA GLN K 271 34.97 -32.34 118.92
C GLN K 271 34.27 -32.57 117.59
N ARG K 272 34.72 -31.77 116.61
CA ARG K 272 34.30 -31.78 115.23
C ARG K 272 35.30 -30.97 114.45
N ASP K 273 35.18 -30.91 113.11
CA ASP K 273 35.59 -29.75 112.35
C ASP K 273 34.41 -28.80 112.19
N ALA K 274 34.62 -27.62 111.59
CA ALA K 274 33.53 -26.99 110.89
C ALA K 274 34.09 -26.22 109.72
N TYR K 275 33.37 -26.24 108.59
CA TYR K 275 33.75 -25.54 107.37
C TYR K 275 32.71 -24.49 107.12
N TYR K 276 33.15 -23.33 106.63
CA TYR K 276 32.30 -22.19 106.33
C TYR K 276 32.65 -21.78 104.92
N VAL K 277 31.77 -20.98 104.30
CA VAL K 277 32.05 -20.37 103.02
C VAL K 277 31.30 -19.06 103.01
N THR K 278 31.91 -17.98 102.50
CA THR K 278 31.26 -16.68 102.40
C THR K 278 31.37 -16.11 100.99
N GLN K 279 30.32 -15.41 100.54
CA GLN K 279 30.30 -14.86 99.20
C GLN K 279 29.56 -13.53 99.22
N ARG K 280 29.94 -12.63 98.29
CA ARG K 280 29.23 -11.38 98.13
C ARG K 280 29.24 -10.99 96.66
N VAL K 281 28.20 -11.44 95.93
CA VAL K 281 27.90 -11.08 94.56
C VAL K 281 26.39 -11.15 94.47
N ASN K 282 25.74 -10.23 93.74
CA ASN K 282 24.30 -10.30 93.55
C ASN K 282 23.88 -9.55 92.30
N LEU K 283 22.63 -9.76 91.81
CA LEU K 283 22.18 -9.15 90.58
C LEU K 283 21.54 -7.77 90.81
N GLN K 284 21.68 -6.85 89.84
CA GLN K 284 21.02 -5.56 89.84
C GLN K 284 20.95 -5.09 88.38
N ARG K 285 20.01 -4.18 88.05
CA ARG K 285 19.85 -3.61 86.73
C ARG K 285 20.06 -2.11 86.78
N TYR K 286 20.18 -1.46 85.61
CA TYR K 286 20.28 -0.01 85.48
C TYR K 286 18.86 0.57 85.40
N PHE K 287 18.29 0.68 84.19
CA PHE K 287 16.94 1.19 83.96
C PHE K 287 15.85 0.17 84.32
N ALA K 288 14.73 0.15 83.57
CA ALA K 288 13.59 -0.72 83.84
C ALA K 288 13.66 -1.97 82.98
N ASN K 289 13.09 -1.89 81.77
CA ASN K 289 13.17 -2.89 80.72
C ASN K 289 14.57 -3.48 80.40
N GLY K 290 14.57 -4.62 79.71
CA GLY K 290 15.76 -5.37 79.35
C GLY K 290 15.64 -6.83 79.65
N VAL K 291 14.50 -7.24 80.23
CA VAL K 291 14.07 -8.62 80.35
C VAL K 291 12.66 -8.73 79.79
N VAL K 292 12.33 -9.88 79.20
CA VAL K 292 10.98 -10.28 78.85
C VAL K 292 10.91 -11.77 79.02
N SER K 293 9.77 -12.31 79.46
CA SER K 293 9.62 -13.75 79.63
C SER K 293 8.21 -14.20 79.35
N GLY K 294 8.08 -15.34 78.65
CA GLY K 294 6.80 -16.00 78.45
C GLY K 294 6.81 -17.22 79.32
N THR K 295 5.88 -17.43 80.28
CA THR K 295 4.48 -16.98 80.39
C THR K 295 3.70 -16.76 79.10
N TYR K 296 3.11 -17.79 78.45
CA TYR K 296 2.88 -19.19 78.86
C TYR K 296 2.10 -19.33 80.17
N ALA K 297 0.83 -18.90 80.21
CA ALA K 297 -0.01 -19.27 81.34
C ALA K 297 -0.69 -20.60 81.08
N ALA K 298 -1.28 -21.19 82.13
CA ALA K 298 -2.12 -22.35 82.03
C ALA K 298 -3.60 -21.96 82.00
N SER K 299 -3.88 -20.77 81.40
CA SER K 299 -5.14 -20.09 81.29
C SER K 299 -4.86 -18.88 80.36
N ALA L 1 22.36 -96.30 40.02
CA ALA L 1 23.77 -95.81 39.88
C ALA L 1 23.90 -94.96 38.62
N VAL L 2 25.00 -94.21 38.45
CA VAL L 2 25.27 -93.45 37.23
C VAL L 2 25.75 -94.39 36.11
N ASN L 3 25.55 -94.03 34.83
CA ASN L 3 26.09 -94.77 33.70
C ASN L 3 26.25 -93.90 32.46
N GLN L 4 26.07 -92.57 32.56
CA GLN L 4 26.10 -91.72 31.38
C GLN L 4 27.52 -91.27 31.00
N SER L 5 28.01 -91.49 29.76
CA SER L 5 27.38 -92.05 28.57
C SER L 5 27.98 -93.40 28.23
N SER L 6 27.14 -94.44 28.06
CA SER L 6 27.53 -95.82 27.77
C SER L 6 28.12 -96.06 26.38
N SER L 7 29.09 -95.26 25.96
CA SER L 7 29.74 -95.38 24.67
C SER L 7 31.23 -95.16 24.84
N VAL L 8 32.14 -96.06 24.45
CA VAL L 8 31.95 -97.32 23.74
C VAL L 8 32.19 -98.49 24.69
N GLU L 9 33.46 -98.80 25.01
CA GLU L 9 33.85 -99.96 25.79
C GLU L 9 34.09 -99.66 27.25
N VAL L 10 34.03 -98.38 27.65
CA VAL L 10 34.29 -97.93 29.00
C VAL L 10 33.20 -96.97 29.46
N SER L 11 32.52 -97.32 30.57
CA SER L 11 31.40 -96.52 31.08
C SER L 11 31.75 -95.88 32.41
N SER L 12 33.04 -95.87 32.78
CA SER L 12 33.55 -95.52 34.10
C SER L 12 32.85 -96.23 35.25
N GLU L 13 32.53 -95.52 36.34
CA GLU L 13 31.78 -96.08 37.46
C GLU L 13 30.78 -95.03 37.93
N SER L 14 30.39 -94.99 39.22
CA SER L 14 29.31 -94.12 39.68
C SER L 14 29.80 -92.99 40.55
N TYR L 15 31.12 -92.89 40.77
CA TYR L 15 31.77 -91.91 41.62
C TYR L 15 33.05 -91.36 40.96
N GLU L 16 32.97 -90.77 39.76
CA GLU L 16 34.15 -90.33 39.02
C GLU L 16 34.42 -88.82 39.13
N THR L 17 33.79 -88.14 40.10
CA THR L 17 33.85 -86.68 40.21
C THR L 17 34.86 -86.10 41.18
N ILE L 18 35.23 -84.83 40.93
CA ILE L 18 36.19 -84.10 41.72
C ILE L 18 35.44 -83.20 42.69
N PHE L 19 35.48 -83.56 43.99
CA PHE L 19 34.86 -82.82 45.07
C PHE L 19 35.71 -81.63 45.52
N SER L 20 35.09 -80.48 45.81
CA SER L 20 35.85 -79.27 46.14
C SER L 20 36.11 -79.11 47.63
N GLN L 21 37.35 -78.71 47.98
CA GLN L 21 37.79 -78.55 49.35
C GLN L 21 37.60 -77.14 49.91
N ARG L 22 36.70 -76.33 49.32
CA ARG L 22 36.43 -75.00 49.85
C ARG L 22 35.23 -75.04 50.78
N ILE L 23 35.42 -74.60 52.04
CA ILE L 23 34.34 -74.43 52.99
C ILE L 23 33.60 -73.13 52.66
N ILE L 24 32.26 -73.16 52.64
CA ILE L 24 31.44 -72.01 52.30
C ILE L 24 30.16 -72.13 53.10
N ARG L 25 29.47 -71.01 53.38
CA ARG L 25 28.29 -71.02 54.19
C ARG L 25 27.42 -69.82 53.92
N ASP L 26 26.16 -69.87 54.39
CA ASP L 26 25.21 -68.77 54.39
C ASP L 26 25.68 -67.52 55.13
N LEU L 27 25.07 -66.37 54.77
CA LEU L 27 25.44 -65.05 55.26
C LEU L 27 25.29 -64.87 56.77
N GLN L 28 26.44 -64.79 57.50
CA GLN L 28 26.48 -64.52 58.92
C GLN L 28 25.89 -63.18 59.34
N LYS L 29 25.32 -63.16 60.55
CA LYS L 29 24.65 -62.01 61.13
C LYS L 29 25.60 -60.93 61.62
N GLU L 30 25.02 -59.79 62.02
CA GLU L 30 25.66 -58.81 62.85
C GLU L 30 26.04 -59.33 64.24
N LEU L 31 27.13 -58.79 64.80
CA LEU L 31 27.42 -58.86 66.22
C LEU L 31 27.70 -57.43 66.66
N VAL L 32 26.88 -56.84 67.54
CA VAL L 32 27.08 -55.45 67.91
C VAL L 32 26.55 -55.09 69.30
N VAL L 33 25.60 -55.85 69.86
CA VAL L 33 25.02 -55.48 71.15
C VAL L 33 25.91 -55.90 72.30
N GLY L 34 26.43 -54.92 73.06
CA GLY L 34 27.46 -55.20 74.07
C GLY L 34 28.86 -55.27 73.53
N ALA L 35 29.05 -55.03 72.22
CA ALA L 35 30.37 -54.97 71.60
C ALA L 35 30.88 -53.53 71.54
N LEU L 36 30.16 -52.62 72.23
CA LEU L 36 30.43 -51.20 72.27
C LEU L 36 30.03 -50.61 73.61
N PHE L 37 29.97 -51.44 74.67
CA PHE L 37 29.68 -51.01 76.03
C PHE L 37 30.94 -51.22 76.86
N GLU L 38 31.25 -50.28 77.76
CA GLU L 38 32.41 -50.27 78.61
C GLU L 38 32.55 -51.45 79.59
N GLU L 39 33.80 -51.77 79.97
CA GLU L 39 34.12 -52.87 80.85
C GLU L 39 34.71 -52.38 82.16
N LEU L 40 34.46 -53.12 83.25
CA LEU L 40 35.04 -52.85 84.54
C LEU L 40 35.59 -54.15 85.12
N PRO L 41 36.86 -54.39 85.38
CA PRO L 41 37.32 -55.57 86.12
C PRO L 41 36.71 -55.71 87.51
N MET L 42 36.07 -56.85 87.81
CA MET L 42 35.44 -57.10 89.08
C MET L 42 35.97 -58.39 89.68
N SER L 43 36.58 -58.30 90.88
CA SER L 43 37.25 -59.44 91.54
C SER L 43 36.33 -60.61 91.90
N SER L 44 35.11 -60.32 92.43
CA SER L 44 34.20 -61.34 92.94
C SER L 44 32.91 -61.39 92.13
N LYS L 45 31.87 -62.02 92.67
CA LYS L 45 30.57 -62.14 92.04
C LYS L 45 29.73 -60.87 92.11
N ILE L 46 30.07 -59.96 93.04
CA ILE L 46 29.42 -58.68 93.25
C ILE L 46 30.47 -57.69 93.76
N LEU L 47 30.09 -56.40 93.76
CA LEU L 47 30.83 -55.29 94.28
C LEU L 47 29.72 -54.34 94.71
N THR L 48 29.91 -53.57 95.80
CA THR L 48 29.04 -52.46 96.11
C THR L 48 29.80 -51.17 95.90
N MET L 49 29.11 -50.12 95.41
CA MET L 49 29.73 -48.82 95.28
C MET L 49 28.85 -47.73 95.87
N LEU L 50 29.47 -46.88 96.71
CA LEU L 50 28.80 -45.80 97.39
C LEU L 50 28.63 -44.60 96.46
N VAL L 51 27.39 -44.25 96.08
CA VAL L 51 27.13 -43.18 95.12
C VAL L 51 26.19 -42.12 95.69
N GLU L 52 26.57 -40.84 95.54
CA GLU L 52 25.86 -39.68 96.04
C GLU L 52 24.46 -39.47 95.41
N PRO L 53 23.46 -38.86 96.07
CA PRO L 53 22.37 -38.13 95.40
C PRO L 53 22.89 -36.75 94.96
N ASP L 54 22.09 -35.67 94.90
CA ASP L 54 22.60 -34.36 94.52
C ASP L 54 22.73 -33.39 95.69
N ALA L 55 22.94 -32.11 95.37
CA ALA L 55 23.03 -31.02 96.30
C ALA L 55 22.49 -29.78 95.58
N GLY L 56 21.79 -28.86 96.25
CA GLY L 56 21.39 -28.91 97.63
C GLY L 56 20.58 -27.70 97.95
N LYS L 57 20.33 -27.43 99.24
CA LYS L 57 19.74 -26.18 99.66
C LYS L 57 20.69 -25.52 100.63
N ALA L 58 20.78 -24.19 100.56
CA ALA L 58 21.49 -23.37 101.50
C ALA L 58 20.61 -22.14 101.65
N THR L 59 20.87 -21.30 102.65
CA THR L 59 20.08 -20.11 102.91
C THR L 59 21.05 -19.01 103.29
N TRP L 60 20.61 -17.76 103.33
CA TRP L 60 21.46 -16.60 103.40
C TRP L 60 20.79 -15.51 104.21
N VAL L 61 21.53 -14.42 104.50
CA VAL L 61 21.06 -13.42 105.44
C VAL L 61 21.15 -12.00 104.89
N ALA L 62 20.33 -11.09 105.44
CA ALA L 62 20.30 -9.69 105.05
C ALA L 62 21.37 -8.84 105.74
N ALA L 63 22.46 -9.50 106.18
CA ALA L 63 23.68 -8.95 106.78
C ALA L 63 23.55 -8.48 108.22
N SER L 64 22.37 -8.69 108.83
CA SER L 64 21.94 -8.17 110.11
C SER L 64 22.77 -8.56 111.32
N THR L 65 23.22 -9.82 111.40
CA THR L 65 23.93 -10.37 112.55
C THR L 65 25.44 -10.42 112.32
N TYR L 66 26.23 -10.14 113.38
CA TYR L 66 27.66 -9.97 113.27
C TYR L 66 28.34 -10.40 114.56
N GLY L 67 29.28 -11.37 114.43
CA GLY L 67 29.92 -12.05 115.55
C GLY L 67 29.91 -13.54 115.34
N THR L 68 29.28 -13.98 114.23
CA THR L 68 29.17 -15.38 113.80
C THR L 68 28.49 -16.31 114.79
N ASP L 69 27.18 -16.16 115.07
CA ASP L 69 26.09 -15.56 114.31
C ASP L 69 26.03 -15.89 112.82
N THR L 70 25.97 -17.18 112.44
CA THR L 70 25.81 -17.51 111.01
C THR L 70 24.40 -17.24 110.52
N THR L 71 23.40 -17.67 111.33
CA THR L 71 21.96 -17.60 111.09
C THR L 71 21.55 -18.38 109.85
N THR L 72 22.26 -19.50 109.58
CA THR L 72 22.13 -20.27 108.33
C THR L 72 21.80 -21.73 108.53
N GLY L 73 21.41 -22.15 109.75
CA GLY L 73 21.10 -23.56 110.04
C GLY L 73 22.19 -24.60 109.73
N GLU L 74 21.82 -25.61 108.90
CA GLU L 74 22.67 -26.73 108.54
C GLU L 74 22.37 -27.09 107.10
N GLU L 75 23.28 -27.84 106.45
CA GLU L 75 23.06 -28.36 105.10
C GLU L 75 22.41 -29.73 105.15
N VAL L 76 21.67 -30.09 104.09
CA VAL L 76 21.05 -31.41 104.04
C VAL L 76 22.08 -32.46 103.60
N LYS L 77 22.45 -33.32 104.57
CA LYS L 77 23.53 -34.27 104.43
C LYS L 77 23.34 -35.25 103.27
N GLY L 78 24.42 -35.59 102.56
CA GLY L 78 24.34 -36.52 101.44
C GLY L 78 23.96 -37.93 101.83
N ALA L 79 22.76 -38.39 101.40
CA ALA L 79 22.31 -39.76 101.56
C ALA L 79 23.08 -40.73 100.66
N LEU L 80 24.35 -40.96 101.01
CA LEU L 80 25.30 -41.84 100.37
C LEU L 80 24.83 -43.29 100.42
N LYS L 81 24.65 -43.90 99.24
CA LYS L 81 23.88 -45.12 99.11
C LYS L 81 24.67 -46.10 98.27
N GLU L 82 24.64 -47.39 98.65
CA GLU L 82 25.27 -48.43 97.87
C GLU L 82 24.46 -48.88 96.67
N ILE L 83 25.14 -49.08 95.54
CA ILE L 83 24.59 -49.73 94.34
C ILE L 83 25.38 -50.99 94.13
N HIS L 84 24.68 -52.11 93.86
CA HIS L 84 25.26 -53.42 93.70
C HIS L 84 25.05 -53.96 92.29
N PHE L 85 25.75 -55.06 91.98
CA PHE L 85 25.72 -55.72 90.69
C PHE L 85 25.26 -57.16 90.87
N SER L 86 25.18 -57.95 89.79
CA SER L 86 24.90 -59.38 89.83
C SER L 86 25.68 -60.01 88.69
N THR L 87 25.70 -61.35 88.59
CA THR L 87 26.43 -62.02 87.50
C THR L 87 25.72 -63.27 87.06
N TYR L 88 25.83 -63.57 85.76
CA TYR L 88 25.16 -64.67 85.09
C TYR L 88 26.27 -65.54 84.49
N LYS L 89 26.18 -66.88 84.62
CA LYS L 89 27.27 -67.76 84.25
C LYS L 89 26.88 -68.60 83.04
N LEU L 90 27.39 -68.22 81.86
CA LEU L 90 27.14 -68.94 80.62
C LEU L 90 28.15 -70.06 80.44
N ALA L 91 27.74 -71.16 79.78
CA ALA L 91 28.66 -72.25 79.52
C ALA L 91 28.20 -73.08 78.34
N ALA L 92 29.15 -73.62 77.59
CA ALA L 92 28.88 -74.46 76.45
C ALA L 92 29.85 -75.62 76.49
N LYS L 93 29.53 -76.69 75.77
CA LYS L 93 30.29 -77.91 75.80
C LYS L 93 30.12 -78.58 74.47
N SER L 94 31.18 -79.22 73.95
CA SER L 94 31.08 -80.01 72.74
C SER L 94 32.12 -81.10 72.80
N PHE L 95 31.90 -82.22 72.09
CA PHE L 95 32.91 -83.26 72.00
C PHE L 95 33.08 -83.83 70.60
N ILE L 96 34.25 -84.46 70.37
CA ILE L 96 34.68 -85.16 69.17
C ILE L 96 35.35 -86.43 69.67
N THR L 97 35.50 -87.47 68.82
CA THR L 97 36.28 -88.65 69.14
C THR L 97 37.51 -88.67 68.28
N ASP L 98 38.64 -89.28 68.75
CA ASP L 98 39.88 -89.40 68.00
C ASP L 98 39.66 -90.07 66.63
N GLU L 99 38.75 -91.06 66.60
CA GLU L 99 38.45 -91.90 65.47
C GLU L 99 37.32 -91.34 64.59
N THR L 100 36.95 -90.05 64.79
CA THR L 100 36.07 -89.33 63.85
C THR L 100 36.69 -88.04 63.34
N GLU L 101 38.03 -87.87 63.38
CA GLU L 101 38.65 -86.80 62.60
C GLU L 101 39.61 -87.23 61.51
N GLU L 102 40.15 -88.47 61.56
CA GLU L 102 41.16 -88.91 60.61
C GLU L 102 40.61 -89.49 59.31
N ASP L 103 39.31 -89.82 59.24
CA ASP L 103 38.63 -90.26 58.04
C ASP L 103 38.35 -89.11 57.06
N ALA L 104 37.95 -87.97 57.64
CA ALA L 104 37.43 -86.81 56.95
C ALA L 104 38.48 -85.86 56.38
N ILE L 105 38.22 -84.55 56.47
CA ILE L 105 39.01 -83.52 55.81
C ILE L 105 40.09 -82.92 56.71
N PHE L 106 40.41 -83.55 57.86
CA PHE L 106 41.45 -83.17 58.84
C PHE L 106 41.32 -81.77 59.43
N SER L 107 40.20 -81.09 59.17
CA SER L 107 40.04 -79.65 59.39
C SER L 107 38.91 -79.36 60.35
N LEU L 108 38.47 -80.37 61.12
CA LEU L 108 37.29 -80.28 61.97
C LEU L 108 37.48 -79.41 63.20
N LEU L 109 38.64 -79.50 63.87
CA LEU L 109 38.89 -78.76 65.11
C LEU L 109 38.86 -77.23 64.99
N PRO L 110 39.43 -76.54 63.99
CA PRO L 110 39.22 -75.10 63.82
C PRO L 110 37.78 -74.71 63.52
N LEU L 111 37.06 -75.49 62.68
CA LEU L 111 35.67 -75.24 62.34
C LEU L 111 34.73 -75.38 63.53
N LEU L 112 34.91 -76.43 64.36
CA LEU L 112 34.10 -76.64 65.54
C LEU L 112 34.20 -75.51 66.56
N ARG L 113 35.42 -75.05 66.88
CA ARG L 113 35.60 -73.91 67.77
C ARG L 113 35.11 -72.59 67.20
N LYS L 114 35.22 -72.35 65.86
CA LYS L 114 34.58 -71.20 65.23
C LYS L 114 33.06 -71.20 65.41
N ARG L 115 32.39 -72.32 65.09
CA ARG L 115 30.95 -72.42 65.22
C ARG L 115 30.46 -72.32 66.66
N LEU L 116 31.19 -72.93 67.62
CA LEU L 116 30.89 -72.81 69.04
C LEU L 116 31.02 -71.39 69.61
N ILE L 117 32.05 -70.62 69.22
CA ILE L 117 32.19 -69.21 69.57
C ILE L 117 31.08 -68.36 68.99
N GLU L 118 30.72 -68.61 67.71
CA GLU L 118 29.56 -68.01 67.08
C GLU L 118 28.22 -68.33 67.73
N ALA L 119 27.99 -69.61 68.12
CA ALA L 119 26.83 -70.07 68.87
C ALA L 119 26.68 -69.38 70.22
N HIS L 120 27.80 -69.21 70.95
CA HIS L 120 27.89 -68.44 72.16
C HIS L 120 27.65 -66.95 71.97
N ALA L 121 28.21 -66.35 70.90
CA ALA L 121 27.98 -64.95 70.55
C ALA L 121 26.52 -64.64 70.24
N VAL L 122 25.86 -65.51 69.45
CA VAL L 122 24.42 -65.46 69.19
C VAL L 122 23.59 -65.64 70.47
N SER L 123 23.95 -66.58 71.38
CA SER L 123 23.25 -66.71 72.65
C SER L 123 23.41 -65.53 73.62
N ILE L 124 24.62 -64.97 73.77
CA ILE L 124 24.82 -63.77 74.59
C ILE L 124 24.20 -62.49 74.01
N GLU L 125 24.28 -62.25 72.70
CA GLU L 125 23.65 -61.10 72.05
C GLU L 125 22.13 -61.12 72.17
N GLU L 126 21.51 -62.30 71.98
CA GLU L 126 20.13 -62.54 72.30
C GLU L 126 19.79 -62.23 73.76
N ALA L 127 20.61 -62.70 74.73
CA ALA L 127 20.40 -62.46 76.15
C ALA L 127 20.46 -61.00 76.58
N PHE L 128 21.33 -60.18 75.94
CA PHE L 128 21.32 -58.74 76.09
C PHE L 128 20.08 -58.06 75.52
N MET L 129 19.50 -58.56 74.42
CA MET L 129 18.26 -58.05 73.87
C MET L 129 17.01 -58.54 74.59
N THR L 130 16.87 -59.87 74.80
CA THR L 130 15.70 -60.51 75.37
C THR L 130 16.02 -61.08 76.74
N GLY L 131 15.39 -60.55 77.81
CA GLY L 131 15.76 -60.99 79.13
C GLY L 131 14.72 -60.71 80.17
N ASP L 132 14.84 -61.41 81.30
CA ASP L 132 13.89 -61.39 82.39
C ASP L 132 14.62 -61.51 83.75
N GLY L 133 15.90 -61.94 83.75
CA GLY L 133 16.68 -62.23 84.95
C GLY L 133 16.77 -63.69 85.29
N SER L 134 16.05 -64.58 84.56
CA SER L 134 16.06 -66.02 84.82
C SER L 134 17.26 -66.73 84.19
N GLY L 135 18.42 -66.61 84.85
CA GLY L 135 19.69 -67.22 84.43
C GLY L 135 20.43 -66.41 83.39
N LYS L 136 19.68 -65.60 82.63
CA LYS L 136 20.16 -64.69 81.62
C LYS L 136 19.97 -63.26 82.13
N PRO L 137 20.80 -62.28 81.77
CA PRO L 137 20.64 -60.88 82.18
C PRO L 137 19.28 -60.25 81.88
N LYS L 138 18.97 -59.14 82.57
CA LYS L 138 17.78 -58.36 82.30
C LYS L 138 17.96 -57.45 81.09
N GLY L 139 17.86 -58.04 79.87
CA GLY L 139 17.92 -57.37 78.58
C GLY L 139 17.15 -56.07 78.42
N LEU L 140 17.71 -55.14 77.62
CA LEU L 140 17.27 -53.75 77.53
C LEU L 140 15.81 -53.54 77.10
N LEU L 141 15.30 -54.41 76.21
CA LEU L 141 13.94 -54.34 75.70
C LEU L 141 12.88 -54.47 76.78
N THR L 142 13.15 -55.26 77.85
CA THR L 142 12.23 -55.37 78.97
C THR L 142 12.65 -54.54 80.16
N LEU L 143 13.71 -53.72 80.09
CA LEU L 143 14.16 -52.98 81.28
C LEU L 143 13.63 -51.56 81.31
N ALA L 144 12.86 -51.15 80.28
CA ALA L 144 12.21 -49.85 80.24
C ALA L 144 10.69 -49.93 80.45
N SER L 145 10.12 -51.13 80.66
CA SER L 145 8.73 -51.28 81.09
C SER L 145 8.58 -51.07 82.59
N GLU L 146 9.50 -51.65 83.38
CA GLU L 146 9.50 -51.71 84.83
C GLU L 146 9.55 -50.37 85.55
N ASP L 147 10.33 -49.42 85.01
CA ASP L 147 10.50 -48.09 85.56
C ASP L 147 9.58 -47.08 84.90
N SER L 148 8.94 -47.49 83.80
CA SER L 148 7.91 -46.79 83.04
C SER L 148 8.47 -45.84 81.99
N ALA L 149 9.77 -46.00 81.65
CA ALA L 149 10.43 -45.23 80.61
C ALA L 149 9.87 -45.44 79.20
N LYS L 150 9.40 -46.67 78.89
CA LYS L 150 8.77 -46.93 77.61
C LYS L 150 7.47 -46.17 77.30
N VAL L 151 7.35 -45.69 76.07
CA VAL L 151 6.24 -44.91 75.58
C VAL L 151 4.90 -45.67 75.51
N VAL L 152 3.79 -45.00 75.87
CA VAL L 152 2.45 -45.54 75.76
C VAL L 152 1.50 -44.47 75.19
N THR L 153 1.05 -44.56 73.93
CA THR L 153 1.58 -45.33 72.81
C THR L 153 2.46 -44.44 71.94
N GLU L 154 2.37 -44.56 70.60
CA GLU L 154 3.15 -43.77 69.64
C GLU L 154 2.79 -44.24 68.22
N ALA L 155 2.75 -45.58 67.97
CA ALA L 155 2.43 -46.12 66.65
C ALA L 155 1.88 -47.54 66.73
N LYS L 156 1.33 -48.05 65.60
CA LYS L 156 0.68 -49.37 65.50
C LYS L 156 1.13 -50.20 64.29
N ALA L 157 1.51 -49.54 63.16
CA ALA L 157 1.80 -50.18 61.87
C ALA L 157 0.80 -51.21 61.32
N ASP L 158 1.28 -52.17 60.52
CA ASP L 158 0.62 -53.26 59.81
C ASP L 158 -0.88 -53.09 59.52
N GLY L 159 -1.21 -52.14 58.62
CA GLY L 159 -2.60 -51.73 58.41
C GLY L 159 -2.73 -50.40 57.73
N SER L 160 -1.85 -50.14 56.74
CA SER L 160 -1.82 -48.92 55.93
C SER L 160 -1.32 -47.69 56.65
N VAL L 161 -0.60 -47.90 57.77
CA VAL L 161 0.07 -46.86 58.52
C VAL L 161 1.53 -47.26 58.57
N LEU L 162 2.45 -46.36 58.18
CA LEU L 162 3.88 -46.56 58.27
C LEU L 162 4.41 -45.82 59.48
N VAL L 163 5.58 -46.16 60.01
CA VAL L 163 6.11 -45.48 61.18
C VAL L 163 7.01 -44.33 60.76
N THR L 164 6.44 -43.11 60.57
CA THR L 164 7.23 -41.94 60.18
C THR L 164 8.31 -41.58 61.18
N ALA L 165 9.43 -41.01 60.69
CA ALA L 165 10.58 -40.65 61.48
C ALA L 165 10.35 -39.60 62.59
N LYS L 166 9.14 -39.02 62.70
CA LYS L 166 8.78 -38.06 63.72
C LYS L 166 8.49 -38.72 65.06
N THR L 167 8.38 -40.08 65.09
CA THR L 167 8.30 -40.83 66.34
C THR L 167 9.49 -40.65 67.26
N ILE L 168 10.75 -40.73 66.74
CA ILE L 168 11.93 -40.64 67.59
C ILE L 168 12.18 -39.22 68.15
N SER L 169 11.63 -38.17 67.51
CA SER L 169 11.57 -36.84 68.13
C SER L 169 10.70 -36.83 69.37
N LYS L 170 9.55 -37.51 69.31
CA LYS L 170 8.61 -37.62 70.40
C LYS L 170 9.04 -38.64 71.45
N LEU L 171 9.88 -39.65 71.13
CA LEU L 171 10.63 -40.44 72.12
C LEU L 171 11.67 -39.60 72.87
N ARG L 172 12.53 -38.82 72.18
CA ARG L 172 13.58 -38.05 72.85
C ARG L 172 13.03 -36.88 73.66
N ARG L 173 11.79 -36.46 73.35
CA ARG L 173 11.00 -35.49 74.09
C ARG L 173 10.76 -35.90 75.54
N LYS L 174 10.66 -37.22 75.81
CA LYS L 174 10.43 -37.74 77.14
C LYS L 174 11.56 -38.61 77.69
N LEU L 175 12.57 -38.97 76.88
CA LEU L 175 13.71 -39.79 77.28
C LEU L 175 14.58 -39.25 78.42
N GLY L 176 15.00 -37.96 78.38
CA GLY L 176 16.17 -37.58 79.17
C GLY L 176 15.92 -37.21 80.60
N ARG L 177 14.68 -36.82 80.94
CA ARG L 177 14.17 -36.41 82.25
C ARG L 177 15.06 -36.59 83.50
N HIS L 178 15.70 -35.55 84.07
CA HIS L 178 15.86 -34.18 83.59
C HIS L 178 16.63 -34.01 82.29
N GLY L 179 17.85 -34.56 82.17
CA GLY L 179 18.65 -34.44 80.96
C GLY L 179 19.93 -35.19 81.08
N LEU L 180 20.55 -35.56 79.93
CA LEU L 180 21.84 -36.24 79.91
C LEU L 180 22.66 -35.83 78.70
N LYS L 181 22.86 -34.51 78.47
CA LYS L 181 23.77 -33.93 77.48
C LYS L 181 23.27 -33.97 76.02
N LEU L 182 22.69 -35.11 75.58
CA LEU L 182 21.91 -35.28 74.36
C LEU L 182 22.65 -35.14 73.02
N SER L 183 23.99 -35.03 73.03
CA SER L 183 24.84 -34.83 71.85
C SER L 183 25.31 -36.12 71.22
N LYS L 184 25.08 -37.26 71.88
CA LYS L 184 25.33 -38.56 71.29
C LYS L 184 24.24 -39.45 71.84
N LEU L 185 23.78 -40.41 71.04
CA LEU L 185 22.62 -41.21 71.32
C LEU L 185 22.82 -42.44 70.45
N VAL L 186 22.19 -43.58 70.77
CA VAL L 186 22.21 -44.76 69.92
C VAL L 186 20.79 -45.20 69.69
N LEU L 187 20.43 -45.43 68.42
CA LEU L 187 19.12 -45.90 68.02
C LEU L 187 19.29 -47.28 67.39
N ILE L 188 18.55 -48.28 67.88
CA ILE L 188 18.58 -49.65 67.36
C ILE L 188 17.16 -50.01 66.90
N VAL L 189 17.02 -50.57 65.69
CA VAL L 189 15.72 -50.84 65.07
C VAL L 189 15.68 -52.22 64.42
N SER L 190 14.47 -52.78 64.18
CA SER L 190 14.27 -54.18 63.80
C SER L 190 14.32 -54.47 62.29
N MET L 191 13.21 -54.95 61.70
CA MET L 191 13.13 -55.30 60.29
C MET L 191 12.27 -54.34 59.50
N ASP L 192 10.91 -54.35 59.58
CA ASP L 192 10.12 -53.35 58.87
C ASP L 192 10.47 -51.94 59.32
N ALA L 193 10.69 -51.75 60.63
CA ALA L 193 11.10 -50.50 61.28
C ALA L 193 12.46 -49.91 60.86
N TYR L 194 13.08 -50.44 59.79
CA TYR L 194 14.19 -49.83 59.10
C TYR L 194 13.90 -49.75 57.59
N TYR L 195 12.89 -50.48 57.11
CA TYR L 195 12.59 -50.58 55.71
C TYR L 195 11.38 -49.72 55.31
N ASP L 196 10.46 -49.37 56.24
CA ASP L 196 9.38 -48.44 55.94
C ASP L 196 9.86 -46.99 55.88
N LEU L 197 10.93 -46.67 56.63
CA LEU L 197 11.75 -45.46 56.51
C LEU L 197 12.46 -45.25 55.15
N LEU L 198 12.12 -46.04 54.11
CA LEU L 198 12.46 -45.78 52.72
C LEU L 198 11.22 -45.47 51.89
N GLU L 199 10.01 -45.68 52.43
CA GLU L 199 8.73 -45.47 51.77
C GLU L 199 7.83 -44.52 52.58
N ASP L 200 8.39 -43.78 53.57
CA ASP L 200 7.68 -42.77 54.34
C ASP L 200 7.89 -41.34 53.80
N GLU L 201 7.42 -40.33 54.56
CA GLU L 201 7.35 -38.95 54.17
C GLU L 201 8.19 -37.99 55.01
N GLU L 202 9.01 -38.47 55.97
CA GLU L 202 9.54 -37.57 56.99
C GLU L 202 11.07 -37.38 57.00
N TRP L 203 11.58 -36.14 56.76
CA TRP L 203 12.99 -35.71 56.88
C TRP L 203 14.00 -36.32 55.90
N GLN L 204 13.79 -37.55 55.43
CA GLN L 204 14.76 -38.27 54.63
C GLN L 204 14.06 -39.07 53.55
N ASP L 205 12.84 -38.62 53.22
CA ASP L 205 11.77 -39.21 52.45
C ASP L 205 12.10 -39.85 51.09
N VAL L 206 11.05 -40.14 50.29
CA VAL L 206 11.20 -40.73 48.96
C VAL L 206 11.71 -39.71 47.94
N ALA L 207 11.62 -38.40 48.24
CA ALA L 207 12.20 -37.35 47.45
C ALA L 207 13.45 -36.80 48.15
N GLN L 208 13.81 -35.53 47.88
CA GLN L 208 14.86 -34.85 48.64
C GLN L 208 14.34 -33.63 49.39
N VAL L 209 13.01 -33.48 49.56
CA VAL L 209 12.41 -32.30 50.18
C VAL L 209 12.81 -32.08 51.64
N GLY L 210 12.90 -33.15 52.47
CA GLY L 210 13.38 -32.99 53.84
C GLY L 210 14.88 -32.80 53.94
N ASN L 211 15.62 -33.46 53.04
CA ASN L 211 17.05 -33.62 53.15
C ASN L 211 17.89 -32.69 52.27
N ASP L 212 19.18 -33.03 52.22
CA ASP L 212 20.33 -32.30 51.79
C ASP L 212 21.05 -33.30 50.91
N SER L 213 22.22 -32.96 50.35
CA SER L 213 22.98 -33.85 49.47
C SER L 213 23.76 -34.89 50.25
N VAL L 214 23.03 -35.72 51.04
CA VAL L 214 23.58 -36.68 51.99
C VAL L 214 23.05 -38.09 51.72
N LYS L 215 22.47 -38.33 50.52
CA LYS L 215 21.98 -39.64 50.10
C LYS L 215 22.26 -39.86 48.60
N LEU L 216 23.49 -40.08 48.09
CA LEU L 216 24.70 -40.60 48.70
C LEU L 216 24.53 -41.93 49.46
N GLN L 217 24.15 -43.05 48.80
CA GLN L 217 23.95 -43.26 47.37
C GLN L 217 22.52 -43.65 47.05
N GLY L 218 21.63 -43.65 48.05
CA GLY L 218 20.24 -44.03 47.89
C GLY L 218 19.72 -44.58 49.19
N GLN L 219 18.92 -43.77 49.89
CA GLN L 219 18.23 -44.10 51.14
C GLN L 219 19.05 -44.75 52.27
N VAL L 220 20.16 -44.09 52.69
CA VAL L 220 20.98 -44.56 53.80
C VAL L 220 20.39 -44.21 55.17
N GLY L 221 20.69 -45.02 56.20
CA GLY L 221 20.18 -44.80 57.56
C GLY L 221 20.91 -43.74 58.35
N ARG L 222 20.36 -42.51 58.38
CA ARG L 222 20.92 -41.44 59.18
C ARG L 222 19.88 -40.38 59.51
N ILE L 223 18.89 -40.76 60.33
CA ILE L 223 17.80 -39.92 60.75
C ILE L 223 18.21 -38.91 61.83
N TYR L 224 17.96 -37.61 61.59
CA TYR L 224 18.36 -36.50 62.45
C TYR L 224 19.87 -36.43 62.70
N GLY L 225 20.66 -36.83 61.69
CA GLY L 225 22.12 -36.73 61.67
C GLY L 225 22.87 -37.80 62.43
N LEU L 226 22.29 -38.29 63.53
CA LEU L 226 22.78 -39.38 64.34
C LEU L 226 22.81 -40.73 63.59
N PRO L 227 23.73 -41.65 63.89
CA PRO L 227 23.71 -42.98 63.28
C PRO L 227 22.63 -43.88 63.89
N VAL L 228 22.02 -44.75 63.06
CA VAL L 228 21.09 -45.78 63.51
C VAL L 228 21.70 -47.13 63.18
N VAL L 229 21.68 -48.07 64.15
CA VAL L 229 22.21 -49.41 63.94
C VAL L 229 21.04 -50.36 63.81
N VAL L 230 20.78 -50.85 62.58
CA VAL L 230 19.79 -51.89 62.36
C VAL L 230 20.23 -53.24 62.94
N SER L 231 19.30 -54.02 63.53
CA SER L 231 19.61 -55.34 64.06
C SER L 231 18.39 -56.24 63.85
N GLU L 232 18.47 -57.57 63.96
CA GLU L 232 17.32 -58.44 63.83
C GLU L 232 16.89 -59.14 65.10
N TYR L 233 17.66 -59.04 66.21
CA TYR L 233 17.39 -59.75 67.46
C TYR L 233 16.21 -59.19 68.26
N PHE L 234 14.98 -59.41 67.76
CA PHE L 234 13.77 -58.81 68.27
C PHE L 234 12.66 -59.86 68.32
N PRO L 235 11.81 -59.95 69.35
CA PRO L 235 10.90 -61.08 69.45
C PRO L 235 9.56 -60.76 68.79
N ALA L 236 9.31 -61.39 67.62
CA ALA L 236 8.14 -61.19 66.77
C ALA L 236 7.98 -59.77 66.20
N LYS L 237 6.75 -59.20 66.22
CA LYS L 237 6.48 -57.83 65.77
C LYS L 237 5.29 -57.29 66.55
N ALA L 238 5.21 -57.53 67.87
CA ALA L 238 3.96 -57.38 68.60
C ALA L 238 3.88 -56.12 69.46
N ASN L 239 3.59 -56.29 70.77
CA ASN L 239 3.54 -55.26 71.78
C ASN L 239 4.82 -55.29 72.59
N SER L 240 5.87 -55.83 71.97
CA SER L 240 7.21 -56.09 72.48
C SER L 240 8.05 -54.83 72.44
N ALA L 241 8.91 -54.66 71.42
CA ALA L 241 9.87 -53.59 71.37
C ALA L 241 10.71 -53.61 70.11
N GLU L 242 10.31 -52.84 69.08
CA GLU L 242 10.97 -52.78 67.80
C GLU L 242 11.95 -51.61 67.71
N PHE L 243 11.84 -50.66 68.65
CA PHE L 243 12.66 -49.45 68.67
C PHE L 243 13.35 -49.35 70.01
N ALA L 244 14.68 -49.36 70.06
CA ALA L 244 15.43 -49.19 71.29
C ALA L 244 16.29 -47.95 71.20
N VAL L 245 16.04 -46.99 72.12
CA VAL L 245 16.78 -45.74 72.21
C VAL L 245 17.57 -45.77 73.50
N ILE L 246 18.91 -45.78 73.39
CA ILE L 246 19.82 -45.92 74.52
C ILE L 246 21.01 -45.00 74.34
N VAL L 247 21.84 -44.80 75.39
CA VAL L 247 22.96 -43.89 75.26
C VAL L 247 24.17 -44.28 76.10
N TYR L 248 25.06 -45.16 75.58
CA TYR L 248 26.38 -45.37 76.17
C TYR L 248 27.27 -44.10 76.21
N LYS L 249 28.03 -43.97 77.32
CA LYS L 249 28.77 -42.78 77.73
C LYS L 249 29.11 -42.78 79.22
N ASP L 250 28.24 -43.35 80.07
CA ASP L 250 28.31 -43.23 81.52
C ASP L 250 27.57 -44.38 82.18
N ASN L 251 27.21 -45.43 81.41
CA ASN L 251 26.08 -46.26 81.73
C ASN L 251 25.84 -47.27 80.61
N PHE L 252 25.62 -48.55 81.01
CA PHE L 252 25.40 -49.77 80.24
C PHE L 252 26.62 -50.69 80.21
N VAL L 253 27.67 -50.32 80.96
CA VAL L 253 28.74 -51.16 81.50
C VAL L 253 28.47 -52.64 81.76
N MET L 254 29.43 -53.51 81.36
CA MET L 254 29.47 -54.89 81.80
C MET L 254 30.67 -55.12 82.73
N PRO L 255 30.49 -55.15 84.06
CA PRO L 255 31.57 -55.49 84.98
C PRO L 255 31.81 -57.00 85.04
N ARG L 256 32.48 -57.59 84.04
CA ARG L 256 32.69 -59.02 84.01
C ARG L 256 33.95 -59.46 84.75
N GLN L 257 33.81 -60.50 85.60
CA GLN L 257 34.90 -61.12 86.36
C GLN L 257 35.98 -61.76 85.50
N ARG L 258 35.58 -62.33 84.34
CA ARG L 258 36.52 -62.96 83.45
C ARG L 258 35.94 -62.93 82.06
N ALA L 259 36.81 -63.03 81.02
CA ALA L 259 36.36 -63.19 79.66
C ALA L 259 36.16 -64.67 79.36
N VAL L 260 36.25 -65.06 78.07
CA VAL L 260 36.11 -66.43 77.64
C VAL L 260 37.23 -67.33 78.15
N THR L 261 36.88 -68.35 78.95
CA THR L 261 37.82 -69.38 79.35
C THR L 261 37.39 -70.65 78.66
N VAL L 262 38.23 -71.12 77.73
CA VAL L 262 38.02 -72.29 76.92
C VAL L 262 39.17 -73.23 77.17
N GLU L 263 38.86 -74.49 77.47
CA GLU L 263 39.84 -75.47 77.88
C GLU L 263 39.37 -76.82 77.39
N ARG L 264 40.14 -77.89 77.68
CA ARG L 264 39.87 -79.17 77.07
C ARG L 264 40.32 -80.37 77.87
N GLU L 265 39.45 -81.38 77.88
CA GLU L 265 39.64 -82.68 78.46
C GLU L 265 40.03 -83.67 77.38
N ARG L 266 40.96 -84.61 77.67
CA ARG L 266 41.24 -85.74 76.78
C ARG L 266 41.62 -87.00 77.55
N GLN L 267 41.99 -86.88 78.84
CA GLN L 267 42.09 -88.01 79.75
C GLN L 267 40.90 -87.92 80.70
N ALA L 268 39.90 -88.82 80.65
CA ALA L 268 39.81 -90.06 79.90
C ALA L 268 38.38 -90.40 79.55
N GLY L 269 38.17 -91.46 78.73
CA GLY L 269 36.83 -91.93 78.42
C GLY L 269 36.65 -92.44 77.01
N LYS L 270 37.40 -93.50 76.61
CA LYS L 270 37.39 -94.09 75.27
C LYS L 270 37.64 -93.13 74.09
N GLN L 271 38.91 -92.70 73.90
CA GLN L 271 39.39 -91.94 72.74
C GLN L 271 38.52 -90.78 72.25
N ARG L 272 38.33 -89.80 73.14
CA ARG L 272 37.37 -88.75 72.97
C ARG L 272 37.92 -87.51 73.64
N ASP L 273 37.89 -86.33 72.98
CA ASP L 273 38.21 -85.09 73.63
C ASP L 273 36.93 -84.30 73.92
N ALA L 274 36.98 -83.33 74.82
CA ALA L 274 35.82 -82.53 75.12
C ALA L 274 36.23 -81.10 75.39
N TYR L 275 35.55 -80.14 74.75
CA TYR L 275 35.87 -78.73 74.85
C TYR L 275 34.88 -78.06 75.75
N TYR L 276 35.39 -77.44 76.81
CA TYR L 276 34.59 -76.82 77.82
C TYR L 276 34.80 -75.32 77.73
N VAL L 277 33.71 -74.58 77.43
CA VAL L 277 33.77 -73.13 77.23
C VAL L 277 32.89 -72.51 78.29
N THR L 278 33.45 -71.63 79.15
CA THR L 278 32.65 -71.02 80.20
C THR L 278 33.04 -69.57 80.38
N GLN L 279 32.08 -68.69 80.74
CA GLN L 279 32.33 -67.28 80.92
C GLN L 279 31.55 -66.84 82.16
N ARG L 280 31.70 -65.58 82.61
CA ARG L 280 30.79 -64.97 83.57
C ARG L 280 30.52 -63.55 83.09
N VAL L 281 29.24 -63.14 82.91
CA VAL L 281 28.92 -61.85 82.31
C VAL L 281 27.71 -61.25 83.04
N ASN L 282 27.40 -59.98 82.74
CA ASN L 282 26.35 -59.21 83.35
C ASN L 282 26.01 -58.01 82.47
N LEU L 283 24.94 -57.31 82.83
CA LEU L 283 24.56 -56.03 82.30
C LEU L 283 23.85 -55.37 83.46
N GLN L 284 23.98 -54.04 83.63
CA GLN L 284 23.35 -53.31 84.73
C GLN L 284 23.31 -51.85 84.34
N ARG L 285 22.50 -51.04 85.04
CA ARG L 285 22.47 -49.60 84.90
C ARG L 285 22.92 -48.97 86.20
N TYR L 286 23.73 -47.89 86.14
CA TYR L 286 24.01 -47.05 87.30
C TYR L 286 22.79 -46.23 87.70
N PHE L 287 22.03 -45.73 86.69
CA PHE L 287 20.89 -44.85 86.91
C PHE L 287 19.60 -45.50 86.39
N ALA L 288 18.45 -45.15 87.01
CA ALA L 288 17.15 -45.73 86.71
C ALA L 288 16.40 -45.04 85.55
N ASN L 289 17.14 -44.60 84.52
CA ASN L 289 16.61 -44.01 83.31
C ASN L 289 17.74 -44.12 82.29
N GLY L 290 17.49 -43.76 81.01
CA GLY L 290 18.48 -43.77 79.94
C GLY L 290 18.22 -44.81 78.89
N VAL L 291 17.01 -45.39 78.88
CA VAL L 291 16.59 -46.34 77.87
C VAL L 291 15.11 -46.13 77.61
N VAL L 292 14.70 -46.03 76.33
CA VAL L 292 13.30 -46.04 75.94
C VAL L 292 13.13 -47.17 74.93
N SER L 293 12.29 -48.17 75.27
CA SER L 293 12.06 -49.34 74.43
C SER L 293 10.64 -49.34 73.92
N GLY L 294 10.42 -48.91 72.67
CA GLY L 294 9.09 -48.79 72.08
C GLY L 294 8.71 -50.03 71.33
N THR L 295 7.54 -50.70 71.54
CA THR L 295 6.27 -50.19 72.06
C THR L 295 5.82 -48.88 71.42
N TYR L 296 5.28 -48.80 70.17
CA TYR L 296 4.89 -49.82 69.24
C TYR L 296 3.78 -50.72 69.78
N ALA L 297 2.50 -50.27 69.67
CA ALA L 297 1.38 -51.02 70.17
C ALA L 297 0.99 -52.12 69.20
N ALA L 298 0.40 -53.23 69.73
CA ALA L 298 -0.07 -54.32 68.91
C ALA L 298 -1.15 -53.92 67.88
N SER L 299 -1.15 -54.60 66.73
CA SER L 299 -1.98 -54.23 65.60
C SER L 299 -3.24 -55.12 65.51
N SER M 5 60.22 -21.26 165.73
CA SER M 5 61.31 -20.26 165.46
C SER M 5 62.34 -20.49 166.51
N SER M 6 62.55 -19.53 167.44
CA SER M 6 63.44 -19.55 168.60
C SER M 6 63.84 -20.92 169.18
N SER M 7 65.13 -21.28 169.33
CA SER M 7 66.37 -20.67 168.82
C SER M 7 66.79 -19.35 169.49
N VAL M 8 68.05 -19.24 169.96
CA VAL M 8 68.42 -18.18 170.91
C VAL M 8 69.76 -17.58 170.54
N GLU M 9 69.85 -17.12 169.29
CA GLU M 9 71.03 -16.55 168.70
C GLU M 9 70.81 -15.07 168.38
N VAL M 10 71.85 -14.41 167.82
CA VAL M 10 71.93 -12.97 167.63
C VAL M 10 70.94 -12.42 166.59
N SER M 11 70.55 -13.27 165.61
CA SER M 11 69.65 -12.90 164.53
C SER M 11 68.55 -13.92 164.40
N SER M 12 67.31 -13.45 164.22
CA SER M 12 66.09 -14.21 163.92
C SER M 12 66.11 -15.11 162.67
N GLU M 13 64.88 -15.47 162.21
CA GLU M 13 64.54 -16.14 160.97
C GLU M 13 65.10 -17.53 160.75
N SER M 14 64.87 -18.41 161.76
CA SER M 14 65.44 -19.74 161.92
C SER M 14 65.47 -20.70 160.71
N TYR M 15 64.36 -21.41 160.40
CA TYR M 15 64.25 -22.30 159.26
C TYR M 15 62.80 -22.25 158.81
N GLU M 16 62.53 -22.05 157.50
CA GLU M 16 61.18 -22.02 156.95
C GLU M 16 60.87 -23.27 156.12
N THR M 17 61.88 -24.14 155.92
CA THR M 17 61.87 -25.29 155.02
C THR M 17 61.79 -24.91 153.54
N ILE M 18 61.30 -25.81 152.64
CA ILE M 18 61.25 -25.53 151.20
C ILE M 18 60.08 -26.27 150.58
N PHE M 19 59.51 -25.72 149.47
CA PHE M 19 58.43 -26.38 148.75
C PHE M 19 59.02 -27.36 147.73
N SER M 20 59.06 -28.66 148.07
CA SER M 20 59.67 -29.68 147.24
C SER M 20 58.80 -30.12 146.07
N GLN M 21 59.31 -30.03 144.84
CA GLN M 21 58.59 -30.41 143.64
C GLN M 21 58.48 -31.92 143.43
N ARG M 22 57.61 -32.61 144.20
CA ARG M 22 57.37 -34.02 143.99
C ARG M 22 55.93 -34.39 144.34
N ILE M 23 55.34 -35.32 143.59
CA ILE M 23 53.97 -35.76 143.80
C ILE M 23 54.01 -37.03 144.61
N ILE M 24 53.58 -36.96 145.89
CA ILE M 24 53.41 -38.08 146.79
C ILE M 24 52.00 -38.65 146.67
N ARG M 25 51.80 -39.94 146.96
CA ARG M 25 50.49 -40.51 147.18
C ARG M 25 50.66 -41.71 148.08
N ASP M 26 49.60 -42.08 148.80
CA ASP M 26 49.28 -43.37 149.35
C ASP M 26 49.32 -44.58 148.38
N LEU M 27 49.09 -45.78 148.94
CA LEU M 27 49.06 -47.04 148.20
C LEU M 27 47.61 -47.47 147.94
N GLN M 28 46.92 -46.74 147.06
CA GLN M 28 45.64 -47.14 146.49
C GLN M 28 45.68 -48.38 145.60
N LYS M 29 44.53 -49.06 145.40
CA LYS M 29 44.30 -50.12 144.42
C LYS M 29 45.02 -50.05 143.06
N GLU M 30 45.45 -51.21 142.52
CA GLU M 30 46.23 -51.29 141.31
C GLU M 30 45.44 -51.79 140.09
N LEU M 31 45.81 -51.30 138.89
CA LEU M 31 45.06 -51.42 137.66
C LEU M 31 45.25 -52.76 136.93
N VAL M 32 44.95 -53.89 137.59
CA VAL M 32 45.16 -55.23 137.07
C VAL M 32 44.32 -55.59 135.85
N VAL M 33 43.11 -55.01 135.71
CA VAL M 33 42.17 -55.33 134.65
C VAL M 33 42.67 -54.99 133.26
N GLY M 34 43.29 -53.80 133.09
CA GLY M 34 43.64 -53.26 131.78
C GLY M 34 44.99 -53.68 131.29
N ALA M 35 45.61 -54.68 131.95
CA ALA M 35 46.99 -55.02 131.79
C ALA M 35 47.28 -56.45 131.31
N LEU M 36 46.30 -57.38 131.37
CA LEU M 36 46.57 -58.78 131.06
C LEU M 36 45.94 -59.27 129.77
N PHE M 37 45.19 -58.42 129.05
CA PHE M 37 44.54 -58.76 127.80
C PHE M 37 45.31 -58.20 126.61
N GLU M 38 45.28 -58.92 125.47
CA GLU M 38 45.85 -58.42 124.23
C GLU M 38 44.93 -57.46 123.47
N GLU M 39 45.52 -56.74 122.49
CA GLU M 39 44.87 -55.65 121.78
C GLU M 39 44.57 -56.04 120.36
N LEU M 40 43.34 -55.78 119.88
CA LEU M 40 43.01 -55.98 118.49
C LEU M 40 42.93 -54.63 117.78
N PRO M 41 43.89 -54.25 116.94
CA PRO M 41 43.80 -53.00 116.20
C PRO M 41 42.80 -53.12 115.05
N MET M 42 41.97 -52.09 114.82
CA MET M 42 40.94 -52.10 113.81
C MET M 42 41.02 -50.86 112.93
N SER M 43 40.51 -50.92 111.68
CA SER M 43 40.65 -49.82 110.72
C SER M 43 39.32 -49.17 110.36
N SER M 44 38.20 -49.64 110.93
CA SER M 44 36.88 -49.09 110.64
C SER M 44 35.89 -49.46 111.73
N LYS M 45 34.61 -49.01 111.59
CA LYS M 45 33.64 -49.02 112.66
C LYS M 45 32.83 -50.31 112.83
N ILE M 46 33.27 -51.38 112.16
CA ILE M 46 32.83 -52.75 112.32
C ILE M 46 34.02 -53.58 111.87
N LEU M 47 34.13 -54.83 112.35
CA LEU M 47 35.15 -55.73 111.87
C LEU M 47 34.60 -57.12 112.10
N THR M 48 34.91 -58.08 111.22
CA THR M 48 34.42 -59.44 111.31
C THR M 48 35.62 -60.35 111.20
N MET M 49 35.59 -61.50 111.88
CA MET M 49 36.63 -62.51 111.75
C MET M 49 35.96 -63.80 111.34
N LEU M 50 36.46 -64.43 110.26
CA LEU M 50 35.97 -65.72 109.81
C LEU M 50 36.42 -66.82 110.76
N VAL M 51 35.50 -67.26 111.65
CA VAL M 51 35.76 -68.31 112.60
C VAL M 51 35.49 -69.68 111.98
N GLU M 52 36.52 -70.55 111.97
CA GLU M 52 36.38 -71.95 111.63
C GLU M 52 35.76 -72.70 112.80
N PRO M 53 34.70 -73.45 112.68
CA PRO M 53 34.11 -74.19 113.79
C PRO M 53 34.56 -75.64 113.79
N ASP M 54 35.34 -76.07 114.80
CA ASP M 54 35.94 -77.40 115.00
C ASP M 54 35.21 -78.60 114.40
N ALA M 55 35.87 -79.30 113.45
CA ALA M 55 35.21 -80.29 112.64
C ALA M 55 36.19 -81.28 112.02
N GLY M 56 36.01 -81.61 110.71
CA GLY M 56 36.68 -82.71 110.03
C GLY M 56 36.18 -84.08 110.44
N LYS M 57 36.63 -85.12 109.71
CA LYS M 57 36.19 -86.49 109.93
C LYS M 57 36.89 -87.38 108.92
N ALA M 58 37.84 -88.21 109.37
CA ALA M 58 38.53 -89.09 108.47
C ALA M 58 37.83 -90.45 108.31
N THR M 59 37.02 -90.64 107.23
CA THR M 59 36.58 -91.98 106.86
C THR M 59 37.77 -92.78 106.33
N TRP M 60 38.02 -93.98 106.88
CA TRP M 60 39.06 -94.87 106.43
C TRP M 60 38.42 -96.16 105.92
N VAL M 61 38.99 -96.74 104.85
CA VAL M 61 38.36 -97.84 104.15
C VAL M 61 39.11 -99.12 104.44
N ALA M 62 38.40 -100.14 104.95
CA ALA M 62 38.98 -101.38 105.41
C ALA M 62 38.96 -102.49 104.37
N ALA M 63 38.70 -102.15 103.10
CA ALA M 63 38.61 -103.08 102.01
C ALA M 63 39.32 -102.51 100.80
N SER M 64 39.98 -103.36 99.99
CA SER M 64 40.69 -102.96 98.80
C SER M 64 39.76 -102.63 97.63
N THR M 65 39.20 -101.41 97.59
CA THR M 65 38.33 -100.97 96.51
C THR M 65 39.11 -100.18 95.47
N TYR M 66 38.74 -98.90 95.27
CA TYR M 66 39.30 -97.95 94.32
C TYR M 66 38.40 -96.72 94.37
N GLY M 67 37.08 -96.95 94.34
CA GLY M 67 36.06 -95.90 94.21
C GLY M 67 35.38 -95.48 95.48
N THR M 68 35.89 -95.85 96.66
CA THR M 68 35.32 -95.44 97.95
C THR M 68 36.49 -95.11 98.86
N ASP M 69 36.45 -94.07 99.72
CA ASP M 69 35.39 -93.14 100.07
C ASP M 69 35.93 -91.73 99.85
N THR M 70 35.03 -90.73 99.77
CA THR M 70 35.40 -89.34 99.53
C THR M 70 35.61 -88.61 100.84
N THR M 71 36.86 -88.60 101.33
CA THR M 71 37.22 -88.00 102.62
C THR M 71 38.01 -86.72 102.42
N THR M 72 37.47 -85.51 102.70
CA THR M 72 36.09 -85.15 102.99
C THR M 72 35.31 -84.89 101.72
N GLY M 73 33.96 -85.03 101.78
CA GLY M 73 33.11 -84.96 100.58
C GLY M 73 32.31 -83.70 100.52
N GLU M 74 32.25 -83.01 101.66
CA GLU M 74 31.68 -81.71 101.83
C GLU M 74 32.27 -81.29 103.16
N GLU M 75 32.35 -79.99 103.50
CA GLU M 75 33.06 -79.57 104.69
C GLU M 75 32.29 -78.45 105.38
N VAL M 76 32.51 -78.29 106.70
CA VAL M 76 31.79 -77.44 107.63
C VAL M 76 31.33 -76.02 107.20
N LYS M 77 30.29 -75.48 107.86
CA LYS M 77 29.65 -74.24 107.47
C LYS M 77 29.91 -73.15 108.50
N GLY M 78 30.10 -71.90 108.02
CA GLY M 78 30.50 -70.75 108.82
C GLY M 78 29.64 -70.42 110.02
N ALA M 79 30.29 -70.20 111.18
CA ALA M 79 29.59 -69.86 112.41
C ALA M 79 29.36 -68.35 112.54
N LEU M 80 28.73 -67.76 111.51
CA LEU M 80 28.41 -66.35 111.39
C LEU M 80 27.30 -65.91 112.35
N LYS M 81 27.68 -65.60 113.61
CA LYS M 81 26.76 -65.06 114.60
C LYS M 81 26.16 -63.67 114.33
N GLU M 82 26.87 -62.63 113.85
CA GLU M 82 28.31 -62.44 113.73
C GLU M 82 28.99 -62.05 115.03
N ILE M 83 30.33 -61.97 115.03
CA ILE M 83 31.11 -61.57 116.19
C ILE M 83 31.60 -60.13 116.04
N HIS M 84 30.64 -59.20 115.91
CA HIS M 84 30.88 -57.76 115.79
C HIS M 84 31.57 -57.12 117.00
N PHE M 85 32.38 -56.08 116.75
CA PHE M 85 33.04 -55.33 117.82
C PHE M 85 32.35 -53.98 117.97
N SER M 86 31.53 -53.81 119.03
CA SER M 86 30.76 -52.57 119.24
C SER M 86 31.51 -51.58 120.10
N THR M 87 32.07 -50.55 119.47
CA THR M 87 33.10 -49.70 120.06
C THR M 87 32.59 -48.42 120.74
N TYR M 88 32.32 -48.54 122.05
CA TYR M 88 31.90 -47.46 122.93
C TYR M 88 32.91 -46.34 123.07
N LYS M 89 32.43 -45.09 123.15
CA LYS M 89 33.26 -43.91 123.25
C LYS M 89 33.24 -43.38 124.67
N LEU M 90 34.39 -43.44 125.36
CA LEU M 90 34.56 -42.85 126.67
C LEU M 90 35.53 -41.71 126.51
N ALA M 91 35.35 -40.64 127.31
CA ALA M 91 36.12 -39.44 127.15
C ALA M 91 36.05 -38.66 128.44
N ALA M 92 36.93 -37.66 128.59
CA ALA M 92 36.99 -36.85 129.78
C ALA M 92 37.40 -35.45 129.38
N LYS M 93 37.18 -34.46 130.26
CA LYS M 93 37.68 -33.14 130.00
C LYS M 93 38.05 -32.45 131.30
N SER M 94 38.88 -31.42 131.20
CA SER M 94 39.37 -30.65 132.33
C SER M 94 39.30 -29.19 131.97
N PHE M 95 39.79 -28.31 132.85
CA PHE M 95 39.91 -26.88 132.65
C PHE M 95 41.23 -26.47 133.30
N ILE M 96 41.87 -25.41 132.78
CA ILE M 96 43.09 -24.88 133.37
C ILE M 96 43.10 -23.38 133.12
N THR M 97 43.70 -22.60 134.01
CA THR M 97 43.52 -21.16 134.06
C THR M 97 44.84 -20.47 133.90
N ASP M 98 44.99 -19.68 132.80
CA ASP M 98 46.21 -18.96 132.43
C ASP M 98 46.70 -18.08 133.59
N GLU M 99 45.73 -17.36 134.21
CA GLU M 99 45.88 -16.45 135.32
C GLU M 99 46.58 -17.01 136.58
N THR M 100 46.43 -18.32 136.91
CA THR M 100 46.99 -18.83 138.17
C THR M 100 48.32 -19.57 138.03
N GLU M 101 48.86 -19.79 136.82
CA GLU M 101 50.18 -20.40 136.68
C GLU M 101 51.31 -19.45 137.10
N GLU M 102 51.20 -18.14 136.77
CA GLU M 102 52.18 -17.13 137.16
C GLU M 102 52.26 -16.84 138.66
N ASP M 103 51.09 -16.86 139.35
CA ASP M 103 50.90 -16.72 140.79
C ASP M 103 51.63 -17.80 141.60
N ALA M 104 51.57 -19.07 141.12
CA ALA M 104 52.15 -20.19 141.81
C ALA M 104 53.63 -20.43 141.50
N ILE M 105 53.96 -21.40 140.63
CA ILE M 105 55.34 -21.80 140.40
C ILE M 105 55.49 -22.63 139.10
N PHE M 106 54.45 -22.65 138.24
CA PHE M 106 54.43 -23.38 136.97
C PHE M 106 54.57 -24.91 137.07
N SER M 107 54.06 -25.53 138.15
CA SER M 107 54.21 -26.96 138.38
C SER M 107 52.89 -27.70 138.32
N LEU M 108 51.77 -26.99 138.08
CA LEU M 108 50.44 -27.58 138.16
C LEU M 108 50.08 -28.44 136.97
N LEU M 109 50.41 -28.02 135.74
CA LEU M 109 50.10 -28.78 134.53
C LEU M 109 50.65 -30.23 134.47
N PRO M 110 51.87 -30.62 134.82
CA PRO M 110 52.27 -32.02 134.81
C PRO M 110 51.51 -32.91 135.79
N LEU M 111 51.14 -32.40 136.98
CA LEU M 111 50.33 -33.15 137.93
C LEU M 111 48.85 -33.17 137.56
N LEU M 112 48.35 -32.14 136.85
CA LEU M 112 47.03 -32.13 136.25
C LEU M 112 46.83 -33.22 135.21
N ARG M 113 47.82 -33.42 134.31
CA ARG M 113 47.78 -34.50 133.34
C ARG M 113 47.77 -35.89 133.95
N LYS M 114 48.61 -36.16 134.98
CA LYS M 114 48.63 -37.45 135.64
C LYS M 114 47.33 -37.83 136.33
N ARG M 115 46.74 -36.90 137.12
CA ARG M 115 45.48 -37.18 137.79
C ARG M 115 44.32 -37.41 136.83
N LEU M 116 44.32 -36.74 135.66
CA LEU M 116 43.37 -36.98 134.60
C LEU M 116 43.49 -38.37 133.95
N ILE M 117 44.72 -38.83 133.62
CA ILE M 117 44.92 -40.17 133.08
C ILE M 117 44.65 -41.29 134.09
N GLU M 118 45.05 -41.14 135.37
CA GLU M 118 44.73 -42.09 136.44
C GLU M 118 43.22 -42.19 136.70
N ALA M 119 42.51 -41.06 136.72
CA ALA M 119 41.06 -41.03 136.79
C ALA M 119 40.37 -41.70 135.62
N HIS M 120 40.84 -41.46 134.38
CA HIS M 120 40.38 -42.15 133.19
C HIS M 120 40.64 -43.66 133.25
N ALA M 121 41.83 -44.08 133.71
CA ALA M 121 42.20 -45.46 133.92
C ALA M 121 41.31 -46.21 134.92
N VAL M 122 41.00 -45.59 136.08
CA VAL M 122 40.03 -46.10 137.05
C VAL M 122 38.63 -46.23 136.45
N SER M 123 38.17 -45.20 135.71
CA SER M 123 36.87 -45.19 135.05
C SER M 123 36.69 -46.31 134.02
N ILE M 124 37.71 -46.56 133.16
CA ILE M 124 37.66 -47.70 132.25
C ILE M 124 37.74 -49.06 132.94
N GLU M 125 38.63 -49.26 133.94
CA GLU M 125 38.74 -50.56 134.59
C GLU M 125 37.56 -50.97 135.46
N GLU M 126 36.96 -50.04 136.24
CA GLU M 126 35.77 -50.32 137.02
C GLU M 126 34.58 -50.69 136.15
N ALA M 127 34.40 -50.00 135.01
CA ALA M 127 33.44 -50.35 133.98
C ALA M 127 33.68 -51.73 133.33
N PHE M 128 34.95 -52.09 133.04
CA PHE M 128 35.31 -53.41 132.55
C PHE M 128 35.12 -54.53 133.58
N MET M 129 35.30 -54.25 134.88
CA MET M 129 34.94 -55.18 135.93
C MET M 129 33.43 -55.36 136.10
N THR M 130 32.69 -54.24 136.19
CA THR M 130 31.26 -54.23 136.52
C THR M 130 30.50 -53.32 135.58
N GLY M 131 29.54 -53.87 134.79
CA GLY M 131 28.76 -53.04 133.89
C GLY M 131 27.55 -53.74 133.38
N ASP M 132 26.58 -52.99 132.85
CA ASP M 132 25.30 -53.47 132.37
C ASP M 132 25.32 -53.85 130.89
N GLY M 133 25.85 -52.94 130.05
CA GLY M 133 25.84 -53.06 128.60
C GLY M 133 24.94 -52.06 127.94
N SER M 134 24.65 -50.93 128.64
CA SER M 134 23.76 -49.90 128.10
C SER M 134 24.50 -48.86 127.29
N GLY M 135 24.92 -47.75 127.92
CA GLY M 135 25.73 -46.70 127.32
C GLY M 135 27.20 -46.89 127.60
N LYS M 136 27.57 -48.08 128.08
CA LYS M 136 28.91 -48.38 128.52
C LYS M 136 29.12 -49.90 128.39
N PRO M 137 30.35 -50.40 128.26
CA PRO M 137 30.68 -51.82 128.29
C PRO M 137 30.05 -52.68 129.41
N LYS M 138 29.80 -53.99 129.18
CA LYS M 138 29.35 -54.88 130.24
C LYS M 138 30.47 -55.72 130.83
N GLY M 139 30.79 -55.48 132.12
CA GLY M 139 31.78 -56.24 132.86
C GLY M 139 31.55 -57.71 133.09
N LEU M 140 32.61 -58.38 133.57
CA LEU M 140 32.69 -59.81 133.70
C LEU M 140 31.70 -60.50 134.63
N LEU M 141 31.34 -59.91 135.79
CA LEU M 141 30.36 -60.49 136.71
C LEU M 141 28.96 -60.62 136.12
N THR M 142 28.53 -59.56 135.39
CA THR M 142 27.30 -59.51 134.60
C THR M 142 27.33 -60.47 133.43
N LEU M 143 28.46 -60.52 132.71
CA LEU M 143 28.67 -61.41 131.58
C LEU M 143 28.71 -62.89 131.94
N ALA M 144 29.39 -63.29 133.03
CA ALA M 144 29.40 -64.66 133.51
C ALA M 144 28.09 -65.02 134.20
N SER M 145 26.99 -65.04 133.41
CA SER M 145 25.66 -65.34 133.89
C SER M 145 24.66 -65.61 132.77
N GLU M 146 25.08 -65.67 131.49
CA GLU M 146 24.24 -66.03 130.36
C GLU M 146 24.41 -67.52 130.03
N ASP M 147 25.10 -68.26 130.93
CA ASP M 147 25.68 -69.56 130.68
C ASP M 147 25.51 -70.60 131.81
N SER M 148 25.09 -70.17 133.02
CA SER M 148 25.08 -70.91 134.29
C SER M 148 26.40 -70.82 135.04
N ALA M 149 27.24 -69.78 134.83
CA ALA M 149 28.55 -69.68 135.46
C ALA M 149 28.56 -69.73 136.99
N LYS M 150 27.55 -69.17 137.67
CA LYS M 150 27.36 -69.25 139.12
C LYS M 150 27.44 -70.68 139.70
N VAL M 151 28.36 -70.93 140.66
CA VAL M 151 28.56 -72.23 141.28
C VAL M 151 28.02 -72.26 142.70
N VAL M 152 27.75 -73.48 143.22
CA VAL M 152 27.27 -73.70 144.57
C VAL M 152 27.95 -74.94 145.15
N THR M 153 27.95 -75.15 146.48
CA THR M 153 27.93 -74.15 147.54
C THR M 153 29.37 -73.79 147.90
N GLU M 154 29.49 -72.73 148.68
CA GLU M 154 30.69 -72.10 149.17
C GLU M 154 31.04 -72.60 150.56
N ALA M 155 30.19 -73.48 151.13
CA ALA M 155 30.30 -74.07 152.45
C ALA M 155 29.87 -73.10 153.54
N LYS M 156 30.59 -71.98 153.71
CA LYS M 156 30.15 -70.94 154.62
C LYS M 156 30.62 -69.55 154.18
N ALA M 157 29.71 -68.57 154.29
CA ALA M 157 29.92 -67.18 153.94
C ALA M 157 29.45 -66.35 155.12
N ASP M 158 29.83 -65.06 155.18
CA ASP M 158 29.59 -64.08 156.22
C ASP M 158 30.02 -64.51 157.64
N GLY M 159 29.20 -65.28 158.35
CA GLY M 159 29.52 -65.82 159.67
C GLY M 159 30.40 -67.03 159.61
N SER M 160 31.69 -66.88 159.98
CA SER M 160 32.71 -67.94 159.99
C SER M 160 33.06 -68.56 158.64
N VAL M 161 33.54 -67.72 157.71
CA VAL M 161 34.12 -68.09 156.42
C VAL M 161 35.34 -69.00 156.56
N LEU M 162 35.56 -69.92 155.61
CA LEU M 162 36.83 -70.62 155.45
C LEU M 162 37.03 -70.99 153.99
N VAL M 163 38.18 -70.61 153.39
CA VAL M 163 38.48 -70.88 151.99
C VAL M 163 39.61 -71.91 151.87
N THR M 164 39.43 -72.95 151.01
CA THR M 164 40.47 -73.97 150.79
C THR M 164 40.59 -74.33 149.33
N ALA M 165 41.74 -74.88 148.90
CA ALA M 165 42.05 -75.48 147.61
C ALA M 165 40.98 -76.38 146.94
N LYS M 166 39.99 -76.85 147.71
CA LYS M 166 38.81 -77.49 147.18
C LYS M 166 37.94 -76.57 146.32
N THR M 167 37.90 -75.25 146.59
CA THR M 167 37.14 -74.25 145.81
C THR M 167 37.61 -74.13 144.37
N ILE M 168 38.92 -73.95 144.16
CA ILE M 168 39.54 -73.92 142.83
C ILE M 168 39.41 -75.24 142.10
N SER M 169 39.44 -76.37 142.84
CA SER M 169 39.11 -77.68 142.30
C SER M 169 37.68 -77.83 141.80
N LYS M 170 36.67 -77.17 142.41
CA LYS M 170 35.34 -77.05 141.81
C LYS M 170 35.34 -76.24 140.52
N LEU M 171 35.99 -75.04 140.52
CA LEU M 171 36.03 -74.15 139.37
C LEU M 171 36.71 -74.74 138.15
N ARG M 172 37.86 -75.42 138.34
CA ARG M 172 38.61 -76.02 137.24
C ARG M 172 37.96 -77.27 136.66
N ARG M 173 36.96 -77.84 137.38
CA ARG M 173 36.06 -78.87 136.91
C ARG M 173 34.83 -78.31 136.20
N LYS M 174 34.14 -77.28 136.75
CA LYS M 174 32.97 -76.64 136.16
C LYS M 174 33.25 -75.94 134.84
N LEU M 175 34.48 -75.40 134.68
CA LEU M 175 34.95 -74.86 133.42
C LEU M 175 35.27 -76.01 132.45
N GLY M 176 36.55 -76.36 132.22
CA GLY M 176 36.98 -77.69 131.75
C GLY M 176 36.75 -78.06 130.29
N ARG M 177 35.62 -77.64 129.72
CA ARG M 177 35.25 -77.81 128.33
C ARG M 177 35.18 -76.45 127.64
N HIS M 178 34.80 -75.39 128.38
CA HIS M 178 34.72 -74.05 127.82
C HIS M 178 35.99 -73.25 128.10
N GLY M 179 36.96 -73.84 128.81
CA GLY M 179 38.22 -73.20 129.11
C GLY M 179 39.24 -74.23 129.48
N LEU M 180 40.45 -74.10 128.91
CA LEU M 180 41.50 -75.08 129.02
C LEU M 180 42.32 -74.95 130.30
N LYS M 181 43.63 -75.27 130.22
CA LYS M 181 44.55 -75.43 131.32
C LYS M 181 45.93 -75.25 130.71
N LEU M 182 47.01 -75.25 131.52
CA LEU M 182 48.41 -75.33 131.11
C LEU M 182 49.02 -73.99 130.66
N SER M 183 48.36 -73.25 129.77
CA SER M 183 48.96 -72.06 129.17
C SER M 183 47.92 -71.14 128.55
N LYS M 184 47.15 -70.36 129.33
CA LYS M 184 47.54 -69.85 130.63
C LYS M 184 46.43 -69.83 131.67
N LEU M 185 45.33 -69.06 131.43
CA LEU M 185 44.26 -68.79 132.40
C LEU M 185 44.73 -67.85 133.53
N VAL M 186 43.85 -66.97 134.04
CA VAL M 186 44.20 -66.10 135.17
C VAL M 186 43.08 -66.10 136.19
N LEU M 187 43.43 -65.82 137.47
CA LEU M 187 42.47 -65.76 138.56
C LEU M 187 42.52 -64.39 139.21
N ILE M 188 41.35 -63.73 139.37
CA ILE M 188 41.24 -62.44 140.03
C ILE M 188 40.53 -62.67 141.36
N VAL M 189 41.10 -62.17 142.46
CA VAL M 189 40.65 -62.42 143.81
C VAL M 189 40.29 -61.11 144.51
N SER M 190 39.28 -61.10 145.40
CA SER M 190 39.04 -59.99 146.33
C SER M 190 40.16 -59.78 147.35
N MET M 191 40.40 -58.52 147.82
CA MET M 191 41.37 -58.29 148.89
C MET M 191 40.96 -58.96 150.19
N ASP M 192 39.64 -58.93 150.49
CA ASP M 192 38.96 -59.60 151.57
C ASP M 192 39.24 -61.12 151.65
N ALA M 193 39.03 -61.86 150.53
CA ALA M 193 39.35 -63.28 150.44
C ALA M 193 40.82 -63.59 150.61
N TYR M 194 41.72 -62.71 150.11
CA TYR M 194 43.15 -62.89 150.29
C TYR M 194 43.61 -62.72 151.73
N TYR M 195 42.78 -62.09 152.60
CA TYR M 195 43.05 -61.99 154.01
C TYR M 195 42.76 -63.27 154.80
N ASP M 196 41.89 -64.17 154.22
CA ASP M 196 41.55 -65.46 154.80
C ASP M 196 42.48 -66.57 154.29
N LEU M 197 43.09 -66.40 153.08
CA LEU M 197 43.93 -67.42 152.46
C LEU M 197 45.30 -67.63 153.12
N LEU M 198 45.32 -68.21 154.34
CA LEU M 198 46.54 -68.55 155.07
C LEU M 198 46.91 -70.02 154.91
N GLU M 199 46.03 -70.97 155.29
CA GLU M 199 46.40 -72.38 155.27
C GLU M 199 45.22 -73.29 155.07
N ASP M 200 45.43 -74.38 154.31
CA ASP M 200 44.35 -75.23 153.88
C ASP M 200 44.74 -76.69 153.64
N GLU M 201 45.67 -77.19 154.49
CA GLU M 201 46.14 -78.58 154.56
C GLU M 201 47.20 -78.91 153.52
N GLU M 202 46.76 -79.22 152.29
CA GLU M 202 47.58 -79.72 151.22
C GLU M 202 47.37 -78.84 149.99
N TRP M 203 48.40 -78.16 149.48
CA TRP M 203 49.73 -77.90 150.00
C TRP M 203 49.76 -76.93 151.20
N GLN M 204 50.71 -77.13 152.13
CA GLN M 204 50.98 -76.17 153.20
C GLN M 204 51.46 -74.82 152.68
N ASP M 205 51.09 -73.72 153.39
CA ASP M 205 51.65 -72.39 153.19
C ASP M 205 51.33 -71.77 151.81
N VAL M 206 50.02 -71.78 151.46
CA VAL M 206 49.40 -70.97 150.41
C VAL M 206 49.65 -71.44 148.98
N ALA M 207 50.93 -71.54 148.58
CA ALA M 207 51.32 -71.71 147.21
C ALA M 207 52.83 -71.86 147.03
N GLN M 208 53.56 -72.32 148.07
CA GLN M 208 55.01 -72.41 148.01
C GLN M 208 55.52 -73.77 147.53
N VAL M 209 56.67 -73.86 146.82
CA VAL M 209 57.33 -72.80 146.06
C VAL M 209 56.49 -72.38 144.84
N GLY M 210 55.77 -73.35 144.24
CA GLY M 210 54.78 -73.16 143.18
C GLY M 210 55.36 -72.92 141.79
N ASN M 211 56.69 -72.79 141.71
CA ASN M 211 57.48 -72.60 140.51
C ASN M 211 57.37 -71.21 139.84
N ASP M 212 58.37 -70.31 139.98
CA ASP M 212 59.36 -70.20 141.04
C ASP M 212 59.08 -69.02 141.99
N SER M 213 57.80 -68.59 142.06
CA SER M 213 57.26 -67.56 142.96
C SER M 213 57.95 -66.18 142.96
N VAL M 214 57.85 -65.36 141.89
CA VAL M 214 56.74 -65.30 140.96
C VAL M 214 57.11 -65.30 139.48
N LYS M 215 58.23 -64.64 139.08
CA LYS M 215 58.74 -64.54 137.70
C LYS M 215 57.77 -63.98 136.66
N LEU M 216 56.93 -64.83 136.05
CA LEU M 216 55.91 -64.45 135.09
C LEU M 216 54.78 -63.68 135.77
N GLN M 217 54.36 -62.52 135.16
CA GLN M 217 53.33 -61.60 135.61
C GLN M 217 52.18 -62.16 136.47
N GLY M 218 51.88 -61.46 137.57
CA GLY M 218 50.86 -61.80 138.55
C GLY M 218 51.32 -61.32 139.90
N GLN M 219 50.57 -60.41 140.54
CA GLN M 219 50.96 -59.77 141.76
C GLN M 219 50.75 -60.65 142.98
N VAL M 220 51.62 -61.68 143.09
CA VAL M 220 51.69 -62.71 144.11
C VAL M 220 50.74 -63.87 143.89
N GLY M 221 51.16 -65.06 144.32
CA GLY M 221 50.34 -66.28 144.19
C GLY M 221 50.69 -67.16 142.99
N ARG M 222 50.79 -68.48 143.18
CA ARG M 222 51.20 -69.39 142.13
C ARG M 222 50.84 -70.80 142.50
N ILE M 223 49.56 -71.09 142.72
CA ILE M 223 49.06 -72.36 143.31
C ILE M 223 49.47 -73.67 142.72
N TYR M 224 49.58 -73.71 141.39
CA TYR M 224 50.02 -74.92 140.60
C TYR M 224 50.55 -74.49 139.29
N GLY M 225 50.82 -73.25 139.15
CA GLY M 225 51.18 -72.63 137.85
C GLY M 225 50.21 -71.59 137.40
N LEU M 226 48.93 -71.68 137.93
CA LEU M 226 47.98 -70.61 137.76
C LEU M 226 48.45 -69.28 138.38
N PRO M 227 48.41 -68.13 137.68
CA PRO M 227 48.74 -66.85 138.24
C PRO M 227 47.51 -66.21 138.88
N VAL M 228 47.72 -65.42 139.96
CA VAL M 228 46.67 -64.80 140.73
C VAL M 228 46.93 -63.30 140.74
N VAL M 229 45.86 -62.46 140.74
CA VAL M 229 45.95 -61.02 140.93
C VAL M 229 44.79 -60.56 141.82
N VAL M 230 44.88 -59.34 142.40
CA VAL M 230 43.86 -58.79 143.27
C VAL M 230 43.34 -57.50 142.67
N SER M 231 42.02 -57.33 142.49
CA SER M 231 41.47 -56.12 141.87
C SER M 231 40.75 -55.19 142.83
N GLU M 232 40.53 -55.63 144.08
CA GLU M 232 39.84 -54.88 145.12
C GLU M 232 38.48 -54.27 144.73
N TYR M 233 37.70 -54.95 143.87
CA TYR M 233 36.48 -54.36 143.34
C TYR M 233 35.35 -55.37 143.37
N PHE M 234 35.00 -55.83 144.59
CA PHE M 234 33.96 -56.79 144.84
C PHE M 234 33.24 -56.38 146.12
N PRO M 235 31.92 -56.46 146.26
CA PRO M 235 31.25 -56.09 147.50
C PRO M 235 31.20 -57.27 148.45
N ALA M 236 30.80 -57.05 149.72
CA ALA M 236 30.58 -58.11 150.68
C ALA M 236 29.10 -58.15 151.07
N LYS M 237 28.61 -59.34 151.46
CA LYS M 237 27.28 -59.73 151.93
C LYS M 237 26.99 -61.07 151.27
N ALA M 238 26.28 -61.98 151.95
CA ALA M 238 25.81 -63.31 151.53
C ALA M 238 25.79 -63.68 150.02
N ASN M 239 25.18 -62.82 149.16
CA ASN M 239 25.27 -62.96 147.72
C ASN M 239 26.15 -61.82 147.18
N SER M 240 27.36 -62.13 146.69
CA SER M 240 28.33 -61.15 146.21
C SER M 240 29.25 -61.80 145.18
N ALA M 241 30.59 -61.66 145.30
CA ALA M 241 31.55 -62.34 144.46
C ALA M 241 32.91 -62.28 145.13
N GLU M 242 33.81 -63.20 144.81
CA GLU M 242 35.10 -63.35 145.46
C GLU M 242 36.16 -63.72 144.44
N PHE M 243 36.08 -64.92 143.84
CA PHE M 243 36.92 -65.31 142.72
C PHE M 243 36.29 -65.03 141.38
N ALA M 244 37.11 -64.55 140.42
CA ALA M 244 36.74 -64.51 139.02
C ALA M 244 37.85 -65.17 138.21
N VAL M 245 37.54 -66.23 137.44
CA VAL M 245 38.51 -66.92 136.61
C VAL M 245 38.31 -66.50 135.17
N ILE M 246 39.39 -65.99 134.53
CA ILE M 246 39.33 -65.30 133.26
C ILE M 246 40.34 -65.92 132.30
N VAL M 247 39.98 -66.04 131.01
CA VAL M 247 40.87 -66.54 129.96
C VAL M 247 41.87 -65.47 129.54
N TYR M 248 42.99 -65.85 128.93
CA TYR M 248 44.14 -64.95 128.79
C TYR M 248 44.26 -64.38 127.39
N LYS M 249 44.67 -65.23 126.42
CA LYS M 249 44.89 -64.83 125.03
C LYS M 249 43.92 -65.60 124.14
N ASP M 250 43.16 -66.53 124.75
CA ASP M 250 42.51 -67.59 124.03
C ASP M 250 41.08 -67.16 123.68
N ASN M 251 40.56 -66.16 124.43
CA ASN M 251 39.49 -65.28 124.05
C ASN M 251 39.58 -64.09 125.00
N PHE M 252 38.77 -63.01 124.78
CA PHE M 252 38.68 -61.82 125.62
C PHE M 252 39.59 -60.65 125.24
N VAL M 253 39.95 -60.51 123.95
CA VAL M 253 40.67 -59.36 123.42
C VAL M 253 39.97 -58.00 123.56
N MET M 254 40.75 -56.91 123.71
CA MET M 254 40.22 -55.55 123.70
C MET M 254 40.41 -54.88 122.33
N PRO M 255 39.38 -54.51 121.57
CA PRO M 255 39.57 -53.86 120.28
C PRO M 255 39.66 -52.35 120.36
N ARG M 256 40.48 -51.71 119.49
CA ARG M 256 40.44 -50.27 119.32
C ARG M 256 41.07 -49.86 118.00
N GLN M 257 40.68 -48.68 117.47
CA GLN M 257 41.31 -48.07 116.32
C GLN M 257 42.18 -46.86 116.70
N ARG M 258 42.25 -46.54 118.00
CA ARG M 258 43.03 -45.40 118.44
C ARG M 258 43.60 -45.54 119.84
N ALA M 259 44.80 -44.96 120.03
CA ALA M 259 45.48 -44.82 121.30
C ALA M 259 44.91 -43.66 122.11
N VAL M 260 45.41 -43.45 123.35
CA VAL M 260 45.10 -42.27 124.15
C VAL M 260 45.56 -41.00 123.45
N THR M 261 44.69 -39.99 123.31
CA THR M 261 45.03 -38.71 122.71
C THR M 261 44.57 -37.62 123.66
N VAL M 262 45.23 -36.45 123.63
CA VAL M 262 44.89 -35.33 124.49
C VAL M 262 44.90 -34.03 123.71
N GLU M 263 43.70 -33.45 123.57
CA GLU M 263 43.44 -32.24 122.86
C GLU M 263 43.40 -31.08 123.85
N ARG M 264 43.65 -29.85 123.37
CA ARG M 264 43.57 -28.67 124.20
C ARG M 264 42.73 -27.63 123.51
N GLU M 265 41.59 -27.25 124.10
CA GLU M 265 40.79 -26.13 123.64
C GLU M 265 41.10 -24.88 124.45
N ARG M 266 40.78 -23.68 123.94
CA ARG M 266 40.86 -22.49 124.75
C ARG M 266 39.78 -21.51 124.34
N GLN M 267 39.31 -20.72 125.33
CA GLN M 267 38.12 -19.88 125.26
C GLN M 267 36.84 -20.49 124.65
N ALA M 268 36.15 -21.48 125.25
CA ALA M 268 36.13 -21.98 126.63
C ALA M 268 35.78 -20.93 127.69
N GLY M 269 35.16 -19.81 127.26
CA GLY M 269 34.65 -18.76 128.14
C GLY M 269 35.63 -17.67 128.49
N LYS M 270 35.69 -16.59 127.68
CA LYS M 270 36.58 -15.43 127.81
C LYS M 270 38.08 -15.70 127.65
N GLN M 271 38.76 -16.20 128.68
CA GLN M 271 40.12 -16.69 128.57
C GLN M 271 40.16 -17.78 129.60
N ARG M 272 40.81 -18.89 129.25
CA ARG M 272 40.72 -20.17 129.91
C ARG M 272 41.14 -21.23 128.94
N ASP M 273 42.06 -22.12 129.33
CA ASP M 273 42.37 -23.32 128.57
C ASP M 273 41.60 -24.48 129.13
N ALA M 274 41.56 -25.55 128.36
CA ALA M 274 40.94 -26.76 128.78
C ALA M 274 41.63 -27.89 128.06
N TYR M 275 41.41 -29.10 128.56
CA TYR M 275 41.97 -30.28 127.99
C TYR M 275 40.83 -31.22 127.77
N TYR M 276 40.79 -31.89 126.61
CA TYR M 276 39.80 -32.87 126.26
C TYR M 276 40.59 -34.14 125.97
N VAL M 277 40.16 -35.29 126.52
CA VAL M 277 40.86 -36.54 126.35
C VAL M 277 39.85 -37.51 125.82
N THR M 278 40.13 -38.18 124.69
CA THR M 278 39.19 -39.18 124.17
C THR M 278 39.82 -40.53 123.94
N GLN M 279 39.00 -41.57 124.10
CA GLN M 279 39.40 -42.94 123.90
C GLN M 279 38.26 -43.58 123.13
N ARG M 280 38.46 -44.78 122.56
CA ARG M 280 37.34 -45.62 122.18
C ARG M 280 37.77 -47.04 122.48
N VAL M 281 37.06 -47.78 123.36
CA VAL M 281 37.49 -49.09 123.85
C VAL M 281 36.30 -49.88 124.37
N ASN M 282 36.45 -51.21 124.39
CA ASN M 282 35.50 -52.16 124.94
C ASN M 282 36.21 -53.50 125.09
N LEU M 283 35.51 -54.53 125.58
CA LEU M 283 35.98 -55.90 125.64
C LEU M 283 35.00 -56.78 124.87
N GLN M 284 35.48 -57.80 124.13
CA GLN M 284 34.63 -58.70 123.35
C GLN M 284 35.16 -60.12 123.52
N ARG M 285 34.47 -61.16 122.99
CA ARG M 285 34.91 -62.52 123.18
C ARG M 285 34.70 -63.39 121.94
N TYR M 286 35.50 -64.47 121.83
CA TYR M 286 35.45 -65.44 120.75
C TYR M 286 34.83 -66.73 121.25
N PHE M 287 34.50 -67.66 120.33
CA PHE M 287 33.92 -68.96 120.64
C PHE M 287 32.59 -68.93 121.41
N ALA M 288 32.53 -69.52 122.62
CA ALA M 288 31.32 -69.63 123.42
C ALA M 288 31.34 -68.67 124.61
N ASN M 289 31.91 -69.08 125.73
CA ASN M 289 32.19 -68.26 126.89
C ASN M 289 33.59 -68.66 127.34
N GLY M 290 33.87 -68.75 128.65
CA GLY M 290 35.13 -69.31 129.14
C GLY M 290 35.43 -68.88 130.53
N VAL M 291 34.42 -68.51 131.31
CA VAL M 291 34.60 -67.84 132.58
C VAL M 291 33.70 -68.51 133.58
N VAL M 292 34.01 -68.39 134.88
CA VAL M 292 33.17 -68.95 135.93
C VAL M 292 33.05 -67.86 136.98
N SER M 293 31.85 -67.72 137.58
CA SER M 293 31.62 -66.78 138.66
C SER M 293 30.88 -67.50 139.75
N GLY M 294 30.06 -66.79 140.56
CA GLY M 294 29.55 -67.31 141.81
C GLY M 294 30.10 -66.40 142.87
N THR M 295 30.60 -66.90 144.01
CA THR M 295 31.11 -68.22 144.30
C THR M 295 30.53 -68.97 145.51
N TYR M 296 29.89 -68.42 146.57
CA TYR M 296 29.58 -67.07 147.03
C TYR M 296 28.36 -66.51 146.30
N ALA M 297 27.32 -67.35 146.23
CA ALA M 297 26.15 -67.14 145.42
C ALA M 297 24.91 -67.84 145.96
N ALA M 298 24.95 -68.46 147.16
CA ALA M 298 23.77 -69.00 147.83
C ALA M 298 23.32 -68.17 149.04
N SER M 299 23.29 -68.79 150.24
CA SER M 299 23.01 -68.20 151.54
C SER M 299 23.65 -69.12 152.60
#